data_9ATL
#
_entry.id   9ATL
#
_cell.length_a   1.00
_cell.length_b   1.00
_cell.length_c   1.00
_cell.angle_alpha   90.00
_cell.angle_beta   90.00
_cell.angle_gamma   90.00
#
_symmetry.space_group_name_H-M   'P 1'
#
_entity_poly.entity_id   1
_entity_poly.type   'polypeptide(L)'
_entity_poly.pdbx_seq_one_letter_code
;MAQVINTNTMSLNAQRNLSTSGSSLATTIQRLSSGSRINSAKDDAAGLAISERFGTQIRGTDVAIRNANDGISLAQVAEG
SLTEIGNNLQRVRELSVQASNATNSASDRKALQAEVTQLVSEIDRVAKQSDFNGTKLLDGTFSSQLFQVGANAGQAIAID
KTIDAKAGSLGTSTFATGATAALAASTDGARFSGTVMGVDIGTVEVKAGATTADASKAVATAINAKIGEAGIYAEANSDG
TLKLSSVKEGKAVATADIALMRSDYDATAKTWGTAAAAGAYTAGTNTSANVQKLDVSTVLGAQQALEVVDKALGAINSTR
ADLGAIQNRFTSVVANLQTSSENLSASRSRIKDTDFAKETAELTRTQILQQAGTAMLAQANQVPQGVLSLLR
;
_entity_poly.pdbx_strand_id   A,B,C,D,E,F,G,H,I,J,K
#
# COMPACT_ATOMS: atom_id res chain seq x y z
N ALA A 2 52.86 -28.27 45.30
CA ALA A 2 52.25 -28.55 46.59
C ALA A 2 50.74 -28.43 46.51
N GLN A 3 50.04 -29.38 47.11
CA GLN A 3 48.59 -29.45 47.08
C GLN A 3 48.06 -29.13 48.46
N VAL A 4 47.18 -28.13 48.54
CA VAL A 4 46.60 -27.69 49.81
C VAL A 4 45.09 -27.65 49.65
N ILE A 5 44.40 -27.70 50.80
CA ILE A 5 42.95 -27.69 50.83
C ILE A 5 42.39 -26.40 51.42
N ASN A 6 43.06 -25.81 52.40
CA ASN A 6 42.46 -24.70 53.15
C ASN A 6 42.33 -23.44 52.30
N THR A 7 43.25 -23.23 51.36
CA THR A 7 43.26 -22.02 50.54
C THR A 7 43.20 -22.41 49.07
N ASN A 8 42.44 -21.65 48.30
CA ASN A 8 42.29 -21.87 46.88
C ASN A 8 42.57 -20.54 46.23
N THR A 9 43.84 -20.28 45.98
CA THR A 9 44.23 -19.01 45.42
C THR A 9 43.62 -18.75 44.06
N MET A 10 43.53 -19.76 43.22
CA MET A 10 42.95 -19.54 41.91
C MET A 10 41.50 -19.13 42.04
N SER A 11 40.76 -19.78 42.91
CA SER A 11 39.37 -19.43 43.11
C SER A 11 39.25 -18.04 43.63
N LEU A 12 40.11 -17.66 44.58
CA LEU A 12 40.02 -16.31 45.12
C LEU A 12 40.26 -15.30 44.03
N ASN A 13 41.25 -15.54 43.18
CA ASN A 13 41.51 -14.63 42.09
C ASN A 13 40.40 -14.55 41.05
N ALA A 14 39.77 -15.66 40.71
CA ALA A 14 38.74 -15.65 39.68
C ALA A 14 37.50 -14.81 39.99
N GLN A 15 37.18 -14.70 41.26
CA GLN A 15 36.08 -13.89 41.81
C GLN A 15 36.34 -12.40 41.59
N ARG A 16 37.56 -11.94 41.86
CA ARG A 16 37.86 -10.53 41.67
C ARG A 16 37.72 -10.13 40.20
N ASN A 17 38.22 -10.97 39.30
CA ASN A 17 38.12 -10.64 37.88
C ASN A 17 36.68 -10.56 37.43
N LEU A 18 35.84 -11.49 37.90
CA LEU A 18 34.43 -11.46 37.53
C LEU A 18 33.76 -10.19 38.02
N SER A 19 34.06 -9.77 39.25
CA SER A 19 33.47 -8.54 39.76
C SER A 19 33.87 -7.34 38.93
N THR A 20 35.15 -7.25 38.58
CA THR A 20 35.61 -6.13 37.78
C THR A 20 34.92 -6.10 36.42
N SER A 21 34.79 -7.28 35.78
CA SER A 21 34.10 -7.32 34.50
C SER A 21 32.64 -6.91 34.63
N GLY A 22 31.97 -7.34 35.70
CA GLY A 22 30.55 -7.06 35.84
C GLY A 22 30.20 -5.67 36.29
N SER A 23 31.20 -4.90 36.75
CA SER A 23 30.91 -3.54 37.22
C SER A 23 30.24 -2.67 36.15
N SER A 24 30.79 -2.64 34.93
CA SER A 24 30.43 -1.61 33.97
C SER A 24 29.13 -1.90 33.21
N LEU A 25 28.64 -3.14 33.26
CA LEU A 25 27.44 -3.47 32.51
C LEU A 25 26.23 -2.71 33.03
N ALA A 26 26.18 -2.47 34.34
CA ALA A 26 25.05 -1.75 34.92
C ALA A 26 24.97 -0.33 34.38
N THR A 27 26.08 0.41 34.42
CA THR A 27 26.04 1.78 33.92
C THR A 27 25.79 1.82 32.42
N THR A 28 26.31 0.85 31.67
CA THR A 28 26.01 0.82 30.23
C THR A 28 24.51 0.66 30.00
N ILE A 29 23.88 -0.28 30.71
CA ILE A 29 22.44 -0.48 30.53
C ILE A 29 21.66 0.77 30.90
N GLN A 30 22.04 1.41 32.01
CA GLN A 30 21.28 2.56 32.47
C GLN A 30 21.35 3.71 31.47
N ARG A 31 22.55 4.03 30.99
CA ARG A 31 22.66 5.15 30.07
C ARG A 31 22.16 4.80 28.68
N LEU A 32 22.01 3.50 28.38
CA LEU A 32 21.39 3.13 27.12
C LEU A 32 19.87 3.21 27.20
N SER A 33 19.29 2.93 28.37
CA SER A 33 17.84 2.97 28.49
C SER A 33 17.32 4.39 28.68
N SER A 34 17.99 5.20 29.51
CA SER A 34 17.51 6.55 29.74
C SER A 34 17.59 7.39 28.47
N GLY A 35 18.65 7.22 27.69
CA GLY A 35 18.87 8.00 26.49
C GLY A 35 19.79 9.18 26.67
N SER A 36 20.42 9.33 27.82
CA SER A 36 21.26 10.48 28.13
C SER A 36 22.57 10.02 28.73
N ARG A 37 23.62 10.80 28.50
CA ARG A 37 24.96 10.40 28.92
C ARG A 37 25.32 10.85 30.33
N ILE A 38 24.68 11.90 30.85
CA ILE A 38 24.96 12.40 32.19
C ILE A 38 23.70 12.20 33.02
N ASN A 39 23.68 11.16 33.84
CA ASN A 39 22.56 10.92 34.73
C ASN A 39 22.83 11.34 36.17
N SER A 40 24.09 11.58 36.52
CA SER A 40 24.44 12.00 37.87
C SER A 40 25.77 12.73 37.82
N ALA A 41 26.10 13.39 38.93
CA ALA A 41 27.36 14.12 39.02
C ALA A 41 28.57 13.22 39.01
N LYS A 42 28.39 11.92 39.16
CA LYS A 42 29.52 10.99 39.14
C LYS A 42 30.18 10.94 37.77
N ASP A 43 29.38 10.98 36.70
CA ASP A 43 29.95 10.86 35.36
C ASP A 43 30.74 12.11 34.97
N ASP A 44 30.19 13.29 35.22
CA ASP A 44 30.87 14.53 34.87
C ASP A 44 30.65 15.55 35.98
N ALA A 45 31.56 16.52 36.04
CA ALA A 45 31.51 17.55 37.07
C ALA A 45 31.19 18.93 36.52
N ALA A 46 31.54 19.22 35.25
CA ALA A 46 31.30 20.52 34.68
C ALA A 46 30.23 20.53 33.60
N GLY A 47 29.97 19.39 32.96
CA GLY A 47 28.98 19.37 31.89
C GLY A 47 27.57 19.64 32.38
N LEU A 48 27.24 19.19 33.58
CA LEU A 48 25.88 19.34 34.06
C LEU A 48 25.54 20.81 34.30
N ALA A 49 26.49 21.59 34.83
CA ALA A 49 26.23 23.01 35.05
C ALA A 49 25.98 23.74 33.73
N ILE A 50 26.80 23.45 32.72
CA ILE A 50 26.63 24.09 31.42
C ILE A 50 25.31 23.70 30.78
N SER A 51 24.95 22.41 30.87
CA SER A 51 23.68 21.98 30.31
C SER A 51 22.50 22.63 31.02
N GLU A 52 22.60 22.79 32.35
CA GLU A 52 21.54 23.48 33.08
C GLU A 52 21.41 24.94 32.64
N ARG A 53 22.54 25.61 32.45
CA ARG A 53 22.47 26.99 31.96
C ARG A 53 21.82 27.06 30.60
N PHE A 54 22.17 26.15 29.70
CA PHE A 54 21.55 26.13 28.38
C PHE A 54 20.04 25.88 28.49
N GLY A 55 19.63 24.99 29.38
CA GLY A 55 18.20 24.77 29.57
C GLY A 55 17.48 26.03 30.03
N THR A 56 18.07 26.75 30.98
CA THR A 56 17.46 27.99 31.44
C THR A 56 17.35 29.01 30.32
N GLN A 57 18.39 29.10 29.48
CA GLN A 57 18.35 30.06 28.37
C GLN A 57 17.23 29.72 27.39
N ILE A 58 17.07 28.44 27.05
CA ILE A 58 16.01 28.07 26.11
C ILE A 58 14.63 28.37 26.69
N ARG A 59 14.43 28.01 27.96
CA ARG A 59 13.13 28.24 28.58
C ARG A 59 12.81 29.72 28.67
N GLY A 60 13.82 30.57 28.87
CA GLY A 60 13.57 32.00 28.79
C GLY A 60 13.21 32.46 27.39
N THR A 61 13.87 31.87 26.39
CA THR A 61 13.69 32.35 25.02
C THR A 61 12.25 32.15 24.53
N ASP A 62 11.63 31.02 24.89
CA ASP A 62 10.28 30.78 24.37
C ASP A 62 9.28 31.83 24.90
N VAL A 63 9.32 32.11 26.20
CA VAL A 63 8.41 33.12 26.74
C VAL A 63 8.76 34.50 26.22
N ALA A 64 10.03 34.75 25.89
CA ALA A 64 10.36 36.01 25.23
C ALA A 64 9.62 36.14 23.92
N ILE A 65 9.57 35.05 23.14
CA ILE A 65 8.83 35.08 21.88
C ILE A 65 7.36 35.44 22.13
N ARG A 66 6.77 34.81 23.15
CA ARG A 66 5.36 35.11 23.45
C ARG A 66 5.15 36.60 23.76
N ASN A 67 6.03 37.18 24.57
CA ASN A 67 5.86 38.58 24.95
C ASN A 67 5.97 39.49 23.73
N ALA A 68 6.89 39.19 22.81
CA ALA A 68 7.00 40.00 21.61
C ALA A 68 5.70 39.96 20.79
N ASN A 69 5.09 38.77 20.68
CA ASN A 69 3.83 38.70 19.94
C ASN A 69 2.75 39.54 20.60
N ASP A 70 2.69 39.54 21.93
CA ASP A 70 1.71 40.38 22.61
C ASP A 70 1.90 41.86 22.29
N GLY A 71 3.15 42.32 22.28
CA GLY A 71 3.41 43.71 21.91
C GLY A 71 2.91 44.03 20.51
N ILE A 72 3.11 43.11 19.57
CA ILE A 72 2.61 43.30 18.22
C ILE A 72 1.10 43.52 18.23
N SER A 73 0.39 42.68 18.99
CA SER A 73 -1.07 42.79 19.03
C SER A 73 -1.51 44.16 19.55
N LEU A 74 -0.86 44.64 20.60
CA LEU A 74 -1.23 45.94 21.16
C LEU A 74 -1.10 47.04 20.10
N ALA A 75 0.02 47.06 19.39
CA ALA A 75 0.21 48.08 18.36
C ALA A 75 -0.88 48.00 17.29
N GLN A 76 -1.24 46.77 16.90
CA GLN A 76 -2.26 46.61 15.87
C GLN A 76 -3.58 47.24 16.29
N VAL A 77 -3.99 47.00 17.55
CA VAL A 77 -5.27 47.53 18.01
C VAL A 77 -5.26 49.06 17.97
N ALA A 78 -4.18 49.66 18.44
CA ALA A 78 -4.13 51.12 18.46
C ALA A 78 -4.27 51.71 17.06
N GLU A 79 -3.53 51.15 16.09
CA GLU A 79 -3.63 51.68 14.73
C GLU A 79 -5.03 51.51 14.17
N GLY A 80 -5.67 50.38 14.49
CA GLY A 80 -7.02 50.14 13.99
C GLY A 80 -7.99 51.22 14.43
N SER A 81 -7.88 51.68 15.67
CA SER A 81 -8.79 52.75 16.10
C SER A 81 -8.45 54.10 15.43
N LEU A 82 -7.16 54.42 15.34
CA LEU A 82 -6.78 55.72 14.79
C LEU A 82 -7.27 55.87 13.35
N THR A 83 -7.31 54.77 12.59
CA THR A 83 -7.78 54.86 11.21
C THR A 83 -9.19 55.46 11.13
N GLU A 84 -10.10 54.93 11.95
CA GLU A 84 -11.48 55.40 11.88
C GLU A 84 -11.60 56.84 12.32
N ILE A 85 -10.84 57.23 13.36
CA ILE A 85 -10.89 58.64 13.77
C ILE A 85 -10.51 59.54 12.59
N GLY A 86 -9.45 59.16 11.87
CA GLY A 86 -9.03 59.97 10.73
C GLY A 86 -10.09 60.06 9.64
N ASN A 87 -10.77 58.94 9.37
CA ASN A 87 -11.83 58.96 8.36
C ASN A 87 -12.91 59.98 8.72
N ASN A 88 -13.32 59.99 10.00
CA ASN A 88 -14.36 60.93 10.43
C ASN A 88 -13.91 62.37 10.27
N LEU A 89 -12.66 62.67 10.64
CA LEU A 89 -12.15 64.03 10.49
C LEU A 89 -12.16 64.45 9.03
N GLN A 90 -11.77 63.54 8.13
CA GLN A 90 -11.78 63.85 6.70
C GLN A 90 -13.17 64.24 6.24
N ARG A 91 -14.18 63.48 6.68
CA ARG A 91 -15.56 63.80 6.31
C ARG A 91 -15.97 65.17 6.81
N VAL A 92 -15.61 65.51 8.05
CA VAL A 92 -16.00 66.83 8.57
C VAL A 92 -15.37 67.94 7.75
N ARG A 93 -14.10 67.78 7.37
CA ARG A 93 -13.45 68.83 6.57
C ARG A 93 -14.14 69.00 5.22
N GLU A 94 -14.49 67.89 4.57
CA GLU A 94 -15.21 67.98 3.31
C GLU A 94 -16.55 68.68 3.48
N LEU A 95 -17.24 68.42 4.60
CA LEU A 95 -18.50 69.10 4.87
C LEU A 95 -18.28 70.59 5.10
N SER A 96 -17.18 70.95 5.74
CA SER A 96 -16.90 72.34 6.11
C SER A 96 -16.40 73.18 4.95
N VAL A 97 -15.89 72.56 3.90
CA VAL A 97 -15.52 73.35 2.71
C VAL A 97 -16.75 74.05 2.15
N GLN A 98 -17.86 73.33 2.06
CA GLN A 98 -19.15 73.93 1.75
C GLN A 98 -19.56 74.83 2.92
N ALA A 99 -20.74 75.43 2.82
CA ALA A 99 -21.32 76.27 3.86
C ALA A 99 -20.52 77.54 4.11
N SER A 100 -19.50 77.81 3.29
CA SER A 100 -18.84 79.11 3.27
C SER A 100 -19.09 79.83 1.96
N ASN A 101 -20.08 79.37 1.20
CA ASN A 101 -20.50 80.02 -0.04
C ASN A 101 -21.28 81.29 0.32
N ALA A 102 -21.82 81.96 -0.69
CA ALA A 102 -22.58 83.19 -0.46
C ALA A 102 -24.06 83.05 -0.73
N THR A 103 -24.50 81.98 -1.37
CA THR A 103 -25.91 81.78 -1.67
C THR A 103 -26.63 80.92 -0.63
N ASN A 104 -25.94 80.48 0.40
CA ASN A 104 -26.58 79.71 1.45
C ASN A 104 -27.41 80.62 2.35
N SER A 105 -28.28 80.00 3.13
CA SER A 105 -29.10 80.72 4.10
C SER A 105 -28.82 80.15 5.49
N ALA A 106 -29.40 80.80 6.51
CA ALA A 106 -29.14 80.40 7.88
C ALA A 106 -29.62 78.98 8.16
N SER A 107 -30.77 78.62 7.61
CA SER A 107 -31.34 77.29 7.85
C SER A 107 -30.42 76.20 7.32
N ASP A 108 -29.83 76.41 6.14
CA ASP A 108 -28.92 75.41 5.58
C ASP A 108 -27.69 75.24 6.45
N ARG A 109 -27.17 76.35 6.97
CA ARG A 109 -26.02 76.27 7.86
C ARG A 109 -26.37 75.48 9.13
N LYS A 110 -27.58 75.69 9.65
CA LYS A 110 -28.01 74.89 10.81
C LYS A 110 -28.10 73.40 10.46
N ALA A 111 -28.64 73.10 9.28
CA ALA A 111 -28.76 71.71 8.86
C ALA A 111 -27.39 71.04 8.78
N LEU A 112 -26.38 71.77 8.30
CA LEU A 112 -25.04 71.19 8.25
C LEU A 112 -24.42 71.10 9.64
N GLN A 113 -24.69 72.08 10.50
CA GLN A 113 -24.11 72.08 11.83
C GLN A 113 -24.61 70.88 12.64
N ALA A 114 -25.84 70.43 12.41
CA ALA A 114 -26.33 69.25 13.12
C ALA A 114 -25.43 68.05 12.87
N GLU A 115 -25.13 67.76 11.61
CA GLU A 115 -24.27 66.63 11.28
C GLU A 115 -22.86 66.84 11.80
N VAL A 116 -22.36 68.08 11.76
CA VAL A 116 -21.03 68.34 12.31
C VAL A 116 -20.98 67.95 13.78
N THR A 117 -22.02 68.33 14.54
CA THR A 117 -22.07 68.00 15.96
C THR A 117 -22.09 66.49 16.18
N GLN A 118 -22.90 65.78 15.39
CA GLN A 118 -22.96 64.33 15.55
C GLN A 118 -21.59 63.68 15.32
N LEU A 119 -20.88 64.11 14.27
CA LEU A 119 -19.57 63.53 13.98
C LEU A 119 -18.57 63.83 15.08
N VAL A 120 -18.60 65.05 15.63
CA VAL A 120 -17.67 65.39 16.70
C VAL A 120 -17.91 64.51 17.93
N SER A 121 -19.18 64.30 18.28
CA SER A 121 -19.47 63.44 19.42
C SER A 121 -18.97 62.02 19.18
N GLU A 122 -19.13 61.53 17.95
CA GLU A 122 -18.63 60.19 17.64
C GLU A 122 -17.13 60.09 17.83
N ILE A 123 -16.39 61.11 17.37
CA ILE A 123 -14.94 61.13 17.54
C ILE A 123 -14.60 61.04 19.02
N ASP A 124 -15.27 61.84 19.84
CA ASP A 124 -14.97 61.86 21.27
C ASP A 124 -15.21 60.49 21.89
N ARG A 125 -16.34 59.86 21.58
CA ARG A 125 -16.66 58.59 22.21
C ARG A 125 -15.65 57.51 21.84
N VAL A 126 -15.32 57.40 20.56
CA VAL A 126 -14.36 56.38 20.15
C VAL A 126 -13.00 56.64 20.78
N ALA A 127 -12.62 57.91 20.92
CA ALA A 127 -11.33 58.22 21.55
C ALA A 127 -11.32 57.82 23.01
N LYS A 128 -12.44 58.01 23.71
CA LYS A 128 -12.46 57.78 25.14
C LYS A 128 -12.81 56.36 25.54
N GLN A 129 -13.19 55.49 24.61
CA GLN A 129 -13.62 54.16 25.01
C GLN A 129 -12.87 53.05 24.27
N SER A 130 -11.55 53.18 24.15
CA SER A 130 -10.75 52.22 23.40
C SER A 130 -9.60 51.72 24.26
N ASP A 131 -9.50 50.41 24.43
CA ASP A 131 -8.58 49.82 25.37
C ASP A 131 -8.25 48.39 24.97
N PHE A 132 -7.15 47.88 25.53
CA PHE A 132 -6.67 46.53 25.27
C PHE A 132 -6.40 45.88 26.62
N ASN A 133 -7.17 44.84 26.94
CA ASN A 133 -7.02 44.11 28.19
C ASN A 133 -7.16 45.03 29.41
N GLY A 134 -8.08 45.98 29.32
CA GLY A 134 -8.38 46.86 30.43
C GLY A 134 -7.49 48.08 30.57
N THR A 135 -6.57 48.31 29.64
CA THR A 135 -5.69 49.47 29.68
C THR A 135 -6.11 50.44 28.59
N LYS A 136 -6.57 51.62 29.00
CA LYS A 136 -6.99 52.63 28.02
C LYS A 136 -5.78 53.18 27.29
N LEU A 137 -5.90 53.37 25.98
CA LEU A 137 -4.78 53.75 25.13
C LEU A 137 -4.83 55.21 24.71
N LEU A 138 -5.93 55.64 24.08
CA LEU A 138 -6.00 56.97 23.47
C LEU A 138 -6.71 57.96 24.37
N ASP A 139 -6.10 58.27 25.51
CA ASP A 139 -6.58 59.40 26.31
C ASP A 139 -5.47 60.15 27.02
N GLY A 140 -4.21 59.91 26.67
CA GLY A 140 -3.12 60.64 27.26
C GLY A 140 -2.58 60.10 28.56
N THR A 141 -3.09 58.96 29.03
CA THR A 141 -2.59 58.35 30.26
C THR A 141 -1.62 57.21 30.00
N PHE A 142 -1.25 56.97 28.75
CA PHE A 142 -0.34 55.87 28.43
C PHE A 142 1.09 56.32 28.71
N SER A 143 1.58 55.99 29.89
CA SER A 143 2.94 56.33 30.29
C SER A 143 3.92 55.32 29.71
N SER A 144 5.15 55.33 30.21
CA SER A 144 6.15 54.37 29.76
C SER A 144 5.76 52.95 30.15
N GLN A 145 5.95 52.03 29.22
CA GLN A 145 5.70 50.61 29.45
C GLN A 145 6.89 49.81 28.99
N LEU A 146 7.16 48.68 29.66
CA LEU A 146 8.33 47.86 29.38
C LEU A 146 7.91 46.45 28.99
N PHE A 147 8.54 45.91 27.95
CA PHE A 147 8.31 44.55 27.49
C PHE A 147 9.59 43.76 27.69
N GLN A 148 9.46 42.53 28.20
CA GLN A 148 10.61 41.67 28.45
C GLN A 148 10.87 40.81 27.23
N VAL A 149 12.00 41.04 26.56
CA VAL A 149 12.33 40.33 25.32
C VAL A 149 13.67 39.63 25.47
N GLY A 150 13.97 39.14 26.68
CA GLY A 150 15.19 38.42 26.91
C GLY A 150 15.04 37.51 28.11
N ALA A 151 15.98 36.59 28.25
CA ALA A 151 15.94 35.60 29.31
C ALA A 151 16.68 36.03 30.57
N ASN A 152 17.21 37.26 30.62
CA ASN A 152 17.97 37.73 31.76
C ASN A 152 17.44 39.07 32.22
N ALA A 153 17.71 39.40 33.49
CA ALA A 153 17.21 40.64 34.05
C ALA A 153 17.87 41.85 33.41
N GLY A 154 17.08 42.89 33.19
CA GLY A 154 17.59 44.11 32.60
C GLY A 154 17.47 44.22 31.10
N GLN A 155 16.94 43.21 30.43
CA GLN A 155 16.77 43.23 28.98
C GLN A 155 15.32 43.57 28.67
N ALA A 156 15.09 44.81 28.24
CA ALA A 156 13.73 45.25 27.98
C ALA A 156 13.76 46.46 27.05
N ILE A 157 12.70 46.61 26.26
CA ILE A 157 12.49 47.76 25.40
C ILE A 157 11.19 48.43 25.82
N ALA A 158 11.07 49.71 25.48
CA ALA A 158 10.02 50.54 26.03
C ALA A 158 9.27 51.29 24.93
N ILE A 159 7.99 51.56 25.20
CA ILE A 159 7.15 52.41 24.36
C ILE A 159 6.82 53.64 25.18
N ASP A 160 7.15 54.82 24.65
CA ASP A 160 7.06 56.03 25.45
C ASP A 160 5.62 56.51 25.59
N LYS A 161 4.96 56.82 24.47
CA LYS A 161 3.63 57.41 24.54
C LYS A 161 3.00 57.39 23.16
N THR A 162 1.67 57.27 23.11
CA THR A 162 0.99 57.26 21.83
C THR A 162 0.41 58.59 21.40
N ILE A 163 -0.62 59.07 22.11
CA ILE A 163 -1.33 60.29 21.70
C ILE A 163 -2.32 60.64 22.79
N ASP A 164 -2.73 61.90 22.84
CA ASP A 164 -3.88 62.34 23.64
C ASP A 164 -4.93 62.83 22.66
N ALA A 165 -5.85 61.94 22.28
CA ALA A 165 -6.74 62.16 21.15
C ALA A 165 -8.17 62.52 21.59
N LYS A 166 -8.32 63.18 22.73
CA LYS A 166 -9.63 63.65 23.13
C LYS A 166 -10.02 64.89 22.34
N ALA A 167 -11.33 65.07 22.16
CA ALA A 167 -11.83 66.19 21.35
C ALA A 167 -11.52 67.54 21.98
N GLY A 168 -11.16 67.58 23.26
CA GLY A 168 -10.88 68.83 23.92
C GLY A 168 -9.47 69.34 23.76
N SER A 169 -8.56 68.54 23.22
CA SER A 169 -7.17 68.94 23.05
C SER A 169 -6.61 68.45 21.73
N LEU A 170 -7.37 68.62 20.65
CA LEU A 170 -6.93 68.22 19.32
C LEU A 170 -6.87 69.44 18.42
N GLY A 171 -5.72 69.64 17.78
CA GLY A 171 -5.55 70.71 16.80
C GLY A 171 -5.68 72.11 17.34
N THR A 172 -5.01 72.40 18.46
CA THR A 172 -5.09 73.72 19.06
C THR A 172 -4.45 74.76 18.15
N SER A 173 -5.04 75.96 18.13
CA SER A 173 -4.59 77.03 17.24
C SER A 173 -4.94 78.38 17.86
N THR A 174 -4.37 79.43 17.30
CA THR A 174 -4.65 80.80 17.71
C THR A 174 -4.88 81.67 16.49
N PHE A 175 -5.85 82.58 16.58
CA PHE A 175 -6.13 83.53 15.52
C PHE A 175 -6.10 84.94 16.11
N ALA A 176 -5.36 85.84 15.47
CA ALA A 176 -5.33 87.23 15.91
C ALA A 176 -6.61 87.94 15.48
N THR A 177 -7.17 88.74 16.38
CA THR A 177 -8.46 89.37 16.13
C THR A 177 -8.66 90.46 17.16
N GLY A 178 -9.43 91.49 16.80
CA GLY A 178 -9.73 92.56 17.73
C GLY A 178 -9.44 93.92 17.15
N ALA A 179 -9.37 93.99 15.83
CA ALA A 179 -9.04 95.23 15.17
C ALA A 179 -10.15 96.26 15.33
N THR A 180 -9.75 97.53 15.25
CA THR A 180 -10.68 98.65 15.29
C THR A 180 -10.27 99.66 14.23
N ALA A 181 -11.17 100.60 13.96
CA ALA A 181 -10.89 101.68 13.03
C ALA A 181 -11.10 103.06 13.63
N ALA A 182 -12.14 103.24 14.44
CA ALA A 182 -12.46 104.53 15.06
C ALA A 182 -12.63 105.62 14.00
N LEU A 183 -13.29 105.28 12.90
CA LEU A 183 -13.47 106.19 11.78
C LEU A 183 -14.88 106.80 11.87
N ALA A 184 -14.95 108.14 11.84
CA ALA A 184 -16.23 108.81 11.94
C ALA A 184 -16.30 110.05 11.04
N ALA A 185 -15.60 110.02 9.91
CA ALA A 185 -15.65 111.13 8.98
C ALA A 185 -17.03 111.24 8.34
N SER A 186 -17.38 112.44 7.92
CA SER A 186 -18.71 112.71 7.38
C SER A 186 -18.60 113.86 6.38
N THR A 187 -19.75 114.48 6.10
CA THR A 187 -19.87 115.64 5.20
C THR A 187 -19.50 115.25 3.78
N ASP A 188 -18.56 115.96 3.17
CA ASP A 188 -18.28 115.77 1.76
C ASP A 188 -17.50 114.47 1.52
N GLY A 189 -17.42 114.08 0.24
CA GLY A 189 -16.78 112.85 -0.12
C GLY A 189 -15.29 112.88 0.07
N ALA A 190 -14.68 111.70 -0.02
CA ALA A 190 -13.25 111.55 0.22
C ALA A 190 -12.73 110.34 -0.53
N ARG A 191 -11.42 110.27 -0.65
CA ARG A 191 -10.74 109.12 -1.25
C ARG A 191 -9.79 108.52 -0.22
N PHE A 192 -9.79 107.20 -0.13
CA PHE A 192 -9.00 106.49 0.86
C PHE A 192 -7.92 105.67 0.17
N SER A 193 -6.70 105.73 0.72
CA SER A 193 -5.57 104.97 0.20
C SER A 193 -4.89 104.27 1.36
N GLY A 194 -3.77 103.62 1.09
CA GLY A 194 -2.98 102.96 2.11
C GLY A 194 -2.80 101.49 1.82
N THR A 195 -2.04 100.84 2.69
CA THR A 195 -1.65 99.46 2.52
C THR A 195 -2.02 98.65 3.76
N VAL A 196 -2.33 97.37 3.54
CA VAL A 196 -2.65 96.44 4.62
C VAL A 196 -1.71 95.25 4.49
N MET A 197 -0.91 95.02 5.54
CA MET A 197 0.01 93.88 5.57
C MET A 197 0.95 93.89 4.37
N GLY A 198 1.34 95.09 3.93
CA GLY A 198 2.24 95.21 2.81
C GLY A 198 1.62 94.98 1.44
N VAL A 199 0.29 95.14 1.33
CA VAL A 199 -0.41 94.97 0.07
C VAL A 199 -1.25 96.21 -0.19
N ASP A 200 -1.09 96.81 -1.36
CA ASP A 200 -1.90 97.97 -1.72
C ASP A 200 -3.35 97.55 -1.94
N ILE A 201 -4.26 98.48 -1.62
CA ILE A 201 -5.68 98.22 -1.73
C ILE A 201 -6.36 99.20 -2.69
N GLY A 202 -5.58 99.91 -3.50
CA GLY A 202 -6.20 100.82 -4.45
C GLY A 202 -6.83 102.03 -3.76
N THR A 203 -7.80 102.62 -4.45
CA THR A 203 -8.47 103.83 -3.99
C THR A 203 -9.97 103.68 -4.13
N VAL A 204 -10.70 104.44 -3.32
CA VAL A 204 -12.16 104.41 -3.29
C VAL A 204 -12.69 105.83 -3.41
N GLU A 205 -14.02 105.94 -3.52
CA GLU A 205 -14.67 107.24 -3.66
C GLU A 205 -16.07 107.15 -3.09
N VAL A 206 -16.48 108.20 -2.37
CA VAL A 206 -17.81 108.27 -1.78
C VAL A 206 -18.43 109.61 -2.14
N LYS A 207 -19.76 109.64 -2.13
CA LYS A 207 -20.50 110.79 -2.64
C LYS A 207 -20.36 111.99 -1.70
N ALA A 208 -20.83 113.14 -2.18
CA ALA A 208 -20.75 114.38 -1.40
C ALA A 208 -21.63 114.30 -0.16
N GLY A 209 -22.79 113.67 -0.26
CA GLY A 209 -23.67 113.51 0.89
C GLY A 209 -23.43 112.22 1.63
N ALA A 210 -22.21 112.03 2.14
CA ALA A 210 -21.82 110.77 2.75
C ALA A 210 -21.95 110.83 4.27
N THR A 211 -22.15 109.66 4.87
CA THR A 211 -22.20 109.50 6.31
C THR A 211 -21.17 108.45 6.71
N THR A 212 -21.16 108.08 7.99
CA THR A 212 -20.23 107.05 8.45
C THR A 212 -20.54 105.71 7.81
N ALA A 213 -21.82 105.36 7.71
CA ALA A 213 -22.19 104.07 7.14
C ALA A 213 -21.82 104.00 5.66
N ASP A 214 -21.86 105.12 4.95
CA ASP A 214 -21.51 105.10 3.53
C ASP A 214 -20.04 104.78 3.33
N ALA A 215 -19.16 105.37 4.13
CA ALA A 215 -17.73 105.13 4.00
C ALA A 215 -17.30 103.78 4.56
N SER A 216 -17.94 103.32 5.64
CA SER A 216 -17.52 102.08 6.27
C SER A 216 -17.69 100.90 5.31
N LYS A 217 -18.83 100.83 4.63
CA LYS A 217 -19.06 99.70 3.74
C LYS A 217 -18.15 99.75 2.52
N ALA A 218 -17.83 100.94 2.01
CA ALA A 218 -16.92 101.05 0.88
C ALA A 218 -15.52 100.56 1.27
N VAL A 219 -15.04 101.00 2.43
CA VAL A 219 -13.71 100.56 2.86
C VAL A 219 -13.69 99.07 3.13
N ALA A 220 -14.78 98.54 3.72
CA ALA A 220 -14.85 97.11 3.97
C ALA A 220 -14.81 96.31 2.68
N THR A 221 -15.55 96.76 1.67
CA THR A 221 -15.53 96.06 0.38
C THR A 221 -14.13 96.12 -0.23
N ALA A 222 -13.49 97.29 -0.18
CA ALA A 222 -12.17 97.42 -0.77
C ALA A 222 -11.17 96.49 -0.09
N ILE A 223 -11.23 96.38 1.23
CA ILE A 223 -10.31 95.48 1.93
C ILE A 223 -10.63 94.02 1.61
N ASN A 224 -11.92 93.66 1.57
CA ASN A 224 -12.29 92.28 1.31
C ASN A 224 -11.96 91.84 -0.11
N ALA A 225 -11.81 92.77 -1.04
CA ALA A 225 -11.55 92.39 -2.42
C ALA A 225 -10.20 91.69 -2.59
N LYS A 226 -9.30 91.81 -1.62
CA LYS A 226 -7.97 91.21 -1.71
C LYS A 226 -7.71 90.26 -0.55
N ILE A 227 -8.71 89.44 -0.22
CA ILE A 227 -8.55 88.47 0.87
C ILE A 227 -7.59 87.36 0.47
N GLY A 228 -7.43 87.12 -0.83
CA GLY A 228 -6.58 86.04 -1.28
C GLY A 228 -5.11 86.23 -0.97
N GLU A 229 -4.68 87.47 -0.72
CA GLU A 229 -3.29 87.78 -0.45
C GLU A 229 -3.06 88.27 0.98
N ALA A 230 -3.86 89.23 1.45
CA ALA A 230 -3.69 89.73 2.81
C ALA A 230 -4.16 88.71 3.83
N GLY A 231 -5.20 87.94 3.50
CA GLY A 231 -5.79 87.03 4.46
C GLY A 231 -6.49 87.69 5.62
N ILE A 232 -7.27 88.74 5.37
CA ILE A 232 -7.97 89.47 6.41
C ILE A 232 -9.43 89.64 6.00
N TYR A 233 -10.34 89.30 6.90
CA TYR A 233 -11.78 89.44 6.69
C TYR A 233 -12.30 90.60 7.51
N ALA A 234 -12.98 91.53 6.85
CA ALA A 234 -13.43 92.77 7.49
C ALA A 234 -14.95 92.83 7.54
N GLU A 235 -15.48 93.28 8.68
CA GLU A 235 -16.90 93.44 8.88
C GLU A 235 -17.19 94.90 9.22
N ALA A 236 -18.25 95.44 8.62
CA ALA A 236 -18.61 96.83 8.82
C ALA A 236 -19.34 97.01 10.14
N ASN A 237 -19.30 98.23 10.65
CA ASN A 237 -19.99 98.60 11.89
C ASN A 237 -20.83 99.86 11.66
N SER A 238 -21.92 99.97 12.40
CA SER A 238 -22.85 101.07 12.20
C SER A 238 -22.22 102.42 12.53
N ASP A 239 -21.47 102.49 13.65
CA ASP A 239 -20.94 103.77 14.09
C ASP A 239 -19.88 104.32 13.16
N GLY A 240 -19.21 103.47 12.39
CA GLY A 240 -18.18 103.92 11.48
C GLY A 240 -16.86 103.20 11.67
N THR A 241 -16.79 102.37 12.71
CA THR A 241 -15.59 101.58 12.94
C THR A 241 -15.59 100.32 12.08
N LEU A 242 -14.49 99.59 12.13
CA LEU A 242 -14.36 98.33 11.41
C LEU A 242 -13.69 97.31 12.30
N LYS A 243 -13.95 96.04 12.02
CA LYS A 243 -13.36 94.93 12.75
C LYS A 243 -12.68 94.01 11.75
N LEU A 244 -11.40 93.74 11.99
CA LEU A 244 -10.62 92.89 11.10
C LEU A 244 -10.22 91.61 11.81
N SER A 245 -10.32 90.49 11.10
CA SER A 245 -9.99 89.19 11.64
C SER A 245 -9.06 88.48 10.69
N SER A 246 -8.30 87.52 11.22
CA SER A 246 -7.35 86.74 10.44
C SER A 246 -7.89 85.33 10.24
N VAL A 247 -7.76 84.82 9.04
CA VAL A 247 -8.17 83.46 8.72
C VAL A 247 -6.96 82.56 8.50
N LYS A 248 -5.78 82.98 8.92
CA LYS A 248 -4.57 82.18 8.81
C LYS A 248 -4.04 81.90 10.20
N GLU A 249 -3.78 80.63 10.49
CA GLU A 249 -3.42 80.24 11.84
C GLU A 249 -2.05 80.76 12.23
N GLY A 250 -1.93 81.23 13.46
CA GLY A 250 -0.65 81.60 14.03
C GLY A 250 0.05 82.74 13.32
N LYS A 251 -0.70 83.75 12.90
CA LYS A 251 -0.13 84.91 12.23
C LYS A 251 -0.26 86.12 13.14
N ALA A 252 0.84 86.81 13.34
CA ALA A 252 0.90 87.97 14.23
C ALA A 252 0.76 89.23 13.40
N VAL A 253 -0.30 90.00 13.66
CA VAL A 253 -0.52 91.28 13.02
C VAL A 253 -0.24 92.38 14.04
N ALA A 254 0.46 93.42 13.63
CA ALA A 254 0.94 94.45 14.53
C ALA A 254 0.22 95.76 14.28
N THR A 255 0.58 96.78 15.07
CA THR A 255 -0.01 98.11 14.92
C THR A 255 0.43 98.78 13.63
N ALA A 256 1.67 98.58 13.22
CA ALA A 256 2.18 99.18 11.99
C ALA A 256 1.79 98.39 10.74
N ASP A 257 1.15 97.22 10.91
CA ASP A 257 0.72 96.43 9.77
C ASP A 257 -0.40 97.10 9.00
N ILE A 258 -1.16 97.98 9.63
CA ILE A 258 -2.24 98.71 8.98
C ILE A 258 -1.83 100.17 8.91
N ALA A 259 -1.90 100.76 7.71
CA ALA A 259 -1.54 102.16 7.50
C ALA A 259 -2.52 102.75 6.49
N LEU A 260 -3.55 103.45 6.99
CA LEU A 260 -4.58 104.02 6.12
C LEU A 260 -4.19 105.46 5.82
N MET A 261 -4.08 105.77 4.52
CA MET A 261 -3.49 107.01 4.06
C MET A 261 -4.58 108.01 3.69
N ARG A 262 -5.54 108.17 4.59
CA ARG A 262 -6.76 108.91 4.29
C ARG A 262 -6.46 110.33 3.85
N SER A 263 -7.01 110.74 2.73
CA SER A 263 -6.71 112.03 2.14
C SER A 263 -7.94 112.53 1.38
N ASP A 264 -7.77 113.64 0.68
CA ASP A 264 -8.82 114.21 -0.17
C ASP A 264 -10.11 114.46 0.62
N TYR A 265 -9.99 115.30 1.66
CA TYR A 265 -11.11 115.53 2.55
C TYR A 265 -12.26 116.24 1.83
N ASP A 266 -11.95 117.22 0.99
CA ASP A 266 -12.97 118.01 0.32
C ASP A 266 -12.69 118.03 -1.18
N ALA A 267 -13.62 118.61 -1.93
CA ALA A 267 -13.52 118.65 -3.39
C ALA A 267 -13.84 120.00 -4.00
N THR A 268 -14.18 121.02 -3.21
CA THR A 268 -14.47 122.35 -3.74
C THR A 268 -13.17 123.13 -3.82
N ALA A 269 -12.62 123.24 -5.04
CA ALA A 269 -11.29 123.81 -5.24
C ALA A 269 -10.27 123.11 -4.35
N LYS A 270 -10.40 121.80 -4.26
CA LYS A 270 -9.70 120.98 -3.27
C LYS A 270 -9.47 119.60 -3.88
N THR A 271 -9.28 118.60 -3.03
CA THR A 271 -8.92 117.20 -3.32
C THR A 271 -7.41 117.07 -3.52
N TRP A 272 -6.65 118.11 -3.19
CA TRP A 272 -5.20 118.04 -3.11
C TRP A 272 -4.75 118.17 -1.67
N GLY A 273 -3.83 117.30 -1.26
CA GLY A 273 -3.38 117.25 0.12
C GLY A 273 -3.60 115.87 0.72
N THR A 274 -2.78 115.47 1.69
CA THR A 274 -2.88 114.14 2.26
C THR A 274 -2.75 114.20 3.78
N ALA A 275 -3.22 113.13 4.42
CA ALA A 275 -3.20 112.98 5.88
C ALA A 275 -3.27 111.49 6.16
N ALA A 276 -3.43 111.12 7.42
CA ALA A 276 -3.54 109.72 7.80
C ALA A 276 -4.91 109.37 8.38
N ALA A 277 -5.26 109.95 9.53
CA ALA A 277 -6.58 109.77 10.15
C ALA A 277 -6.98 108.31 10.25
N ALA A 278 -8.29 108.07 10.41
CA ALA A 278 -8.88 106.72 10.40
C ALA A 278 -8.27 105.82 11.46
N GLY A 279 -7.61 106.39 12.47
CA GLY A 279 -6.94 105.61 13.48
C GLY A 279 -5.82 104.75 12.92
N ALA A 280 -5.16 103.99 13.79
CA ALA A 280 -4.13 103.07 13.32
C ALA A 280 -4.52 101.62 13.58
N TYR A 281 -4.78 101.25 14.84
CA TYR A 281 -5.02 99.86 15.23
C TYR A 281 -5.25 99.86 16.74
N THR A 282 -5.54 98.68 17.27
CA THR A 282 -5.64 98.45 18.71
C THR A 282 -4.96 97.11 18.99
N ALA A 283 -5.12 96.61 20.21
CA ALA A 283 -4.45 95.39 20.67
C ALA A 283 -5.45 94.38 21.18
N GLY A 284 -6.45 94.07 20.35
CA GLY A 284 -7.43 93.06 20.68
C GLY A 284 -6.81 91.70 20.95
N THR A 285 -7.27 91.02 21.99
CA THR A 285 -6.71 89.73 22.36
C THR A 285 -7.10 88.66 21.34
N ASN A 286 -6.23 87.67 21.21
CA ASN A 286 -6.46 86.57 20.28
C ASN A 286 -7.50 85.60 20.84
N THR A 287 -8.14 84.87 19.93
CA THR A 287 -9.15 83.88 20.28
C THR A 287 -8.62 82.49 19.99
N SER A 288 -8.63 81.62 21.00
CA SER A 288 -8.16 80.26 20.85
C SER A 288 -9.26 79.37 20.29
N ALA A 289 -8.86 78.19 19.81
CA ALA A 289 -9.81 77.25 19.27
C ALA A 289 -9.19 75.86 19.27
N ASN A 290 -10.05 74.85 19.17
CA ASN A 290 -9.65 73.47 18.97
C ASN A 290 -10.86 72.72 18.42
N VAL A 291 -10.77 71.40 18.38
CA VAL A 291 -11.77 70.60 17.66
C VAL A 291 -13.15 70.75 18.28
N GLN A 292 -13.20 70.78 19.61
CA GLN A 292 -14.49 70.82 20.29
C GLN A 292 -15.27 72.09 19.95
N LYS A 293 -14.58 73.23 19.92
CA LYS A 293 -15.25 74.51 19.64
C LYS A 293 -15.25 74.79 18.13
N LEU A 294 -16.01 73.97 17.42
CA LEU A 294 -16.18 74.11 15.97
C LEU A 294 -17.56 74.65 15.66
N ASP A 295 -17.62 75.66 14.80
CA ASP A 295 -18.87 76.25 14.36
C ASP A 295 -18.86 76.36 12.84
N VAL A 296 -20.05 76.27 12.25
CA VAL A 296 -20.22 76.37 10.81
C VAL A 296 -21.30 77.38 10.44
N SER A 297 -22.12 77.81 11.39
CA SER A 297 -23.28 78.66 11.09
C SER A 297 -22.92 80.02 10.53
N THR A 298 -21.66 80.43 10.60
CA THR A 298 -21.20 81.65 9.94
C THR A 298 -20.00 81.31 9.05
N VAL A 299 -19.56 82.29 8.27
CA VAL A 299 -18.49 82.04 7.31
C VAL A 299 -17.15 81.83 8.00
N LEU A 300 -16.84 82.68 8.98
CA LEU A 300 -15.56 82.56 9.68
C LEU A 300 -15.42 81.22 10.37
N GLY A 301 -16.54 80.64 10.83
CA GLY A 301 -16.47 79.33 11.43
C GLY A 301 -15.88 78.30 10.49
N ALA A 302 -16.35 78.28 9.24
CA ALA A 302 -15.80 77.36 8.26
C ALA A 302 -14.36 77.71 7.92
N GLN A 303 -14.09 79.00 7.74
CA GLN A 303 -12.75 79.43 7.33
C GLN A 303 -11.71 79.11 8.38
N GLN A 304 -12.11 78.89 9.64
CA GLN A 304 -11.16 78.44 10.65
C GLN A 304 -11.23 76.95 10.93
N ALA A 305 -12.39 76.33 10.66
CA ALA A 305 -12.49 74.88 10.73
C ALA A 305 -11.50 74.22 9.79
N LEU A 306 -11.26 74.83 8.63
CA LEU A 306 -10.29 74.24 7.71
C LEU A 306 -8.92 74.06 8.36
N GLU A 307 -8.41 75.11 9.01
CA GLU A 307 -7.10 75.02 9.65
C GLU A 307 -7.09 74.02 10.80
N VAL A 308 -8.12 74.07 11.66
CA VAL A 308 -8.07 73.17 12.81
C VAL A 308 -8.09 71.72 12.36
N VAL A 309 -8.86 71.42 11.30
CA VAL A 309 -8.90 70.06 10.79
C VAL A 309 -7.57 69.66 10.19
N ASP A 310 -6.91 70.57 9.48
CA ASP A 310 -5.59 70.26 8.93
C ASP A 310 -4.63 69.84 10.02
N LYS A 311 -4.57 70.61 11.11
CA LYS A 311 -3.63 70.28 12.19
C LYS A 311 -3.95 68.94 12.83
N ALA A 312 -5.23 68.66 13.06
CA ALA A 312 -5.59 67.38 13.64
C ALA A 312 -5.14 66.22 12.76
N LEU A 313 -5.34 66.35 11.44
CA LEU A 313 -4.94 65.29 10.52
C LEU A 313 -3.43 65.07 10.55
N GLY A 314 -2.66 66.16 10.61
CA GLY A 314 -1.22 66.01 10.71
C GLY A 314 -0.80 65.19 11.92
N ALA A 315 -1.38 65.51 13.08
CA ALA A 315 -1.03 64.76 14.29
C ALA A 315 -1.36 63.28 14.15
N ILE A 316 -2.55 62.98 13.62
CA ILE A 316 -2.97 61.58 13.49
C ILE A 316 -1.99 60.80 12.62
N ASN A 317 -1.62 61.39 11.47
CA ASN A 317 -0.73 60.67 10.55
C ASN A 317 0.63 60.40 11.18
N SER A 318 1.20 61.39 11.88
CA SER A 318 2.51 61.15 12.50
C SER A 318 2.44 60.01 13.50
N THR A 319 1.39 59.97 14.32
CA THR A 319 1.27 58.88 15.29
C THR A 319 1.18 57.52 14.60
N ARG A 320 0.44 57.44 13.50
CA ARG A 320 0.36 56.17 12.78
C ARG A 320 1.73 55.71 12.30
N ALA A 321 2.54 56.65 11.81
CA ALA A 321 3.90 56.30 11.37
C ALA A 321 4.70 55.69 12.52
N ASP A 322 4.62 56.29 13.71
CA ASP A 322 5.38 55.76 14.83
C ASP A 322 4.96 54.34 15.18
N LEU A 323 3.65 54.07 15.20
CA LEU A 323 3.20 52.72 15.53
C LEU A 323 3.70 51.70 14.51
N GLY A 324 3.69 52.07 13.23
CA GLY A 324 4.23 51.15 12.23
C GLY A 324 5.70 50.82 12.47
N ALA A 325 6.50 51.83 12.81
CA ALA A 325 7.91 51.57 13.09
C ALA A 325 8.08 50.58 14.23
N ILE A 326 7.31 50.77 15.32
CA ILE A 326 7.42 49.84 16.45
C ILE A 326 7.11 48.42 16.01
N GLN A 327 6.08 48.25 15.18
CA GLN A 327 5.72 46.92 14.72
C GLN A 327 6.87 46.26 13.96
N ASN A 328 7.52 47.02 13.08
CA ASN A 328 8.65 46.46 12.33
C ASN A 328 9.75 45.97 13.26
N ARG A 329 10.09 46.79 14.26
CA ARG A 329 11.16 46.39 15.17
C ARG A 329 10.82 45.11 15.90
N PHE A 330 9.57 44.96 16.34
CA PHE A 330 9.19 43.75 17.07
C PHE A 330 9.32 42.51 16.19
N THR A 331 8.94 42.62 14.91
CA THR A 331 9.13 41.48 14.02
C THR A 331 10.59 41.07 13.94
N SER A 332 11.49 42.06 13.81
CA SER A 332 12.91 41.73 13.73
C SER A 332 13.39 41.02 15.00
N VAL A 333 12.94 41.50 16.16
CA VAL A 333 13.35 40.89 17.42
C VAL A 333 12.93 39.43 17.46
N VAL A 334 11.71 39.13 17.02
CA VAL A 334 11.24 37.75 17.05
C VAL A 334 12.13 36.87 16.19
N ALA A 335 12.46 37.33 14.98
CA ALA A 335 13.29 36.51 14.10
C ALA A 335 14.64 36.19 14.74
N ASN A 336 15.28 37.20 15.33
CA ASN A 336 16.58 36.97 15.96
C ASN A 336 16.47 35.98 17.11
N LEU A 337 15.42 36.11 17.92
CA LEU A 337 15.23 35.20 19.05
C LEU A 337 15.11 33.75 18.57
N GLN A 338 14.35 33.53 17.51
CA GLN A 338 14.16 32.18 16.99
C GLN A 338 15.49 31.57 16.56
N THR A 339 16.27 32.33 15.79
CA THR A 339 17.56 31.81 15.33
C THR A 339 18.47 31.47 16.51
N SER A 340 18.56 32.37 17.49
CA SER A 340 19.46 32.15 18.61
C SER A 340 19.05 30.92 19.42
N SER A 341 17.76 30.75 19.67
CA SER A 341 17.31 29.60 20.44
C SER A 341 17.63 28.30 19.73
N GLU A 342 17.43 28.26 18.42
CA GLU A 342 17.76 27.04 17.67
C GLU A 342 19.26 26.72 17.76
N ASN A 343 20.11 27.74 17.63
CA ASN A 343 21.55 27.51 17.70
C ASN A 343 21.94 26.99 19.08
N LEU A 344 21.39 27.58 20.15
CA LEU A 344 21.73 27.14 21.50
C LEU A 344 21.30 25.71 21.74
N SER A 345 20.11 25.35 21.27
CA SER A 345 19.64 23.99 21.44
C SER A 345 20.54 23.00 20.73
N ALA A 346 21.02 23.36 19.54
CA ALA A 346 21.98 22.49 18.85
C ALA A 346 23.27 22.36 19.63
N SER A 347 23.75 23.47 20.21
CA SER A 347 25.01 23.45 20.94
C SER A 347 24.93 22.56 22.18
N ARG A 348 23.80 22.59 22.89
CA ARG A 348 23.71 21.86 24.15
C ARG A 348 23.78 20.34 23.95
N SER A 349 23.24 19.83 22.86
CA SER A 349 23.08 18.39 22.69
C SER A 349 24.38 17.66 22.45
N ARG A 350 25.47 18.37 22.13
CA ARG A 350 26.72 17.71 21.77
C ARG A 350 27.41 17.09 22.98
N ILE A 351 27.06 17.50 24.19
CA ILE A 351 27.78 17.11 25.39
C ILE A 351 26.89 16.40 26.40
N LYS A 352 25.69 16.00 26.01
CA LYS A 352 24.75 15.39 26.94
C LYS A 352 24.05 14.15 26.41
N ASP A 353 24.09 13.89 25.11
CA ASP A 353 23.26 12.87 24.49
C ASP A 353 24.05 11.59 24.28
N THR A 354 23.33 10.48 24.15
CA THR A 354 23.95 9.18 23.96
C THR A 354 24.13 8.86 22.48
N ASP A 355 25.25 8.22 22.16
CA ASP A 355 25.52 7.76 20.80
C ASP A 355 25.22 6.27 20.73
N PHE A 356 24.09 5.93 20.12
CA PHE A 356 23.60 4.56 20.15
C PHE A 356 24.50 3.61 19.36
N ALA A 357 25.35 4.15 18.49
CA ALA A 357 26.18 3.29 17.65
C ALA A 357 27.32 2.67 18.45
N LYS A 358 27.81 3.36 19.48
CA LYS A 358 28.99 2.88 20.20
C LYS A 358 28.62 2.03 21.42
N GLU A 359 27.49 2.31 22.05
CA GLU A 359 27.15 1.66 23.31
C GLU A 359 26.81 0.18 23.11
N THR A 360 26.21 -0.17 21.98
CA THR A 360 25.79 -1.55 21.75
C THR A 360 26.99 -2.48 21.69
N ALA A 361 28.09 -2.05 21.08
CA ALA A 361 29.28 -2.87 21.03
C ALA A 361 29.83 -3.15 22.43
N GLU A 362 29.86 -2.13 23.29
CA GLU A 362 30.29 -2.35 24.66
C GLU A 362 29.39 -3.33 25.38
N LEU A 363 28.08 -3.22 25.14
CA LEU A 363 27.15 -4.18 25.74
C LEU A 363 27.50 -5.61 25.35
N THR A 364 27.70 -5.83 24.05
CA THR A 364 28.00 -7.19 23.58
C THR A 364 29.30 -7.71 24.19
N ARG A 365 30.33 -6.87 24.21
CA ARG A 365 31.62 -7.30 24.77
C ARG A 365 31.48 -7.69 26.23
N THR A 366 30.80 -6.86 27.02
CA THR A 366 30.65 -7.16 28.44
C THR A 366 29.87 -8.45 28.65
N GLN A 367 28.83 -8.66 27.83
CA GLN A 367 28.04 -9.89 27.96
C GLN A 367 28.90 -11.12 27.72
N ILE A 368 29.77 -11.08 26.70
CA ILE A 368 30.63 -12.25 26.46
C ILE A 368 31.60 -12.47 27.61
N LEU A 369 32.20 -11.38 28.11
CA LEU A 369 33.17 -11.51 29.20
C LEU A 369 32.55 -12.15 30.43
N GLN A 370 31.27 -11.84 30.72
CA GLN A 370 30.64 -12.43 31.89
C GLN A 370 30.60 -13.96 31.81
N GLN A 371 30.19 -14.49 30.66
CA GLN A 371 30.11 -15.94 30.49
C GLN A 371 31.49 -16.58 30.60
N ALA A 372 32.49 -15.95 30.00
CA ALA A 372 33.85 -16.50 30.11
C ALA A 372 34.27 -16.59 31.57
N GLY A 373 34.02 -15.52 32.34
CA GLY A 373 34.39 -15.52 33.74
C GLY A 373 33.68 -16.59 34.54
N THR A 374 32.38 -16.77 34.30
CA THR A 374 31.64 -17.78 35.05
C THR A 374 32.17 -19.19 34.77
N ALA A 375 32.42 -19.50 33.50
CA ALA A 375 32.94 -20.82 33.17
C ALA A 375 34.29 -21.07 33.83
N MET A 376 35.19 -20.08 33.77
CA MET A 376 36.51 -20.27 34.38
C MET A 376 36.41 -20.40 35.88
N LEU A 377 35.47 -19.69 36.51
CA LEU A 377 35.26 -19.83 37.95
C LEU A 377 34.85 -21.25 38.30
N ALA A 378 33.93 -21.83 37.53
CA ALA A 378 33.52 -23.20 37.83
C ALA A 378 34.70 -24.16 37.70
N GLN A 379 35.51 -23.99 36.65
CA GLN A 379 36.68 -24.85 36.48
C GLN A 379 37.63 -24.73 37.66
N ALA A 380 37.94 -23.50 38.08
CA ALA A 380 38.89 -23.29 39.16
C ALA A 380 38.37 -23.89 40.46
N ASN A 381 37.07 -23.77 40.72
CA ASN A 381 36.51 -24.41 41.90
C ASN A 381 36.65 -25.93 41.82
N GLN A 382 36.46 -26.50 40.64
CA GLN A 382 36.49 -27.94 40.50
C GLN A 382 37.90 -28.52 40.58
N VAL A 383 38.93 -27.70 40.35
CA VAL A 383 40.30 -28.24 40.25
C VAL A 383 40.73 -29.09 41.45
N PRO A 384 40.60 -28.64 42.71
CA PRO A 384 41.35 -29.32 43.79
C PRO A 384 40.80 -30.69 44.20
N GLN A 385 39.88 -31.25 43.44
CA GLN A 385 39.29 -32.53 43.81
C GLN A 385 40.26 -33.70 43.67
N GLY A 386 41.38 -33.50 42.98
CA GLY A 386 42.24 -34.63 42.63
C GLY A 386 43.05 -35.16 43.78
N VAL A 387 43.11 -34.44 44.90
CA VAL A 387 43.94 -34.88 46.02
C VAL A 387 43.36 -36.12 46.68
N LEU A 388 42.06 -36.36 46.50
CA LEU A 388 41.41 -37.45 47.23
C LEU A 388 41.91 -38.82 46.79
N SER A 389 42.32 -38.96 45.53
CA SER A 389 42.78 -40.25 45.06
C SER A 389 44.07 -40.69 45.73
N LEU A 390 44.83 -39.75 46.27
CA LEU A 390 46.09 -40.09 46.93
C LEU A 390 45.85 -40.73 48.29
N LEU A 391 44.66 -40.59 48.83
CA LEU A 391 44.38 -41.09 50.18
C LEU A 391 44.08 -42.58 50.17
N ALA B 2 77.29 -82.70 48.69
CA ALA B 2 77.92 -82.13 49.88
C ALA B 2 77.13 -80.94 50.41
N GLN B 3 76.78 -80.97 51.69
CA GLN B 3 76.07 -79.89 52.34
C GLN B 3 77.07 -78.95 53.01
N VAL B 4 76.89 -77.66 52.77
CA VAL B 4 77.74 -76.62 53.36
C VAL B 4 76.84 -75.55 53.94
N ILE B 5 77.17 -75.07 55.13
CA ILE B 5 76.36 -74.08 55.82
C ILE B 5 77.05 -72.73 55.93
N ASN B 6 78.38 -72.67 55.86
CA ASN B 6 79.05 -71.38 55.92
C ASN B 6 78.71 -70.51 54.72
N THR B 7 78.56 -71.12 53.55
CA THR B 7 78.24 -70.41 52.32
C THR B 7 77.00 -71.03 51.67
N ASN B 8 76.20 -70.18 51.06
CA ASN B 8 75.01 -70.56 50.34
C ASN B 8 75.08 -69.92 48.96
N THR B 9 75.61 -70.66 48.01
CA THR B 9 75.79 -70.14 46.67
C THR B 9 74.49 -69.73 46.01
N MET B 10 73.44 -70.53 46.17
CA MET B 10 72.18 -70.18 45.55
C MET B 10 71.64 -68.88 46.12
N SER B 11 71.77 -68.71 47.43
CA SER B 11 71.31 -67.50 48.05
C SER B 11 72.09 -66.34 47.51
N LEU B 12 73.41 -66.48 47.39
CA LEU B 12 74.22 -65.39 46.89
C LEU B 12 73.81 -65.01 45.48
N ASN B 13 73.56 -66.01 44.66
CA ASN B 13 73.13 -65.78 43.30
C ASN B 13 71.78 -65.09 43.15
N ALA B 14 70.80 -65.47 43.96
CA ALA B 14 69.46 -64.92 43.79
C ALA B 14 69.33 -63.41 43.97
N GLN B 15 70.17 -62.86 44.81
CA GLN B 15 70.26 -61.43 45.13
C GLN B 15 70.68 -60.63 43.92
N ARG B 16 71.70 -61.10 43.20
CA ARG B 16 72.17 -60.38 42.03
C ARG B 16 71.09 -60.29 40.96
N ASN B 17 70.38 -61.39 40.73
CA ASN B 17 69.32 -61.38 39.73
C ASN B 17 68.22 -60.40 40.11
N LEU B 18 67.83 -60.39 41.39
CA LEU B 18 66.79 -59.48 41.85
C LEU B 18 67.20 -58.02 41.64
N SER B 19 68.44 -57.69 41.99
CA SER B 19 68.89 -56.30 41.81
C SER B 19 68.91 -55.93 40.33
N THR B 20 69.38 -56.83 39.48
CA THR B 20 69.43 -56.54 38.05
C THR B 20 68.03 -56.27 37.51
N SER B 21 67.05 -57.10 37.88
CA SER B 21 65.68 -56.87 37.43
C SER B 21 65.12 -55.56 37.96
N GLY B 22 65.41 -55.24 39.22
CA GLY B 22 64.85 -54.03 39.80
C GLY B 22 65.51 -52.74 39.39
N SER B 23 66.66 -52.81 38.71
CA SER B 23 67.37 -51.58 38.32
C SER B 23 66.53 -50.70 37.40
N SER B 24 65.89 -51.29 36.39
CA SER B 24 65.26 -50.52 35.32
C SER B 24 63.95 -49.85 35.74
N LEU B 25 63.39 -50.25 36.88
CA LEU B 25 62.08 -49.78 37.28
C LEU B 25 62.09 -48.28 37.53
N ALA B 26 63.17 -47.77 38.14
CA ALA B 26 63.24 -46.35 38.43
C ALA B 26 63.24 -45.53 37.15
N THR B 27 64.03 -45.93 36.17
CA THR B 27 64.10 -45.17 34.92
C THR B 27 62.75 -45.20 34.21
N THR B 28 62.12 -46.37 34.13
CA THR B 28 60.86 -46.42 33.39
C THR B 28 59.77 -45.61 34.10
N ILE B 29 59.71 -45.66 35.42
CA ILE B 29 58.67 -44.89 36.12
C ILE B 29 58.95 -43.40 36.01
N GLN B 30 60.22 -42.99 36.06
CA GLN B 30 60.53 -41.57 35.96
C GLN B 30 60.19 -41.02 34.59
N ARG B 31 60.54 -41.75 33.53
CA ARG B 31 60.24 -41.25 32.19
C ARG B 31 58.77 -41.41 31.85
N LEU B 32 58.03 -42.21 32.61
CA LEU B 32 56.60 -42.30 32.39
C LEU B 32 55.85 -41.21 33.15
N SER B 33 56.39 -40.77 34.28
CA SER B 33 55.75 -39.69 35.03
C SER B 33 56.08 -38.31 34.47
N SER B 34 57.32 -38.11 34.01
CA SER B 34 57.73 -36.79 33.54
C SER B 34 57.16 -36.46 32.18
N GLY B 35 56.90 -37.47 31.35
CA GLY B 35 56.37 -37.26 30.03
C GLY B 35 57.40 -37.12 28.94
N SER B 36 58.69 -37.18 29.26
CA SER B 36 59.76 -37.00 28.29
C SER B 36 60.69 -38.19 28.32
N ARG B 37 61.29 -38.49 27.16
CA ARG B 37 62.19 -39.62 27.02
C ARG B 37 63.63 -39.30 27.37
N ILE B 38 64.02 -38.03 27.32
CA ILE B 38 65.38 -37.61 27.63
C ILE B 38 65.31 -36.63 28.80
N ASN B 39 65.69 -37.09 29.99
CA ASN B 39 65.69 -36.25 31.18
C ASN B 39 67.08 -35.88 31.65
N SER B 40 68.12 -36.55 31.17
CA SER B 40 69.48 -36.24 31.57
C SER B 40 70.42 -36.72 30.46
N ALA B 41 71.68 -36.30 30.54
CA ALA B 41 72.66 -36.68 29.54
C ALA B 41 73.00 -38.17 29.58
N LYS B 42 72.57 -38.88 30.62
CA LYS B 42 72.84 -40.32 30.71
C LYS B 42 72.12 -41.10 29.62
N ASP B 43 71.04 -40.53 29.06
CA ASP B 43 70.26 -41.26 28.06
C ASP B 43 70.79 -41.03 26.66
N ASP B 44 71.08 -39.79 26.29
CA ASP B 44 71.53 -39.47 24.96
C ASP B 44 72.63 -38.40 25.03
N ALA B 45 73.44 -38.34 23.98
CA ALA B 45 74.52 -37.38 23.90
C ALA B 45 74.33 -36.34 22.80
N ALA B 46 73.48 -36.60 21.82
CA ALA B 46 73.20 -35.63 20.77
C ALA B 46 71.74 -35.20 20.72
N GLY B 47 70.82 -36.05 21.20
CA GLY B 47 69.42 -35.69 21.17
C GLY B 47 69.12 -34.47 22.01
N LEU B 48 69.73 -34.37 23.19
CA LEU B 48 69.48 -33.20 24.02
C LEU B 48 69.99 -31.93 23.35
N ALA B 49 71.18 -31.98 22.76
CA ALA B 49 71.72 -30.80 22.09
C ALA B 49 70.83 -30.36 20.93
N ILE B 50 70.38 -31.32 20.13
CA ILE B 50 69.49 -30.98 19.01
C ILE B 50 68.19 -30.37 19.53
N SER B 51 67.67 -30.91 20.62
CA SER B 51 66.43 -30.36 21.18
C SER B 51 66.63 -28.92 21.66
N GLU B 52 67.76 -28.62 22.31
CA GLU B 52 67.97 -27.23 22.74
C GLU B 52 68.08 -26.29 21.55
N ARG B 53 68.77 -26.72 20.48
CA ARG B 53 68.83 -25.85 19.31
C ARG B 53 67.45 -25.58 18.75
N PHE B 54 66.60 -26.60 18.70
CA PHE B 54 65.24 -26.40 18.24
C PHE B 54 64.48 -25.44 19.15
N GLY B 55 64.71 -25.54 20.46
CA GLY B 55 64.07 -24.61 21.38
C GLY B 55 64.49 -23.17 21.13
N THR B 56 65.78 -22.94 20.90
CA THR B 56 66.23 -21.59 20.57
C THR B 56 65.52 -21.07 19.34
N GLN B 57 65.42 -21.90 18.30
CA GLN B 57 64.80 -21.43 17.07
C GLN B 57 63.34 -21.07 17.27
N ILE B 58 62.58 -21.90 17.99
CA ILE B 58 61.16 -21.60 18.20
C ILE B 58 60.97 -20.32 18.99
N ARG B 59 61.74 -20.19 20.09
CA ARG B 59 61.59 -19.02 20.94
C ARG B 59 62.05 -17.75 20.25
N GLY B 60 62.90 -17.86 19.23
CA GLY B 60 63.18 -16.70 18.41
C GLY B 60 62.06 -16.41 17.43
N THR B 61 61.42 -17.45 16.91
CA THR B 61 60.41 -17.25 15.88
C THR B 61 59.22 -16.46 16.41
N ASP B 62 58.80 -16.73 17.65
CA ASP B 62 57.62 -16.02 18.15
C ASP B 62 57.85 -14.50 18.23
N VAL B 63 58.97 -14.10 18.82
CA VAL B 63 59.25 -12.67 18.94
C VAL B 63 59.50 -12.05 17.57
N ALA B 64 60.03 -12.83 16.62
CA ALA B 64 60.15 -12.30 15.25
C ALA B 64 58.77 -11.97 14.67
N ILE B 65 57.79 -12.83 14.92
CA ILE B 65 56.43 -12.53 14.49
C ILE B 65 55.96 -11.21 15.09
N ARG B 66 56.23 -11.01 16.37
CA ARG B 66 55.80 -9.77 17.03
C ARG B 66 56.43 -8.54 16.36
N ASN B 67 57.73 -8.61 16.08
CA ASN B 67 58.40 -7.45 15.47
C ASN B 67 57.83 -7.14 14.09
N ALA B 68 57.54 -8.17 13.29
CA ALA B 68 56.96 -7.93 11.99
C ALA B 68 55.61 -7.22 12.09
N ASN B 69 54.79 -7.64 13.05
CA ASN B 69 53.49 -6.97 13.22
C ASN B 69 53.67 -5.50 13.59
N ASP B 70 54.64 -5.18 14.44
CA ASP B 70 54.89 -3.77 14.77
C ASP B 70 55.26 -2.96 13.54
N GLY B 71 56.09 -3.53 12.66
CA GLY B 71 56.39 -2.83 11.41
C GLY B 71 55.13 -2.53 10.61
N ILE B 72 54.23 -3.51 10.51
CA ILE B 72 52.96 -3.30 9.80
C ILE B 72 52.23 -2.10 10.39
N SER B 73 52.13 -2.04 11.73
CA SER B 73 51.39 -0.96 12.37
C SER B 73 51.99 0.41 12.07
N LEU B 74 53.32 0.51 12.10
CA LEU B 74 53.97 1.79 11.80
C LEU B 74 53.59 2.27 10.40
N ALA B 75 53.67 1.37 9.42
CA ALA B 75 53.32 1.77 8.06
C ALA B 75 51.89 2.26 7.98
N GLN B 76 50.97 1.58 8.67
CA GLN B 76 49.58 1.98 8.65
C GLN B 76 49.40 3.41 9.14
N VAL B 77 50.04 3.75 10.26
CA VAL B 77 49.87 5.09 10.82
C VAL B 77 50.36 6.17 9.84
N ALA B 78 51.53 5.95 9.26
CA ALA B 78 52.06 6.97 8.35
C ALA B 78 51.13 7.20 7.16
N GLU B 79 50.63 6.12 6.56
CA GLU B 79 49.73 6.30 5.43
C GLU B 79 48.46 7.03 5.83
N GLY B 80 47.96 6.74 7.04
CA GLY B 80 46.77 7.42 7.51
C GLY B 80 46.94 8.93 7.56
N SER B 81 48.12 9.40 7.99
CA SER B 81 48.33 10.86 8.00
C SER B 81 48.43 11.44 6.59
N LEU B 82 49.15 10.74 5.71
CA LEU B 82 49.33 11.27 4.36
C LEU B 82 48.00 11.47 3.63
N THR B 83 47.01 10.62 3.91
CA THR B 83 45.72 10.77 3.24
C THR B 83 45.12 12.16 3.47
N GLU B 84 45.11 12.61 4.72
CA GLU B 84 44.50 13.90 5.03
C GLU B 84 45.32 15.05 4.45
N ILE B 85 46.64 14.92 4.45
CA ILE B 85 47.46 15.94 3.78
C ILE B 85 46.99 16.11 2.34
N GLY B 86 46.84 14.98 1.64
CA GLY B 86 46.43 15.05 0.25
C GLY B 86 45.06 15.68 0.06
N ASN B 87 44.12 15.36 0.94
CA ASN B 87 42.77 15.92 0.81
C ASN B 87 42.81 17.44 0.92
N ASN B 88 43.59 17.97 1.87
CA ASN B 88 43.69 19.42 2.01
C ASN B 88 44.27 20.05 0.75
N LEU B 89 45.32 19.44 0.19
CA LEU B 89 45.91 19.98 -1.04
C LEU B 89 44.89 20.02 -2.17
N GLN B 90 44.09 18.97 -2.29
CA GLN B 90 43.06 18.89 -3.32
C GLN B 90 42.07 20.05 -3.19
N ARG B 91 41.64 20.32 -1.96
CA ARG B 91 40.71 21.44 -1.74
C ARG B 91 41.33 22.77 -2.13
N VAL B 92 42.61 22.98 -1.79
CA VAL B 92 43.26 24.24 -2.15
C VAL B 92 43.27 24.42 -3.67
N ARG B 93 43.59 23.35 -4.40
CA ARG B 93 43.62 23.46 -5.86
C ARG B 93 42.24 23.81 -6.41
N GLU B 94 41.20 23.18 -5.88
CA GLU B 94 39.84 23.49 -6.34
C GLU B 94 39.51 24.95 -6.09
N LEU B 95 39.89 25.48 -4.93
CA LEU B 95 39.62 26.88 -4.62
C LEU B 95 40.39 27.81 -5.54
N SER B 96 41.63 27.46 -5.87
CA SER B 96 42.49 28.32 -6.67
C SER B 96 42.22 28.25 -8.17
N VAL B 97 41.49 27.24 -8.65
CA VAL B 97 41.09 27.23 -10.05
C VAL B 97 40.20 28.44 -10.34
N GLN B 98 39.30 28.74 -9.42
CA GLN B 98 38.56 29.99 -9.42
C GLN B 98 39.53 31.12 -9.12
N ALA B 99 39.03 32.33 -8.92
CA ALA B 99 39.85 33.49 -8.60
C ALA B 99 40.81 33.87 -9.71
N SER B 100 40.74 33.20 -10.85
CA SER B 100 41.52 33.57 -12.03
C SER B 100 40.62 34.00 -13.17
N ASN B 101 39.35 34.27 -12.87
CA ASN B 101 38.39 34.73 -13.87
C ASN B 101 38.58 36.23 -14.08
N ALA B 102 37.66 36.86 -14.82
CA ALA B 102 37.73 38.29 -15.09
C ALA B 102 36.63 39.09 -14.43
N THR B 103 35.63 38.44 -13.84
CA THR B 103 34.52 39.13 -13.21
C THR B 103 34.73 39.37 -11.72
N ASN B 104 35.86 38.96 -11.16
CA ASN B 104 36.09 39.13 -9.75
C ASN B 104 36.54 40.56 -9.44
N SER B 105 36.76 40.82 -8.16
CA SER B 105 37.27 42.09 -7.68
C SER B 105 38.35 41.82 -6.64
N ALA B 106 38.96 42.88 -6.12
CA ALA B 106 40.03 42.72 -5.14
C ALA B 106 39.49 42.08 -3.85
N SER B 107 38.30 42.51 -3.41
CA SER B 107 37.75 41.99 -2.16
C SER B 107 37.51 40.49 -2.23
N ASP B 108 37.01 40.00 -3.37
CA ASP B 108 36.77 38.57 -3.52
C ASP B 108 38.07 37.80 -3.45
N ARG B 109 39.12 38.32 -4.08
CA ARG B 109 40.41 37.66 -4.04
C ARG B 109 40.95 37.60 -2.61
N LYS B 110 40.79 38.67 -1.83
CA LYS B 110 41.19 38.61 -0.43
C LYS B 110 40.37 37.57 0.33
N ALA B 111 39.07 37.49 0.03
CA ALA B 111 38.21 36.53 0.70
C ALA B 111 38.68 35.09 0.46
N LEU B 112 39.13 34.80 -0.77
CA LEU B 112 39.65 33.46 -1.05
C LEU B 112 41.04 33.26 -0.42
N GLN B 113 41.86 34.30 -0.42
CA GLN B 113 43.21 34.20 0.13
C GLN B 113 43.18 33.83 1.61
N ALA B 114 42.18 34.32 2.35
CA ALA B 114 42.09 33.98 3.77
C ALA B 114 42.00 32.47 3.97
N GLU B 115 41.09 31.82 3.25
CA GLU B 115 40.94 30.37 3.41
C GLU B 115 42.15 29.62 2.88
N VAL B 116 42.79 30.12 1.82
CA VAL B 116 44.02 29.48 1.36
C VAL B 116 45.06 29.46 2.48
N THR B 117 45.23 30.59 3.16
CA THR B 117 46.19 30.66 4.26
C THR B 117 45.85 29.69 5.37
N GLN B 118 44.56 29.59 5.72
CA GLN B 118 44.16 28.66 6.77
C GLN B 118 44.51 27.22 6.42
N LEU B 119 44.19 26.81 5.18
CA LEU B 119 44.45 25.43 4.78
C LEU B 119 45.95 25.13 4.78
N VAL B 120 46.76 26.07 4.31
CA VAL B 120 48.20 25.84 4.30
C VAL B 120 48.73 25.67 5.72
N SER B 121 48.28 26.52 6.64
CA SER B 121 48.72 26.39 8.04
C SER B 121 48.37 25.02 8.59
N GLU B 122 47.16 24.54 8.30
CA GLU B 122 46.77 23.21 8.78
C GLU B 122 47.69 22.14 8.22
N ILE B 123 48.03 22.23 6.94
CA ILE B 123 48.92 21.25 6.33
C ILE B 123 50.24 21.21 7.08
N ASP B 124 50.81 22.38 7.34
CA ASP B 124 52.09 22.44 8.04
C ASP B 124 51.99 21.81 9.43
N ARG B 125 50.91 22.11 10.16
CA ARG B 125 50.79 21.60 11.53
C ARG B 125 50.73 20.09 11.55
N VAL B 126 49.89 19.49 10.70
CA VAL B 126 49.78 18.03 10.72
C VAL B 126 51.07 17.39 10.24
N ALA B 127 51.76 18.03 9.28
CA ALA B 127 53.03 17.49 8.83
C ALA B 127 54.06 17.47 9.96
N LYS B 128 54.09 18.51 10.77
CA LYS B 128 55.12 18.63 11.80
C LYS B 128 54.75 17.98 13.13
N GLN B 129 53.52 17.50 13.31
CA GLN B 129 53.10 16.98 14.61
C GLN B 129 52.58 15.55 14.51
N SER B 130 53.27 14.70 13.74
CA SER B 130 52.85 13.32 13.55
C SER B 130 53.98 12.39 13.93
N ASP B 131 53.68 11.38 14.73
CA ASP B 131 54.71 10.50 15.25
C ASP B 131 54.11 9.17 15.73
N PHE B 132 54.99 8.22 16.01
CA PHE B 132 54.61 6.88 16.46
C PHE B 132 55.55 6.49 17.59
N ASN B 133 55.03 6.47 18.82
CA ASN B 133 55.81 6.08 20.00
C ASN B 133 57.04 6.97 20.18
N GLY B 134 56.87 8.26 19.98
CA GLY B 134 57.94 9.21 20.19
C GLY B 134 58.93 9.38 19.06
N THR B 135 58.62 8.84 17.88
CA THR B 135 59.51 8.92 16.72
C THR B 135 58.80 9.71 15.62
N LYS B 136 59.28 10.91 15.34
CA LYS B 136 58.67 11.74 14.32
C LYS B 136 58.91 11.16 12.94
N LEU B 137 57.85 11.12 12.12
CA LEU B 137 57.90 10.49 10.81
C LEU B 137 58.06 11.48 9.67
N LEU B 138 57.08 12.36 9.47
CA LEU B 138 57.04 13.19 8.28
C LEU B 138 57.64 14.57 8.54
N ASP B 139 58.95 14.60 8.81
CA ASP B 139 59.65 15.88 8.80
C ASP B 139 61.07 15.77 8.24
N GLY B 140 61.45 14.64 7.67
CA GLY B 140 62.76 14.52 7.06
C GLY B 140 63.88 14.12 7.98
N THR B 141 63.59 13.58 9.16
CA THR B 141 64.61 13.01 10.03
C THR B 141 64.55 11.49 10.11
N PHE B 142 63.68 10.87 9.33
CA PHE B 142 63.51 9.41 9.37
C PHE B 142 64.61 8.76 8.55
N SER B 143 65.67 8.32 9.21
CA SER B 143 66.78 7.65 8.55
C SER B 143 66.45 6.18 8.39
N SER B 144 67.46 5.37 8.04
CA SER B 144 67.25 3.95 7.86
C SER B 144 66.98 3.26 9.19
N GLN B 145 65.96 2.42 9.23
CA GLN B 145 65.56 1.69 10.42
C GLN B 145 65.57 0.19 10.13
N LEU B 146 66.09 -0.58 11.09
CA LEU B 146 66.28 -2.02 10.93
C LEU B 146 65.26 -2.77 11.77
N PHE B 147 64.61 -3.76 11.17
CA PHE B 147 63.64 -4.61 11.85
C PHE B 147 64.16 -6.03 11.89
N GLN B 148 64.19 -6.63 13.08
CA GLN B 148 64.67 -7.99 13.27
C GLN B 148 63.55 -8.97 12.93
N VAL B 149 63.73 -9.78 11.90
CA VAL B 149 62.70 -10.72 11.46
C VAL B 149 63.28 -12.13 11.40
N GLY B 150 64.26 -12.42 12.25
CA GLY B 150 64.84 -13.74 12.32
C GLY B 150 65.37 -14.00 13.72
N ALA B 151 65.74 -15.25 13.97
CA ALA B 151 66.23 -15.68 15.27
C ALA B 151 67.75 -15.72 15.35
N ASN B 152 68.44 -15.19 14.34
CA ASN B 152 69.90 -15.20 14.30
C ASN B 152 70.41 -13.81 14.02
N ALA B 153 71.67 -13.57 14.36
CA ALA B 153 72.28 -12.27 14.16
C ALA B 153 72.46 -11.98 12.68
N GLY B 154 72.18 -10.73 12.30
CA GLY B 154 72.36 -10.30 10.93
C GLY B 154 71.16 -10.44 10.02
N GLN B 155 70.08 -11.04 10.49
CA GLN B 155 68.88 -11.24 9.68
C GLN B 155 67.91 -10.10 9.96
N ALA B 156 67.83 -9.15 9.04
CA ALA B 156 66.98 -7.98 9.23
C ALA B 156 66.70 -7.34 7.88
N ILE B 157 65.63 -6.55 7.83
CA ILE B 157 65.30 -5.77 6.65
C ILE B 157 65.15 -4.32 7.08
N ALA B 158 65.28 -3.41 6.11
CA ALA B 158 65.40 -1.99 6.43
C ALA B 158 64.41 -1.16 5.64
N ILE B 159 64.11 0.02 6.18
CA ILE B 159 63.28 1.02 5.53
C ILE B 159 64.12 2.27 5.33
N ASP B 160 64.10 2.80 4.10
CA ASP B 160 65.03 3.87 3.77
C ASP B 160 64.54 5.24 4.26
N LYS B 161 63.37 5.68 3.77
CA LYS B 161 62.87 7.01 4.07
C LYS B 161 61.43 7.12 3.59
N THR B 162 60.66 7.97 4.26
CA THR B 162 59.30 8.20 3.78
C THR B 162 59.16 9.45 2.91
N ILE B 163 59.30 10.63 3.51
CA ILE B 163 59.12 11.88 2.79
C ILE B 163 59.56 13.02 3.69
N ASP B 164 59.82 14.19 3.11
CA ASP B 164 59.91 15.44 3.85
C ASP B 164 58.71 16.29 3.44
N ALA B 165 57.74 16.42 4.34
CA ALA B 165 56.44 16.99 4.00
C ALA B 165 56.17 18.34 4.64
N LYS B 166 57.21 19.02 5.11
CA LYS B 166 57.02 20.36 5.65
C LYS B 166 56.57 21.32 4.56
N ALA B 167 55.78 22.32 4.94
CA ALA B 167 55.24 23.25 3.95
C ALA B 167 56.31 24.09 3.29
N GLY B 168 57.49 24.19 3.88
CA GLY B 168 58.57 24.96 3.31
C GLY B 168 59.40 24.25 2.27
N SER B 169 59.17 22.96 2.03
CA SER B 169 59.94 22.20 1.06
C SER B 169 59.06 21.22 0.31
N LEU B 170 57.91 21.69 -0.17
CA LEU B 170 56.98 20.86 -0.92
C LEU B 170 56.68 21.51 -2.26
N GLY B 171 56.82 20.75 -3.34
CA GLY B 171 56.46 21.24 -4.66
C GLY B 171 57.27 22.42 -5.15
N THR B 172 58.58 22.38 -5.00
CA THR B 172 59.43 23.46 -5.46
C THR B 172 59.42 23.54 -6.99
N SER B 173 59.50 24.77 -7.51
CA SER B 173 59.39 25.00 -8.95
C SER B 173 60.15 26.27 -9.31
N THR B 174 60.35 26.47 -10.61
CA THR B 174 60.98 27.66 -11.14
C THR B 174 60.21 28.16 -12.36
N PHE B 175 60.07 29.47 -12.49
CA PHE B 175 59.38 30.08 -13.61
C PHE B 175 60.28 31.15 -14.23
N ALA B 176 60.38 31.14 -15.56
CA ALA B 176 61.17 32.14 -16.25
C ALA B 176 60.42 33.46 -16.29
N THR B 177 61.14 34.56 -16.07
CA THR B 177 60.54 35.87 -15.92
C THR B 177 61.62 36.92 -16.05
N GLY B 178 61.25 38.10 -16.53
CA GLY B 178 62.19 39.20 -16.57
C GLY B 178 62.28 39.83 -17.93
N ALA B 179 61.27 39.60 -18.76
CA ALA B 179 61.27 40.13 -20.11
C ALA B 179 61.18 41.65 -20.11
N THR B 180 61.76 42.25 -21.14
CA THR B 180 61.63 43.67 -21.40
C THR B 180 61.39 43.85 -22.89
N ALA B 181 61.14 45.09 -23.28
CA ALA B 181 60.96 45.40 -24.69
C ALA B 181 61.80 46.57 -25.15
N ALA B 182 61.97 47.59 -24.31
CA ALA B 182 62.67 48.82 -24.68
C ALA B 182 62.05 49.47 -25.91
N LEU B 183 60.73 49.57 -25.92
CA LEU B 183 59.99 50.16 -27.03
C LEU B 183 59.56 51.58 -26.67
N ALA B 184 59.81 52.52 -27.59
CA ALA B 184 59.44 53.92 -27.38
C ALA B 184 58.99 54.59 -28.66
N ALA B 185 58.37 53.85 -29.57
CA ALA B 185 57.90 54.44 -30.82
C ALA B 185 56.77 55.43 -30.56
N SER B 186 56.67 56.43 -31.44
CA SER B 186 55.65 57.46 -31.32
C SER B 186 55.36 58.02 -32.71
N THR B 187 54.76 59.20 -32.76
CA THR B 187 54.51 59.97 -33.98
C THR B 187 53.54 59.12 -34.81
N ASP B 188 53.76 58.92 -36.11
CA ASP B 188 52.76 58.27 -36.95
C ASP B 188 52.64 56.78 -36.64
N GLY B 189 51.54 56.19 -37.11
CA GLY B 189 51.24 54.81 -36.82
C GLY B 189 52.16 53.84 -37.54
N ALA B 190 52.11 52.59 -37.09
CA ALA B 190 52.96 51.54 -37.65
C ALA B 190 52.28 50.20 -37.45
N ARG B 191 52.80 49.19 -38.15
CA ARG B 191 52.32 47.82 -38.02
C ARG B 191 53.39 46.96 -37.39
N PHE B 192 52.98 46.09 -36.49
CA PHE B 192 53.90 45.19 -35.79
C PHE B 192 53.60 43.76 -36.20
N SER B 193 54.64 42.95 -36.31
CA SER B 193 54.53 41.55 -36.69
C SER B 193 55.48 40.74 -35.81
N GLY B 194 55.75 39.51 -36.21
CA GLY B 194 56.72 38.68 -35.55
C GLY B 194 56.08 37.49 -34.86
N THR B 195 56.94 36.64 -34.32
CA THR B 195 56.53 35.41 -33.67
C THR B 195 57.11 35.35 -32.27
N VAL B 196 56.40 34.65 -31.39
CA VAL B 196 56.84 34.42 -30.02
C VAL B 196 56.85 32.91 -29.79
N MET B 197 58.02 32.37 -29.45
CA MET B 197 58.18 30.94 -29.21
C MET B 197 57.72 30.12 -30.41
N GLY B 198 58.00 30.62 -31.61
CA GLY B 198 57.62 29.89 -32.81
C GLY B 198 56.15 29.88 -33.13
N VAL B 199 55.40 30.88 -32.67
CA VAL B 199 53.98 30.99 -32.96
C VAL B 199 53.71 32.38 -33.50
N ASP B 200 53.03 32.44 -34.65
CA ASP B 200 52.68 33.73 -35.25
C ASP B 200 51.61 34.43 -34.43
N ILE B 201 51.70 35.76 -34.36
CA ILE B 201 50.78 36.55 -33.55
C ILE B 201 50.02 37.57 -34.40
N GLY B 202 49.93 37.34 -35.71
CA GLY B 202 49.12 38.23 -36.52
C GLY B 202 49.74 39.61 -36.68
N THR B 203 48.88 40.58 -36.97
CA THR B 203 49.30 41.95 -37.22
C THR B 203 48.43 42.92 -36.44
N VAL B 204 48.99 44.09 -36.15
CA VAL B 204 48.31 45.14 -35.43
C VAL B 204 48.45 46.45 -36.18
N GLU B 205 47.55 47.39 -35.88
CA GLU B 205 47.53 48.68 -36.55
C GLU B 205 47.22 49.75 -35.52
N VAL B 206 47.96 50.86 -35.57
CA VAL B 206 47.79 51.95 -34.63
C VAL B 206 47.62 53.26 -35.40
N LYS B 207 46.90 54.20 -34.80
CA LYS B 207 46.51 55.42 -35.50
C LYS B 207 47.69 56.38 -35.61
N ALA B 208 47.53 57.39 -36.47
CA ALA B 208 48.59 58.35 -36.71
C ALA B 208 48.95 59.13 -35.44
N GLY B 209 47.95 59.46 -34.63
CA GLY B 209 48.21 60.13 -33.37
C GLY B 209 48.56 59.15 -32.28
N ALA B 210 49.56 58.30 -32.53
CA ALA B 210 49.91 57.24 -31.61
C ALA B 210 50.78 57.76 -30.47
N THR B 211 50.87 56.96 -29.42
CA THR B 211 51.71 57.25 -28.27
C THR B 211 52.31 55.93 -27.79
N THR B 212 53.28 56.02 -26.89
CA THR B 212 53.93 54.80 -26.41
C THR B 212 52.93 53.87 -25.73
N ALA B 213 52.04 54.43 -24.90
CA ALA B 213 51.06 53.60 -24.21
C ALA B 213 50.10 52.94 -25.20
N ASP B 214 49.68 53.68 -26.23
CA ASP B 214 48.75 53.13 -27.20
C ASP B 214 49.36 51.96 -27.95
N ALA B 215 50.63 52.06 -28.32
CA ALA B 215 51.30 50.93 -28.95
C ALA B 215 51.50 49.77 -27.99
N SER B 216 51.86 50.07 -26.74
CA SER B 216 52.12 49.01 -25.78
C SER B 216 50.87 48.18 -25.51
N LYS B 217 49.71 48.83 -25.37
CA LYS B 217 48.51 48.07 -25.06
C LYS B 217 48.10 47.20 -26.24
N ALA B 218 48.26 47.70 -27.46
CA ALA B 218 47.93 46.89 -28.63
C ALA B 218 48.84 45.67 -28.73
N VAL B 219 50.15 45.87 -28.51
CA VAL B 219 51.06 44.74 -28.59
C VAL B 219 50.76 43.72 -27.49
N ALA B 220 50.47 44.20 -26.28
CA ALA B 220 50.15 43.28 -25.19
C ALA B 220 48.89 42.49 -25.50
N THR B 221 47.87 43.13 -26.06
CA THR B 221 46.66 42.41 -26.44
C THR B 221 46.96 41.34 -27.48
N ALA B 222 47.76 41.69 -28.49
CA ALA B 222 48.10 40.72 -29.53
C ALA B 222 48.84 39.52 -28.97
N ILE B 223 49.77 39.77 -28.04
CA ILE B 223 50.52 38.67 -27.45
C ILE B 223 49.60 37.79 -26.60
N ASN B 224 48.72 38.41 -25.80
CA ASN B 224 47.89 37.63 -24.90
C ASN B 224 46.78 36.88 -25.62
N ALA B 225 46.45 37.24 -26.86
CA ALA B 225 45.35 36.59 -27.53
C ALA B 225 45.60 35.11 -27.80
N LYS B 226 46.85 34.65 -27.66
CA LYS B 226 47.22 33.28 -27.95
C LYS B 226 47.89 32.61 -26.75
N ILE B 227 47.35 32.83 -25.54
CA ILE B 227 47.97 32.28 -24.35
C ILE B 227 47.80 30.77 -24.27
N GLY B 228 46.95 30.19 -25.12
CA GLY B 228 46.75 28.76 -25.09
C GLY B 228 47.90 27.97 -25.65
N GLU B 229 48.70 28.58 -26.52
CA GLU B 229 49.81 27.91 -27.19
C GLU B 229 51.18 28.44 -26.80
N ALA B 230 51.35 29.76 -26.77
CA ALA B 230 52.63 30.31 -26.35
C ALA B 230 52.87 30.06 -24.86
N GLY B 231 51.84 30.20 -24.04
CA GLY B 231 52.01 30.09 -22.61
C GLY B 231 52.80 31.21 -21.98
N ILE B 232 52.57 32.45 -22.44
CA ILE B 232 53.27 33.62 -21.92
C ILE B 232 52.25 34.71 -21.63
N TYR B 233 52.33 35.29 -20.44
CA TYR B 233 51.43 36.35 -20.00
C TYR B 233 52.14 37.69 -20.09
N ALA B 234 51.52 38.64 -20.79
CA ALA B 234 52.13 39.93 -21.09
C ALA B 234 51.39 41.05 -20.37
N GLU B 235 52.14 42.06 -19.93
CA GLU B 235 51.60 43.18 -19.18
C GLU B 235 52.14 44.48 -19.75
N ALA B 236 51.26 45.48 -19.85
CA ALA B 236 51.66 46.77 -20.39
C ALA B 236 52.42 47.59 -19.36
N ASN B 237 53.25 48.50 -19.85
CA ASN B 237 54.00 49.42 -19.01
C ASN B 237 53.90 50.83 -19.58
N SER B 238 53.91 51.82 -18.68
CA SER B 238 53.65 53.19 -19.08
C SER B 238 54.74 53.73 -20.00
N ASP B 239 56.00 53.45 -19.69
CA ASP B 239 57.10 54.05 -20.46
C ASP B 239 57.14 53.56 -21.90
N GLY B 240 56.54 52.41 -22.19
CA GLY B 240 56.54 51.90 -23.55
C GLY B 240 57.07 50.49 -23.66
N THR B 241 57.57 49.95 -22.55
CA THR B 241 58.09 48.59 -22.53
C THR B 241 56.99 47.62 -22.11
N LEU B 242 57.36 46.35 -21.97
CA LEU B 242 56.43 45.30 -21.57
C LEU B 242 57.14 44.34 -20.63
N LYS B 243 56.36 43.54 -19.93
CA LYS B 243 56.88 42.46 -19.09
C LYS B 243 56.19 41.17 -19.48
N LEU B 244 56.98 40.15 -19.80
CA LEU B 244 56.44 38.84 -20.17
C LEU B 244 56.86 37.81 -19.14
N SER B 245 55.89 37.02 -18.68
CA SER B 245 56.11 35.97 -17.70
C SER B 245 55.64 34.65 -18.26
N SER B 246 56.16 33.56 -17.70
CA SER B 246 55.80 32.21 -18.11
C SER B 246 54.89 31.58 -17.07
N VAL B 247 53.79 30.99 -17.54
CA VAL B 247 52.86 30.30 -16.65
C VAL B 247 53.03 28.78 -16.73
N LYS B 248 54.07 28.32 -17.41
CA LYS B 248 54.36 26.89 -17.52
C LYS B 248 55.61 26.57 -16.72
N GLU B 249 55.52 25.53 -15.90
CA GLU B 249 56.62 25.22 -14.99
C GLU B 249 57.84 24.75 -15.75
N GLY B 250 59.01 25.20 -15.29
CA GLY B 250 60.28 24.67 -15.77
C GLY B 250 60.49 24.79 -17.26
N LYS B 251 60.09 25.91 -17.84
CA LYS B 251 60.30 26.17 -19.27
C LYS B 251 61.26 27.32 -19.43
N ALA B 252 62.25 27.15 -20.30
CA ALA B 252 63.30 28.13 -20.49
C ALA B 252 63.05 28.89 -21.79
N VAL B 253 63.03 30.21 -21.69
CA VAL B 253 62.86 31.09 -22.84
C VAL B 253 64.13 31.91 -23.01
N ALA B 254 64.65 31.96 -24.24
CA ALA B 254 65.94 32.57 -24.51
C ALA B 254 65.76 33.89 -25.26
N THR B 255 66.89 34.52 -25.59
CA THR B 255 66.85 35.80 -26.29
C THR B 255 66.34 35.63 -27.73
N ALA B 256 66.67 34.52 -28.37
CA ALA B 256 66.24 34.29 -29.75
C ALA B 256 64.80 33.82 -29.86
N ASP B 257 64.14 33.50 -28.75
CA ASP B 257 62.77 33.03 -28.81
C ASP B 257 61.79 34.12 -29.19
N ILE B 258 62.12 35.38 -28.93
CA ILE B 258 61.26 36.51 -29.24
C ILE B 258 61.87 37.26 -30.41
N ALA B 259 61.12 37.37 -31.50
CA ALA B 259 61.58 38.04 -32.72
C ALA B 259 60.44 38.90 -33.24
N LEU B 260 60.38 40.15 -32.79
CA LEU B 260 59.34 41.08 -33.20
C LEU B 260 59.85 41.91 -34.36
N MET B 261 59.20 41.77 -35.52
CA MET B 261 59.61 42.46 -36.74
C MET B 261 58.73 43.70 -36.92
N ARG B 262 59.08 44.76 -36.21
CA ARG B 262 58.40 46.03 -36.39
C ARG B 262 58.74 46.59 -37.76
N SER B 263 57.72 47.01 -38.49
CA SER B 263 57.89 47.52 -39.84
C SER B 263 56.88 48.62 -40.09
N ASP B 264 56.86 49.13 -41.32
CA ASP B 264 55.85 50.08 -41.79
C ASP B 264 55.81 51.31 -40.89
N TYR B 265 56.93 52.03 -40.86
CA TYR B 265 57.07 53.15 -39.94
C TYR B 265 56.07 54.26 -40.24
N ASP B 266 55.86 54.55 -41.52
CA ASP B 266 55.00 55.66 -41.95
C ASP B 266 54.00 55.17 -42.99
N ALA B 267 53.11 56.08 -43.39
CA ALA B 267 52.05 55.73 -44.33
C ALA B 267 51.86 56.78 -45.42
N THR B 268 52.64 57.85 -45.44
CA THR B 268 52.53 58.88 -46.47
C THR B 268 53.42 58.50 -47.64
N ALA B 269 52.82 57.94 -48.69
CA ALA B 269 53.57 57.37 -49.82
C ALA B 269 54.58 56.36 -49.31
N LYS B 270 54.17 55.55 -48.35
CA LYS B 270 55.05 54.70 -47.56
C LYS B 270 54.26 53.45 -47.16
N THR B 271 54.70 52.80 -46.08
CA THR B 271 54.19 51.53 -45.52
C THR B 271 54.83 50.37 -46.27
N TRP B 272 55.83 50.64 -47.09
CA TRP B 272 56.65 49.60 -47.70
C TRP B 272 58.05 49.66 -47.10
N GLY B 273 58.56 48.50 -46.70
CA GLY B 273 59.83 48.41 -46.01
C GLY B 273 59.68 47.74 -44.66
N THR B 274 60.68 46.97 -44.24
CA THR B 274 60.57 46.18 -43.02
C THR B 274 61.83 46.33 -42.18
N ALA B 275 61.68 46.04 -40.89
CA ALA B 275 62.78 46.07 -39.94
C ALA B 275 62.41 45.16 -38.77
N ALA B 276 63.20 45.22 -37.69
CA ALA B 276 62.90 44.47 -36.48
C ALA B 276 62.59 45.39 -35.30
N ALA B 277 63.54 46.20 -34.87
CA ALA B 277 63.38 47.17 -33.79
C ALA B 277 62.73 46.49 -32.58
N ALA B 278 62.02 47.27 -31.76
CA ALA B 278 61.22 46.77 -30.65
C ALA B 278 62.04 45.96 -29.64
N GLY B 279 63.35 46.20 -29.59
CA GLY B 279 64.20 45.47 -28.66
C GLY B 279 64.29 44.00 -29.00
N ALA B 280 65.12 43.26 -28.27
CA ALA B 280 65.25 41.83 -28.49
C ALA B 280 64.74 41.02 -27.31
N TYR B 281 65.33 41.21 -26.13
CA TYR B 281 64.95 40.49 -24.92
C TYR B 281 65.90 40.95 -23.81
N THR B 282 65.66 40.45 -22.61
CA THR B 282 66.56 40.61 -21.49
C THR B 282 66.53 39.31 -20.69
N ALA B 283 67.57 39.10 -19.87
CA ALA B 283 67.76 37.82 -19.21
C ALA B 283 67.54 37.94 -17.71
N GLY B 284 66.41 38.53 -17.32
CA GLY B 284 66.10 38.62 -15.90
C GLY B 284 66.04 37.25 -15.26
N THR B 285 66.45 37.19 -13.99
CA THR B 285 66.56 35.92 -13.29
C THR B 285 65.18 35.33 -12.99
N ASN B 286 65.16 34.01 -12.84
CA ASN B 286 63.92 33.29 -12.56
C ASN B 286 63.54 33.41 -11.09
N THR B 287 62.27 33.12 -10.81
CA THR B 287 61.72 33.18 -9.46
C THR B 287 61.28 31.79 -9.03
N SER B 288 61.69 31.37 -7.84
CA SER B 288 61.35 30.06 -7.31
C SER B 288 60.10 30.14 -6.45
N ALA B 289 59.47 28.99 -6.22
CA ALA B 289 58.22 28.96 -5.49
C ALA B 289 58.01 27.58 -4.87
N ASN B 290 57.16 27.53 -3.87
CA ASN B 290 56.77 26.27 -3.22
C ASN B 290 55.41 26.48 -2.57
N VAL B 291 55.00 25.52 -1.74
CA VAL B 291 53.65 25.57 -1.17
C VAL B 291 53.51 26.73 -0.21
N GLN B 292 54.56 27.03 0.56
CA GLN B 292 54.48 28.12 1.53
C GLN B 292 54.18 29.44 0.85
N LYS B 293 54.84 29.72 -0.28
CA LYS B 293 54.66 30.98 -0.99
C LYS B 293 53.59 30.81 -2.08
N LEU B 294 52.35 30.84 -1.64
CA LEU B 294 51.19 30.78 -2.53
C LEU B 294 50.42 32.08 -2.45
N ASP B 295 50.06 32.62 -3.62
CA ASP B 295 49.27 33.84 -3.71
C ASP B 295 48.11 33.60 -4.65
N VAL B 296 46.97 34.23 -4.34
CA VAL B 296 45.78 34.10 -5.17
C VAL B 296 45.19 35.49 -5.40
N SER B 297 45.88 36.52 -4.93
CA SER B 297 45.37 37.88 -5.07
C SER B 297 45.43 38.39 -6.51
N THR B 298 46.18 37.74 -7.39
CA THR B 298 46.28 38.14 -8.80
C THR B 298 46.07 36.92 -9.68
N VAL B 299 46.10 37.14 -11.00
CA VAL B 299 45.92 36.04 -11.94
C VAL B 299 47.16 35.13 -11.94
N LEU B 300 48.36 35.71 -11.94
CA LEU B 300 49.57 34.92 -11.96
C LEU B 300 49.67 34.02 -10.75
N GLY B 301 49.19 34.49 -9.60
CA GLY B 301 49.21 33.65 -8.41
C GLY B 301 48.47 32.35 -8.61
N ALA B 302 47.26 32.42 -9.17
CA ALA B 302 46.50 31.20 -9.41
C ALA B 302 47.15 30.36 -10.51
N GLN B 303 47.57 31.00 -11.59
CA GLN B 303 48.11 30.27 -12.72
C GLN B 303 49.43 29.58 -12.39
N GLN B 304 50.07 29.93 -11.29
CA GLN B 304 51.22 29.16 -10.81
C GLN B 304 50.89 28.24 -9.63
N ALA B 305 49.86 28.59 -8.86
CA ALA B 305 49.38 27.71 -7.81
C ALA B 305 48.97 26.35 -8.38
N LEU B 306 48.38 26.37 -9.58
CA LEU B 306 47.98 25.10 -10.19
C LEU B 306 49.15 24.14 -10.32
N GLU B 307 50.27 24.62 -10.88
CA GLU B 307 51.43 23.76 -11.08
C GLU B 307 52.04 23.30 -9.76
N VAL B 308 52.18 24.20 -8.79
CA VAL B 308 52.81 23.77 -7.55
C VAL B 308 51.96 22.69 -6.87
N VAL B 309 50.64 22.83 -6.94
CA VAL B 309 49.78 21.83 -6.32
C VAL B 309 49.90 20.50 -7.04
N ASP B 310 49.99 20.53 -8.37
CA ASP B 310 50.15 19.28 -9.11
C ASP B 310 51.42 18.54 -8.69
N LYS B 311 52.53 19.26 -8.56
CA LYS B 311 53.77 18.59 -8.16
C LYS B 311 53.65 17.98 -6.77
N ALA B 312 53.07 18.73 -5.82
CA ALA B 312 52.93 18.18 -4.47
C ALA B 312 52.09 16.91 -4.47
N LEU B 313 50.99 16.90 -5.24
CA LEU B 313 50.14 15.71 -5.28
C LEU B 313 50.88 14.52 -5.85
N GLY B 314 51.68 14.73 -6.89
CA GLY B 314 52.47 13.63 -7.42
C GLY B 314 53.37 13.00 -6.38
N ALA B 315 54.07 13.85 -5.61
CA ALA B 315 54.95 13.31 -4.57
C ALA B 315 54.17 12.50 -3.55
N ILE B 316 53.03 13.01 -3.10
CA ILE B 316 52.27 12.31 -2.08
C ILE B 316 51.84 10.93 -2.56
N ASN B 317 51.33 10.86 -3.79
CA ASN B 317 50.86 9.56 -4.30
C ASN B 317 52.00 8.56 -4.39
N SER B 318 53.17 9.00 -4.85
CA SER B 318 54.29 8.07 -4.95
C SER B 318 54.66 7.50 -3.58
N THR B 319 54.72 8.36 -2.56
CA THR B 319 55.07 7.86 -1.23
C THR B 319 54.05 6.83 -0.73
N ARG B 320 52.76 7.09 -0.98
CA ARG B 320 51.75 6.12 -0.56
C ARG B 320 51.96 4.76 -1.22
N ALA B 321 52.30 4.76 -2.51
CA ALA B 321 52.57 3.49 -3.18
C ALA B 321 53.71 2.73 -2.50
N ASP B 322 54.79 3.43 -2.17
CA ASP B 322 55.93 2.76 -1.54
C ASP B 322 55.53 2.12 -0.19
N LEU B 323 54.78 2.86 0.62
CA LEU B 323 54.39 2.31 1.92
C LEU B 323 53.52 1.07 1.76
N GLY B 324 52.60 1.08 0.78
CA GLY B 324 51.79 -0.10 0.54
C GLY B 324 52.62 -1.33 0.19
N ALA B 325 53.62 -1.15 -0.66
CA ALA B 325 54.49 -2.27 -1.00
C ALA B 325 55.18 -2.84 0.24
N ILE B 326 55.68 -1.96 1.11
CA ILE B 326 56.33 -2.43 2.33
C ILE B 326 55.38 -3.28 3.16
N GLN B 327 54.13 -2.82 3.30
CA GLN B 327 53.15 -3.57 4.08
C GLN B 327 52.95 -4.98 3.53
N ASN B 328 52.81 -5.08 2.22
CA ASN B 328 52.60 -6.40 1.61
C ASN B 328 53.77 -7.34 1.91
N ARG B 329 54.99 -6.83 1.78
CA ARG B 329 56.15 -7.68 2.05
C ARG B 329 56.13 -8.19 3.49
N PHE B 330 55.81 -7.32 4.45
CA PHE B 330 55.83 -7.75 5.85
C PHE B 330 54.81 -8.85 6.09
N THR B 331 53.63 -8.74 5.48
CA THR B 331 52.64 -9.81 5.64
C THR B 331 53.17 -11.15 5.14
N SER B 332 53.81 -11.14 3.97
CA SER B 332 54.35 -12.39 3.44
C SER B 332 55.38 -13.00 4.39
N VAL B 333 56.25 -12.15 4.95
CA VAL B 333 57.25 -12.64 5.89
C VAL B 333 56.59 -13.35 7.06
N VAL B 334 55.52 -12.75 7.60
CA VAL B 334 54.84 -13.35 8.75
C VAL B 334 54.32 -14.73 8.41
N ALA B 335 53.67 -14.87 7.25
CA ALA B 335 53.11 -16.17 6.90
C ALA B 335 54.19 -17.24 6.79
N ASN B 336 55.31 -16.91 6.14
CA ASN B 336 56.40 -17.88 6.02
C ASN B 336 56.92 -18.28 7.39
N LEU B 337 57.10 -17.32 8.28
CA LEU B 337 57.64 -17.63 9.61
C LEU B 337 56.71 -18.58 10.35
N GLN B 338 55.40 -18.37 10.23
CA GLN B 338 54.43 -19.21 10.92
C GLN B 338 54.53 -20.65 10.44
N THR B 339 54.57 -20.85 9.12
CA THR B 339 54.69 -22.21 8.61
C THR B 339 55.97 -22.88 9.08
N SER B 340 57.09 -22.16 9.02
CA SER B 340 58.37 -22.74 9.44
C SER B 340 58.36 -23.13 10.90
N SER B 341 57.76 -22.30 11.75
CA SER B 341 57.70 -22.62 13.17
C SER B 341 56.91 -23.89 13.42
N GLU B 342 55.77 -24.04 12.75
CA GLU B 342 54.99 -25.26 12.92
C GLU B 342 55.79 -26.49 12.52
N ASN B 343 56.47 -26.43 11.38
CA ASN B 343 57.24 -27.59 10.92
C ASN B 343 58.36 -27.94 11.89
N LEU B 344 59.09 -26.94 12.39
CA LEU B 344 60.18 -27.21 13.32
C LEU B 344 59.66 -27.82 14.62
N SER B 345 58.56 -27.28 15.14
CA SER B 345 58.02 -27.82 16.38
C SER B 345 57.59 -29.27 16.22
N ALA B 346 56.96 -29.59 15.08
CA ALA B 346 56.59 -30.99 14.84
C ALA B 346 57.83 -31.88 14.73
N SER B 347 58.88 -31.40 14.07
CA SER B 347 60.07 -32.21 13.88
C SER B 347 60.79 -32.50 15.20
N ARG B 348 60.76 -31.54 16.13
CA ARG B 348 61.50 -31.72 17.38
C ARG B 348 60.94 -32.86 18.22
N SER B 349 59.64 -33.13 18.12
CA SER B 349 58.96 -34.04 19.03
C SER B 349 59.22 -35.51 18.74
N ARG B 350 59.86 -35.85 17.63
CA ARG B 350 60.03 -37.26 17.28
C ARG B 350 61.19 -37.90 18.01
N ILE B 351 62.09 -37.12 18.62
CA ILE B 351 63.27 -37.67 19.26
C ILE B 351 63.32 -37.34 20.75
N LYS B 352 62.27 -36.72 21.29
CA LYS B 352 62.27 -36.31 22.69
C LYS B 352 61.09 -36.83 23.49
N ASP B 353 59.93 -37.02 22.88
CA ASP B 353 58.72 -37.37 23.62
C ASP B 353 58.68 -38.86 23.93
N THR B 354 57.73 -39.23 24.81
CA THR B 354 57.58 -40.61 25.25
C THR B 354 56.43 -41.28 24.52
N ASP B 355 56.61 -42.54 24.19
CA ASP B 355 55.56 -43.38 23.61
C ASP B 355 54.84 -44.07 24.75
N PHE B 356 53.61 -43.65 25.02
CA PHE B 356 52.90 -44.16 26.18
C PHE B 356 52.46 -45.61 26.01
N ALA B 357 52.22 -46.04 24.77
CA ALA B 357 51.82 -47.43 24.56
C ALA B 357 52.94 -48.39 24.88
N LYS B 358 54.19 -47.99 24.64
CA LYS B 358 55.31 -48.91 24.77
C LYS B 358 55.78 -49.07 26.21
N GLU B 359 55.67 -48.01 27.03
CA GLU B 359 56.27 -48.05 28.36
C GLU B 359 55.51 -48.99 29.30
N THR B 360 54.19 -49.06 29.15
CA THR B 360 53.37 -49.80 30.09
C THR B 360 53.67 -51.29 30.07
N ALA B 361 53.98 -51.85 28.89
CA ALA B 361 54.35 -53.26 28.82
C ALA B 361 55.60 -53.55 29.62
N GLU B 362 56.61 -52.68 29.50
CA GLU B 362 57.83 -52.86 30.29
C GLU B 362 57.54 -52.73 31.78
N LEU B 363 56.66 -51.79 32.14
CA LEU B 363 56.28 -51.66 33.54
C LEU B 363 55.72 -52.97 34.09
N THR B 364 54.78 -53.57 33.36
CA THR B 364 54.17 -54.82 33.82
C THR B 364 55.19 -55.95 33.88
N ARG B 365 56.08 -56.03 32.87
CA ARG B 365 57.08 -57.09 32.85
C ARG B 365 57.98 -57.01 34.07
N THR B 366 58.50 -55.82 34.36
CA THR B 366 59.37 -55.66 35.52
C THR B 366 58.63 -55.98 36.81
N GLN B 367 57.36 -55.58 36.90
CA GLN B 367 56.61 -55.85 38.12
C GLN B 367 56.46 -57.35 38.37
N ILE B 368 56.20 -58.12 37.32
CA ILE B 368 56.07 -59.57 37.52
C ILE B 368 57.43 -60.19 37.88
N LEU B 369 58.50 -59.75 37.20
CA LEU B 369 59.80 -60.33 37.47
C LEU B 369 60.24 -60.09 38.91
N GLN B 370 59.88 -58.93 39.47
CA GLN B 370 60.25 -58.65 40.86
C GLN B 370 59.66 -59.67 41.82
N GLN B 371 58.37 -59.98 41.67
CA GLN B 371 57.72 -60.93 42.56
C GLN B 371 58.31 -62.32 42.39
N ALA B 372 58.58 -62.72 41.14
CA ALA B 372 59.21 -64.03 40.94
C ALA B 372 60.55 -64.12 41.66
N GLY B 373 61.36 -63.07 41.52
CA GLY B 373 62.66 -63.06 42.18
C GLY B 373 62.56 -63.11 43.68
N THR B 374 61.61 -62.35 44.26
CA THR B 374 61.46 -62.34 45.71
C THR B 374 61.08 -63.73 46.23
N ALA B 375 60.11 -64.37 45.58
CA ALA B 375 59.69 -65.69 46.04
C ALA B 375 60.84 -66.69 45.94
N MET B 376 61.60 -66.65 44.84
CA MET B 376 62.69 -67.59 44.69
C MET B 376 63.80 -67.33 45.71
N LEU B 377 64.06 -66.06 46.04
CA LEU B 377 65.05 -65.75 47.08
C LEU B 377 64.62 -66.32 48.43
N ALA B 378 63.34 -66.18 48.77
CA ALA B 378 62.86 -66.75 50.02
C ALA B 378 63.03 -68.26 50.04
N GLN B 379 62.69 -68.92 48.93
CA GLN B 379 62.88 -70.37 48.86
C GLN B 379 64.35 -70.75 49.04
N ALA B 380 65.25 -70.02 48.38
CA ALA B 380 66.67 -70.32 48.49
C ALA B 380 67.17 -70.14 49.92
N ASN B 381 66.69 -69.11 50.61
CA ASN B 381 67.06 -68.93 52.00
C ASN B 381 66.57 -70.09 52.85
N GLN B 382 65.36 -70.58 52.58
CA GLN B 382 64.82 -71.66 53.39
C GLN B 382 65.42 -73.02 53.08
N VAL B 383 66.07 -73.18 51.92
CA VAL B 383 66.56 -74.50 51.51
C VAL B 383 67.51 -75.15 52.52
N PRO B 384 68.58 -74.48 53.01
CA PRO B 384 69.64 -75.20 53.73
C PRO B 384 69.22 -75.77 55.08
N GLN B 385 67.93 -75.76 55.38
CA GLN B 385 67.52 -76.15 56.72
C GLN B 385 67.65 -77.64 56.96
N GLY B 386 67.53 -78.49 55.94
CA GLY B 386 67.35 -79.91 56.17
C GLY B 386 68.57 -80.65 56.66
N VAL B 387 69.74 -80.00 56.66
CA VAL B 387 70.92 -80.66 57.20
C VAL B 387 70.72 -80.98 58.68
N LEU B 388 70.00 -80.13 59.39
CA LEU B 388 69.86 -80.24 60.84
C LEU B 388 69.26 -81.58 61.24
N SER B 389 68.39 -82.15 60.40
CA SER B 389 67.77 -83.42 60.75
C SER B 389 68.80 -84.53 60.88
N LEU B 390 69.91 -84.43 60.14
CA LEU B 390 70.95 -85.45 60.22
C LEU B 390 71.58 -85.51 61.60
N LEU B 391 71.76 -84.35 62.23
CA LEU B 391 72.40 -84.29 63.54
C LEU B 391 71.54 -84.97 64.61
N ALA C 2 50.11 -98.16 42.90
CA ALA C 2 51.54 -97.94 42.97
C ALA C 2 51.87 -96.46 43.00
N GLN C 3 52.94 -96.10 43.70
CA GLN C 3 53.40 -94.72 43.82
C GLN C 3 54.79 -94.59 43.21
N VAL C 4 54.94 -93.60 42.34
CA VAL C 4 56.23 -93.30 41.71
C VAL C 4 56.45 -91.79 41.76
N ILE C 5 57.72 -91.40 41.82
CA ILE C 5 58.07 -89.99 41.81
C ILE C 5 59.00 -89.62 40.66
N ASN C 6 59.63 -90.59 40.01
CA ASN C 6 60.44 -90.28 38.83
C ASN C 6 59.58 -89.68 37.72
N THR C 7 58.32 -90.12 37.62
CA THR C 7 57.39 -89.61 36.63
C THR C 7 56.08 -89.26 37.33
N ASN C 8 55.35 -88.34 36.72
CA ASN C 8 54.04 -87.94 37.19
C ASN C 8 53.24 -87.82 35.92
N THR C 9 52.52 -88.88 35.58
CA THR C 9 51.76 -88.91 34.36
C THR C 9 50.69 -87.84 34.33
N MET C 10 50.03 -87.63 35.45
CA MET C 10 48.99 -86.62 35.51
C MET C 10 49.57 -85.25 35.23
N SER C 11 50.72 -84.98 35.83
CA SER C 11 51.38 -83.70 35.62
C SER C 11 51.78 -83.53 34.18
N LEU C 12 52.28 -84.60 33.58
CA LEU C 12 52.69 -84.52 32.19
C LEU C 12 51.53 -84.18 31.31
N ASN C 13 50.39 -84.82 31.55
CA ASN C 13 49.23 -84.59 30.73
C ASN C 13 48.74 -83.13 30.67
N ALA C 14 48.24 -82.69 31.81
CA ALA C 14 47.66 -81.39 32.12
C ALA C 14 48.37 -80.27 31.37
N GLN C 15 49.70 -80.35 31.27
CA GLN C 15 50.45 -79.34 30.53
C GLN C 15 50.01 -79.29 29.07
N ARG C 16 49.89 -80.46 28.45
CA ARG C 16 49.50 -80.51 27.05
C ARG C 16 48.10 -79.93 26.86
N ASN C 17 47.17 -80.28 27.76
CA ASN C 17 45.82 -79.76 27.64
C ASN C 17 45.79 -78.24 27.79
N LEU C 18 46.56 -77.72 28.75
CA LEU C 18 46.63 -76.28 28.93
C LEU C 18 47.14 -75.58 27.68
N SER C 19 48.21 -76.12 27.07
CA SER C 19 48.77 -75.47 25.89
C SER C 19 47.78 -75.52 24.72
N THR C 20 47.13 -76.66 24.51
CA THR C 20 46.20 -76.76 23.39
C THR C 20 44.99 -75.87 23.62
N SER C 21 44.62 -75.60 24.87
CA SER C 21 43.52 -74.68 25.12
C SER C 21 43.95 -73.24 24.88
N GLY C 22 45.17 -72.88 25.29
CA GLY C 22 45.62 -71.51 25.14
C GLY C 22 46.16 -71.16 23.77
N SER C 23 46.25 -72.13 22.87
CA SER C 23 46.74 -71.84 21.52
C SER C 23 45.86 -70.81 20.79
N SER C 24 44.54 -70.95 20.89
CA SER C 24 43.63 -70.18 20.05
C SER C 24 43.41 -68.75 20.54
N LEU C 25 43.76 -68.45 21.79
CA LEU C 25 43.47 -67.14 22.35
C LEU C 25 44.23 -66.05 21.63
N ALA C 26 45.48 -66.33 21.23
CA ALA C 26 46.28 -65.33 20.51
C ALA C 26 45.64 -64.95 19.19
N THR C 27 45.21 -65.93 18.41
CA THR C 27 44.62 -65.61 17.11
C THR C 27 43.29 -64.90 17.29
N THR C 28 42.51 -65.28 18.32
CA THR C 28 41.25 -64.59 18.55
C THR C 28 41.49 -63.13 18.90
N ILE C 29 42.45 -62.87 19.78
CA ILE C 29 42.77 -61.49 20.16
C ILE C 29 43.22 -60.69 18.96
N GLN C 30 44.09 -61.27 18.14
CA GLN C 30 44.64 -60.54 17.01
C GLN C 30 43.56 -60.19 16.00
N ARG C 31 42.68 -61.13 15.69
CA ARG C 31 41.65 -60.86 14.69
C ARG C 31 40.56 -59.97 15.25
N LEU C 32 40.44 -59.88 16.58
CA LEU C 32 39.51 -58.93 17.17
C LEU C 32 40.08 -57.51 17.21
N SER C 33 41.40 -57.39 17.37
CA SER C 33 42.02 -56.07 17.39
C SER C 33 42.16 -55.48 15.98
N SER C 34 42.58 -56.29 15.01
CA SER C 34 42.83 -55.77 13.68
C SER C 34 41.56 -55.27 13.01
N GLY C 35 40.47 -56.01 13.17
CA GLY C 35 39.23 -55.70 12.50
C GLY C 35 38.96 -56.51 11.25
N SER C 36 39.79 -57.51 10.95
CA SER C 36 39.68 -58.28 9.72
C SER C 36 39.83 -59.77 10.03
N ARG C 37 39.25 -60.60 9.16
CA ARG C 37 39.27 -62.04 9.35
C ARG C 37 40.43 -62.73 8.68
N ILE C 38 41.06 -62.10 7.69
CA ILE C 38 42.16 -62.69 6.95
C ILE C 38 43.36 -61.76 7.11
N ASN C 39 44.30 -62.15 7.98
CA ASN C 39 45.52 -61.38 8.17
C ASN C 39 46.74 -62.06 7.59
N SER C 40 46.64 -63.31 7.19
CA SER C 40 47.76 -64.04 6.61
C SER C 40 47.20 -65.15 5.73
N ALA C 41 48.08 -65.69 4.88
CA ALA C 41 47.66 -66.79 4.01
C ALA C 41 47.39 -68.07 4.77
N LYS C 42 47.74 -68.14 6.05
CA LYS C 42 47.48 -69.33 6.84
C LYS C 42 45.99 -69.55 7.07
N ASP C 43 45.21 -68.47 7.18
CA ASP C 43 43.80 -68.60 7.47
C ASP C 43 43.00 -69.14 6.29
N ASP C 44 43.27 -68.62 5.09
CA ASP C 44 42.50 -69.02 3.92
C ASP C 44 43.41 -69.02 2.71
N ALA C 45 42.97 -69.69 1.65
CA ALA C 45 43.77 -69.85 0.44
C ALA C 45 43.30 -69.01 -0.74
N ALA C 46 41.99 -68.90 -0.96
CA ALA C 46 41.47 -68.16 -2.10
C ALA C 46 40.80 -66.85 -1.73
N GLY C 47 40.39 -66.69 -0.47
CA GLY C 47 39.73 -65.47 -0.08
C GLY C 47 40.62 -64.24 -0.24
N LEU C 48 41.89 -64.37 0.12
CA LEU C 48 42.80 -63.24 -0.02
C LEU C 48 43.00 -62.87 -1.50
N ALA C 49 43.14 -63.89 -2.36
CA ALA C 49 43.31 -63.60 -3.78
C ALA C 49 42.09 -62.87 -4.34
N ILE C 50 40.90 -63.35 -4.01
CA ILE C 50 39.69 -62.70 -4.50
C ILE C 50 39.59 -61.28 -3.96
N SER C 51 39.96 -61.07 -2.70
CA SER C 51 39.88 -59.74 -2.13
C SER C 51 40.85 -58.79 -2.80
N GLU C 52 42.07 -59.24 -3.12
CA GLU C 52 42.99 -58.37 -3.84
C GLU C 52 42.46 -58.00 -5.22
N ARG C 53 41.84 -58.96 -5.92
CA ARG C 53 41.26 -58.62 -7.21
C ARG C 53 40.17 -57.56 -7.06
N PHE C 54 39.32 -57.72 -6.05
CA PHE C 54 38.26 -56.73 -5.83
C PHE C 54 38.86 -55.36 -5.51
N GLY C 55 39.94 -55.33 -4.73
CA GLY C 55 40.61 -54.07 -4.45
C GLY C 55 41.12 -53.39 -5.70
N THR C 56 41.73 -54.16 -6.60
CA THR C 56 42.18 -53.59 -7.86
C THR C 56 41.02 -52.98 -8.63
N GLN C 57 39.88 -53.70 -8.66
CA GLN C 57 38.73 -53.20 -9.41
C GLN C 57 38.23 -51.87 -8.85
N ILE C 58 38.11 -51.77 -7.52
CA ILE C 58 37.60 -50.53 -6.93
C ILE C 58 38.56 -49.37 -7.20
N ARG C 59 39.86 -49.62 -7.00
CA ARG C 59 40.83 -48.55 -7.18
C ARG C 59 40.90 -48.08 -8.63
N GLY C 60 40.67 -48.98 -9.58
CA GLY C 60 40.54 -48.53 -10.96
C GLY C 60 39.29 -47.72 -11.18
N THR C 61 38.20 -48.11 -10.52
CA THR C 61 36.91 -47.47 -10.77
C THR C 61 36.95 -45.98 -10.40
N ASP C 62 37.60 -45.64 -9.29
CA ASP C 62 37.58 -44.23 -8.88
C ASP C 62 38.25 -43.31 -9.92
N VAL C 63 39.43 -43.69 -10.38
CA VAL C 63 40.12 -42.87 -11.36
C VAL C 63 39.38 -42.87 -12.69
N ALA C 64 38.68 -43.96 -13.01
CA ALA C 64 37.84 -43.93 -14.20
C ALA C 64 36.76 -42.84 -14.09
N ILE C 65 36.15 -42.72 -12.91
CA ILE C 65 35.18 -41.65 -12.71
C ILE C 65 35.81 -40.29 -12.98
N ARG C 66 37.02 -40.08 -12.44
CA ARG C 66 37.68 -38.79 -12.65
C ARG C 66 37.89 -38.50 -14.14
N ASN C 67 38.37 -39.50 -14.88
CA ASN C 67 38.64 -39.30 -16.30
C ASN C 67 37.38 -38.91 -17.05
N ALA C 68 36.26 -39.57 -16.74
CA ALA C 68 35.00 -39.20 -17.40
C ALA C 68 34.63 -37.75 -17.11
N ASN C 69 34.83 -37.29 -15.87
CA ASN C 69 34.50 -35.91 -15.56
C ASN C 69 35.33 -34.93 -16.37
N ASP C 70 36.63 -35.19 -16.53
CA ASP C 70 37.44 -34.31 -17.38
C ASP C 70 36.95 -34.29 -18.82
N GLY C 71 36.53 -35.44 -19.35
CA GLY C 71 35.95 -35.44 -20.70
C GLY C 71 34.75 -34.50 -20.80
N ILE C 72 33.89 -34.52 -19.78
CA ILE C 72 32.75 -33.61 -19.75
C ILE C 72 33.21 -32.16 -19.82
N SER C 73 34.25 -31.82 -19.05
CA SER C 73 34.73 -30.44 -19.04
C SER C 73 35.21 -30.01 -20.43
N LEU C 74 35.95 -30.88 -21.10
CA LEU C 74 36.45 -30.53 -22.44
C LEU C 74 35.31 -30.22 -23.40
N ALA C 75 34.29 -31.08 -23.41
CA ALA C 75 33.16 -30.84 -24.30
C ALA C 75 32.49 -29.51 -23.99
N GLN C 76 32.35 -29.18 -22.71
CA GLN C 76 31.72 -27.93 -22.32
C GLN C 76 32.47 -26.73 -22.88
N VAL C 77 33.80 -26.74 -22.74
CA VAL C 77 34.59 -25.59 -23.21
C VAL C 77 34.41 -25.39 -24.71
N ALA C 78 34.49 -26.48 -25.48
CA ALA C 78 34.37 -26.34 -26.93
C ALA C 78 33.02 -25.74 -27.33
N GLU C 79 31.94 -26.24 -26.72
CA GLU C 79 30.62 -25.71 -27.05
C GLU C 79 30.52 -24.23 -26.69
N GLY C 80 31.11 -23.85 -25.56
CA GLY C 80 31.08 -22.45 -25.15
C GLY C 80 31.68 -21.52 -26.18
N SER C 81 32.80 -21.93 -26.79
CA SER C 81 33.38 -21.07 -27.83
C SER C 81 32.50 -21.03 -29.10
N LEU C 82 31.99 -22.19 -29.51
CA LEU C 82 31.21 -22.22 -30.74
C LEU C 82 29.99 -21.31 -30.67
N THR C 83 29.38 -21.18 -29.48
CA THR C 83 28.21 -20.31 -29.34
C THR C 83 28.51 -18.87 -29.80
N GLU C 84 29.60 -18.31 -29.28
CA GLU C 84 29.94 -16.92 -29.61
C GLU C 84 30.26 -16.78 -31.08
N ILE C 85 30.96 -17.77 -31.65
CA ILE C 85 31.21 -17.71 -33.10
C ILE C 85 29.89 -17.56 -33.85
N GLY C 86 28.90 -18.39 -33.50
CA GLY C 86 27.63 -18.33 -34.19
C GLY C 86 26.93 -16.99 -34.05
N ASN C 87 27.01 -16.39 -32.86
CA ASN C 87 26.39 -15.09 -32.66
C ASN C 87 26.98 -14.04 -33.59
N ASN C 88 28.32 -14.03 -33.73
CA ASN C 88 28.95 -13.08 -34.63
C ASN C 88 28.49 -13.28 -36.07
N LEU C 89 28.40 -14.53 -36.51
CA LEU C 89 27.95 -14.79 -37.87
C LEU C 89 26.54 -14.28 -38.10
N GLN C 90 25.67 -14.46 -37.10
CA GLN C 90 24.30 -14.00 -37.19
C GLN C 90 24.25 -12.49 -37.41
N ARG C 91 25.07 -11.77 -36.65
CA ARG C 91 25.14 -10.31 -36.82
C ARG C 91 25.60 -9.92 -38.21
N VAL C 92 26.63 -10.61 -38.73
CA VAL C 92 27.14 -10.25 -40.06
C VAL C 92 26.07 -10.42 -41.12
N ARG C 93 25.32 -11.53 -41.06
CA ARG C 93 24.26 -11.74 -42.05
C ARG C 93 23.18 -10.68 -41.95
N GLU C 94 22.80 -10.30 -40.73
CA GLU C 94 21.80 -9.25 -40.59
C GLU C 94 22.30 -7.94 -41.19
N LEU C 95 23.61 -7.69 -41.08
CA LEU C 95 24.19 -6.49 -41.70
C LEU C 95 24.21 -6.59 -43.21
N SER C 96 24.43 -7.79 -43.74
CA SER C 96 24.52 -8.01 -45.18
C SER C 96 23.16 -8.01 -45.89
N VAL C 97 22.07 -8.27 -45.17
CA VAL C 97 20.75 -8.18 -45.81
C VAL C 97 20.52 -6.76 -46.31
N GLN C 98 20.88 -5.78 -45.50
CA GLN C 98 20.96 -4.39 -45.92
C GLN C 98 22.12 -4.23 -46.90
N ALA C 99 22.30 -3.02 -47.40
CA ALA C 99 23.31 -2.65 -48.40
C ALA C 99 23.04 -3.28 -49.75
N SER C 100 22.00 -4.08 -49.90
CA SER C 100 21.55 -4.54 -51.20
C SER C 100 20.37 -3.73 -51.71
N ASN C 101 19.97 -2.70 -50.98
CA ASN C 101 18.88 -1.83 -51.41
C ASN C 101 19.40 -0.89 -52.50
N ALA C 102 18.51 -0.07 -53.04
CA ALA C 102 18.85 0.78 -54.17
C ALA C 102 19.09 2.24 -53.79
N THR C 103 18.72 2.65 -52.59
CA THR C 103 18.84 4.05 -52.21
C THR C 103 20.18 4.38 -51.57
N ASN C 104 21.02 3.39 -51.29
CA ASN C 104 22.30 3.67 -50.67
C ASN C 104 23.28 4.24 -51.69
N SER C 105 24.37 4.80 -51.19
CA SER C 105 25.45 5.31 -52.01
C SER C 105 26.72 4.51 -51.75
N ALA C 106 27.79 4.85 -52.47
CA ALA C 106 29.04 4.11 -52.31
C ALA C 106 29.62 4.29 -50.90
N SER C 107 29.55 5.51 -50.37
CA SER C 107 30.13 5.78 -49.06
C SER C 107 29.44 4.95 -47.98
N ASP C 108 28.12 4.80 -48.07
CA ASP C 108 27.40 3.99 -47.09
C ASP C 108 27.82 2.54 -47.15
N ARG C 109 28.06 2.04 -48.36
CA ARG C 109 28.56 0.68 -48.50
C ARG C 109 29.94 0.53 -47.87
N LYS C 110 30.81 1.52 -48.02
CA LYS C 110 32.09 1.47 -47.32
C LYS C 110 31.90 1.46 -45.81
N ALA C 111 30.96 2.27 -45.33
CA ALA C 111 30.68 2.33 -43.90
C ALA C 111 30.26 0.97 -43.35
N LEU C 112 29.46 0.23 -44.11
CA LEU C 112 29.07 -1.11 -43.67
C LEU C 112 30.22 -2.10 -43.80
N GLN C 113 31.03 -1.95 -44.86
CA GLN C 113 32.14 -2.88 -45.08
C GLN C 113 33.16 -2.82 -43.95
N ALA C 114 33.37 -1.64 -43.36
CA ALA C 114 34.31 -1.54 -42.26
C ALA C 114 33.93 -2.47 -41.11
N GLU C 115 32.67 -2.42 -40.69
CA GLU C 115 32.22 -3.27 -39.58
C GLU C 115 32.22 -4.74 -39.97
N VAL C 116 31.89 -5.07 -41.21
CA VAL C 116 32.00 -6.46 -41.64
C VAL C 116 33.43 -6.96 -41.50
N THR C 117 34.39 -6.13 -41.89
CA THR C 117 35.80 -6.50 -41.74
C THR C 117 36.15 -6.77 -40.28
N GLN C 118 35.72 -5.88 -39.38
CA GLN C 118 36.06 -6.09 -37.97
C GLN C 118 35.47 -7.40 -37.44
N LEU C 119 34.21 -7.69 -37.80
CA LEU C 119 33.59 -8.90 -37.28
C LEU C 119 34.29 -10.15 -37.80
N VAL C 120 34.68 -10.14 -39.07
CA VAL C 120 35.38 -11.31 -39.62
C VAL C 120 36.71 -11.52 -38.90
N SER C 121 37.44 -10.43 -38.64
CA SER C 121 38.70 -10.56 -37.91
C SER C 121 38.47 -11.17 -36.53
N GLU C 122 37.41 -10.73 -35.84
CA GLU C 122 37.12 -11.27 -34.52
C GLU C 122 36.85 -12.77 -34.59
N ILE C 123 36.05 -13.20 -35.57
CA ILE C 123 35.76 -14.62 -35.74
C ILE C 123 37.06 -15.40 -35.89
N ASP C 124 37.94 -14.92 -36.76
CA ASP C 124 39.17 -15.67 -37.04
C ASP C 124 40.01 -15.79 -35.76
N ARG C 125 40.14 -14.68 -35.03
CA ARG C 125 40.98 -14.71 -33.83
C ARG C 125 40.45 -15.68 -32.79
N VAL C 126 39.14 -15.65 -32.54
CA VAL C 126 38.57 -16.56 -31.55
C VAL C 126 38.77 -18.00 -31.97
N ALA C 127 38.58 -18.28 -33.26
CA ALA C 127 38.78 -19.65 -33.73
C ALA C 127 40.21 -20.11 -33.54
N LYS C 128 41.17 -19.23 -33.79
CA LYS C 128 42.58 -19.63 -33.79
C LYS C 128 43.22 -19.58 -32.42
N GLN C 129 42.55 -19.05 -31.39
CA GLN C 129 43.19 -18.90 -30.08
C GLN C 129 42.36 -19.56 -28.98
N SER C 130 41.88 -20.78 -29.22
CA SER C 130 41.04 -21.48 -28.26
C SER C 130 41.65 -22.83 -27.93
N ASP C 131 41.81 -23.12 -26.64
CA ASP C 131 42.45 -24.36 -26.23
C ASP C 131 42.03 -24.71 -24.81
N PHE C 132 42.48 -25.89 -24.37
CA PHE C 132 42.17 -26.43 -23.05
C PHE C 132 43.38 -27.21 -22.58
N ASN C 133 44.11 -26.65 -21.62
CA ASN C 133 45.33 -27.27 -21.09
C ASN C 133 46.37 -27.48 -22.19
N GLY C 134 46.50 -26.50 -23.08
CA GLY C 134 47.51 -26.56 -24.12
C GLY C 134 47.18 -27.41 -25.32
N THR C 135 45.90 -27.71 -25.56
CA THR C 135 45.48 -28.54 -26.68
C THR C 135 44.51 -27.73 -27.53
N LYS C 136 44.99 -27.22 -28.67
CA LYS C 136 44.14 -26.42 -29.54
C LYS C 136 42.99 -27.24 -30.07
N LEU C 137 41.78 -26.68 -30.01
CA LEU C 137 40.57 -27.40 -30.38
C LEU C 137 40.07 -27.04 -31.78
N LEU C 138 39.76 -25.77 -32.01
CA LEU C 138 39.08 -25.35 -33.24
C LEU C 138 40.06 -24.80 -34.27
N ASP C 139 40.95 -25.68 -34.77
CA ASP C 139 41.69 -25.33 -35.97
C ASP C 139 41.97 -26.54 -36.86
N GLY C 140 41.26 -27.65 -36.69
CA GLY C 140 41.40 -28.79 -37.56
C GLY C 140 42.53 -29.74 -37.22
N THR C 141 43.24 -29.52 -36.13
CA THR C 141 44.33 -30.41 -35.72
C THR C 141 43.91 -31.35 -34.59
N PHE C 142 42.62 -31.42 -34.27
CA PHE C 142 42.14 -32.32 -33.23
C PHE C 142 41.95 -33.70 -33.82
N SER C 143 42.95 -34.56 -33.67
CA SER C 143 42.88 -35.92 -34.18
C SER C 143 42.15 -36.79 -33.16
N SER C 144 42.23 -38.11 -33.34
CA SER C 144 41.56 -39.03 -32.43
C SER C 144 42.18 -38.97 -31.04
N GLN C 145 41.32 -38.95 -30.02
CA GLN C 145 41.75 -38.95 -28.63
C GLN C 145 40.98 -40.01 -27.86
N LEU C 146 41.68 -40.74 -27.00
CA LEU C 146 41.11 -41.86 -26.27
C LEU C 146 41.05 -41.55 -24.78
N PHE C 147 39.89 -41.81 -24.19
CA PHE C 147 39.66 -41.61 -22.76
C PHE C 147 39.50 -42.98 -22.09
N GLN C 148 40.13 -43.15 -20.93
CA GLN C 148 40.09 -44.41 -20.20
C GLN C 148 38.95 -44.38 -19.20
N VAL C 149 37.94 -45.21 -19.41
CA VAL C 149 36.77 -45.24 -18.54
C VAL C 149 36.58 -46.63 -17.97
N GLY C 150 37.67 -47.35 -17.75
CA GLY C 150 37.60 -48.69 -17.19
C GLY C 150 38.88 -49.03 -16.47
N ALA C 151 38.85 -50.16 -15.76
CA ALA C 151 39.99 -50.58 -14.95
C ALA C 151 40.82 -51.68 -15.61
N ASN C 152 40.62 -51.94 -16.89
CA ASN C 152 41.38 -52.96 -17.60
C ASN C 152 41.83 -52.43 -18.96
N ALA C 153 42.94 -52.98 -19.45
CA ALA C 153 43.54 -52.49 -20.67
C ALA C 153 42.64 -52.74 -21.86
N GLY C 154 42.56 -51.75 -22.76
CA GLY C 154 41.70 -51.85 -23.92
C GLY C 154 40.30 -51.30 -23.75
N GLN C 155 39.96 -50.82 -22.56
CA GLN C 155 38.64 -50.24 -22.32
C GLN C 155 38.73 -48.73 -22.44
N ALA C 156 38.32 -48.21 -23.59
CA ALA C 156 38.40 -46.78 -23.84
C ALA C 156 37.40 -46.41 -24.93
N ILE C 157 37.02 -45.15 -24.95
CA ILE C 157 36.17 -44.60 -26.00
C ILE C 157 36.92 -43.44 -26.65
N ALA C 158 36.49 -43.09 -27.86
CA ALA C 158 37.25 -42.15 -28.68
C ALA C 158 36.34 -41.05 -29.20
N ILE C 159 36.97 -39.92 -29.52
CA ILE C 159 36.34 -38.80 -30.19
C ILE C 159 37.07 -38.57 -31.50
N ASP C 160 36.33 -38.52 -32.60
CA ASP C 160 36.98 -38.52 -33.91
C ASP C 160 37.48 -37.15 -34.30
N LYS C 161 36.58 -36.17 -34.44
CA LYS C 161 36.97 -34.86 -34.91
C LYS C 161 35.84 -33.87 -34.67
N THR C 162 36.19 -32.62 -34.35
CA THR C 162 35.14 -31.64 -34.12
C THR C 162 34.85 -30.76 -35.32
N ILE C 163 35.79 -29.87 -35.68
CA ILE C 163 35.57 -28.91 -36.76
C ILE C 163 36.89 -28.22 -37.07
N ASP C 164 36.97 -27.63 -38.25
CA ASP C 164 38.04 -26.70 -38.62
C ASP C 164 37.37 -25.36 -38.92
N ALA C 165 37.41 -24.44 -37.97
CA ALA C 165 36.58 -23.23 -38.01
C ALA C 165 37.37 -21.96 -38.27
N LYS C 166 38.50 -22.07 -38.97
CA LYS C 166 39.22 -20.87 -39.36
C LYS C 166 38.45 -20.12 -40.44
N ALA C 167 38.70 -18.81 -40.55
CA ALA C 167 37.96 -17.99 -41.49
C ALA C 167 38.25 -18.35 -42.94
N GLY C 168 39.36 -19.01 -43.21
CA GLY C 168 39.71 -19.37 -44.57
C GLY C 168 39.14 -20.66 -45.08
N SER C 169 38.45 -21.43 -44.23
CA SER C 169 37.91 -22.72 -44.64
C SER C 169 36.50 -22.91 -44.10
N LEU C 170 35.67 -21.87 -44.19
CA LEU C 170 34.32 -21.91 -43.68
C LEU C 170 33.35 -21.53 -44.78
N GLY C 171 32.31 -22.32 -44.96
CA GLY C 171 31.26 -21.99 -45.90
C GLY C 171 31.67 -21.85 -47.35
N THR C 172 32.44 -22.82 -47.86
CA THR C 172 32.91 -22.75 -49.24
C THR C 172 31.76 -22.92 -50.22
N SER C 173 31.79 -22.15 -51.31
CA SER C 173 30.69 -22.13 -52.27
C SER C 173 31.22 -21.83 -53.66
N THR C 174 30.41 -22.13 -54.67
CA THR C 174 30.74 -21.86 -56.06
C THR C 174 29.54 -21.26 -56.77
N PHE C 175 29.78 -20.28 -57.64
CA PHE C 175 28.74 -19.63 -58.41
C PHE C 175 29.12 -19.64 -59.88
N ALA C 176 28.18 -20.01 -60.75
CA ALA C 176 28.43 -19.99 -62.18
C ALA C 176 28.48 -18.57 -62.69
N THR C 177 29.42 -18.28 -63.59
CA THR C 177 29.63 -16.93 -64.09
C THR C 177 30.53 -17.00 -65.32
N GLY C 178 30.39 -16.03 -66.21
CA GLY C 178 31.23 -15.95 -67.38
C GLY C 178 30.43 -15.81 -68.65
N ALA C 179 29.17 -15.41 -68.49
CA ALA C 179 28.26 -15.32 -69.61
C ALA C 179 28.69 -14.23 -70.58
N THR C 180 28.28 -14.40 -71.84
CA THR C 180 28.48 -13.38 -72.86
C THR C 180 27.36 -13.51 -73.88
N ALA C 181 27.10 -12.42 -74.59
CA ALA C 181 26.08 -12.41 -75.63
C ALA C 181 26.64 -12.07 -77.01
N ALA C 182 27.66 -11.22 -77.11
CA ALA C 182 28.26 -10.83 -78.38
C ALA C 182 27.24 -10.23 -79.34
N LEU C 183 26.41 -9.33 -78.82
CA LEU C 183 25.37 -8.68 -79.61
C LEU C 183 25.85 -7.31 -80.07
N ALA C 184 25.76 -7.07 -81.38
CA ALA C 184 26.20 -5.79 -81.94
C ALA C 184 25.30 -5.33 -83.08
N ALA C 185 24.02 -5.66 -83.04
CA ALA C 185 23.11 -5.21 -84.08
C ALA C 185 22.89 -3.70 -83.99
N SER C 186 22.48 -3.12 -85.11
CA SER C 186 22.34 -1.67 -85.20
C SER C 186 21.25 -1.35 -86.21
N THR C 187 21.25 -0.11 -86.71
CA THR C 187 20.32 0.39 -87.72
C THR C 187 18.91 0.40 -87.13
N ASP C 188 17.95 -0.24 -87.79
CA ASP C 188 16.56 -0.13 -87.36
C ASP C 188 16.31 -0.98 -86.10
N GLY C 189 15.19 -0.69 -85.45
CA GLY C 189 14.84 -1.38 -84.23
C GLY C 189 14.38 -2.80 -84.48
N ALA C 190 14.29 -3.56 -83.38
CA ALA C 190 13.96 -4.97 -83.46
C ALA C 190 13.21 -5.36 -82.19
N ARG C 191 12.62 -6.55 -82.22
CA ARG C 191 11.95 -7.12 -81.07
C ARG C 191 12.66 -8.38 -80.63
N PHE C 192 12.89 -8.50 -79.33
CA PHE C 192 13.62 -9.63 -78.76
C PHE C 192 12.66 -10.51 -77.99
N SER C 193 12.88 -11.82 -78.07
CA SER C 193 12.04 -12.81 -77.38
C SER C 193 12.97 -13.85 -76.78
N GLY C 194 12.40 -14.96 -76.33
CA GLY C 194 13.18 -16.10 -75.87
C GLY C 194 13.03 -16.33 -74.38
N THR C 195 13.66 -17.42 -73.93
CA THR C 195 13.53 -17.89 -72.56
C THR C 195 14.92 -18.06 -71.94
N VAL C 196 15.01 -17.79 -70.65
CA VAL C 196 16.23 -17.98 -69.88
C VAL C 196 15.93 -18.99 -68.78
N MET C 197 16.65 -20.10 -68.78
CA MET C 197 16.47 -21.16 -67.79
C MET C 197 15.02 -21.66 -67.76
N GLY C 198 14.41 -21.75 -68.94
CA GLY C 198 13.05 -22.24 -69.03
C GLY C 198 11.98 -21.28 -68.56
N VAL C 199 12.27 -19.98 -68.52
CA VAL C 199 11.32 -18.97 -68.08
C VAL C 199 11.22 -17.90 -69.16
N ASP C 200 10.00 -17.64 -69.62
CA ASP C 200 9.79 -16.63 -70.65
C ASP C 200 10.01 -15.23 -70.09
N ILE C 201 10.47 -14.33 -70.95
CA ILE C 201 10.81 -12.98 -70.54
C ILE C 201 10.04 -11.91 -71.31
N GLY C 202 8.97 -12.30 -72.01
CA GLY C 202 8.21 -11.29 -72.71
C GLY C 202 8.93 -10.77 -73.94
N THR C 203 8.56 -9.56 -74.34
CA THR C 203 9.11 -8.93 -75.54
C THR C 203 9.45 -7.47 -75.26
N VAL C 204 10.38 -6.93 -76.05
CA VAL C 204 10.83 -5.55 -75.93
C VAL C 204 10.86 -4.92 -77.31
N GLU C 205 10.87 -3.58 -77.33
CA GLU C 205 10.81 -2.80 -78.55
C GLU C 205 11.90 -1.73 -78.50
N VAL C 206 12.51 -1.46 -79.66
CA VAL C 206 13.58 -0.48 -79.75
C VAL C 206 13.33 0.41 -80.96
N LYS C 207 13.58 1.71 -80.77
CA LYS C 207 13.28 2.71 -81.78
C LYS C 207 14.12 2.50 -83.03
N ALA C 208 13.73 3.19 -84.11
CA ALA C 208 14.40 3.03 -85.39
C ALA C 208 15.85 3.53 -85.32
N GLY C 209 16.10 4.64 -84.64
CA GLY C 209 17.45 5.13 -84.48
C GLY C 209 18.19 4.39 -83.39
N ALA C 210 18.56 3.15 -83.66
CA ALA C 210 19.10 2.27 -82.63
C ALA C 210 20.62 2.17 -82.70
N THR C 211 21.24 2.03 -81.53
CA THR C 211 22.65 1.70 -81.41
C THR C 211 22.77 0.48 -80.51
N THR C 212 24.00 0.00 -80.37
CA THR C 212 24.24 -1.18 -79.53
C THR C 212 23.88 -0.88 -78.08
N ALA C 213 24.23 0.31 -77.58
CA ALA C 213 23.93 0.67 -76.20
C ALA C 213 22.43 0.71 -75.95
N ASP C 214 21.65 1.09 -76.95
CA ASP C 214 20.19 1.13 -76.78
C ASP C 214 19.61 -0.26 -76.58
N ALA C 215 20.06 -1.23 -77.37
CA ALA C 215 19.52 -2.58 -77.27
C ALA C 215 20.05 -3.32 -76.05
N SER C 216 21.31 -3.10 -75.69
CA SER C 216 21.89 -3.82 -74.56
C SER C 216 21.14 -3.52 -73.27
N LYS C 217 20.85 -2.24 -73.03
CA LYS C 217 20.18 -1.87 -71.79
C LYS C 217 18.74 -2.36 -71.77
N ALA C 218 18.07 -2.36 -72.91
CA ALA C 218 16.70 -2.87 -72.97
C ALA C 218 16.65 -4.35 -72.62
N VAL C 219 17.55 -5.14 -73.22
CA VAL C 219 17.57 -6.57 -72.92
C VAL C 219 17.97 -6.81 -71.48
N ALA C 220 18.89 -6.01 -70.95
CA ALA C 220 19.29 -6.17 -69.55
C ALA C 220 18.12 -5.92 -68.62
N THR C 221 17.34 -4.87 -68.88
CA THR C 221 16.17 -4.61 -68.05
C THR C 221 15.16 -5.74 -68.16
N ALA C 222 14.93 -6.23 -69.37
CA ALA C 222 13.96 -7.31 -69.55
C ALA C 222 14.38 -8.54 -68.76
N ILE C 223 15.67 -8.87 -68.75
CA ILE C 223 16.14 -10.04 -68.01
C ILE C 223 16.03 -9.79 -66.51
N ASN C 224 16.46 -8.62 -66.04
CA ASN C 224 16.45 -8.33 -64.62
C ASN C 224 15.05 -8.27 -64.03
N ALA C 225 14.03 -8.04 -64.86
CA ALA C 225 12.68 -7.93 -64.32
C ALA C 225 12.19 -9.23 -63.68
N LYS C 226 12.84 -10.36 -63.96
CA LYS C 226 12.38 -11.65 -63.45
C LYS C 226 13.48 -12.36 -62.69
N ILE C 227 14.19 -11.63 -61.83
CA ILE C 227 15.23 -12.23 -61.00
C ILE C 227 14.62 -13.16 -59.95
N GLY C 228 13.34 -12.97 -59.64
CA GLY C 228 12.71 -13.75 -58.59
C GLY C 228 12.57 -15.22 -58.92
N GLU C 229 12.62 -15.58 -60.20
CA GLU C 229 12.52 -16.98 -60.61
C GLU C 229 13.77 -17.49 -61.30
N ALA C 230 14.27 -16.77 -62.31
CA ALA C 230 15.48 -17.21 -62.99
C ALA C 230 16.68 -17.21 -62.07
N GLY C 231 16.80 -16.18 -61.24
CA GLY C 231 17.96 -16.07 -60.37
C GLY C 231 19.23 -15.66 -61.05
N ILE C 232 19.15 -14.84 -62.10
CA ILE C 232 20.30 -14.43 -62.89
C ILE C 232 20.35 -12.90 -62.90
N TYR C 233 21.52 -12.35 -62.64
CA TYR C 233 21.73 -10.90 -62.58
C TYR C 233 22.50 -10.46 -63.82
N ALA C 234 21.99 -9.45 -64.52
CA ALA C 234 22.55 -9.01 -65.78
C ALA C 234 23.12 -7.60 -65.66
N GLU C 235 24.25 -7.37 -66.34
CA GLU C 235 24.92 -6.08 -66.33
C GLU C 235 25.15 -5.61 -67.76
N ALA C 236 24.95 -4.31 -67.98
CA ALA C 236 25.06 -3.72 -69.30
C ALA C 236 26.51 -3.42 -69.65
N ASN C 237 26.86 -3.66 -70.91
CA ASN C 237 28.21 -3.44 -71.41
C ASN C 237 28.16 -2.49 -72.61
N SER C 238 29.23 -1.72 -72.78
CA SER C 238 29.23 -0.64 -73.77
C SER C 238 29.24 -1.17 -75.20
N ASP C 239 30.10 -2.15 -75.49
CA ASP C 239 30.26 -2.61 -76.87
C ASP C 239 29.02 -3.28 -77.41
N GLY C 240 28.09 -3.70 -76.55
CA GLY C 240 26.88 -4.38 -76.97
C GLY C 240 26.70 -5.77 -76.39
N THR C 241 27.71 -6.33 -75.72
CA THR C 241 27.56 -7.64 -75.11
C THR C 241 26.95 -7.48 -73.71
N LEU C 242 26.76 -8.62 -73.04
CA LEU C 242 26.20 -8.63 -71.69
C LEU C 242 26.95 -9.66 -70.86
N LYS C 243 26.91 -9.47 -69.54
CA LYS C 243 27.50 -10.39 -68.60
C LYS C 243 26.44 -10.83 -67.61
N LEU C 244 26.25 -12.14 -67.48
CA LEU C 244 25.25 -12.70 -66.59
C LEU C 244 25.92 -13.48 -65.47
N SER C 245 25.43 -13.34 -64.25
CA SER C 245 25.94 -14.06 -63.10
C SER C 245 24.78 -14.65 -62.32
N SER C 246 25.06 -15.72 -61.60
CA SER C 246 24.05 -16.43 -60.83
C SER C 246 24.22 -16.13 -59.34
N VAL C 247 23.11 -15.88 -58.66
CA VAL C 247 23.12 -15.59 -57.23
C VAL C 247 22.66 -16.80 -56.41
N LYS C 248 22.63 -17.98 -57.00
CA LYS C 248 22.26 -19.21 -56.30
C LYS C 248 23.46 -20.13 -56.26
N GLU C 249 23.76 -20.65 -55.08
CA GLU C 249 24.95 -21.47 -54.90
C GLU C 249 24.78 -22.83 -55.55
N GLY C 250 25.83 -23.29 -56.22
CA GLY C 250 25.89 -24.64 -56.75
C GLY C 250 24.89 -24.97 -57.83
N LYS C 251 24.60 -24.03 -58.72
CA LYS C 251 23.69 -24.24 -59.83
C LYS C 251 24.45 -24.08 -61.13
N ALA C 252 24.26 -25.03 -62.03
CA ALA C 252 25.00 -25.06 -63.29
C ALA C 252 24.10 -24.58 -64.43
N VAL C 253 24.55 -23.56 -65.14
CA VAL C 253 23.88 -23.06 -66.33
C VAL C 253 24.76 -23.37 -67.53
N ALA C 254 24.15 -23.92 -68.58
CA ALA C 254 24.91 -24.43 -69.71
C ALA C 254 24.70 -23.54 -70.94
N THR C 255 25.30 -23.96 -72.05
CA THR C 255 25.19 -23.20 -73.29
C THR C 255 23.78 -23.24 -73.87
N ALA C 256 23.08 -24.36 -73.72
CA ALA C 256 21.72 -24.48 -74.23
C ALA C 256 20.68 -23.88 -73.30
N ASP C 257 21.08 -23.47 -72.09
CA ASP C 257 20.12 -22.89 -71.15
C ASP C 257 19.65 -21.51 -71.57
N ILE C 258 20.37 -20.86 -72.47
CA ILE C 258 20.03 -19.51 -72.92
C ILE C 258 19.57 -19.62 -74.36
N ALA C 259 18.35 -19.16 -74.64
CA ALA C 259 17.75 -19.30 -75.98
C ALA C 259 17.03 -17.99 -76.32
N LEU C 260 17.71 -17.13 -77.08
CA LEU C 260 17.16 -15.83 -77.48
C LEU C 260 16.79 -15.87 -78.96
N MET C 261 15.48 -15.84 -79.24
CA MET C 261 14.97 -15.69 -80.60
C MET C 261 14.92 -14.21 -80.95
N ARG C 262 16.07 -13.67 -81.30
CA ARG C 262 16.11 -12.34 -81.92
C ARG C 262 15.43 -12.39 -83.27
N SER C 263 14.49 -11.48 -83.49
CA SER C 263 13.70 -11.50 -84.71
C SER C 263 13.20 -10.08 -85.00
N ASP C 264 12.44 -9.95 -86.08
CA ASP C 264 11.84 -8.68 -86.49
C ASP C 264 12.92 -7.62 -86.71
N TYR C 265 13.80 -7.90 -87.67
CA TYR C 265 14.95 -7.03 -87.91
C TYR C 265 14.52 -5.65 -88.39
N ASP C 266 13.53 -5.59 -89.27
CA ASP C 266 13.10 -4.35 -89.89
C ASP C 266 11.59 -4.18 -89.72
N ALA C 267 11.10 -3.00 -90.13
CA ALA C 267 9.69 -2.68 -89.99
C ALA C 267 9.09 -2.04 -91.24
N THR C 268 9.86 -1.89 -92.31
CA THR C 268 9.37 -1.30 -93.55
C THR C 268 8.79 -2.41 -94.42
N ALA C 269 7.46 -2.55 -94.41
CA ALA C 269 6.78 -3.67 -95.05
C ALA C 269 7.39 -4.99 -94.58
N LYS C 270 7.63 -5.07 -93.28
CA LYS C 270 8.44 -6.12 -92.66
C LYS C 270 7.92 -6.33 -91.24
N THR C 271 8.78 -6.87 -90.36
CA THR C 271 8.53 -7.28 -88.98
C THR C 271 7.93 -8.69 -88.97
N TRP C 272 7.81 -9.33 -90.13
CA TRP C 272 7.45 -10.74 -90.21
C TRP C 272 8.68 -11.56 -90.56
N GLY C 273 8.95 -12.59 -89.77
CA GLY C 273 10.14 -13.42 -89.92
C GLY C 273 10.88 -13.50 -88.61
N THR C 274 11.54 -14.64 -88.39
CA THR C 274 12.21 -14.91 -87.13
C THR C 274 13.57 -15.54 -87.38
N ALA C 275 14.42 -15.43 -86.36
CA ALA C 275 15.76 -16.03 -86.37
C ALA C 275 16.19 -16.19 -84.91
N ALA C 276 17.48 -16.48 -84.70
CA ALA C 276 18.02 -16.61 -83.36
C ALA C 276 19.03 -15.50 -83.05
N ALA C 277 20.10 -15.40 -83.84
CA ALA C 277 21.11 -14.35 -83.70
C ALA C 277 21.61 -14.22 -82.27
N ALA C 278 22.19 -13.05 -81.96
CA ALA C 278 22.56 -12.65 -80.60
C ALA C 278 23.47 -13.67 -79.92
N GLY C 279 24.14 -14.54 -80.67
CA GLY C 279 25.00 -15.54 -80.08
C GLY C 279 24.22 -16.58 -79.31
N ALA C 280 24.91 -17.54 -78.69
CA ALA C 280 24.25 -18.54 -77.88
C ALA C 280 24.63 -18.43 -76.41
N TYR C 281 25.92 -18.50 -76.09
CA TYR C 281 26.43 -18.46 -74.72
C TYR C 281 27.94 -18.57 -74.78
N THR C 282 28.56 -18.49 -73.60
CA THR C 282 29.99 -18.75 -73.45
C THR C 282 30.18 -19.49 -72.12
N ALA C 283 31.26 -20.25 -72.02
CA ALA C 283 31.46 -21.15 -70.90
C ALA C 283 32.59 -20.69 -69.99
N GLY C 284 32.55 -19.42 -69.59
CA GLY C 284 33.56 -18.92 -68.68
C GLY C 284 33.60 -19.71 -67.38
N THR C 285 34.76 -19.72 -66.74
CA THR C 285 34.96 -20.52 -65.54
C THR C 285 34.22 -19.93 -64.34
N ASN C 286 33.93 -20.79 -63.37
CA ASN C 286 33.18 -20.40 -62.19
C ASN C 286 34.07 -19.68 -61.18
N THR C 287 33.42 -19.10 -60.17
CA THR C 287 34.09 -18.35 -59.12
C THR C 287 33.76 -18.97 -57.76
N SER C 288 34.78 -19.17 -56.93
CA SER C 288 34.63 -19.76 -55.61
C SER C 288 34.79 -18.70 -54.52
N ALA C 289 34.16 -18.94 -53.38
CA ALA C 289 34.17 -17.97 -52.29
C ALA C 289 33.96 -18.68 -50.96
N ASN C 290 34.38 -18.02 -49.89
CA ASN C 290 34.19 -18.48 -48.52
C ASN C 290 34.16 -17.26 -47.61
N VAL C 291 34.26 -17.50 -46.29
CA VAL C 291 34.04 -16.43 -45.32
C VAL C 291 35.14 -15.38 -45.43
N GLN C 292 36.37 -15.79 -45.72
CA GLN C 292 37.47 -14.85 -45.79
C GLN C 292 37.25 -13.80 -46.87
N LYS C 293 36.69 -14.21 -48.01
CA LYS C 293 36.50 -13.30 -49.15
C LYS C 293 35.05 -12.82 -49.18
N LEU C 294 34.76 -11.87 -48.29
CA LEU C 294 33.43 -11.27 -48.20
C LEU C 294 33.50 -9.80 -48.57
N ASP C 295 32.61 -9.38 -49.46
CA ASP C 295 32.52 -8.00 -49.93
C ASP C 295 31.07 -7.56 -49.91
N VAL C 296 30.84 -6.30 -49.55
CA VAL C 296 29.49 -5.76 -49.48
C VAL C 296 29.43 -4.45 -50.27
N SER C 297 30.55 -4.06 -50.87
CA SER C 297 30.61 -2.78 -51.55
C SER C 297 29.77 -2.72 -52.82
N THR C 298 29.26 -3.86 -53.30
CA THR C 298 28.36 -3.89 -54.44
C THR C 298 27.20 -4.82 -54.14
N VAL C 299 26.24 -4.90 -55.08
CA VAL C 299 25.03 -5.68 -54.82
C VAL C 299 25.33 -7.18 -54.78
N LEU C 300 26.07 -7.69 -55.78
CA LEU C 300 26.31 -9.13 -55.82
C LEU C 300 27.10 -9.60 -54.62
N GLY C 301 27.98 -8.76 -54.07
CA GLY C 301 28.70 -9.14 -52.89
C GLY C 301 27.76 -9.52 -51.77
N ALA C 302 26.73 -8.70 -51.55
CA ALA C 302 25.73 -9.02 -50.52
C ALA C 302 24.91 -10.24 -50.91
N GLN C 303 24.48 -10.30 -52.17
CA GLN C 303 23.60 -11.37 -52.61
C GLN C 303 24.28 -12.73 -52.53
N GLN C 304 25.60 -12.77 -52.48
CA GLN C 304 26.32 -14.02 -52.27
C GLN C 304 26.79 -14.20 -50.83
N ALA C 305 26.97 -13.09 -50.09
CA ALA C 305 27.26 -13.20 -48.67
C ALA C 305 26.13 -13.92 -47.94
N LEU C 306 24.89 -13.71 -48.38
CA LEU C 306 23.78 -14.40 -47.75
C LEU C 306 23.97 -15.93 -47.78
N GLU C 307 24.26 -16.48 -48.95
CA GLU C 307 24.42 -17.92 -49.07
C GLU C 307 25.63 -18.44 -48.29
N VAL C 308 26.77 -17.72 -48.36
CA VAL C 308 27.94 -18.24 -47.66
C VAL C 308 27.68 -18.25 -46.15
N VAL C 309 26.96 -17.26 -45.64
CA VAL C 309 26.66 -17.24 -44.21
C VAL C 309 25.73 -18.40 -43.84
N ASP C 310 24.77 -18.70 -44.71
CA ASP C 310 23.88 -19.84 -44.42
C ASP C 310 24.67 -21.13 -44.29
N LYS C 311 25.62 -21.37 -45.20
CA LYS C 311 26.39 -22.61 -45.10
C LYS C 311 27.21 -22.66 -43.81
N ALA C 312 27.83 -21.54 -43.45
CA ALA C 312 28.59 -21.53 -42.19
C ALA C 312 27.71 -21.88 -41.00
N LEU C 313 26.50 -21.31 -40.96
CA LEU C 313 25.61 -21.57 -39.84
C LEU C 313 25.22 -23.05 -39.76
N GLY C 314 24.94 -23.67 -40.91
CA GLY C 314 24.63 -25.09 -40.90
C GLY C 314 25.74 -25.93 -40.29
N ALA C 315 26.99 -25.65 -40.70
CA ALA C 315 28.10 -26.41 -40.14
C ALA C 315 28.19 -26.24 -38.62
N ILE C 316 28.06 -25.00 -38.14
CA ILE C 316 28.19 -24.75 -36.71
C ILE C 316 27.13 -25.53 -35.92
N ASN C 317 25.89 -25.50 -36.40
CA ASN C 317 24.83 -26.19 -35.69
C ASN C 317 25.08 -27.70 -35.60
N SER C 318 25.52 -28.31 -36.70
CA SER C 318 25.77 -29.74 -36.65
C SER C 318 26.85 -30.08 -35.62
N THR C 319 27.92 -29.29 -35.58
CA THR C 319 28.98 -29.58 -34.61
C THR C 319 28.46 -29.49 -33.18
N ARG C 320 27.65 -28.47 -32.89
CA ARG C 320 27.13 -28.34 -31.54
C ARG C 320 26.27 -29.54 -31.14
N ALA C 321 25.46 -30.04 -32.07
CA ALA C 321 24.65 -31.22 -31.77
C ALA C 321 25.52 -32.42 -31.41
N ASP C 322 26.59 -32.64 -32.18
CA ASP C 322 27.46 -33.78 -31.88
C ASP C 322 28.07 -33.68 -30.50
N LEU C 323 28.56 -32.49 -30.13
CA LEU C 323 29.19 -32.34 -28.82
C LEU C 323 28.20 -32.61 -27.69
N GLY C 324 26.96 -32.12 -27.84
CA GLY C 324 25.95 -32.40 -26.82
C GLY C 324 25.69 -33.89 -26.65
N ALA C 325 25.63 -34.63 -27.75
CA ALA C 325 25.43 -36.07 -27.66
C ALA C 325 26.55 -36.74 -26.88
N ILE C 326 27.80 -36.36 -27.16
CA ILE C 326 28.91 -37.00 -26.46
C ILE C 326 28.84 -36.71 -24.96
N GLN C 327 28.40 -35.50 -24.60
CA GLN C 327 28.28 -35.16 -23.18
C GLN C 327 27.25 -36.06 -22.48
N ASN C 328 26.11 -36.28 -23.13
CA ASN C 328 25.10 -37.17 -22.54
C ASN C 328 25.66 -38.57 -22.31
N ARG C 329 26.39 -39.10 -23.30
CA ARG C 329 26.94 -40.44 -23.13
C ARG C 329 27.89 -40.50 -21.95
N PHE C 330 28.71 -39.47 -21.76
CA PHE C 330 29.64 -39.48 -20.63
C PHE C 330 28.89 -39.54 -19.30
N THR C 331 27.80 -38.77 -19.18
CA THR C 331 27.04 -38.82 -17.93
C THR C 331 26.51 -40.23 -17.65
N SER C 332 25.97 -40.88 -18.68
CA SER C 332 25.46 -42.24 -18.49
C SER C 332 26.56 -43.18 -18.01
N VAL C 333 27.74 -43.06 -18.62
CA VAL C 333 28.87 -43.90 -18.22
C VAL C 333 29.18 -43.72 -16.74
N VAL C 334 29.19 -42.47 -16.28
CA VAL C 334 29.53 -42.20 -14.87
C VAL C 334 28.53 -42.88 -13.94
N ALA C 335 27.24 -42.77 -14.27
CA ALA C 335 26.23 -43.38 -13.40
C ALA C 335 26.42 -44.89 -13.29
N ASN C 336 26.66 -45.55 -14.43
CA ASN C 336 26.87 -46.99 -14.39
C ASN C 336 28.08 -47.35 -13.54
N LEU C 337 29.17 -46.58 -13.68
CA LEU C 337 30.38 -46.87 -12.91
C LEU C 337 30.11 -46.79 -11.43
N GLN C 338 29.39 -45.76 -10.99
CA GLN C 338 29.12 -45.58 -9.57
C GLN C 338 28.33 -46.76 -9.01
N THR C 339 27.28 -47.18 -9.73
CA THR C 339 26.49 -48.32 -9.27
C THR C 339 27.35 -49.56 -9.13
N SER C 340 28.15 -49.88 -10.14
CA SER C 340 28.92 -51.12 -10.10
C SER C 340 29.96 -51.09 -9.00
N SER C 341 30.61 -49.95 -8.78
CA SER C 341 31.61 -49.88 -7.72
C SER C 341 30.98 -50.12 -6.36
N GLU C 342 29.83 -49.52 -6.10
CA GLU C 342 29.16 -49.75 -4.82
C GLU C 342 28.79 -51.22 -4.63
N ASN C 343 28.24 -51.85 -5.68
CA ASN C 343 27.87 -53.26 -5.55
C ASN C 343 29.08 -54.14 -5.29
N LEU C 344 30.19 -53.88 -5.98
CA LEU C 344 31.38 -54.70 -5.79
C LEU C 344 31.92 -54.53 -4.38
N SER C 345 31.92 -53.30 -3.87
CA SER C 345 32.40 -53.08 -2.51
C SER C 345 31.56 -53.82 -1.49
N ALA C 346 30.23 -53.81 -1.69
CA ALA C 346 29.36 -54.57 -0.78
C ALA C 346 29.65 -56.07 -0.86
N SER C 347 29.91 -56.58 -2.07
CA SER C 347 30.13 -58.01 -2.24
C SER C 347 31.44 -58.46 -1.62
N ARG C 348 32.46 -57.61 -1.64
CA ARG C 348 33.78 -58.03 -1.13
C ARG C 348 33.75 -58.31 0.36
N SER C 349 33.01 -57.51 1.13
CA SER C 349 33.08 -57.54 2.59
C SER C 349 32.52 -58.82 3.21
N ARG C 350 31.83 -59.66 2.44
CA ARG C 350 31.23 -60.84 3.02
C ARG C 350 32.25 -61.92 3.37
N ILE C 351 33.48 -61.81 2.87
CA ILE C 351 34.49 -62.84 3.07
C ILE C 351 35.76 -62.29 3.69
N LYS C 352 35.75 -61.05 4.17
CA LYS C 352 36.96 -60.45 4.69
C LYS C 352 36.79 -59.74 6.03
N ASP C 353 35.56 -59.46 6.47
CA ASP C 353 35.34 -58.67 7.67
C ASP C 353 34.97 -59.56 8.85
N THR C 354 35.17 -59.01 10.05
CA THR C 354 34.96 -59.74 11.30
C THR C 354 33.52 -59.59 11.78
N ASP C 355 33.00 -60.64 12.39
CA ASP C 355 31.66 -60.62 12.99
C ASP C 355 31.83 -60.44 14.50
N PHE C 356 31.61 -59.22 14.98
CA PHE C 356 31.95 -58.91 16.36
C PHE C 356 31.05 -59.64 17.35
N ALA C 357 29.91 -60.15 16.90
CA ALA C 357 29.00 -60.83 17.82
C ALA C 357 29.42 -62.28 18.05
N LYS C 358 30.41 -62.77 17.31
CA LYS C 358 30.79 -64.17 17.45
C LYS C 358 32.12 -64.36 18.17
N GLU C 359 33.06 -63.42 18.01
CA GLU C 359 34.39 -63.62 18.57
C GLU C 359 34.40 -63.42 20.08
N THR C 360 33.51 -62.59 20.60
CA THR C 360 33.48 -62.33 22.04
C THR C 360 33.16 -63.60 22.84
N ALA C 361 32.22 -64.40 22.35
CA ALA C 361 31.89 -65.65 23.03
C ALA C 361 33.10 -66.57 23.09
N GLU C 362 33.86 -66.66 21.99
CA GLU C 362 35.06 -67.49 21.98
C GLU C 362 36.09 -66.96 22.97
N LEU C 363 36.23 -65.63 23.05
CA LEU C 363 37.19 -65.06 23.99
C LEU C 363 36.83 -65.47 25.43
N THR C 364 35.55 -65.33 25.79
CA THR C 364 35.12 -65.69 27.13
C THR C 364 35.35 -67.18 27.41
N ARG C 365 34.98 -68.04 26.46
CA ARG C 365 35.15 -69.46 26.65
C ARG C 365 36.61 -69.83 26.87
N THR C 366 37.50 -69.29 26.04
CA THR C 366 38.91 -69.62 26.15
C THR C 366 39.49 -69.16 27.48
N GLN C 367 39.09 -67.96 27.94
CA GLN C 367 39.61 -67.49 29.22
C GLN C 367 39.18 -68.40 30.37
N ILE C 368 37.91 -68.81 30.39
CA ILE C 368 37.46 -69.69 31.47
C ILE C 368 38.20 -71.02 31.43
N LEU C 369 38.37 -71.57 30.23
CA LEU C 369 39.10 -72.84 30.12
C LEU C 369 40.53 -72.70 30.62
N GLN C 370 41.18 -71.57 30.33
CA GLN C 370 42.55 -71.38 30.78
C GLN C 370 42.63 -71.34 32.30
N GLN C 371 41.71 -70.62 32.95
CA GLN C 371 41.75 -70.59 34.42
C GLN C 371 41.55 -71.98 35.02
N ALA C 372 40.59 -72.73 34.49
CA ALA C 372 40.37 -74.08 35.01
C ALA C 372 41.61 -74.95 34.81
N GLY C 373 42.26 -74.82 33.66
CA GLY C 373 43.45 -75.60 33.41
C GLY C 373 44.58 -75.28 34.36
N THR C 374 44.76 -74.00 34.67
CA THR C 374 45.81 -73.62 35.63
C THR C 374 45.55 -74.22 37.00
N ALA C 375 44.29 -74.13 37.47
CA ALA C 375 43.98 -74.70 38.78
C ALA C 375 44.25 -76.20 38.82
N MET C 376 43.81 -76.92 37.78
CA MET C 376 44.07 -78.36 37.74
C MET C 376 45.55 -78.67 37.66
N LEU C 377 46.33 -77.85 36.95
CA LEU C 377 47.76 -78.08 36.89
C LEU C 377 48.40 -77.95 38.27
N ALA C 378 47.98 -76.93 39.04
CA ALA C 378 48.50 -76.80 40.39
C ALA C 378 48.15 -78.02 41.23
N GLN C 379 46.91 -78.50 41.12
CA GLN C 379 46.51 -79.68 41.89
C GLN C 379 47.34 -80.90 41.51
N ALA C 380 47.57 -81.09 40.21
CA ALA C 380 48.32 -82.27 39.76
C ALA C 380 49.78 -82.17 40.14
N ASN C 381 50.31 -80.96 40.28
CA ASN C 381 51.65 -80.81 40.81
C ASN C 381 51.69 -81.16 42.29
N GLN C 382 50.65 -80.78 43.04
CA GLN C 382 50.67 -80.92 44.48
C GLN C 382 50.27 -82.32 44.96
N VAL C 383 49.68 -83.15 44.09
CA VAL C 383 49.09 -84.41 44.56
C VAL C 383 50.08 -85.35 45.26
N PRO C 384 51.27 -85.64 44.71
CA PRO C 384 51.98 -86.86 45.14
C PRO C 384 52.71 -86.72 46.47
N GLN C 385 52.42 -85.66 47.22
CA GLN C 385 53.14 -85.41 48.46
C GLN C 385 52.82 -86.41 49.55
N GLY C 386 51.77 -87.22 49.39
CA GLY C 386 51.33 -88.08 50.46
C GLY C 386 52.22 -89.29 50.72
N VAL C 387 53.09 -89.62 49.77
CA VAL C 387 53.94 -90.80 49.94
C VAL C 387 54.89 -90.62 51.12
N LEU C 388 55.36 -89.39 51.34
CA LEU C 388 56.39 -89.15 52.34
C LEU C 388 55.95 -89.58 53.73
N SER C 389 54.64 -89.54 54.02
CA SER C 389 54.16 -89.93 55.33
C SER C 389 54.42 -91.40 55.62
N LEU C 390 54.47 -92.23 54.58
CA LEU C 390 54.77 -93.64 54.78
C LEU C 390 56.17 -93.84 55.32
N LEU C 391 57.12 -93.03 54.87
CA LEU C 391 58.52 -93.17 55.28
C LEU C 391 58.70 -92.85 56.76
N ALA D 2 25.81 -91.19 62.50
CA ALA D 2 26.84 -91.96 61.82
C ALA D 2 27.53 -91.12 60.76
N GLN D 3 28.79 -91.44 60.48
CA GLN D 3 29.57 -90.73 59.48
C GLN D 3 29.82 -91.62 58.27
N VAL D 4 29.57 -91.09 57.09
CA VAL D 4 29.66 -91.82 55.84
C VAL D 4 30.45 -90.98 54.84
N ILE D 5 31.32 -91.63 54.08
CA ILE D 5 32.04 -90.94 53.01
C ILE D 5 31.73 -91.50 51.62
N ASN D 6 31.32 -92.75 51.49
CA ASN D 6 31.07 -93.31 50.17
C ASN D 6 29.91 -92.61 49.48
N THR D 7 28.86 -92.26 50.23
CA THR D 7 27.72 -91.53 49.71
C THR D 7 27.50 -90.27 50.52
N ASN D 8 27.34 -89.16 49.82
CA ASN D 8 27.09 -87.88 50.43
C ASN D 8 25.73 -87.43 49.95
N THR D 9 24.70 -87.80 50.71
CA THR D 9 23.33 -87.52 50.34
C THR D 9 23.00 -86.05 50.22
N MET D 10 23.52 -85.23 51.12
CA MET D 10 23.24 -83.81 51.04
C MET D 10 23.78 -83.24 49.75
N SER D 11 25.00 -83.65 49.40
CA SER D 11 25.62 -83.21 48.17
C SER D 11 24.83 -83.70 46.96
N LEU D 12 24.33 -84.93 47.06
CA LEU D 12 23.54 -85.52 45.99
C LEU D 12 22.28 -84.72 45.74
N ASN D 13 21.64 -84.26 46.81
CA ASN D 13 20.45 -83.46 46.69
C ASN D 13 20.62 -82.15 45.92
N ALA D 14 21.26 -81.20 46.59
CA ALA D 14 21.61 -79.84 46.21
C ALA D 14 21.78 -79.70 44.71
N GLN D 15 22.38 -80.71 44.07
CA GLN D 15 22.55 -80.66 42.62
C GLN D 15 21.21 -80.63 41.91
N ARG D 16 20.27 -81.47 42.35
CA ARG D 16 18.95 -81.50 41.73
C ARG D 16 18.25 -80.16 41.91
N ASN D 17 18.35 -79.58 43.10
CA ASN D 17 17.74 -78.27 43.34
C ASN D 17 18.32 -77.22 42.41
N LEU D 18 19.65 -77.21 42.25
CA LEU D 18 20.28 -76.23 41.39
C LEU D 18 19.83 -76.38 39.94
N SER D 19 19.73 -77.62 39.46
CA SER D 19 19.28 -77.84 38.09
C SER D 19 17.85 -77.36 37.91
N THR D 20 16.98 -77.65 38.88
CA THR D 20 15.60 -77.20 38.80
C THR D 20 15.52 -75.69 38.73
N SER D 21 16.30 -75.00 39.57
CA SER D 21 16.28 -73.54 39.54
C SER D 21 16.81 -73.00 38.22
N GLY D 22 17.83 -73.64 37.67
CA GLY D 22 18.41 -73.16 36.43
C GLY D 22 17.65 -73.48 35.17
N SER D 23 16.66 -74.36 35.27
CA SER D 23 15.90 -74.72 34.07
C SER D 23 15.20 -73.52 33.44
N SER D 24 14.61 -72.64 34.26
CA SER D 24 13.72 -71.61 33.74
C SER D 24 14.43 -70.35 33.25
N LEU D 25 15.69 -70.17 33.64
CA LEU D 25 16.40 -68.95 33.26
C LEU D 25 16.59 -68.87 31.76
N ALA D 26 16.84 -70.01 31.12
CA ALA D 26 17.05 -70.03 29.68
C ALA D 26 15.83 -69.53 28.92
N THR D 27 14.65 -70.07 29.24
CA THR D 27 13.45 -69.65 28.54
C THR D 27 13.09 -68.20 28.86
N THR D 28 13.35 -67.75 30.09
CA THR D 28 13.12 -66.34 30.39
C THR D 28 13.96 -65.45 29.49
N ILE D 29 15.26 -65.74 29.39
CA ILE D 29 16.14 -64.91 28.58
C ILE D 29 15.71 -64.94 27.12
N GLN D 30 15.36 -66.13 26.61
CA GLN D 30 15.01 -66.26 25.21
C GLN D 30 13.78 -65.45 24.86
N ARG D 31 12.72 -65.54 25.68
CA ARG D 31 11.50 -64.81 25.37
C ARG D 31 11.65 -63.33 25.69
N LEU D 32 12.65 -62.95 26.49
CA LEU D 32 12.92 -61.54 26.70
C LEU D 32 13.68 -60.95 25.51
N SER D 33 14.50 -61.77 24.85
CA SER D 33 15.28 -61.26 23.72
C SER D 33 14.46 -61.22 22.44
N SER D 34 13.70 -62.26 22.14
CA SER D 34 12.97 -62.29 20.87
C SER D 34 11.82 -61.29 20.86
N GLY D 35 11.33 -60.92 22.03
CA GLY D 35 10.22 -60.00 22.13
C GLY D 35 8.84 -60.62 21.98
N SER D 36 8.76 -61.95 21.89
CA SER D 36 7.52 -62.64 21.63
C SER D 36 7.35 -63.77 22.64
N ARG D 37 6.13 -63.95 23.12
CA ARG D 37 5.83 -64.92 24.17
C ARG D 37 5.78 -66.35 23.67
N ILE D 38 5.36 -66.59 22.43
CA ILE D 38 5.27 -67.93 21.86
C ILE D 38 6.31 -68.04 20.77
N ASN D 39 7.32 -68.88 20.99
CA ASN D 39 8.33 -69.16 19.99
C ASN D 39 8.28 -70.59 19.47
N SER D 40 7.51 -71.47 20.10
CA SER D 40 7.36 -72.84 19.62
C SER D 40 6.05 -73.38 20.15
N ALA D 41 5.66 -74.54 19.62
CA ALA D 41 4.42 -75.17 20.06
C ALA D 41 4.51 -75.73 21.46
N LYS D 42 5.70 -75.73 22.06
CA LYS D 42 5.85 -76.20 23.43
C LYS D 42 5.08 -75.32 24.41
N ASP D 43 5.06 -74.01 24.16
CA ASP D 43 4.44 -73.08 25.10
C ASP D 43 2.91 -73.09 25.01
N ASP D 44 2.36 -73.27 23.81
CA ASP D 44 0.92 -73.20 23.60
C ASP D 44 0.53 -74.12 22.47
N ALA D 45 -0.74 -74.49 22.43
CA ALA D 45 -1.24 -75.44 21.45
C ALA D 45 -2.29 -74.86 20.50
N ALA D 46 -3.03 -73.83 20.93
CA ALA D 46 -4.02 -73.19 20.07
C ALA D 46 -3.71 -71.74 19.76
N GLY D 47 -2.95 -71.07 20.62
CA GLY D 47 -2.65 -69.66 20.40
C GLY D 47 -1.87 -69.45 19.12
N LEU D 48 -0.97 -70.37 18.79
CA LEU D 48 -0.20 -70.21 17.56
C LEU D 48 -1.10 -70.38 16.34
N ALA D 49 -1.97 -71.39 16.33
CA ALA D 49 -2.86 -71.55 15.19
C ALA D 49 -3.69 -70.29 15.00
N ILE D 50 -4.22 -69.74 16.10
CA ILE D 50 -5.00 -68.52 15.99
C ILE D 50 -4.15 -67.35 15.48
N SER D 51 -2.90 -67.27 15.90
CA SER D 51 -2.07 -66.14 15.48
C SER D 51 -1.71 -66.20 13.99
N GLU D 52 -1.39 -67.40 13.48
CA GLU D 52 -1.23 -67.56 12.02
C GLU D 52 -2.51 -67.21 11.25
N ARG D 53 -3.68 -67.62 11.75
CA ARG D 53 -4.90 -67.22 11.04
C ARG D 53 -5.04 -65.69 10.99
N PHE D 54 -4.75 -65.03 12.10
CA PHE D 54 -4.82 -63.57 12.10
C PHE D 54 -3.80 -62.97 11.14
N GLY D 55 -2.61 -63.55 11.07
CA GLY D 55 -1.60 -63.06 10.14
C GLY D 55 -2.06 -63.16 8.70
N THR D 56 -2.64 -64.30 8.33
CA THR D 56 -3.15 -64.46 6.97
C THR D 56 -4.23 -63.44 6.67
N GLN D 57 -5.13 -63.19 7.63
CA GLN D 57 -6.18 -62.20 7.39
C GLN D 57 -5.60 -60.81 7.14
N ILE D 58 -4.63 -60.39 7.95
CA ILE D 58 -4.06 -59.05 7.77
C ILE D 58 -3.38 -58.93 6.41
N ARG D 59 -2.58 -59.95 6.06
CA ARG D 59 -1.86 -59.90 4.79
C ARG D 59 -2.80 -59.89 3.61
N GLY D 60 -3.94 -60.59 3.69
CA GLY D 60 -4.94 -60.46 2.64
C GLY D 60 -5.54 -59.07 2.57
N THR D 61 -5.79 -58.47 3.73
CA THR D 61 -6.47 -57.19 3.77
C THR D 61 -5.70 -56.10 3.03
N ASP D 62 -4.37 -56.08 3.19
CA ASP D 62 -3.61 -55.00 2.56
C ASP D 62 -3.68 -55.05 1.02
N VAL D 63 -3.50 -56.25 0.44
CA VAL D 63 -3.60 -56.34 -1.01
C VAL D 63 -5.02 -56.06 -1.47
N ALA D 64 -6.02 -56.38 -0.64
CA ALA D 64 -7.39 -56.02 -1.02
C ALA D 64 -7.54 -54.51 -1.16
N ILE D 65 -6.94 -53.76 -0.24
CA ILE D 65 -6.96 -52.30 -0.33
C ILE D 65 -6.37 -51.85 -1.67
N ARG D 66 -5.23 -52.43 -2.03
CA ARG D 66 -4.59 -52.03 -3.29
C ARG D 66 -5.51 -52.29 -4.49
N ASN D 67 -6.16 -53.46 -4.53
CA ASN D 67 -7.02 -53.78 -5.66
C ASN D 67 -8.19 -52.80 -5.77
N ALA D 68 -8.78 -52.43 -4.64
CA ALA D 68 -9.87 -51.46 -4.68
C ALA D 68 -9.41 -50.13 -5.25
N ASN D 69 -8.21 -49.69 -4.87
CA ASN D 69 -7.70 -48.43 -5.42
C ASN D 69 -7.55 -48.50 -6.94
N ASP D 70 -7.07 -49.65 -7.45
CA ASP D 70 -6.96 -49.79 -8.90
C ASP D 70 -8.33 -49.67 -9.58
N GLY D 71 -9.36 -50.27 -8.99
CA GLY D 71 -10.69 -50.10 -9.56
C GLY D 71 -11.11 -48.64 -9.64
N ILE D 72 -10.82 -47.88 -8.59
CA ILE D 72 -11.12 -46.44 -8.62
C ILE D 72 -10.43 -45.77 -9.79
N SER D 73 -9.16 -46.11 -10.02
CA SER D 73 -8.42 -45.48 -11.12
C SER D 73 -9.06 -45.76 -12.47
N LEU D 74 -9.48 -47.01 -12.69
CA LEU D 74 -10.12 -47.35 -13.96
C LEU D 74 -11.36 -46.50 -14.20
N ALA D 75 -12.21 -46.38 -13.17
CA ALA D 75 -13.42 -45.59 -13.32
C ALA D 75 -13.09 -44.14 -13.67
N GLN D 76 -12.06 -43.59 -13.03
CA GLN D 76 -11.66 -42.21 -13.30
C GLN D 76 -11.30 -42.02 -14.76
N VAL D 77 -10.49 -42.92 -15.32
CA VAL D 77 -10.07 -42.78 -16.71
C VAL D 77 -11.28 -42.80 -17.65
N ALA D 78 -12.19 -43.75 -17.43
CA ALA D 78 -13.34 -43.86 -18.32
C ALA D 78 -14.16 -42.57 -18.34
N GLU D 79 -14.44 -42.03 -17.15
CA GLU D 79 -15.22 -40.78 -17.09
C GLU D 79 -14.47 -39.65 -17.79
N GLY D 80 -13.15 -39.62 -17.63
CA GLY D 80 -12.37 -38.58 -18.27
C GLY D 80 -12.53 -38.54 -19.78
N SER D 81 -12.62 -39.71 -20.41
CA SER D 81 -12.83 -39.69 -21.87
C SER D 81 -14.27 -39.33 -22.24
N LEU D 82 -15.24 -39.84 -21.47
CA LEU D 82 -16.63 -39.56 -21.81
C LEU D 82 -16.94 -38.08 -21.80
N THR D 83 -16.31 -37.31 -20.91
CA THR D 83 -16.61 -35.88 -20.86
C THR D 83 -16.29 -35.18 -22.17
N GLU D 84 -15.18 -35.56 -22.81
CA GLU D 84 -14.78 -34.90 -24.05
C GLU D 84 -15.72 -35.31 -25.19
N ILE D 85 -16.12 -36.58 -25.20
CA ILE D 85 -17.11 -36.98 -26.21
C ILE D 85 -18.34 -36.10 -26.11
N GLY D 86 -18.81 -35.86 -24.87
CA GLY D 86 -20.00 -35.05 -24.69
C GLY D 86 -19.83 -33.62 -25.16
N ASN D 87 -18.68 -33.02 -24.87
CA ASN D 87 -18.45 -31.64 -25.31
C ASN D 87 -18.52 -31.52 -26.83
N ASN D 88 -17.89 -32.46 -27.53
CA ASN D 88 -17.92 -32.40 -28.99
C ASN D 88 -19.34 -32.52 -29.53
N LEU D 89 -20.13 -33.43 -28.95
CA LEU D 89 -21.51 -33.57 -29.39
C LEU D 89 -22.30 -32.26 -29.20
N GLN D 90 -22.08 -31.61 -28.06
CA GLN D 90 -22.76 -30.34 -27.81
C GLN D 90 -22.43 -29.32 -28.88
N ARG D 91 -21.15 -29.23 -29.26
CA ARG D 91 -20.75 -28.30 -30.31
C ARG D 91 -21.44 -28.61 -31.63
N VAL D 92 -21.52 -29.89 -31.98
CA VAL D 92 -22.18 -30.26 -33.24
C VAL D 92 -23.63 -29.80 -33.24
N ARG D 93 -24.34 -30.02 -32.14
CA ARG D 93 -25.74 -29.60 -32.08
C ARG D 93 -25.88 -28.10 -32.22
N GLU D 94 -25.01 -27.34 -31.54
CA GLU D 94 -25.06 -25.88 -31.64
C GLU D 94 -24.82 -25.42 -33.08
N LEU D 95 -23.94 -26.12 -33.79
CA LEU D 95 -23.70 -25.78 -35.19
C LEU D 95 -24.92 -26.11 -36.05
N SER D 96 -25.59 -27.22 -35.76
CA SER D 96 -26.68 -27.71 -36.60
C SER D 96 -28.00 -26.99 -36.39
N VAL D 97 -28.19 -26.32 -35.25
CA VAL D 97 -29.44 -25.56 -35.09
C VAL D 97 -29.48 -24.39 -36.06
N GLN D 98 -28.33 -23.84 -36.39
CA GLN D 98 -28.21 -22.94 -37.54
C GLN D 98 -28.44 -23.76 -38.80
N ALA D 99 -28.17 -23.17 -39.97
CA ALA D 99 -28.24 -23.90 -41.23
C ALA D 99 -29.64 -24.40 -41.53
N SER D 100 -30.58 -24.14 -40.64
CA SER D 100 -31.99 -24.44 -40.88
C SER D 100 -32.81 -23.18 -41.09
N ASN D 101 -32.17 -22.03 -41.20
CA ASN D 101 -32.86 -20.78 -41.48
C ASN D 101 -33.22 -20.74 -42.96
N ALA D 102 -33.66 -19.58 -43.44
CA ALA D 102 -34.08 -19.44 -44.83
C ALA D 102 -33.19 -18.54 -45.66
N THR D 103 -32.31 -17.75 -45.03
CA THR D 103 -31.47 -16.82 -45.75
C THR D 103 -30.14 -17.43 -46.20
N ASN D 104 -29.91 -18.71 -45.91
CA ASN D 104 -28.66 -19.34 -46.30
C ASN D 104 -28.75 -19.85 -47.73
N SER D 105 -27.59 -20.17 -48.30
CA SER D 105 -27.48 -20.73 -49.64
C SER D 105 -26.77 -22.07 -49.55
N ALA D 106 -26.59 -22.72 -50.71
CA ALA D 106 -25.97 -24.04 -50.72
C ALA D 106 -24.51 -23.98 -50.27
N SER D 107 -23.79 -22.93 -50.66
CA SER D 107 -22.38 -22.81 -50.30
C SER D 107 -22.19 -22.75 -48.79
N ASP D 108 -23.04 -21.99 -48.09
CA ASP D 108 -22.93 -21.90 -46.64
C ASP D 108 -23.20 -23.24 -45.99
N ARG D 109 -24.16 -24.00 -46.51
CA ARG D 109 -24.43 -25.32 -45.98
C ARG D 109 -23.22 -26.24 -46.17
N LYS D 110 -22.55 -26.15 -47.31
CA LYS D 110 -21.31 -26.91 -47.48
C LYS D 110 -20.25 -26.49 -46.48
N ALA D 111 -20.13 -25.18 -46.24
CA ALA D 111 -19.14 -24.68 -45.29
C ALA D 111 -19.37 -25.23 -43.90
N LEU D 112 -20.64 -25.35 -43.48
CA LEU D 112 -20.93 -25.93 -42.18
C LEU D 112 -20.70 -27.44 -42.19
N GLN D 113 -21.06 -28.11 -43.28
CA GLN D 113 -20.93 -29.56 -43.35
C GLN D 113 -19.48 -30.00 -43.21
N ALA D 114 -18.54 -29.19 -43.71
CA ALA D 114 -17.12 -29.53 -43.54
C ALA D 114 -16.77 -29.72 -42.07
N GLU D 115 -17.10 -28.74 -41.24
CA GLU D 115 -16.75 -28.82 -39.82
C GLU D 115 -17.52 -29.93 -39.13
N VAL D 116 -18.77 -30.16 -39.53
CA VAL D 116 -19.51 -31.27 -38.93
C VAL D 116 -18.80 -32.59 -39.19
N THR D 117 -18.33 -32.80 -40.42
CA THR D 117 -17.62 -34.04 -40.73
C THR D 117 -16.35 -34.18 -39.89
N GLN D 118 -15.61 -33.09 -39.74
CA GLN D 118 -14.39 -33.15 -38.93
C GLN D 118 -14.70 -33.55 -37.48
N LEU D 119 -15.72 -32.93 -36.88
CA LEU D 119 -16.03 -33.24 -35.49
C LEU D 119 -16.49 -34.69 -35.33
N VAL D 120 -17.28 -35.20 -36.28
CA VAL D 120 -17.72 -36.59 -36.19
C VAL D 120 -16.53 -37.54 -36.25
N SER D 121 -15.59 -37.27 -37.15
CA SER D 121 -14.40 -38.12 -37.22
C SER D 121 -13.63 -38.11 -35.90
N GLU D 122 -13.52 -36.94 -35.27
CA GLU D 122 -12.82 -36.88 -33.99
C GLU D 122 -13.51 -37.72 -32.92
N ILE D 123 -14.84 -37.63 -32.85
CA ILE D 123 -15.58 -38.42 -31.88
C ILE D 123 -15.30 -39.90 -32.06
N ASP D 124 -15.38 -40.36 -33.31
CA ASP D 124 -15.15 -41.78 -33.57
C ASP D 124 -13.75 -42.21 -33.17
N ARG D 125 -12.74 -41.40 -33.50
CA ARG D 125 -11.37 -41.79 -33.19
C ARG D 125 -11.15 -41.90 -31.69
N VAL D 126 -11.63 -40.91 -30.93
CA VAL D 126 -11.45 -40.98 -29.48
C VAL D 126 -12.15 -42.19 -28.91
N ALA D 127 -13.38 -42.48 -29.38
CA ALA D 127 -14.09 -43.64 -28.86
C ALA D 127 -13.37 -44.94 -29.15
N LYS D 128 -12.75 -45.05 -30.33
CA LYS D 128 -12.10 -46.30 -30.71
C LYS D 128 -10.67 -46.44 -30.19
N GLN D 129 -10.08 -45.39 -29.63
CA GLN D 129 -8.67 -45.46 -29.23
C GLN D 129 -8.47 -45.13 -27.76
N SER D 130 -9.30 -45.66 -26.88
CA SER D 130 -9.22 -45.38 -25.45
C SER D 130 -9.08 -46.69 -24.68
N ASP D 131 -8.07 -46.76 -23.82
CA ASP D 131 -7.82 -47.98 -23.08
C ASP D 131 -7.05 -47.71 -21.79
N PHE D 132 -7.05 -48.71 -20.91
CA PHE D 132 -6.37 -48.65 -19.62
C PHE D 132 -5.62 -49.96 -19.44
N ASN D 133 -4.29 -49.88 -19.51
CA ASN D 133 -3.42 -51.05 -19.37
C ASN D 133 -3.73 -52.12 -20.42
N GLY D 134 -3.99 -51.69 -21.65
CA GLY D 134 -4.21 -52.62 -22.74
C GLY D 134 -5.61 -53.17 -22.84
N THR D 135 -6.59 -52.59 -22.15
CA THR D 135 -7.97 -53.04 -22.18
C THR D 135 -8.84 -51.93 -22.74
N LYS D 136 -9.40 -52.15 -23.93
CA LYS D 136 -10.25 -51.14 -24.54
C LYS D 136 -11.58 -51.05 -23.78
N LEU D 137 -12.03 -49.82 -23.53
CA LEU D 137 -13.22 -49.58 -22.71
C LEU D 137 -14.45 -49.26 -23.54
N LEU D 138 -14.39 -48.23 -24.37
CA LEU D 138 -15.57 -47.73 -25.08
C LEU D 138 -15.62 -48.25 -26.52
N ASP D 139 -15.78 -49.55 -26.68
CA ASP D 139 -16.15 -50.08 -27.99
C ASP D 139 -17.07 -51.29 -27.90
N GLY D 140 -17.65 -51.57 -26.75
CA GLY D 140 -18.64 -52.62 -26.66
C GLY D 140 -18.12 -54.01 -26.39
N THR D 141 -16.83 -54.17 -26.10
CA THR D 141 -16.26 -55.47 -25.77
C THR D 141 -15.97 -55.62 -24.29
N PHE D 142 -16.40 -54.68 -23.46
CA PHE D 142 -16.12 -54.72 -22.03
C PHE D 142 -17.14 -55.63 -21.36
N SER D 143 -16.74 -56.87 -21.11
CA SER D 143 -17.62 -57.86 -20.49
C SER D 143 -17.57 -57.71 -18.97
N SER D 144 -18.08 -58.71 -18.25
CA SER D 144 -18.06 -58.67 -16.80
C SER D 144 -16.63 -58.84 -16.28
N GLN D 145 -16.26 -57.99 -15.33
CA GLN D 145 -14.94 -58.00 -14.72
C GLN D 145 -15.06 -58.12 -13.21
N LEU D 146 -14.22 -58.95 -12.61
CA LEU D 146 -14.27 -59.23 -11.18
C LEU D 146 -13.08 -58.60 -10.46
N PHE D 147 -13.35 -57.93 -9.35
CA PHE D 147 -12.33 -57.32 -8.52
C PHE D 147 -12.35 -57.97 -7.14
N GLN D 148 -11.18 -58.35 -6.64
CA GLN D 148 -11.06 -59.08 -5.37
C GLN D 148 -10.92 -58.08 -4.23
N VAL D 149 -11.92 -58.04 -3.35
CA VAL D 149 -11.94 -57.09 -2.25
C VAL D 149 -12.10 -57.82 -0.92
N GLY D 150 -11.48 -58.99 -0.80
CA GLY D 150 -11.49 -59.75 0.43
C GLY D 150 -10.27 -60.64 0.49
N ALA D 151 -10.12 -61.33 1.61
CA ALA D 151 -8.97 -62.22 1.81
C ALA D 151 -9.33 -63.69 1.62
N ASN D 152 -10.51 -64.00 1.10
CA ASN D 152 -10.98 -65.38 0.99
C ASN D 152 -11.53 -65.63 -0.40
N ALA D 153 -11.65 -66.90 -0.75
CA ALA D 153 -12.11 -67.28 -2.07
C ALA D 153 -13.59 -66.98 -2.24
N GLY D 154 -13.93 -66.29 -3.32
CA GLY D 154 -15.32 -66.00 -3.64
C GLY D 154 -15.83 -64.64 -3.22
N GLN D 155 -15.01 -63.81 -2.59
CA GLN D 155 -15.44 -62.48 -2.17
C GLN D 155 -14.99 -61.47 -3.22
N ALA D 156 -15.89 -61.16 -4.15
CA ALA D 156 -15.55 -60.28 -5.26
C ALA D 156 -16.80 -59.57 -5.74
N ILE D 157 -16.63 -58.36 -6.26
CA ILE D 157 -17.71 -57.61 -6.86
C ILE D 157 -17.39 -57.41 -8.33
N ALA D 158 -18.41 -57.10 -9.11
CA ALA D 158 -18.29 -57.11 -10.56
C ALA D 158 -18.78 -55.81 -11.17
N ILE D 159 -18.27 -55.52 -12.36
CA ILE D 159 -18.74 -54.43 -13.21
C ILE D 159 -19.27 -55.03 -14.48
N ASP D 160 -20.50 -54.67 -14.85
CA ASP D 160 -21.13 -55.33 -15.99
C ASP D 160 -20.70 -54.73 -17.32
N LYS D 161 -20.97 -53.46 -17.55
CA LYS D 161 -20.69 -52.87 -18.84
C LYS D 161 -20.73 -51.36 -18.74
N THR D 162 -19.94 -50.68 -19.57
CA THR D 162 -19.99 -49.22 -19.57
C THR D 162 -20.90 -48.67 -20.65
N ILE D 163 -20.50 -48.83 -21.91
CA ILE D 163 -21.26 -48.30 -23.04
C ILE D 163 -20.65 -48.83 -24.33
N ASP D 164 -21.41 -48.74 -25.42
CA ASP D 164 -20.87 -48.90 -26.78
C ASP D 164 -21.03 -47.56 -27.48
N ALA D 165 -19.92 -46.84 -27.69
CA ALA D 165 -19.97 -45.45 -28.11
C ALA D 165 -19.26 -45.20 -29.43
N LYS D 166 -19.28 -46.16 -30.35
CA LYS D 166 -18.77 -45.91 -31.68
C LYS D 166 -19.77 -45.06 -32.47
N ALA D 167 -19.25 -44.28 -33.41
CA ALA D 167 -20.10 -43.39 -34.20
C ALA D 167 -21.07 -44.16 -35.08
N GLY D 168 -20.83 -45.44 -35.31
CA GLY D 168 -21.75 -46.24 -36.09
C GLY D 168 -22.92 -46.80 -35.34
N SER D 169 -22.96 -46.65 -34.02
CA SER D 169 -24.04 -47.18 -33.21
C SER D 169 -24.38 -46.23 -32.07
N LEU D 170 -24.56 -44.95 -32.37
CA LEU D 170 -24.91 -43.95 -31.37
C LEU D 170 -26.16 -43.21 -31.80
N GLY D 171 -27.14 -43.13 -30.91
CA GLY D 171 -28.34 -42.36 -31.15
C GLY D 171 -29.22 -42.83 -32.30
N THR D 172 -29.50 -44.13 -32.35
CA THR D 172 -30.34 -44.66 -33.41
C THR D 172 -31.76 -44.11 -33.31
N SER D 173 -32.40 -43.92 -34.47
CA SER D 173 -33.75 -43.38 -34.53
C SER D 173 -34.41 -43.81 -35.83
N THR D 174 -35.73 -43.62 -35.89
CA THR D 174 -36.51 -43.89 -37.10
C THR D 174 -37.46 -42.74 -37.35
N PHE D 175 -37.63 -42.39 -38.62
CA PHE D 175 -38.53 -41.32 -39.04
C PHE D 175 -39.50 -41.87 -40.08
N ALA D 176 -40.79 -41.65 -39.88
CA ALA D 176 -41.80 -42.11 -40.81
C ALA D 176 -41.81 -41.20 -42.05
N THR D 177 -41.79 -41.80 -43.22
CA THR D 177 -41.70 -41.06 -44.47
C THR D 177 -42.25 -41.92 -45.59
N GLY D 178 -42.73 -41.27 -46.64
CA GLY D 178 -43.14 -41.99 -47.83
C GLY D 178 -44.56 -41.68 -48.24
N ALA D 179 -45.09 -40.58 -47.74
CA ALA D 179 -46.45 -40.20 -48.06
C ALA D 179 -46.59 -39.87 -49.53
N THR D 180 -47.81 -39.99 -50.03
CA THR D 180 -48.11 -39.66 -51.41
C THR D 180 -49.55 -39.18 -51.49
N ALA D 181 -49.82 -38.31 -52.46
CA ALA D 181 -51.16 -37.77 -52.68
C ALA D 181 -51.79 -38.21 -53.99
N ALA D 182 -51.01 -38.35 -55.06
CA ALA D 182 -51.52 -38.74 -56.38
C ALA D 182 -52.61 -37.78 -56.86
N LEU D 183 -52.39 -36.48 -56.65
CA LEU D 183 -53.34 -35.46 -57.07
C LEU D 183 -53.03 -35.01 -58.49
N ALA D 184 -54.04 -35.02 -59.35
CA ALA D 184 -53.87 -34.64 -60.74
C ALA D 184 -55.04 -33.82 -61.27
N ALA D 185 -55.70 -33.07 -60.40
CA ALA D 185 -56.84 -32.27 -60.83
C ALA D 185 -56.40 -31.12 -61.72
N SER D 186 -57.31 -30.66 -62.56
CA SER D 186 -57.01 -29.60 -63.52
C SER D 186 -58.30 -28.82 -63.79
N THR D 187 -58.30 -28.06 -64.89
CA THR D 187 -59.43 -27.28 -65.37
C THR D 187 -59.74 -26.16 -64.37
N ASP D 188 -60.98 -26.04 -63.91
CA ASP D 188 -61.40 -24.86 -63.18
C ASP D 188 -60.93 -24.92 -61.73
N GLY D 189 -61.14 -23.81 -61.02
CA GLY D 189 -60.65 -23.70 -59.66
C GLY D 189 -61.45 -24.54 -58.69
N ALA D 190 -60.85 -24.73 -57.52
CA ALA D 190 -61.44 -25.58 -56.48
C ALA D 190 -60.93 -25.15 -55.13
N ARG D 191 -61.57 -25.66 -54.08
CA ARG D 191 -61.18 -25.40 -52.71
C ARG D 191 -60.85 -26.70 -52.02
N PHE D 192 -59.79 -26.67 -51.21
CA PHE D 192 -59.32 -27.86 -50.51
C PHE D 192 -59.47 -27.66 -49.01
N SER D 193 -59.96 -28.70 -48.32
CA SER D 193 -60.18 -28.66 -46.89
C SER D 193 -59.60 -29.93 -46.27
N GLY D 194 -59.83 -30.13 -44.99
CA GLY D 194 -59.47 -31.36 -44.32
C GLY D 194 -58.52 -31.12 -43.16
N THR D 195 -58.17 -32.23 -42.51
CA THR D 195 -57.32 -32.21 -41.33
C THR D 195 -56.14 -33.15 -41.51
N VAL D 196 -54.99 -32.75 -40.96
CA VAL D 196 -53.78 -33.55 -40.99
C VAL D 196 -53.38 -33.86 -39.56
N MET D 197 -53.31 -35.14 -39.23
CA MET D 197 -52.95 -35.59 -37.88
C MET D 197 -53.84 -34.95 -36.82
N GLY D 198 -55.12 -34.80 -37.15
CA GLY D 198 -56.07 -34.23 -36.21
C GLY D 198 -55.99 -32.73 -36.04
N VAL D 199 -55.41 -32.02 -37.00
CA VAL D 199 -55.27 -30.56 -36.94
C VAL D 199 -55.88 -29.98 -38.20
N ASP D 200 -56.80 -29.03 -38.03
CA ASP D 200 -57.41 -28.37 -39.18
C ASP D 200 -56.39 -27.49 -39.88
N ILE D 201 -56.51 -27.39 -41.21
CA ILE D 201 -55.55 -26.64 -42.01
C ILE D 201 -56.23 -25.53 -42.81
N GLY D 202 -57.45 -25.17 -42.45
CA GLY D 202 -58.10 -24.08 -43.16
C GLY D 202 -58.49 -24.49 -44.57
N THR D 203 -58.64 -23.47 -45.43
CA THR D 203 -59.03 -23.69 -46.82
C THR D 203 -58.15 -22.85 -47.74
N VAL D 204 -58.07 -23.29 -49.00
CA VAL D 204 -57.28 -22.61 -50.02
C VAL D 204 -58.13 -22.46 -51.28
N GLU D 205 -57.63 -21.65 -52.21
CA GLU D 205 -58.33 -21.37 -53.45
C GLU D 205 -57.32 -21.29 -54.59
N VAL D 206 -57.76 -21.67 -55.79
CA VAL D 206 -56.91 -21.62 -56.97
C VAL D 206 -57.70 -20.98 -58.10
N LYS D 207 -56.99 -20.44 -59.09
CA LYS D 207 -57.62 -19.71 -60.18
C LYS D 207 -58.31 -20.67 -61.15
N ALA D 208 -59.11 -20.08 -62.05
CA ALA D 208 -59.83 -20.87 -63.03
C ALA D 208 -58.88 -21.55 -64.00
N GLY D 209 -57.84 -20.85 -64.44
CA GLY D 209 -56.85 -21.44 -65.31
C GLY D 209 -55.77 -22.17 -64.54
N ALA D 210 -56.16 -23.21 -63.81
CA ALA D 210 -55.25 -23.90 -62.91
C ALA D 210 -54.60 -25.10 -63.58
N THR D 211 -53.47 -25.52 -63.01
CA THR D 211 -52.75 -26.70 -63.46
C THR D 211 -52.39 -27.51 -62.22
N THR D 212 -51.87 -28.71 -62.43
CA THR D 212 -51.47 -29.55 -61.30
C THR D 212 -50.40 -28.85 -60.46
N ALA D 213 -49.41 -28.24 -61.12
CA ALA D 213 -48.38 -27.51 -60.39
C ALA D 213 -48.95 -26.31 -59.66
N ASP D 214 -50.03 -25.72 -60.18
CA ASP D 214 -50.62 -24.55 -59.54
C ASP D 214 -51.25 -24.91 -58.20
N ALA D 215 -51.91 -26.06 -58.11
CA ALA D 215 -52.58 -26.46 -56.88
C ALA D 215 -51.68 -27.21 -55.92
N SER D 216 -50.70 -27.95 -56.44
CA SER D 216 -49.81 -28.70 -55.56
C SER D 216 -49.03 -27.78 -54.63
N LYS D 217 -48.51 -26.68 -55.17
CA LYS D 217 -47.73 -25.76 -54.34
C LYS D 217 -48.62 -25.06 -53.31
N ALA D 218 -49.87 -24.77 -53.68
CA ALA D 218 -50.77 -24.14 -52.71
C ALA D 218 -51.07 -25.09 -51.56
N VAL D 219 -51.33 -26.37 -51.87
CA VAL D 219 -51.59 -27.34 -50.81
C VAL D 219 -50.35 -27.52 -49.94
N ALA D 220 -49.16 -27.54 -50.56
CA ALA D 220 -47.94 -27.65 -49.79
C ALA D 220 -47.76 -26.48 -48.84
N THR D 221 -48.04 -25.26 -49.30
CA THR D 221 -47.94 -24.11 -48.42
C THR D 221 -48.93 -24.20 -47.26
N ALA D 222 -50.17 -24.60 -47.56
CA ALA D 222 -51.18 -24.71 -46.51
C ALA D 222 -50.76 -25.73 -45.45
N ILE D 223 -50.19 -26.86 -45.89
CA ILE D 223 -49.74 -27.86 -44.94
C ILE D 223 -48.57 -27.34 -44.12
N ASN D 224 -47.59 -26.70 -44.78
CA ASN D 224 -46.39 -26.27 -44.08
C ASN D 224 -46.65 -25.11 -43.13
N ALA D 225 -47.75 -24.38 -43.29
CA ALA D 225 -47.99 -23.24 -42.42
C ALA D 225 -48.16 -23.64 -40.96
N LYS D 226 -48.43 -24.92 -40.68
CA LYS D 226 -48.69 -25.40 -39.33
C LYS D 226 -47.74 -26.52 -38.93
N ILE D 227 -46.45 -26.33 -39.17
CA ILE D 227 -45.48 -27.33 -38.75
C ILE D 227 -45.40 -27.39 -37.23
N GLY D 228 -45.78 -26.29 -36.56
CA GLY D 228 -45.60 -26.20 -35.12
C GLY D 228 -46.48 -27.12 -34.31
N GLU D 229 -47.57 -27.60 -34.90
CA GLU D 229 -48.47 -28.52 -34.21
C GLU D 229 -48.54 -29.88 -34.87
N ALA D 230 -48.67 -29.94 -36.20
CA ALA D 230 -48.74 -31.23 -36.88
C ALA D 230 -47.41 -31.95 -36.86
N GLY D 231 -46.30 -31.22 -36.93
CA GLY D 231 -44.99 -31.84 -37.00
C GLY D 231 -44.74 -32.62 -38.29
N ILE D 232 -45.09 -32.04 -39.43
CA ILE D 232 -44.90 -32.67 -40.73
C ILE D 232 -44.38 -31.65 -41.72
N TYR D 233 -43.37 -32.03 -42.49
CA TYR D 233 -42.76 -31.21 -43.53
C TYR D 233 -43.20 -31.71 -44.90
N ALA D 234 -43.63 -30.79 -45.76
CA ALA D 234 -44.22 -31.13 -47.05
C ALA D 234 -43.42 -30.58 -48.20
N GLU D 235 -43.26 -31.38 -49.25
CA GLU D 235 -42.54 -30.99 -50.45
C GLU D 235 -43.42 -31.19 -51.68
N ALA D 236 -43.35 -30.25 -52.61
CA ALA D 236 -44.17 -30.28 -53.81
C ALA D 236 -43.50 -31.10 -54.90
N ASN D 237 -44.31 -31.56 -55.85
CA ASN D 237 -43.83 -32.37 -56.96
C ASN D 237 -44.39 -31.84 -58.27
N SER D 238 -43.63 -32.04 -59.34
CA SER D 238 -43.99 -31.44 -60.63
C SER D 238 -45.30 -32.02 -61.18
N ASP D 239 -45.47 -33.34 -61.11
CA ASP D 239 -46.63 -33.97 -61.72
C ASP D 239 -47.93 -33.63 -61.02
N GLY D 240 -47.87 -33.25 -59.74
CA GLY D 240 -49.07 -32.94 -59.00
C GLY D 240 -49.19 -33.69 -57.70
N THR D 241 -48.28 -34.63 -57.47
CA THR D 241 -48.28 -35.40 -56.23
C THR D 241 -47.56 -34.63 -55.13
N LEU D 242 -47.53 -35.22 -53.94
CA LEU D 242 -46.88 -34.61 -52.78
C LEU D 242 -46.09 -35.65 -52.02
N LYS D 243 -45.10 -35.18 -51.27
CA LYS D 243 -44.28 -36.02 -50.41
C LYS D 243 -44.26 -35.41 -49.02
N LEU D 244 -44.69 -36.16 -48.02
CA LEU D 244 -44.72 -35.68 -46.64
C LEU D 244 -43.71 -36.48 -45.81
N SER D 245 -42.98 -35.78 -44.96
CA SER D 245 -41.99 -36.39 -44.09
C SER D 245 -42.18 -35.87 -42.68
N SER D 246 -41.85 -36.70 -41.70
CA SER D 246 -42.01 -36.35 -40.30
C SER D 246 -40.68 -35.95 -39.70
N VAL D 247 -40.68 -34.88 -38.93
CA VAL D 247 -39.47 -34.38 -38.28
C VAL D 247 -39.44 -34.74 -36.80
N LYS D 248 -40.28 -35.67 -36.36
CA LYS D 248 -40.32 -36.12 -34.98
C LYS D 248 -39.97 -37.60 -34.92
N GLU D 249 -39.06 -37.95 -34.02
CA GLU D 249 -38.56 -39.32 -33.96
C GLU D 249 -39.63 -40.28 -33.48
N GLY D 250 -39.68 -41.45 -34.12
CA GLY D 250 -40.49 -42.55 -33.62
C GLY D 250 -41.97 -42.28 -33.56
N LYS D 251 -42.51 -41.60 -34.55
CA LYS D 251 -43.94 -41.33 -34.62
C LYS D 251 -44.53 -42.04 -35.84
N ALA D 252 -45.67 -42.68 -35.63
CA ALA D 252 -46.32 -43.49 -36.66
C ALA D 252 -47.47 -42.70 -37.27
N VAL D 253 -47.48 -42.58 -38.59
CA VAL D 253 -48.57 -41.96 -39.32
C VAL D 253 -49.19 -43.03 -40.22
N ALA D 254 -50.49 -43.23 -40.08
CA ALA D 254 -51.20 -44.27 -40.81
C ALA D 254 -51.94 -43.67 -42.01
N THR D 255 -52.65 -44.54 -42.73
CA THR D 255 -53.39 -44.09 -43.91
C THR D 255 -54.51 -43.14 -43.54
N ALA D 256 -55.19 -43.40 -42.42
CA ALA D 256 -56.33 -42.59 -42.02
C ALA D 256 -55.94 -41.27 -41.36
N ASP D 257 -54.67 -41.05 -41.07
CA ASP D 257 -54.26 -39.80 -40.44
C ASP D 257 -54.41 -38.62 -41.39
N ILE D 258 -54.33 -38.86 -42.69
CA ILE D 258 -54.52 -37.83 -43.69
C ILE D 258 -55.92 -37.96 -44.25
N ALA D 259 -56.69 -36.88 -44.17
CA ALA D 259 -58.06 -36.85 -44.69
C ALA D 259 -58.27 -35.51 -45.36
N LEU D 260 -58.06 -35.47 -46.68
CA LEU D 260 -58.22 -34.24 -47.45
C LEU D 260 -59.59 -34.24 -48.11
N MET D 261 -60.44 -33.32 -47.68
CA MET D 261 -61.81 -33.23 -48.20
C MET D 261 -61.86 -32.26 -49.37
N ARG D 262 -61.28 -32.68 -50.49
CA ARG D 262 -61.34 -31.89 -51.71
C ARG D 262 -62.79 -31.77 -52.19
N SER D 263 -63.22 -30.54 -52.44
CA SER D 263 -64.60 -30.26 -52.80
C SER D 263 -64.64 -29.05 -53.71
N ASP D 264 -65.86 -28.66 -54.08
CA ASP D 264 -66.09 -27.45 -54.89
C ASP D 264 -65.32 -27.52 -56.21
N TYR D 265 -65.65 -28.53 -57.01
CA TYR D 265 -64.89 -28.80 -58.23
C TYR D 265 -65.00 -27.65 -59.22
N ASP D 266 -66.19 -27.06 -59.35
CA ASP D 266 -66.44 -26.02 -60.33
C ASP D 266 -67.07 -24.81 -59.64
N ALA D 267 -67.26 -23.74 -60.41
CA ALA D 267 -67.82 -22.50 -59.87
C ALA D 267 -68.90 -21.87 -60.74
N THR D 268 -69.24 -22.45 -61.89
CA THR D 268 -70.28 -21.91 -62.76
C THR D 268 -71.61 -22.49 -62.30
N ALA D 269 -72.40 -21.68 -61.58
CA ALA D 269 -73.62 -22.14 -60.93
C ALA D 269 -73.33 -23.38 -60.08
N LYS D 270 -72.22 -23.32 -59.37
CA LYS D 270 -71.63 -24.48 -58.70
C LYS D 270 -70.89 -23.98 -57.46
N THR D 271 -69.93 -24.77 -56.98
CA THR D 271 -69.14 -24.60 -55.75
C THR D 271 -69.93 -25.12 -54.55
N TRP D 272 -71.07 -25.76 -54.79
CA TRP D 272 -71.79 -26.49 -53.75
C TRP D 272 -71.64 -27.98 -54.01
N GLY D 273 -71.30 -28.73 -52.96
CA GLY D 273 -71.02 -30.15 -53.07
C GLY D 273 -69.68 -30.49 -52.46
N THR D 274 -69.50 -31.74 -52.05
CA THR D 274 -68.27 -32.15 -51.39
C THR D 274 -67.86 -33.54 -51.86
N ALA D 275 -66.58 -33.85 -51.66
CA ALA D 275 -66.02 -35.15 -51.97
C ALA D 275 -64.72 -35.31 -51.19
N ALA D 276 -63.97 -36.36 -51.51
CA ALA D 276 -62.68 -36.59 -50.87
C ALA D 276 -61.52 -36.46 -51.85
N ALA D 277 -61.49 -37.30 -52.89
CA ALA D 277 -60.46 -37.26 -53.92
C ALA D 277 -59.05 -37.22 -53.34
N ALA D 278 -58.09 -36.74 -54.14
CA ALA D 278 -56.72 -36.48 -53.70
C ALA D 278 -56.05 -37.71 -53.10
N GLY D 279 -56.54 -38.91 -53.41
CA GLY D 279 -55.95 -40.12 -52.87
C GLY D 279 -56.11 -40.21 -51.37
N ALA D 280 -55.56 -41.25 -50.75
CA ALA D 280 -55.58 -41.36 -49.30
C ALA D 280 -54.20 -41.26 -48.68
N TYR D 281 -53.30 -42.18 -49.03
CA TYR D 281 -51.96 -42.24 -48.45
C TYR D 281 -51.27 -43.45 -49.10
N THR D 282 -49.98 -43.58 -48.87
CA THR D 282 -49.19 -44.69 -49.40
C THR D 282 -48.19 -45.13 -48.34
N ALA D 283 -47.72 -46.37 -48.44
CA ALA D 283 -47.04 -47.05 -47.33
C ALA D 283 -45.54 -47.18 -47.57
N GLY D 284 -44.89 -46.09 -47.94
CA GLY D 284 -43.43 -46.11 -48.05
C GLY D 284 -42.79 -46.46 -46.73
N THR D 285 -41.62 -47.09 -46.81
CA THR D 285 -40.93 -47.56 -45.61
C THR D 285 -40.24 -46.41 -44.89
N ASN D 286 -39.98 -46.62 -43.60
CA ASN D 286 -39.29 -45.65 -42.76
C ASN D 286 -37.79 -45.68 -43.03
N THR D 287 -37.12 -44.58 -42.69
CA THR D 287 -35.69 -44.42 -42.89
C THR D 287 -35.01 -44.32 -41.55
N SER D 288 -34.04 -45.21 -41.29
CA SER D 288 -33.30 -45.22 -40.04
C SER D 288 -32.04 -44.38 -40.16
N ALA D 289 -31.60 -43.85 -39.03
CA ALA D 289 -30.45 -42.96 -39.03
C ALA D 289 -29.73 -43.03 -37.70
N ASN D 290 -28.46 -42.64 -37.71
CA ASN D 290 -27.65 -42.55 -36.50
C ASN D 290 -26.61 -41.46 -36.72
N VAL D 291 -25.63 -41.40 -35.82
CA VAL D 291 -24.71 -40.26 -35.80
C VAL D 291 -23.85 -40.23 -37.06
N GLN D 292 -23.45 -41.40 -37.55
CA GLN D 292 -22.56 -41.43 -38.71
C GLN D 292 -23.20 -40.78 -39.93
N LYS D 293 -24.49 -41.02 -40.14
CA LYS D 293 -25.20 -40.47 -41.29
C LYS D 293 -25.89 -39.17 -40.91
N LEU D 294 -25.07 -38.15 -40.65
CA LEU D 294 -25.55 -36.81 -40.36
C LEU D 294 -25.29 -35.92 -41.56
N ASP D 295 -26.34 -35.25 -42.04
CA ASP D 295 -26.24 -34.34 -43.16
C ASP D 295 -26.87 -33.02 -42.79
N VAL D 296 -26.31 -31.91 -43.28
CA VAL D 296 -26.82 -30.59 -42.99
C VAL D 296 -27.06 -29.77 -44.25
N SER D 297 -26.72 -30.29 -45.43
CA SER D 297 -26.88 -29.53 -46.66
C SER D 297 -28.32 -29.18 -46.98
N THR D 298 -29.29 -29.84 -46.35
CA THR D 298 -30.71 -29.55 -46.53
C THR D 298 -31.34 -29.29 -45.17
N VAL D 299 -32.58 -28.79 -45.19
CA VAL D 299 -33.26 -28.45 -43.94
C VAL D 299 -33.55 -29.71 -43.13
N LEU D 300 -34.09 -30.75 -43.79
CA LEU D 300 -34.48 -31.96 -43.07
C LEU D 300 -33.30 -32.58 -42.36
N GLY D 301 -32.10 -32.49 -42.94
CA GLY D 301 -30.93 -33.02 -42.27
C GLY D 301 -30.72 -32.42 -40.90
N ALA D 302 -30.85 -31.09 -40.81
CA ALA D 302 -30.71 -30.44 -39.51
C ALA D 302 -31.87 -30.78 -38.58
N GLN D 303 -33.09 -30.77 -39.12
CA GLN D 303 -34.26 -31.01 -38.29
C GLN D 303 -34.23 -32.40 -37.68
N GLN D 304 -33.51 -33.34 -38.29
CA GLN D 304 -33.36 -34.66 -37.70
C GLN D 304 -32.05 -34.81 -36.92
N ALA D 305 -31.04 -34.03 -37.27
CA ALA D 305 -29.81 -34.01 -36.49
C ALA D 305 -30.10 -33.62 -35.04
N LEU D 306 -31.04 -32.70 -34.86
CA LEU D 306 -31.38 -32.28 -33.49
C LEU D 306 -31.80 -33.48 -32.63
N GLU D 307 -32.70 -34.31 -33.16
CA GLU D 307 -33.18 -35.46 -32.38
C GLU D 307 -32.08 -36.49 -32.15
N VAL D 308 -31.30 -36.82 -33.18
CA VAL D 308 -30.29 -37.84 -32.96
C VAL D 308 -29.27 -37.36 -31.92
N VAL D 309 -28.94 -36.07 -31.93
CA VAL D 309 -28.00 -35.55 -30.96
C VAL D 309 -28.58 -35.61 -29.56
N ASP D 310 -29.88 -35.30 -29.41
CA ASP D 310 -30.50 -35.40 -28.09
C ASP D 310 -30.39 -36.81 -27.52
N LYS D 311 -30.69 -37.82 -28.35
CA LYS D 311 -30.59 -39.20 -27.86
C LYS D 311 -29.16 -39.54 -27.43
N ALA D 312 -28.18 -39.14 -28.25
CA ALA D 312 -26.79 -39.43 -27.89
C ALA D 312 -26.42 -38.82 -26.55
N LEU D 313 -26.82 -37.56 -26.33
CA LEU D 313 -26.48 -36.89 -25.08
C LEU D 313 -27.10 -37.61 -23.89
N GLY D 314 -28.36 -38.04 -24.03
CA GLY D 314 -28.99 -38.76 -22.94
C GLY D 314 -28.22 -40.01 -22.54
N ALA D 315 -27.82 -40.80 -23.55
CA ALA D 315 -27.08 -42.02 -23.23
C ALA D 315 -25.77 -41.71 -22.52
N ILE D 316 -25.05 -40.69 -22.99
CA ILE D 316 -23.75 -40.36 -22.41
C ILE D 316 -23.92 -39.99 -20.93
N ASN D 317 -24.90 -39.15 -20.63
CA ASN D 317 -25.08 -38.71 -19.25
C ASN D 317 -25.44 -39.87 -18.33
N SER D 318 -26.29 -40.78 -18.81
CA SER D 318 -26.64 -41.93 -17.96
C SER D 318 -25.40 -42.76 -17.62
N THR D 319 -24.54 -43.01 -18.61
CA THR D 319 -23.35 -43.80 -18.33
C THR D 319 -22.46 -43.10 -17.30
N ARG D 320 -22.31 -41.79 -17.42
CA ARG D 320 -21.47 -41.07 -16.45
C ARG D 320 -22.02 -41.21 -15.03
N ALA D 321 -23.35 -41.14 -14.88
CA ALA D 321 -23.93 -41.32 -13.55
C ALA D 321 -23.59 -42.70 -12.99
N ASP D 322 -23.70 -43.74 -13.80
CA ASP D 322 -23.39 -45.08 -13.31
C ASP D 322 -21.95 -45.20 -12.83
N LEU D 323 -21.01 -44.64 -13.60
CA LEU D 323 -19.61 -44.74 -13.19
C LEU D 323 -19.36 -44.01 -11.88
N GLY D 324 -19.97 -42.85 -11.70
CA GLY D 324 -19.82 -42.15 -10.42
C GLY D 324 -20.30 -42.97 -9.24
N ALA D 325 -21.45 -43.64 -9.40
CA ALA D 325 -21.96 -44.48 -8.32
C ALA D 325 -20.97 -45.58 -7.96
N ILE D 326 -20.39 -46.23 -8.97
CA ILE D 326 -19.42 -47.30 -8.70
C ILE D 326 -18.24 -46.75 -7.90
N GLN D 327 -17.77 -45.57 -8.26
CA GLN D 327 -16.63 -44.97 -7.55
C GLN D 327 -16.94 -44.77 -6.07
N ASN D 328 -18.13 -44.24 -5.78
CA ASN D 328 -18.52 -44.02 -4.37
C ASN D 328 -18.51 -45.34 -3.59
N ARG D 329 -19.08 -46.39 -4.19
CA ARG D 329 -19.12 -47.68 -3.49
C ARG D 329 -17.72 -48.16 -3.16
N PHE D 330 -16.79 -48.04 -4.11
CA PHE D 330 -15.44 -48.53 -3.86
C PHE D 330 -14.78 -47.78 -2.71
N THR D 331 -15.02 -46.46 -2.64
CA THR D 331 -14.44 -45.70 -1.52
C THR D 331 -14.93 -46.23 -0.18
N SER D 332 -16.23 -46.49 -0.08
CA SER D 332 -16.77 -47.04 1.18
C SER D 332 -16.11 -48.37 1.52
N VAL D 333 -15.92 -49.23 0.51
CA VAL D 333 -15.29 -50.53 0.76
C VAL D 333 -13.91 -50.35 1.36
N VAL D 334 -13.14 -49.41 0.81
CA VAL D 334 -11.77 -49.20 1.30
C VAL D 334 -11.78 -48.79 2.77
N ALA D 335 -12.67 -47.86 3.13
CA ALA D 335 -12.69 -47.40 4.52
C ALA D 335 -13.01 -48.55 5.48
N ASN D 336 -14.00 -49.37 5.11
CA ASN D 336 -14.35 -50.50 5.98
C ASN D 336 -13.17 -51.46 6.14
N LEU D 337 -12.46 -51.74 5.05
CA LEU D 337 -11.32 -52.65 5.13
C LEU D 337 -10.26 -52.12 6.08
N GLN D 338 -9.99 -50.81 6.02
CA GLN D 338 -8.98 -50.22 6.88
C GLN D 338 -9.33 -50.41 8.35
N THR D 339 -10.57 -50.10 8.71
CA THR D 339 -10.98 -50.25 10.11
C THR D 339 -10.87 -51.70 10.56
N SER D 340 -11.35 -52.63 9.74
CA SER D 340 -11.34 -54.04 10.13
C SER D 340 -9.91 -54.54 10.34
N SER D 341 -8.99 -54.17 9.45
CA SER D 341 -7.61 -54.60 9.60
C SER D 341 -7.01 -54.06 10.88
N GLU D 342 -7.26 -52.79 11.20
CA GLU D 342 -6.71 -52.22 12.41
C GLU D 342 -7.21 -52.97 13.64
N ASN D 343 -8.52 -53.27 13.69
CA ASN D 343 -9.06 -53.97 14.85
C ASN D 343 -8.48 -55.37 14.99
N LEU D 344 -8.35 -56.10 13.88
CA LEU D 344 -7.80 -57.45 13.95
C LEU D 344 -6.35 -57.44 14.42
N SER D 345 -5.57 -56.48 13.92
CA SER D 345 -4.17 -56.39 14.34
C SER D 345 -4.07 -56.11 15.82
N ALA D 346 -4.91 -55.22 16.36
CA ALA D 346 -4.92 -54.98 17.79
C ALA D 346 -5.32 -56.22 18.57
N SER D 347 -6.29 -56.98 18.05
CA SER D 347 -6.76 -58.18 18.73
C SER D 347 -5.67 -59.23 18.83
N ARG D 348 -4.90 -59.42 17.76
CA ARG D 348 -3.90 -60.49 17.71
C ARG D 348 -2.79 -60.32 18.76
N SER D 349 -2.51 -59.09 19.18
CA SER D 349 -1.38 -58.84 20.06
C SER D 349 -1.63 -59.22 21.50
N ARG D 350 -2.87 -59.54 21.88
CA ARG D 350 -3.18 -59.82 23.27
C ARG D 350 -2.70 -61.20 23.70
N ILE D 351 -2.43 -62.10 22.76
CA ILE D 351 -2.10 -63.48 23.07
C ILE D 351 -0.74 -63.90 22.55
N LYS D 352 0.06 -62.94 22.07
CA LYS D 352 1.36 -63.30 21.49
C LYS D 352 2.52 -62.42 21.93
N ASP D 353 2.29 -61.23 22.47
CA ASP D 353 3.37 -60.30 22.78
C ASP D 353 3.87 -60.48 24.20
N THR D 354 5.09 -60.02 24.43
CA THR D 354 5.72 -60.14 25.75
C THR D 354 5.45 -58.90 26.59
N ASP D 355 5.18 -59.13 27.87
CA ASP D 355 5.00 -58.05 28.83
C ASP D 355 6.33 -57.80 29.51
N PHE D 356 6.91 -56.63 29.26
CA PHE D 356 8.27 -56.36 29.73
C PHE D 356 8.32 -56.04 31.21
N ALA D 357 7.21 -55.60 31.81
CA ALA D 357 7.25 -55.27 33.22
C ALA D 357 7.25 -56.52 34.09
N LYS D 358 6.90 -57.67 33.51
CA LYS D 358 6.73 -58.87 34.32
C LYS D 358 7.93 -59.81 34.23
N GLU D 359 8.61 -59.87 33.09
CA GLU D 359 9.68 -60.84 32.91
C GLU D 359 10.93 -60.49 33.70
N THR D 360 11.19 -59.20 33.89
CA THR D 360 12.39 -58.78 34.59
C THR D 360 12.41 -59.26 36.03
N ALA D 361 11.26 -59.27 36.71
CA ALA D 361 11.20 -59.77 38.08
C ALA D 361 11.60 -61.23 38.15
N GLU D 362 11.10 -62.05 37.22
CA GLU D 362 11.50 -63.45 37.19
C GLU D 362 12.99 -63.60 36.92
N LEU D 363 13.52 -62.75 36.04
CA LEU D 363 14.96 -62.78 35.77
C LEU D 363 15.75 -62.57 37.05
N THR D 364 15.40 -61.53 37.81
CA THR D 364 16.12 -61.24 39.04
C THR D 364 15.98 -62.37 40.07
N ARG D 365 14.76 -62.91 40.20
CA ARG D 365 14.53 -63.99 41.15
C ARG D 365 15.42 -65.19 40.85
N THR D 366 15.43 -65.62 39.58
CA THR D 366 16.23 -66.77 39.20
C THR D 366 17.71 -66.50 39.41
N GLN D 367 18.16 -65.28 39.09
CA GLN D 367 19.58 -64.97 39.25
C GLN D 367 20.01 -65.04 40.71
N ILE D 368 19.17 -64.58 41.64
CA ILE D 368 19.51 -64.72 43.05
C ILE D 368 19.54 -66.19 43.45
N LEU D 369 18.55 -66.96 43.00
CA LEU D 369 18.47 -68.36 43.40
C LEU D 369 19.69 -69.15 42.97
N GLN D 370 20.24 -68.82 41.79
CA GLN D 370 21.45 -69.51 41.34
C GLN D 370 22.60 -69.33 42.32
N GLN D 371 22.85 -68.10 42.76
CA GLN D 371 23.97 -67.84 43.66
C GLN D 371 23.77 -68.55 44.99
N ALA D 372 22.54 -68.51 45.52
CA ALA D 372 22.29 -69.20 46.77
C ALA D 372 22.56 -70.70 46.65
N GLY D 373 22.06 -71.30 45.56
CA GLY D 373 22.28 -72.72 45.36
C GLY D 373 23.73 -73.08 45.23
N THR D 374 24.50 -72.27 44.49
CA THR D 374 25.92 -72.57 44.32
C THR D 374 26.67 -72.52 45.65
N ALA D 375 26.42 -71.49 46.45
CA ALA D 375 27.10 -71.40 47.73
C ALA D 375 26.77 -72.59 48.62
N MET D 376 25.48 -72.97 48.66
CA MET D 376 25.11 -74.12 49.50
C MET D 376 25.71 -75.41 48.98
N LEU D 377 25.82 -75.57 47.66
CA LEU D 377 26.46 -76.77 47.12
C LEU D 377 27.91 -76.86 47.54
N ALA D 378 28.64 -75.74 47.47
CA ALA D 378 30.03 -75.76 47.90
C ALA D 378 30.14 -76.14 49.38
N GLN D 379 29.27 -75.56 50.21
CA GLN D 379 29.29 -75.89 51.63
C GLN D 379 29.04 -77.38 51.85
N ALA D 380 28.04 -77.92 51.17
CA ALA D 380 27.70 -79.33 51.34
C ALA D 380 28.85 -80.23 50.93
N ASN D 381 29.54 -79.87 49.84
CA ASN D 381 30.70 -80.65 49.43
C ASN D 381 31.79 -80.59 50.50
N GLN D 382 31.97 -79.45 51.15
CA GLN D 382 33.03 -79.33 52.13
C GLN D 382 32.72 -80.02 53.46
N VAL D 383 31.44 -80.32 53.73
CA VAL D 383 31.08 -80.87 55.05
C VAL D 383 31.91 -82.11 55.46
N PRO D 384 32.05 -83.16 54.64
CA PRO D 384 32.47 -84.46 55.20
C PRO D 384 33.90 -84.54 55.68
N GLN D 385 34.65 -83.43 55.66
CA GLN D 385 36.06 -83.48 56.02
C GLN D 385 36.30 -83.79 57.48
N GLY D 386 35.27 -83.69 58.33
CA GLY D 386 35.50 -83.78 59.77
C GLY D 386 35.84 -85.17 60.26
N VAL D 387 35.55 -86.20 59.45
CA VAL D 387 35.81 -87.57 59.88
C VAL D 387 37.31 -87.81 60.02
N LEU D 388 38.13 -87.20 59.17
CA LEU D 388 39.56 -87.47 59.17
C LEU D 388 40.21 -87.13 60.49
N SER D 389 39.66 -86.15 61.22
CA SER D 389 40.24 -85.76 62.51
C SER D 389 40.17 -86.91 63.51
N LEU D 390 39.12 -87.72 63.46
CA LEU D 390 39.02 -88.84 64.38
C LEU D 390 40.12 -89.87 64.13
N LEU D 391 40.43 -90.13 62.86
CA LEU D 391 41.42 -91.14 62.51
C LEU D 391 42.81 -90.75 62.96
N ALA E 2 29.94 -65.48 81.02
CA ALA E 2 29.79 -66.87 80.64
C ALA E 2 29.60 -67.00 79.13
N GLN E 3 30.10 -68.10 78.56
CA GLN E 3 29.98 -68.37 77.14
C GLN E 3 29.12 -69.60 76.92
N VAL E 4 28.07 -69.45 76.11
CA VAL E 4 27.16 -70.53 75.80
C VAL E 4 26.98 -70.59 74.30
N ILE E 5 26.57 -71.76 73.80
CA ILE E 5 26.38 -71.96 72.37
C ILE E 5 24.93 -72.25 72.00
N ASN E 6 24.13 -72.84 72.88
CA ASN E 6 22.79 -73.23 72.50
C ASN E 6 21.91 -72.02 72.20
N THR E 7 22.14 -70.90 72.88
CA THR E 7 21.36 -69.69 72.68
C THR E 7 22.27 -68.51 72.42
N ASN E 8 21.79 -67.61 71.58
CA ASN E 8 22.51 -66.42 71.22
C ASN E 8 21.52 -65.30 71.31
N THR E 9 21.46 -64.68 72.47
CA THR E 9 20.53 -63.60 72.71
C THR E 9 20.81 -62.42 71.80
N MET E 10 22.08 -62.11 71.58
CA MET E 10 22.41 -61.00 70.71
C MET E 10 21.88 -61.26 69.33
N SER E 11 22.07 -62.46 68.83
CA SER E 11 21.60 -62.82 67.50
C SER E 11 20.10 -62.78 67.42
N LEU E 12 19.44 -63.22 68.49
CA LEU E 12 18.00 -63.22 68.57
C LEU E 12 17.43 -61.83 68.50
N ASN E 13 18.10 -60.89 69.16
CA ASN E 13 17.65 -59.52 69.17
C ASN E 13 17.62 -58.84 67.81
N ALA E 14 18.81 -58.59 67.26
CA ALA E 14 19.12 -57.95 65.98
C ALA E 14 18.07 -58.29 64.93
N GLN E 15 17.59 -59.53 64.92
CA GLN E 15 16.54 -59.91 63.97
C GLN E 15 15.29 -59.08 64.17
N ARG E 16 14.87 -58.92 65.43
CA ARG E 16 13.67 -58.13 65.71
C ARG E 16 13.86 -56.68 65.30
N ASN E 17 15.04 -56.12 65.60
CA ASN E 17 15.30 -54.73 65.21
C ASN E 17 15.24 -54.56 63.70
N LEU E 18 15.82 -55.51 62.97
CA LEU E 18 15.81 -55.44 61.51
C LEU E 18 14.40 -55.49 60.96
N SER E 19 13.57 -56.40 61.49
CA SER E 19 12.19 -56.50 61.02
C SER E 19 11.42 -55.22 61.28
N THR E 20 11.57 -54.65 62.47
CA THR E 20 10.88 -53.40 62.78
C THR E 20 11.30 -52.29 61.84
N SER E 21 12.61 -52.16 61.59
CA SER E 21 13.07 -51.10 60.69
C SER E 21 12.56 -51.31 59.28
N GLY E 22 12.53 -52.56 58.80
CA GLY E 22 12.15 -52.80 57.43
C GLY E 22 10.65 -52.84 57.18
N SER E 23 9.84 -52.82 58.23
CA SER E 23 8.38 -52.85 58.03
C SER E 23 7.88 -51.66 57.23
N SER E 24 8.37 -50.46 57.53
CA SER E 24 7.79 -49.24 56.98
C SER E 24 8.15 -49.00 55.51
N LEU E 25 9.15 -49.71 55.00
CA LEU E 25 9.62 -49.45 53.64
C LEU E 25 8.54 -49.79 52.62
N ALA E 26 7.78 -50.86 52.87
CA ALA E 26 6.73 -51.26 51.94
C ALA E 26 5.70 -50.15 51.75
N THR E 27 5.18 -49.62 52.86
CA THR E 27 4.15 -48.58 52.75
C THR E 27 4.73 -47.29 52.19
N THR E 28 5.97 -46.95 52.52
CA THR E 28 6.57 -45.76 51.93
C THR E 28 6.64 -45.90 50.41
N ILE E 29 7.13 -47.03 49.92
CA ILE E 29 7.24 -47.24 48.48
C ILE E 29 5.86 -47.20 47.83
N GLN E 30 4.88 -47.85 48.45
CA GLN E 30 3.55 -47.92 47.85
C GLN E 30 2.94 -46.53 47.71
N ARG E 31 2.99 -45.73 48.77
CA ARG E 31 2.34 -44.43 48.69
C ARG E 31 3.14 -43.45 47.86
N LEU E 32 4.44 -43.71 47.66
CA LEU E 32 5.19 -42.87 46.74
C LEU E 32 4.88 -43.23 45.29
N SER E 33 4.62 -44.51 45.01
CA SER E 33 4.32 -44.93 43.64
C SER E 33 2.92 -44.54 43.22
N SER E 34 1.93 -44.74 44.09
CA SER E 34 0.54 -44.55 43.68
C SER E 34 0.24 -43.08 43.42
N GLY E 35 0.81 -42.19 44.22
CA GLY E 35 0.57 -40.77 44.09
C GLY E 35 -0.41 -40.19 45.10
N SER E 36 -0.98 -41.01 45.98
CA SER E 36 -1.96 -40.54 46.94
C SER E 36 -1.63 -41.11 48.32
N ARG E 37 -2.09 -40.41 49.35
CA ARG E 37 -1.73 -40.73 50.73
C ARG E 37 -2.63 -41.78 51.38
N ILE E 38 -3.86 -41.94 50.90
CA ILE E 38 -4.80 -42.90 51.46
C ILE E 38 -5.06 -43.97 50.40
N ASN E 39 -4.64 -45.20 50.68
CA ASN E 39 -4.86 -46.31 49.76
C ASN E 39 -5.75 -47.40 50.34
N SER E 40 -6.04 -47.37 51.64
CA SER E 40 -6.93 -48.33 52.25
C SER E 40 -7.48 -47.72 53.54
N ALA E 41 -8.51 -48.36 54.09
CA ALA E 41 -9.09 -47.88 55.33
C ALA E 41 -8.16 -48.04 56.53
N LYS E 42 -7.05 -48.76 56.35
CA LYS E 42 -6.09 -48.94 57.44
C LYS E 42 -5.46 -47.61 57.85
N ASP E 43 -5.16 -46.75 56.88
CA ASP E 43 -4.43 -45.52 57.17
C ASP E 43 -5.32 -44.49 57.86
N ASP E 44 -6.56 -44.33 57.40
CA ASP E 44 -7.47 -43.35 57.98
C ASP E 44 -8.87 -43.93 58.07
N ALA E 45 -9.69 -43.29 58.89
CA ALA E 45 -11.07 -43.72 59.10
C ALA E 45 -12.11 -42.79 58.52
N ALA E 46 -11.83 -41.50 58.45
CA ALA E 46 -12.80 -40.54 57.94
C ALA E 46 -12.37 -39.84 56.67
N GLY E 47 -11.05 -39.71 56.43
CA GLY E 47 -10.60 -39.03 55.24
C GLY E 47 -11.10 -39.67 53.96
N LEU E 48 -11.12 -41.01 53.92
CA LEU E 48 -11.63 -41.67 52.73
C LEU E 48 -13.11 -41.38 52.54
N ALA E 49 -13.91 -41.39 53.61
CA ALA E 49 -15.33 -41.11 53.49
C ALA E 49 -15.57 -39.69 52.97
N ILE E 50 -14.86 -38.71 53.52
CA ILE E 50 -15.07 -37.34 53.07
C ILE E 50 -14.61 -37.19 51.62
N SER E 51 -13.54 -37.89 51.24
CA SER E 51 -13.10 -37.83 49.85
C SER E 51 -14.15 -38.39 48.91
N GLU E 52 -14.79 -39.50 49.28
CA GLU E 52 -15.83 -40.05 48.42
C GLU E 52 -17.00 -39.10 48.28
N ARG E 53 -17.39 -38.44 49.37
CA ARG E 53 -18.49 -37.48 49.26
C ARG E 53 -18.11 -36.33 48.33
N PHE E 54 -16.87 -35.85 48.44
CA PHE E 54 -16.40 -34.81 47.52
C PHE E 54 -16.45 -35.30 46.07
N GLY E 55 -16.08 -36.56 45.85
CA GLY E 55 -16.16 -37.10 44.50
C GLY E 55 -17.57 -37.12 43.96
N THR E 56 -18.54 -37.50 44.80
CA THR E 56 -19.93 -37.45 44.38
C THR E 56 -20.32 -36.05 43.96
N GLN E 57 -19.93 -35.05 44.75
CA GLN E 57 -20.30 -33.67 44.43
C GLN E 57 -19.72 -33.23 43.09
N ILE E 58 -18.44 -33.51 42.85
CA ILE E 58 -17.81 -33.07 41.61
C ILE E 58 -18.46 -33.74 40.40
N ARG E 59 -18.63 -35.06 40.47
CA ARG E 59 -19.21 -35.77 39.35
C ARG E 59 -20.65 -35.36 39.08
N GLY E 60 -21.41 -35.02 40.11
CA GLY E 60 -22.73 -34.46 39.87
C GLY E 60 -22.66 -33.10 39.20
N THR E 61 -21.68 -32.28 39.60
CA THR E 61 -21.59 -30.93 39.06
C THR E 61 -21.38 -30.95 37.54
N ASP E 62 -20.59 -31.90 37.05
CA ASP E 62 -20.32 -31.93 35.61
C ASP E 62 -21.60 -32.12 34.78
N VAL E 63 -22.37 -33.16 35.10
CA VAL E 63 -23.60 -33.38 34.36
C VAL E 63 -24.58 -32.25 34.59
N ALA E 64 -24.52 -31.59 35.76
CA ALA E 64 -25.37 -30.43 35.99
C ALA E 64 -25.06 -29.31 34.99
N ILE E 65 -23.78 -29.06 34.74
CA ILE E 65 -23.40 -28.06 33.75
C ILE E 65 -23.98 -28.43 32.39
N ARG E 66 -23.87 -29.71 32.03
CA ARG E 66 -24.43 -30.13 30.74
C ARG E 66 -25.92 -29.82 30.65
N ASN E 67 -26.68 -30.13 31.71
CA ASN E 67 -28.12 -29.89 31.69
C ASN E 67 -28.46 -28.42 31.53
N ALA E 68 -27.74 -27.55 32.23
CA ALA E 68 -27.99 -26.12 32.08
C ALA E 68 -27.77 -25.67 30.63
N ASN E 69 -26.73 -26.22 29.99
CA ASN E 69 -26.50 -25.84 28.59
C ASN E 69 -27.63 -26.29 27.69
N ASP E 70 -28.18 -27.49 27.93
CA ASP E 70 -29.33 -27.91 27.13
C ASP E 70 -30.50 -26.95 27.28
N GLY E 71 -30.76 -26.50 28.50
CA GLY E 71 -31.82 -25.52 28.69
C GLY E 71 -31.61 -24.26 27.88
N ILE E 72 -30.37 -23.76 27.86
CA ILE E 72 -30.07 -22.58 27.06
C ILE E 72 -30.44 -22.81 25.59
N SER E 73 -30.06 -23.98 25.07
CA SER E 73 -30.35 -24.28 23.67
C SER E 73 -31.85 -24.25 23.38
N LEU E 74 -32.65 -24.85 24.27
CA LEU E 74 -34.09 -24.88 24.05
C LEU E 74 -34.67 -23.47 23.94
N ALA E 75 -34.26 -22.60 24.87
CA ALA E 75 -34.78 -21.23 24.85
C ALA E 75 -34.41 -20.54 23.54
N GLN E 76 -33.17 -20.75 23.08
CA GLN E 76 -32.74 -20.13 21.83
C GLN E 76 -33.64 -20.53 20.67
N VAL E 77 -33.94 -21.83 20.55
CA VAL E 77 -34.74 -22.31 19.43
C VAL E 77 -36.12 -21.65 19.42
N ALA E 78 -36.77 -21.62 20.60
CA ALA E 78 -38.11 -21.06 20.65
C ALA E 78 -38.11 -19.59 20.22
N GLU E 79 -37.15 -18.82 20.72
CA GLU E 79 -37.10 -17.40 20.35
C GLU E 79 -36.89 -17.24 18.85
N GLY E 80 -36.07 -18.11 18.27
CA GLY E 80 -35.83 -18.04 16.84
C GLY E 80 -37.11 -18.17 16.02
N SER E 81 -37.98 -19.10 16.41
CA SER E 81 -39.23 -19.23 15.64
C SER E 81 -40.16 -18.02 15.85
N LEU E 82 -40.25 -17.54 17.09
CA LEU E 82 -41.16 -16.44 17.38
C LEU E 82 -40.81 -15.19 16.57
N THR E 83 -39.52 -14.97 16.30
CA THR E 83 -39.13 -13.80 15.51
C THR E 83 -39.81 -13.80 14.15
N GLU E 84 -39.79 -14.94 13.46
CA GLU E 84 -40.38 -15.02 12.12
C GLU E 84 -41.88 -14.80 12.18
N ILE E 85 -42.55 -15.40 13.18
CA ILE E 85 -43.98 -15.18 13.29
C ILE E 85 -44.29 -13.68 13.38
N GLY E 86 -43.52 -12.98 14.22
CA GLY E 86 -43.75 -11.55 14.38
C GLY E 86 -43.55 -10.76 13.10
N ASN E 87 -42.51 -11.11 12.34
CA ASN E 87 -42.26 -10.40 11.08
C ASN E 87 -43.44 -10.56 10.12
N ASN E 88 -43.97 -11.78 10.02
CA ASN E 88 -45.10 -11.99 9.12
C ASN E 88 -46.31 -11.17 9.53
N LEU E 89 -46.60 -11.11 10.84
CA LEU E 89 -47.72 -10.30 11.30
C LEU E 89 -47.52 -8.82 10.97
N GLN E 90 -46.28 -8.34 11.12
CA GLN E 90 -45.97 -6.96 10.75
C GLN E 90 -46.34 -6.69 9.30
N ARG E 91 -45.95 -7.61 8.41
CA ARG E 91 -46.25 -7.43 7.00
C ARG E 91 -47.75 -7.39 6.75
N VAL E 92 -48.51 -8.27 7.40
CA VAL E 92 -49.95 -8.30 7.17
C VAL E 92 -50.59 -6.99 7.59
N ARG E 93 -50.18 -6.44 8.74
CA ARG E 93 -50.76 -5.17 9.18
C ARG E 93 -50.44 -4.05 8.20
N GLU E 94 -49.19 -3.99 7.73
CA GLU E 94 -48.84 -2.96 6.76
C GLU E 94 -49.69 -3.06 5.51
N LEU E 95 -49.94 -4.29 5.05
CA LEU E 95 -50.78 -4.49 3.88
C LEU E 95 -52.22 -4.04 4.14
N SER E 96 -52.75 -4.33 5.33
CA SER E 96 -54.15 -4.04 5.62
C SER E 96 -54.39 -2.58 5.97
N VAL E 97 -53.34 -1.79 6.23
CA VAL E 97 -53.55 -0.35 6.37
C VAL E 97 -54.10 0.22 5.07
N GLN E 98 -53.59 -0.25 3.95
CA GLN E 98 -54.18 0.01 2.63
C GLN E 98 -55.48 -0.79 2.54
N ALA E 99 -56.15 -0.69 1.40
CA ALA E 99 -57.45 -1.32 1.14
C ALA E 99 -58.56 -0.76 2.01
N SER E 100 -58.28 0.20 2.88
CA SER E 100 -59.29 0.94 3.59
C SER E 100 -59.50 2.33 3.02
N ASN E 101 -58.93 2.60 1.86
CA ASN E 101 -59.13 3.88 1.17
C ASN E 101 -60.45 3.83 0.42
N ALA E 102 -60.72 4.87 -0.38
CA ALA E 102 -61.98 4.96 -1.11
C ALA E 102 -61.81 4.94 -2.62
N THR E 103 -60.59 4.96 -3.14
CA THR E 103 -60.36 4.97 -4.58
C THR E 103 -60.21 3.58 -5.16
N ASN E 104 -60.24 2.54 -4.33
CA ASN E 104 -60.03 1.19 -4.79
C ASN E 104 -61.30 0.62 -5.40
N SER E 105 -61.19 -0.57 -5.96
CA SER E 105 -62.32 -1.31 -6.49
C SER E 105 -62.30 -2.73 -5.94
N ALA E 106 -63.28 -3.53 -6.37
CA ALA E 106 -63.38 -4.90 -5.86
C ALA E 106 -62.17 -5.74 -6.23
N SER E 107 -61.68 -5.57 -7.46
CA SER E 107 -60.57 -6.39 -7.93
C SER E 107 -59.32 -6.17 -7.10
N ASP E 108 -59.02 -4.91 -6.75
CA ASP E 108 -57.84 -4.63 -5.94
C ASP E 108 -57.95 -5.26 -4.56
N ARG E 109 -59.15 -5.19 -3.96
CA ARG E 109 -59.34 -5.81 -2.65
C ARG E 109 -59.16 -7.32 -2.72
N LYS E 110 -59.64 -7.95 -3.80
CA LYS E 110 -59.39 -9.38 -3.96
C LYS E 110 -57.90 -9.67 -4.10
N ALA E 111 -57.18 -8.83 -4.86
CA ALA E 111 -55.76 -9.03 -5.04
C ALA E 111 -55.02 -8.96 -3.71
N LEU E 112 -55.42 -8.04 -2.84
CA LEU E 112 -54.79 -7.94 -1.53
C LEU E 112 -55.19 -9.13 -0.63
N GLN E 113 -56.44 -9.56 -0.73
CA GLN E 113 -56.91 -10.67 0.10
C GLN E 113 -56.15 -11.95 -0.22
N ALA E 114 -55.75 -12.14 -1.48
CA ALA E 114 -54.99 -13.34 -1.83
C ALA E 114 -53.70 -13.45 -1.03
N GLU E 115 -52.92 -12.36 -0.99
CA GLU E 115 -51.68 -12.38 -0.24
C GLU E 115 -51.91 -12.47 1.26
N VAL E 116 -52.98 -11.84 1.76
CA VAL E 116 -53.31 -11.99 3.17
C VAL E 116 -53.54 -13.47 3.51
N THR E 117 -54.29 -14.17 2.66
CA THR E 117 -54.55 -15.59 2.90
C THR E 117 -53.27 -16.40 2.92
N GLN E 118 -52.38 -16.16 1.96
CA GLN E 118 -51.13 -16.91 1.94
C GLN E 118 -50.32 -16.69 3.20
N LEU E 119 -50.22 -15.44 3.66
CA LEU E 119 -49.44 -15.15 4.86
C LEU E 119 -50.04 -15.82 6.09
N VAL E 120 -51.36 -15.81 6.22
CA VAL E 120 -51.99 -16.45 7.38
C VAL E 120 -51.71 -17.95 7.39
N SER E 121 -51.81 -18.59 6.22
CA SER E 121 -51.51 -20.02 6.16
C SER E 121 -50.07 -20.29 6.56
N GLU E 122 -49.14 -19.44 6.13
CA GLU E 122 -47.74 -19.62 6.51
C GLU E 122 -47.56 -19.53 8.02
N ILE E 123 -48.21 -18.56 8.65
CA ILE E 123 -48.11 -18.41 10.10
C ILE E 123 -48.58 -19.69 10.79
N ASP E 124 -49.72 -20.20 10.36
CA ASP E 124 -50.26 -21.42 10.99
C ASP E 124 -49.32 -22.60 10.84
N ARG E 125 -48.78 -22.79 9.63
CA ARG E 125 -47.89 -23.93 9.41
C ARG E 125 -46.65 -23.85 10.28
N VAL E 126 -46.02 -22.66 10.35
CA VAL E 126 -44.82 -22.52 11.17
C VAL E 126 -45.14 -22.81 12.63
N ALA E 127 -46.25 -22.28 13.12
CA ALA E 127 -46.59 -22.49 14.52
C ALA E 127 -46.82 -23.96 14.83
N LYS E 128 -47.44 -24.69 13.91
CA LYS E 128 -47.76 -26.08 14.19
C LYS E 128 -46.62 -27.05 13.93
N GLN E 129 -45.56 -26.64 13.23
CA GLN E 129 -44.52 -27.60 12.82
C GLN E 129 -43.16 -27.25 13.41
N SER E 130 -43.11 -26.88 14.69
CA SER E 130 -41.87 -26.47 15.33
C SER E 130 -41.62 -27.32 16.57
N ASP E 131 -40.41 -27.83 16.71
CA ASP E 131 -40.09 -28.74 17.81
C ASP E 131 -38.60 -28.69 18.10
N PHE E 132 -38.23 -29.28 19.24
CA PHE E 132 -36.85 -29.41 19.68
C PHE E 132 -36.67 -30.82 20.22
N ASN E 133 -35.99 -31.68 19.45
CA ASN E 133 -35.81 -33.09 19.83
C ASN E 133 -37.14 -33.82 19.97
N GLY E 134 -38.09 -33.51 19.09
CA GLY E 134 -39.36 -34.21 19.09
C GLY E 134 -40.35 -33.76 20.13
N THR E 135 -40.14 -32.60 20.75
CA THR E 135 -41.06 -32.05 21.74
C THR E 135 -41.64 -30.76 21.17
N LYS E 136 -42.92 -30.78 20.81
CA LYS E 136 -43.54 -29.61 20.20
C LYS E 136 -43.63 -28.47 21.20
N LEU E 137 -43.29 -27.26 20.75
CA LEU E 137 -43.21 -26.10 21.62
C LEU E 137 -44.42 -25.18 21.51
N LEU E 138 -44.68 -24.65 20.33
CA LEU E 138 -45.70 -23.62 20.15
C LEU E 138 -46.99 -24.19 19.58
N ASP E 139 -47.66 -25.06 20.34
CA ASP E 139 -49.04 -25.39 20.00
C ASP E 139 -49.93 -25.52 21.23
N GLY E 140 -49.48 -25.10 22.40
CA GLY E 140 -50.28 -25.14 23.59
C GLY E 140 -50.21 -26.41 24.40
N THR E 141 -49.31 -27.32 24.07
CA THR E 141 -49.14 -28.56 24.83
C THR E 141 -47.88 -28.57 25.68
N PHE E 142 -47.25 -27.42 25.88
CA PHE E 142 -46.01 -27.35 26.66
C PHE E 142 -46.38 -27.20 28.13
N SER E 143 -46.34 -28.30 28.87
CA SER E 143 -46.65 -28.29 30.29
C SER E 143 -45.41 -27.88 31.09
N SER E 144 -45.46 -28.10 32.39
CA SER E 144 -44.31 -27.80 33.23
C SER E 144 -43.18 -28.81 32.97
N GLN E 145 -41.96 -28.30 32.84
CA GLN E 145 -40.78 -29.12 32.62
C GLN E 145 -39.71 -28.77 33.63
N LEU E 146 -39.05 -29.79 34.18
CA LEU E 146 -38.07 -29.61 35.25
C LEU E 146 -36.67 -29.94 34.75
N PHE E 147 -35.72 -29.06 35.08
CA PHE E 147 -34.30 -29.24 34.74
C PHE E 147 -33.51 -29.47 36.02
N GLN E 148 -32.70 -30.52 36.04
CA GLN E 148 -31.92 -30.87 37.22
C GLN E 148 -30.59 -30.13 37.17
N VAL E 149 -30.43 -29.14 38.04
CA VAL E 149 -29.24 -28.29 38.03
C VAL E 149 -28.50 -28.42 39.36
N GLY E 150 -28.56 -29.60 39.96
CA GLY E 150 -27.84 -29.84 41.20
C GLY E 150 -27.49 -31.30 41.32
N ALA E 151 -26.62 -31.60 42.28
CA ALA E 151 -26.11 -32.94 42.47
C ALA E 151 -26.93 -33.76 43.47
N ASN E 152 -28.04 -33.22 43.96
CA ASN E 152 -28.83 -33.88 44.99
C ASN E 152 -30.29 -33.88 44.60
N ALA E 153 -31.05 -34.80 45.19
CA ALA E 153 -32.45 -34.95 44.86
C ALA E 153 -33.25 -33.76 45.33
N GLY E 154 -34.13 -33.25 44.47
CA GLY E 154 -34.98 -32.13 44.81
C GLY E 154 -34.46 -30.77 44.41
N GLN E 155 -33.37 -30.69 43.65
CA GLN E 155 -32.80 -29.41 43.22
C GLN E 155 -33.07 -29.24 41.73
N ALA E 156 -34.16 -28.56 41.40
CA ALA E 156 -34.53 -28.38 40.01
C ALA E 156 -35.29 -27.07 39.87
N ILE E 157 -35.29 -26.53 38.65
CA ILE E 157 -36.08 -25.34 38.33
C ILE E 157 -36.96 -25.68 37.13
N ALA E 158 -38.07 -24.97 37.03
CA ALA E 158 -39.13 -25.33 36.09
C ALA E 158 -39.51 -24.16 35.21
N ILE E 159 -39.93 -24.47 34.00
CA ILE E 159 -40.50 -23.51 33.06
C ILE E 159 -41.97 -23.84 32.92
N ASP E 160 -42.83 -22.83 33.11
CA ASP E 160 -44.26 -23.10 33.19
C ASP E 160 -44.87 -23.34 31.83
N LYS E 161 -44.85 -22.33 30.96
CA LYS E 161 -45.54 -22.43 29.68
C LYS E 161 -45.08 -21.30 28.77
N THR E 162 -45.06 -21.58 27.47
CA THR E 162 -44.63 -20.55 26.53
C THR E 162 -45.77 -19.77 25.89
N ILE E 163 -46.55 -20.41 25.03
CA ILE E 163 -47.61 -19.73 24.29
C ILE E 163 -48.42 -20.78 23.55
N ASP E 164 -49.63 -20.41 23.13
CA ASP E 164 -50.41 -21.22 22.19
C ASP E 164 -50.66 -20.37 20.95
N ALA E 165 -49.79 -20.51 19.95
CA ALA E 165 -49.71 -19.55 18.84
C ALA E 165 -50.28 -20.11 17.54
N LYS E 166 -51.29 -20.97 17.62
CA LYS E 166 -51.98 -21.40 16.41
C LYS E 166 -52.80 -20.26 15.84
N ALA E 167 -53.13 -20.37 14.56
CA ALA E 167 -53.89 -19.30 13.91
C ALA E 167 -55.32 -19.22 14.41
N GLY E 168 -55.86 -20.29 14.97
CA GLY E 168 -57.24 -20.29 15.42
C GLY E 168 -57.48 -19.71 16.80
N SER E 169 -56.42 -19.34 17.52
CA SER E 169 -56.55 -18.82 18.87
C SER E 169 -55.50 -17.75 19.14
N LEU E 170 -55.40 -16.78 18.23
CA LEU E 170 -54.48 -15.67 18.38
C LEU E 170 -55.26 -14.36 18.33
N GLY E 171 -55.08 -13.52 19.34
CA GLY E 171 -55.63 -12.18 19.34
C GLY E 171 -57.14 -12.08 19.29
N THR E 172 -57.84 -12.83 20.15
CA THR E 172 -59.29 -12.80 20.16
C THR E 172 -59.81 -11.43 20.57
N SER E 173 -60.93 -11.03 19.99
CA SER E 173 -61.53 -9.72 20.26
C SER E 173 -63.02 -9.77 19.97
N THR E 174 -63.73 -8.76 20.47
CA THR E 174 -65.17 -8.63 20.28
C THR E 174 -65.53 -7.20 19.94
N PHE E 175 -66.46 -7.03 19.00
CA PHE E 175 -66.93 -5.72 18.58
C PHE E 175 -68.44 -5.67 18.73
N ALA E 176 -68.96 -4.57 19.28
CA ALA E 176 -70.39 -4.42 19.46
C ALA E 176 -71.06 -4.09 18.13
N THR E 177 -72.18 -4.75 17.85
CA THR E 177 -72.83 -4.64 16.55
C THR E 177 -74.29 -5.01 16.70
N GLY E 178 -75.13 -4.49 15.80
CA GLY E 178 -76.51 -4.93 15.73
C GLY E 178 -77.50 -3.79 15.83
N ALA E 179 -77.01 -2.58 15.63
CA ALA E 179 -77.87 -1.40 15.77
C ALA E 179 -78.92 -1.35 14.68
N THR E 180 -80.07 -0.78 15.01
CA THR E 180 -81.07 -0.41 14.03
C THR E 180 -81.55 1.00 14.35
N ALA E 181 -82.50 1.48 13.54
CA ALA E 181 -83.09 2.79 13.78
C ALA E 181 -84.61 2.72 13.70
N ALA E 182 -85.12 1.83 12.84
CA ALA E 182 -86.57 1.68 12.63
C ALA E 182 -87.21 3.00 12.20
N LEU E 183 -86.54 3.72 11.31
CA LEU E 183 -87.01 5.02 10.84
C LEU E 183 -87.68 4.87 9.49
N ALA E 184 -88.92 5.37 9.38
CA ALA E 184 -89.67 5.28 8.14
C ALA E 184 -90.50 6.53 7.88
N ALA E 185 -90.05 7.69 8.36
CA ALA E 185 -90.78 8.92 8.14
C ALA E 185 -90.74 9.31 6.66
N SER E 186 -91.74 10.08 6.25
CA SER E 186 -91.88 10.44 4.85
C SER E 186 -92.54 11.81 4.75
N THR E 187 -93.09 12.13 3.58
CA THR E 187 -93.82 13.36 3.30
C THR E 187 -92.88 14.56 3.35
N ASP E 188 -93.20 15.56 4.16
CA ASP E 188 -92.47 16.82 4.12
C ASP E 188 -91.13 16.70 4.86
N GLY E 189 -90.31 17.72 4.69
CA GLY E 189 -88.97 17.71 5.24
C GLY E 189 -88.94 17.86 6.75
N ALA E 190 -87.76 17.62 7.30
CA ALA E 190 -87.56 17.71 8.74
C ALA E 190 -86.08 17.96 9.00
N ARG E 191 -85.78 18.35 10.23
CA ARG E 191 -84.42 18.55 10.68
C ARG E 191 -84.13 17.56 11.80
N PHE E 192 -83.00 16.86 11.71
CA PHE E 192 -82.63 15.85 12.67
C PHE E 192 -81.46 16.34 13.51
N SER E 193 -81.51 16.08 14.82
CA SER E 193 -80.40 16.43 15.71
C SER E 193 -80.09 15.24 16.61
N GLY E 194 -79.25 15.43 17.62
CA GLY E 194 -78.98 14.41 18.60
C GLY E 194 -77.49 14.18 18.80
N THR E 195 -77.20 13.32 19.78
CA THR E 195 -75.83 13.02 20.17
C THR E 195 -75.62 11.52 20.16
N VAL E 196 -74.46 11.09 19.64
CA VAL E 196 -74.06 9.70 19.62
C VAL E 196 -72.81 9.55 20.46
N MET E 197 -72.87 8.71 21.49
CA MET E 197 -71.73 8.42 22.36
C MET E 197 -71.16 9.70 22.96
N GLY E 198 -72.04 10.63 23.34
CA GLY E 198 -71.62 11.85 23.99
C GLY E 198 -70.99 12.89 23.09
N VAL E 199 -71.24 12.84 21.78
CA VAL E 199 -70.70 13.80 20.83
C VAL E 199 -71.82 14.30 19.94
N ASP E 200 -71.94 15.62 19.83
CA ASP E 200 -72.98 16.21 19.00
C ASP E 200 -72.66 15.96 17.53
N ILE E 201 -73.71 15.86 16.72
CA ILE E 201 -73.56 15.53 15.31
C ILE E 201 -74.15 16.62 14.39
N GLY E 202 -74.31 17.84 14.90
CA GLY E 202 -74.81 18.89 14.02
C GLY E 202 -76.28 18.69 13.67
N THR E 203 -76.66 19.28 12.53
CA THR E 203 -78.04 19.21 12.06
C THR E 203 -78.07 18.91 10.57
N VAL E 204 -79.20 18.38 10.11
CA VAL E 204 -79.39 18.02 8.72
C VAL E 204 -80.68 18.64 8.21
N GLU E 205 -80.92 18.48 6.91
CA GLU E 205 -82.11 19.04 6.27
C GLU E 205 -82.46 18.19 5.05
N VAL E 206 -83.75 17.93 4.86
CA VAL E 206 -84.23 17.13 3.74
C VAL E 206 -85.37 17.89 3.06
N LYS E 207 -85.57 17.60 1.77
CA LYS E 207 -86.48 18.35 0.93
C LYS E 207 -87.93 17.99 1.23
N ALA E 208 -88.84 18.78 0.64
CA ALA E 208 -90.27 18.58 0.86
C ALA E 208 -90.75 17.26 0.26
N GLY E 209 -90.24 16.90 -0.91
CA GLY E 209 -90.60 15.63 -1.51
C GLY E 209 -89.67 14.52 -1.10
N ALA E 210 -89.54 14.32 0.21
CA ALA E 210 -88.58 13.37 0.76
C ALA E 210 -89.17 11.95 0.80
N THR E 211 -88.27 10.98 0.96
CA THR E 211 -88.63 9.60 1.11
C THR E 211 -87.73 8.99 2.18
N THR E 212 -88.02 7.75 2.56
CA THR E 212 -87.21 7.10 3.59
C THR E 212 -85.75 6.99 3.16
N ALA E 213 -85.52 6.61 1.91
CA ALA E 213 -84.15 6.55 1.40
C ALA E 213 -83.51 7.93 1.35
N ASP E 214 -84.32 8.98 1.19
CA ASP E 214 -83.77 10.34 1.15
C ASP E 214 -83.21 10.75 2.50
N ALA E 215 -83.86 10.37 3.60
CA ALA E 215 -83.40 10.75 4.93
C ALA E 215 -82.36 9.79 5.49
N SER E 216 -82.45 8.51 5.15
CA SER E 216 -81.52 7.54 5.69
C SER E 216 -80.09 7.88 5.29
N LYS E 217 -79.87 8.20 4.01
CA LYS E 217 -78.51 8.48 3.56
C LYS E 217 -78.01 9.79 4.14
N ALA E 218 -78.88 10.78 4.33
CA ALA E 218 -78.47 12.03 4.94
C ALA E 218 -77.99 11.81 6.37
N VAL E 219 -78.76 11.06 7.15
CA VAL E 219 -78.36 10.81 8.53
C VAL E 219 -77.10 9.96 8.58
N ALA E 220 -76.97 9.00 7.67
CA ALA E 220 -75.77 8.18 7.65
C ALA E 220 -74.53 9.02 7.38
N THR E 221 -74.63 9.96 6.43
CA THR E 221 -73.51 10.86 6.18
C THR E 221 -73.20 11.72 7.40
N ALA E 222 -74.25 12.23 8.06
CA ALA E 222 -74.03 13.08 9.23
C ALA E 222 -73.31 12.33 10.33
N ILE E 223 -73.68 11.08 10.56
CA ILE E 223 -73.03 10.28 11.60
C ILE E 223 -71.60 9.92 11.19
N ASN E 224 -71.40 9.52 9.94
CA ASN E 224 -70.06 9.10 9.50
C ASN E 224 -69.08 10.26 9.45
N ALA E 225 -69.56 11.50 9.39
CA ALA E 225 -68.65 12.63 9.32
C ALA E 225 -67.83 12.79 10.60
N LYS E 226 -68.21 12.12 11.69
CA LYS E 226 -67.53 12.25 12.96
C LYS E 226 -67.04 10.91 13.48
N ILE E 227 -66.51 10.07 12.58
CA ILE E 227 -65.95 8.79 12.98
C ILE E 227 -64.66 8.96 13.76
N GLY E 228 -64.04 10.13 13.69
CA GLY E 228 -62.77 10.32 14.37
C GLY E 228 -62.85 10.28 15.88
N GLU E 229 -64.03 10.57 16.44
CA GLU E 229 -64.21 10.61 17.88
C GLU E 229 -65.24 9.60 18.38
N ALA E 230 -66.40 9.51 17.73
CA ALA E 230 -67.41 8.55 18.15
C ALA E 230 -66.94 7.13 17.92
N GLY E 231 -66.22 6.89 16.83
CA GLY E 231 -65.79 5.55 16.49
C GLY E 231 -66.92 4.62 16.12
N ILE E 232 -67.88 5.10 15.32
CA ILE E 232 -69.01 4.31 14.87
C ILE E 232 -69.14 4.45 13.36
N TYR E 233 -69.32 3.34 12.67
CA TYR E 233 -69.49 3.30 11.23
C TYR E 233 -70.95 3.02 10.92
N ALA E 234 -71.55 3.85 10.08
CA ALA E 234 -72.98 3.77 9.80
C ALA E 234 -73.23 3.35 8.35
N GLU E 235 -74.24 2.53 8.15
CA GLU E 235 -74.61 2.00 6.84
C GLU E 235 -76.08 2.27 6.59
N ALA E 236 -76.43 2.60 5.35
CA ALA E 236 -77.80 2.90 4.99
C ALA E 236 -78.56 1.62 4.63
N ASN E 237 -79.88 1.69 4.74
CA ASN E 237 -80.74 0.58 4.38
C ASN E 237 -81.92 1.10 3.56
N SER E 238 -82.46 0.22 2.72
CA SER E 238 -83.52 0.63 1.79
C SER E 238 -84.78 1.05 2.53
N ASP E 239 -85.20 0.28 3.53
CA ASP E 239 -86.48 0.52 4.18
C ASP E 239 -86.48 1.82 4.98
N GLY E 240 -85.31 2.32 5.36
CA GLY E 240 -85.23 3.54 6.14
C GLY E 240 -84.46 3.37 7.43
N THR E 241 -84.09 2.14 7.75
CA THR E 241 -83.32 1.87 8.95
C THR E 241 -81.84 2.09 8.70
N LEU E 242 -81.06 2.04 9.78
CA LEU E 242 -79.61 2.15 9.72
C LEU E 242 -78.99 0.98 10.46
N LYS E 243 -77.68 0.80 10.25
CA LYS E 243 -76.91 -0.23 10.95
C LYS E 243 -75.62 0.40 11.43
N LEU E 244 -75.39 0.35 12.75
CA LEU E 244 -74.21 0.96 13.35
C LEU E 244 -73.30 -0.12 13.91
N SER E 245 -72.03 -0.05 13.56
CA SER E 245 -71.01 -0.97 14.04
C SER E 245 -69.86 -0.17 14.64
N SER E 246 -69.08 -0.83 15.49
CA SER E 246 -67.97 -0.20 16.19
C SER E 246 -66.66 -0.74 15.67
N VAL E 247 -65.71 0.16 15.41
CA VAL E 247 -64.38 -0.23 14.94
C VAL E 247 -63.35 -0.19 16.04
N LYS E 248 -63.77 0.00 17.29
CA LYS E 248 -62.87 0.01 18.43
C LYS E 248 -63.12 -1.23 19.27
N GLU E 249 -62.05 -1.97 19.56
CA GLU E 249 -62.19 -3.26 20.21
C GLU E 249 -62.71 -3.13 21.63
N GLY E 250 -63.62 -4.02 22.00
CA GLY E 250 -64.05 -4.15 23.38
C GLY E 250 -64.71 -2.93 23.97
N LYS E 251 -65.53 -2.22 23.19
CA LYS E 251 -66.26 -1.06 23.66
C LYS E 251 -67.73 -1.38 23.68
N ALA E 252 -68.41 -1.03 24.77
CA ALA E 252 -69.80 -1.37 24.98
C ALA E 252 -70.67 -0.16 24.70
N VAL E 253 -71.63 -0.32 23.80
CA VAL E 253 -72.61 0.71 23.47
C VAL E 253 -73.99 0.18 23.84
N ALA E 254 -74.71 0.93 24.67
CA ALA E 254 -75.99 0.51 25.22
C ALA E 254 -77.13 1.26 24.54
N THR E 255 -78.34 1.05 25.07
CA THR E 255 -79.53 1.69 24.50
C THR E 255 -79.50 3.20 24.71
N ALA E 256 -78.95 3.67 25.82
CA ALA E 256 -78.92 5.10 26.12
C ALA E 256 -77.78 5.83 25.42
N ASP E 257 -76.87 5.12 24.76
CA ASP E 257 -75.74 5.77 24.12
C ASP E 257 -76.13 6.53 22.86
N ILE E 258 -77.32 6.28 22.32
CA ILE E 258 -77.80 6.95 21.13
C ILE E 258 -79.09 7.67 21.49
N ALA E 259 -79.14 8.98 21.22
CA ALA E 259 -80.31 9.81 21.55
C ALA E 259 -80.55 10.75 20.37
N LEU E 260 -81.45 10.36 19.47
CA LEU E 260 -81.72 11.12 18.26
C LEU E 260 -83.02 11.91 18.46
N MET E 261 -82.89 13.23 18.64
CA MET E 261 -84.04 14.11 18.78
C MET E 261 -84.51 14.53 17.40
N ARG E 262 -85.31 13.67 16.77
CA ARG E 262 -86.01 14.06 15.56
C ARG E 262 -87.04 15.12 15.89
N SER E 263 -87.03 16.21 15.13
CA SER E 263 -87.90 17.34 15.41
C SER E 263 -88.27 18.00 14.10
N ASP E 264 -89.08 19.05 14.20
CA ASP E 264 -89.44 19.90 13.05
C ASP E 264 -90.11 19.07 11.96
N TYR E 265 -91.25 18.48 12.32
CA TYR E 265 -91.92 17.54 11.43
C TYR E 265 -92.34 18.20 10.12
N ASP E 266 -92.85 19.43 10.20
CA ASP E 266 -93.35 20.15 9.03
C ASP E 266 -92.73 21.54 9.00
N ALA E 267 -93.09 22.30 7.97
CA ALA E 267 -92.57 23.66 7.81
C ALA E 267 -93.60 24.67 7.35
N THR E 268 -94.86 24.30 7.20
CA THR E 268 -95.91 25.24 6.78
C THR E 268 -96.51 25.86 8.03
N ALA E 269 -96.08 27.09 8.34
CA ALA E 269 -96.41 27.74 9.61
C ALA E 269 -96.07 26.82 10.78
N LYS E 270 -94.90 26.19 10.70
CA LYS E 270 -94.51 25.10 11.56
C LYS E 270 -92.99 25.14 11.71
N THR E 271 -92.39 23.99 12.05
CA THR E 271 -90.97 23.75 12.32
C THR E 271 -90.64 24.11 13.77
N TRP E 272 -91.60 24.64 14.51
CA TRP E 272 -91.46 24.83 15.95
C TRP E 272 -92.03 23.62 16.68
N GLY E 273 -91.22 23.02 17.54
CA GLY E 273 -91.60 21.81 18.25
C GLY E 273 -90.51 20.77 18.10
N THR E 274 -90.40 19.90 19.11
CA THR E 274 -89.35 18.89 19.12
C THR E 274 -89.89 17.58 19.65
N ALA E 275 -89.20 16.50 19.30
CA ALA E 275 -89.54 15.14 19.75
C ALA E 275 -88.27 14.31 19.68
N ALA E 276 -88.43 12.99 19.82
CA ALA E 276 -87.30 12.06 19.67
C ALA E 276 -87.48 11.13 18.48
N ALA E 277 -88.54 10.33 18.47
CA ALA E 277 -88.84 9.41 17.38
C ALA E 277 -87.63 8.57 16.97
N ALA E 278 -87.66 8.05 15.75
CA ALA E 278 -86.52 7.36 15.13
C ALA E 278 -86.01 6.18 15.96
N GLY E 279 -86.85 5.63 16.83
CA GLY E 279 -86.45 4.52 17.66
C GLY E 279 -85.35 4.88 18.64
N ALA E 280 -84.93 3.93 19.47
CA ALA E 280 -83.82 4.17 20.40
C ALA E 280 -82.62 3.31 20.08
N TYR E 281 -82.76 1.98 20.09
CA TYR E 281 -81.67 1.04 19.92
C TYR E 281 -82.24 -0.37 20.02
N THR E 282 -81.41 -1.35 19.68
CA THR E 282 -81.72 -2.75 19.94
C THR E 282 -80.54 -3.44 20.64
N ALA E 283 -80.62 -4.75 20.79
CA ALA E 283 -79.62 -5.52 21.54
C ALA E 283 -79.00 -6.58 20.66
N GLY E 284 -78.50 -6.16 19.50
CA GLY E 284 -77.84 -7.10 18.60
C GLY E 284 -76.63 -7.73 19.27
N THR E 285 -76.41 -9.00 18.97
CA THR E 285 -75.32 -9.75 19.59
C THR E 285 -73.96 -9.31 19.04
N ASN E 286 -72.95 -9.45 19.87
CA ASN E 286 -71.59 -9.09 19.47
C ASN E 286 -71.00 -10.15 18.55
N THR E 287 -70.02 -9.73 17.75
CA THR E 287 -69.33 -10.62 16.82
C THR E 287 -67.88 -10.79 17.26
N SER E 288 -67.45 -12.04 17.41
CA SER E 288 -66.10 -12.35 17.84
C SER E 288 -65.19 -12.53 16.64
N ALA E 289 -63.90 -12.28 16.85
CA ALA E 289 -62.93 -12.35 15.76
C ALA E 289 -61.58 -12.78 16.30
N ASN E 290 -60.76 -13.33 15.40
CA ASN E 290 -59.39 -13.72 15.71
C ASN E 290 -58.58 -13.65 14.41
N VAL E 291 -57.38 -14.20 14.44
CA VAL E 291 -56.49 -14.07 13.28
C VAL E 291 -57.02 -14.85 12.10
N GLN E 292 -57.53 -16.06 12.32
CA GLN E 292 -57.96 -16.90 11.22
C GLN E 292 -59.07 -16.25 10.40
N LYS E 293 -60.01 -15.59 11.07
CA LYS E 293 -61.13 -14.94 10.39
C LYS E 293 -60.78 -13.49 10.09
N LEU E 294 -59.82 -13.31 9.20
CA LEU E 294 -59.42 -12.00 8.72
C LEU E 294 -59.95 -11.79 7.31
N ASP E 295 -60.60 -10.65 7.10
CA ASP E 295 -61.14 -10.28 5.80
C ASP E 295 -60.71 -8.87 5.48
N VAL E 296 -60.53 -8.59 4.19
CA VAL E 296 -60.10 -7.28 3.73
C VAL E 296 -60.94 -6.78 2.56
N SER E 297 -61.78 -7.63 1.97
CA SER E 297 -62.55 -7.24 0.79
C SER E 297 -63.49 -6.06 1.05
N THR E 298 -63.78 -5.74 2.31
CA THR E 298 -64.57 -4.57 2.66
C THR E 298 -63.76 -3.71 3.62
N VAL E 299 -64.25 -2.48 3.86
CA VAL E 299 -63.50 -1.55 4.70
C VAL E 299 -63.48 -2.01 6.15
N LEU E 300 -64.62 -2.44 6.69
CA LEU E 300 -64.69 -2.86 8.08
C LEU E 300 -63.71 -3.98 8.38
N GLY E 301 -63.51 -4.89 7.41
CA GLY E 301 -62.52 -5.93 7.61
C GLY E 301 -61.16 -5.37 7.91
N ALA E 302 -60.74 -4.34 7.16
CA ALA E 302 -59.46 -3.71 7.42
C ALA E 302 -59.44 -3.00 8.77
N GLN E 303 -60.51 -2.23 9.04
CA GLN E 303 -60.55 -1.42 10.26
C GLN E 303 -60.54 -2.28 11.51
N GLN E 304 -60.92 -3.56 11.40
CA GLN E 304 -60.81 -4.46 12.55
C GLN E 304 -59.56 -5.34 12.49
N ALA E 305 -59.03 -5.58 11.29
CA ALA E 305 -57.75 -6.26 11.16
C ALA E 305 -56.67 -5.50 11.90
N LEU E 306 -56.73 -4.17 11.87
CA LEU E 306 -55.74 -3.39 12.60
C LEU E 306 -55.69 -3.78 14.08
N GLU E 307 -56.85 -3.83 14.74
CA GLU E 307 -56.88 -4.16 16.16
C GLU E 307 -56.43 -5.59 16.43
N VAL E 308 -56.91 -6.55 15.63
CA VAL E 308 -56.54 -7.93 15.94
C VAL E 308 -55.04 -8.12 15.78
N VAL E 309 -54.44 -7.45 14.79
CA VAL E 309 -53.00 -7.55 14.62
C VAL E 309 -52.26 -6.93 15.79
N ASP E 310 -52.74 -5.78 16.28
CA ASP E 310 -52.08 -5.16 17.42
C ASP E 310 -52.06 -6.09 18.63
N LYS E 311 -53.19 -6.75 18.91
CA LYS E 311 -53.24 -7.66 20.06
C LYS E 311 -52.26 -8.82 19.89
N ALA E 312 -52.23 -9.41 18.70
CA ALA E 312 -51.31 -10.53 18.48
C ALA E 312 -49.86 -10.11 18.70
N LEU E 313 -49.50 -8.92 18.20
CA LEU E 313 -48.14 -8.43 18.38
C LEU E 313 -47.81 -8.26 19.86
N GLY E 314 -48.75 -7.73 20.65
CA GLY E 314 -48.49 -7.57 22.08
C GLY E 314 -48.17 -8.89 22.75
N ALA E 315 -48.98 -9.92 22.46
CA ALA E 315 -48.73 -11.23 23.07
C ALA E 315 -47.36 -11.77 22.70
N ILE E 316 -47.00 -11.66 21.42
CA ILE E 316 -45.70 -12.20 20.98
C ILE E 316 -44.56 -11.51 21.70
N ASN E 317 -44.62 -10.19 21.83
CA ASN E 317 -43.53 -9.47 22.48
C ASN E 317 -43.37 -9.89 23.94
N SER E 318 -44.50 -10.04 24.66
CA SER E 318 -44.37 -10.46 26.05
C SER E 318 -43.71 -11.82 26.17
N THR E 319 -44.09 -12.76 25.30
CA THR E 319 -43.47 -14.09 25.36
C THR E 319 -41.96 -14.01 25.13
N ARG E 320 -41.54 -13.20 24.16
CA ARG E 320 -40.11 -13.08 23.89
C ARG E 320 -39.36 -12.55 25.11
N ALA E 321 -39.93 -11.55 25.79
CA ALA E 321 -39.27 -11.03 26.99
C ALA E 321 -39.07 -12.12 28.03
N ASP E 322 -40.10 -12.94 28.25
CA ASP E 322 -39.97 -13.99 29.25
C ASP E 322 -38.86 -14.98 28.90
N LEU E 323 -38.77 -15.37 27.62
CA LEU E 323 -37.73 -16.32 27.24
C LEU E 323 -36.34 -15.74 27.46
N GLY E 324 -36.15 -14.45 27.16
CA GLY E 324 -34.87 -13.83 27.44
C GLY E 324 -34.50 -13.87 28.91
N ALA E 325 -35.47 -13.61 29.78
CA ALA E 325 -35.19 -13.66 31.22
C ALA E 325 -34.73 -15.05 31.65
N ILE E 326 -35.40 -16.09 31.14
CA ILE E 326 -35.01 -17.45 31.50
C ILE E 326 -33.56 -17.72 31.09
N GLN E 327 -33.20 -17.28 29.89
CA GLN E 327 -31.83 -17.49 29.42
C GLN E 327 -30.80 -16.85 30.35
N ASN E 328 -31.06 -15.61 30.77
CA ASN E 328 -30.12 -14.93 31.65
C ASN E 328 -29.93 -15.70 32.96
N ARG E 329 -31.04 -16.17 33.54
CA ARG E 329 -30.92 -16.91 34.79
C ARG E 329 -30.05 -18.15 34.61
N PHE E 330 -30.23 -18.87 33.50
CA PHE E 330 -29.45 -20.09 33.30
C PHE E 330 -27.96 -19.80 33.19
N THR E 331 -27.61 -18.69 32.52
CA THR E 331 -26.19 -18.33 32.45
C THR E 331 -25.59 -18.12 33.83
N SER E 332 -26.32 -17.39 34.68
CA SER E 332 -25.81 -17.16 36.04
C SER E 332 -25.62 -18.47 36.78
N VAL E 333 -26.57 -19.41 36.61
CA VAL E 333 -26.46 -20.69 37.29
C VAL E 333 -25.19 -21.42 36.88
N VAL E 334 -24.88 -21.41 35.58
CA VAL E 334 -23.67 -22.09 35.11
C VAL E 334 -22.43 -21.51 35.77
N ALA E 335 -22.35 -20.17 35.83
CA ALA E 335 -21.15 -19.55 36.40
C ALA E 335 -20.96 -19.98 37.86
N ASN E 336 -22.05 -19.95 38.64
CA ASN E 336 -21.93 -20.34 40.04
C ASN E 336 -21.51 -21.80 40.19
N LEU E 337 -22.09 -22.69 39.37
CA LEU E 337 -21.73 -24.10 39.46
C LEU E 337 -20.25 -24.30 39.20
N GLN E 338 -19.72 -23.60 38.20
CA GLN E 338 -18.31 -23.75 37.85
C GLN E 338 -17.41 -23.34 39.01
N THR E 339 -17.70 -22.18 39.62
CA THR E 339 -16.87 -21.72 40.73
C THR E 339 -16.91 -22.72 41.89
N SER E 340 -18.12 -23.18 42.25
CA SER E 340 -18.23 -24.08 43.39
C SER E 340 -17.50 -25.40 43.14
N SER E 341 -17.61 -25.95 41.93
CA SER E 341 -16.93 -27.20 41.64
C SER E 341 -15.43 -27.06 41.76
N GLU E 342 -14.88 -25.96 41.23
CA GLU E 342 -13.45 -25.74 41.34
C GLU E 342 -13.01 -25.65 42.81
N ASN E 343 -13.76 -24.91 43.63
CA ASN E 343 -13.37 -24.77 45.03
C ASN E 343 -13.40 -26.10 45.75
N LEU E 344 -14.44 -26.90 45.51
CA LEU E 344 -14.54 -28.19 46.18
C LEU E 344 -13.41 -29.12 45.76
N SER E 345 -13.08 -29.12 44.47
CA SER E 345 -11.98 -29.96 44.00
C SER E 345 -10.67 -29.55 44.63
N ALA E 346 -10.42 -28.25 44.74
CA ALA E 346 -9.20 -27.80 45.38
C ALA E 346 -9.15 -28.21 46.85
N SER E 347 -10.28 -28.14 47.54
CA SER E 347 -10.29 -28.47 48.96
C SER E 347 -10.16 -29.97 49.20
N ARG E 348 -10.57 -30.79 48.23
CA ARG E 348 -10.44 -32.24 48.41
C ARG E 348 -9.00 -32.71 48.45
N SER E 349 -8.11 -31.99 47.75
CA SER E 349 -6.73 -32.44 47.58
C SER E 349 -5.86 -32.26 48.82
N ARG E 350 -6.35 -31.58 49.85
CA ARG E 350 -5.49 -31.29 50.98
C ARG E 350 -5.30 -32.50 51.88
N ILE E 351 -6.18 -33.49 51.80
CA ILE E 351 -6.17 -34.62 52.71
C ILE E 351 -6.03 -35.96 51.99
N LYS E 352 -5.71 -35.95 50.70
CA LYS E 352 -5.62 -37.19 49.94
C LYS E 352 -4.39 -37.29 49.06
N ASP E 353 -3.60 -36.23 48.93
CA ASP E 353 -2.48 -36.22 48.00
C ASP E 353 -1.16 -36.33 48.74
N THR E 354 -0.16 -36.91 48.07
CA THR E 354 1.14 -37.16 48.65
C THR E 354 2.03 -35.93 48.50
N ASP E 355 2.81 -35.65 49.54
CA ASP E 355 3.77 -34.56 49.54
C ASP E 355 5.13 -35.12 49.17
N PHE E 356 5.54 -34.92 47.92
CA PHE E 356 6.72 -35.60 47.40
C PHE E 356 8.00 -35.11 48.04
N ALA E 357 8.00 -33.89 48.60
CA ALA E 357 9.18 -33.41 49.29
C ALA E 357 9.42 -34.19 50.58
N LYS E 358 8.36 -34.67 51.21
CA LYS E 358 8.49 -35.26 52.53
C LYS E 358 8.84 -36.75 52.49
N GLU E 359 8.39 -37.47 51.46
CA GLU E 359 8.52 -38.92 51.47
C GLU E 359 9.93 -39.41 51.15
N THR E 360 10.66 -38.68 50.31
CA THR E 360 11.97 -39.14 49.86
C THR E 360 12.98 -39.20 51.01
N ALA E 361 12.89 -38.26 51.95
CA ALA E 361 13.78 -38.30 53.11
C ALA E 361 13.55 -39.55 53.94
N GLU E 362 12.29 -39.92 54.14
CA GLU E 362 11.97 -41.15 54.85
C GLU E 362 12.50 -42.36 54.10
N LEU E 363 12.36 -42.34 52.77
CA LEU E 363 12.89 -43.44 51.97
C LEU E 363 14.37 -43.63 52.20
N THR E 364 15.15 -42.55 52.12
CA THR E 364 16.59 -42.66 52.32
C THR E 364 16.93 -43.13 53.73
N ARG E 365 16.22 -42.61 54.74
CA ARG E 365 16.49 -43.02 56.11
C ARG E 365 16.30 -44.52 56.28
N THR E 366 15.17 -45.05 55.80
CA THR E 366 14.90 -46.48 55.94
C THR E 366 15.94 -47.31 55.20
N GLN E 367 16.36 -46.85 54.01
CA GLN E 367 17.35 -47.61 53.26
C GLN E 367 18.67 -47.70 54.01
N ILE E 368 19.11 -46.61 54.64
CA ILE E 368 20.37 -46.68 55.39
C ILE E 368 20.22 -47.61 56.59
N LEU E 369 19.09 -47.51 57.30
CA LEU E 369 18.90 -48.36 58.48
C LEU E 369 18.92 -49.84 58.13
N GLN E 370 18.40 -50.21 56.95
CA GLN E 370 18.46 -51.60 56.54
C GLN E 370 19.89 -52.12 56.49
N GLN E 371 20.79 -51.37 55.86
CA GLN E 371 22.18 -51.81 55.73
C GLN E 371 22.85 -51.89 57.09
N ALA E 372 22.61 -50.91 57.96
CA ALA E 372 23.20 -50.97 59.29
C ALA E 372 22.77 -52.23 60.02
N GLY E 373 21.47 -52.54 59.95
CA GLY E 373 20.97 -53.73 60.63
C GLY E 373 21.57 -55.01 60.09
N THR E 374 21.69 -55.11 58.75
CA THR E 374 22.23 -56.34 58.16
C THR E 374 23.67 -56.55 58.57
N ALA E 375 24.49 -55.50 58.51
CA ALA E 375 25.90 -55.63 58.89
C ALA E 375 26.03 -56.05 60.34
N MET E 376 25.26 -55.42 61.23
CA MET E 376 25.36 -55.79 62.64
C MET E 376 24.86 -57.21 62.89
N LEU E 377 23.87 -57.66 62.12
CA LEU E 377 23.41 -59.04 62.24
C LEU E 377 24.52 -60.01 61.89
N ALA E 378 25.25 -59.74 60.82
CA ALA E 378 26.38 -60.61 60.46
C ALA E 378 27.41 -60.65 61.58
N GLN E 379 27.72 -59.48 62.15
CA GLN E 379 28.68 -59.44 63.25
C GLN E 379 28.21 -60.28 64.44
N ALA E 380 26.94 -60.12 64.82
CA ALA E 380 26.42 -60.85 65.97
C ALA E 380 26.44 -62.35 65.74
N ASN E 381 26.12 -62.78 64.53
CA ASN E 381 26.21 -64.20 64.21
C ASN E 381 27.64 -64.71 64.33
N GLN E 382 28.61 -63.91 63.87
CA GLN E 382 30.00 -64.37 63.88
C GLN E 382 30.61 -64.35 65.27
N VAL E 383 30.03 -63.62 66.22
CA VAL E 383 30.68 -63.40 67.51
C VAL E 383 31.06 -64.70 68.23
N PRO E 384 30.17 -65.69 68.40
CA PRO E 384 30.46 -66.76 69.37
C PRO E 384 31.55 -67.74 68.97
N GLN E 385 32.27 -67.47 67.87
CA GLN E 385 33.28 -68.40 67.38
C GLN E 385 34.46 -68.57 68.33
N GLY E 386 34.67 -67.66 69.28
CA GLY E 386 35.89 -67.65 70.05
C GLY E 386 35.99 -68.75 71.08
N VAL E 387 34.88 -69.43 71.39
CA VAL E 387 34.89 -70.47 72.40
C VAL E 387 35.76 -71.65 71.98
N LEU E 388 35.85 -71.90 70.67
CA LEU E 388 36.48 -73.12 70.17
C LEU E 388 37.94 -73.20 70.60
N SER E 389 38.64 -72.07 70.63
CA SER E 389 40.08 -72.09 70.91
C SER E 389 40.38 -72.62 72.30
N LEU E 390 39.44 -72.51 73.23
CA LEU E 390 39.67 -73.04 74.57
C LEU E 390 39.81 -74.55 74.56
N LEU E 391 39.12 -75.22 73.66
CA LEU E 391 39.08 -76.68 73.65
C LEU E 391 40.40 -77.28 73.20
N ALA F 2 55.39 -47.39 74.01
CA ALA F 2 54.46 -48.19 74.80
C ALA F 2 53.14 -48.37 74.06
N GLN F 3 52.63 -49.58 74.05
CA GLN F 3 51.37 -49.91 73.37
C GLN F 3 50.31 -50.22 74.43
N VAL F 4 49.20 -49.51 74.36
CA VAL F 4 48.09 -49.69 75.29
C VAL F 4 46.82 -49.92 74.49
N ILE F 5 45.83 -50.53 75.12
CA ILE F 5 44.58 -50.85 74.46
C ILE F 5 43.38 -50.20 75.12
N ASN F 6 43.51 -49.72 76.36
CA ASN F 6 42.36 -49.13 77.03
C ASN F 6 41.99 -47.77 76.43
N THR F 7 42.99 -47.02 76.02
CA THR F 7 42.72 -45.71 75.46
C THR F 7 43.35 -45.51 74.10
N ASN F 8 42.62 -44.81 73.23
CA ASN F 8 43.11 -44.51 71.91
C ASN F 8 43.07 -43.01 71.73
N THR F 9 44.17 -42.37 72.06
CA THR F 9 44.26 -40.92 71.97
C THR F 9 44.09 -40.45 70.55
N MET F 10 44.67 -41.16 69.59
CA MET F 10 44.53 -40.75 68.22
C MET F 10 43.07 -40.79 67.79
N SER F 11 42.38 -41.84 68.18
CA SER F 11 40.97 -41.97 67.86
C SER F 11 40.15 -40.89 68.51
N LEU F 12 40.51 -40.54 69.75
CA LEU F 12 39.83 -39.49 70.48
C LEU F 12 39.98 -38.17 69.76
N ASN F 13 41.17 -37.90 69.25
CA ASN F 13 41.40 -36.65 68.55
C ASN F 13 40.54 -36.45 67.33
N ALA F 14 40.78 -37.27 66.32
CA ALA F 14 40.14 -37.30 65.00
C ALA F 14 38.65 -37.01 65.11
N GLN F 15 38.00 -37.52 66.15
CA GLN F 15 36.58 -37.23 66.34
C GLN F 15 36.36 -35.74 66.53
N ARG F 16 37.17 -35.10 67.37
CA ARG F 16 37.01 -33.68 67.62
C ARG F 16 37.22 -32.88 66.35
N ASN F 17 38.25 -33.21 65.57
CA ASN F 17 38.52 -32.48 64.35
C ASN F 17 37.38 -32.66 63.35
N LEU F 18 36.84 -33.87 63.24
CA LEU F 18 35.74 -34.12 62.33
C LEU F 18 34.50 -33.30 62.70
N SER F 19 34.18 -33.24 63.99
CA SER F 19 33.04 -32.41 64.39
C SER F 19 33.27 -30.94 64.08
N THR F 20 34.49 -30.46 64.33
CA THR F 20 34.80 -29.06 64.01
C THR F 20 34.60 -28.78 62.53
N SER F 21 35.10 -29.67 61.67
CA SER F 21 34.92 -29.47 60.23
C SER F 21 33.46 -29.53 59.83
N GLY F 22 32.67 -30.42 60.44
CA GLY F 22 31.28 -30.55 60.06
C GLY F 22 30.35 -29.49 60.60
N SER F 23 30.83 -28.68 61.55
CA SER F 23 29.97 -27.64 62.13
C SER F 23 29.46 -26.66 61.09
N SER F 24 30.34 -26.20 60.19
CA SER F 24 30.02 -25.08 59.30
C SER F 24 29.14 -25.45 58.13
N LEU F 25 29.06 -26.74 57.78
CA LEU F 25 28.38 -27.13 56.56
C LEU F 25 26.88 -26.88 56.66
N ALA F 26 26.28 -27.11 57.83
CA ALA F 26 24.86 -26.86 58.00
C ALA F 26 24.52 -25.39 57.79
N THR F 27 25.32 -24.51 58.38
CA THR F 27 25.09 -23.07 58.22
C THR F 27 25.22 -22.67 56.76
N THR F 28 26.25 -23.15 56.08
CA THR F 28 26.44 -22.79 54.69
C THR F 28 25.25 -23.26 53.83
N ILE F 29 24.81 -24.49 54.05
CA ILE F 29 23.68 -25.03 53.28
C ILE F 29 22.44 -24.19 53.52
N GLN F 30 22.18 -23.85 54.77
CA GLN F 30 20.96 -23.09 55.10
C GLN F 30 20.99 -21.72 54.45
N ARG F 31 22.11 -21.02 54.53
CA ARG F 31 22.14 -19.66 53.97
C ARG F 31 22.25 -19.68 52.46
N LEU F 32 22.61 -20.82 51.87
CA LEU F 32 22.59 -20.93 50.42
C LEU F 32 21.21 -21.30 49.92
N SER F 33 20.41 -21.99 50.72
CA SER F 33 19.06 -22.35 50.30
C SER F 33 18.07 -21.20 50.51
N SER F 34 18.13 -20.55 51.67
CA SER F 34 17.15 -19.51 51.97
C SER F 34 17.32 -18.31 51.06
N GLY F 35 18.56 -17.91 50.78
CA GLY F 35 18.83 -16.78 49.93
C GLY F 35 19.20 -15.51 50.65
N SER F 36 19.33 -15.52 51.97
CA SER F 36 19.68 -14.34 52.75
C SER F 36 20.76 -14.68 53.76
N ARG F 37 21.57 -13.69 54.10
CA ARG F 37 22.72 -13.88 54.95
C ARG F 37 22.43 -13.74 56.44
N ILE F 38 21.31 -13.16 56.81
CA ILE F 38 20.93 -12.99 58.21
C ILE F 38 19.59 -13.69 58.40
N ASN F 39 19.61 -14.90 58.96
CA ASN F 39 18.39 -15.62 59.28
C ASN F 39 18.06 -15.63 60.76
N SER F 40 18.98 -15.16 61.61
CA SER F 40 18.73 -15.10 63.04
C SER F 40 19.67 -14.05 63.63
N ALA F 41 19.37 -13.64 64.85
CA ALA F 41 20.22 -12.67 65.53
C ALA F 41 21.60 -13.22 65.84
N LYS F 42 21.79 -14.53 65.73
CA LYS F 42 23.09 -15.12 65.99
C LYS F 42 24.14 -14.63 64.99
N ASP F 43 23.75 -14.50 63.72
CA ASP F 43 24.70 -14.06 62.71
C ASP F 43 25.12 -12.61 62.90
N ASP F 44 24.15 -11.71 63.08
CA ASP F 44 24.46 -10.30 63.25
C ASP F 44 23.46 -9.68 64.22
N ALA F 45 23.98 -8.89 65.15
CA ALA F 45 23.16 -8.27 66.17
C ALA F 45 22.82 -6.82 65.87
N ALA F 46 23.35 -6.25 64.78
CA ALA F 46 23.02 -4.89 64.38
C ALA F 46 22.36 -4.82 63.02
N GLY F 47 22.69 -5.72 62.10
CA GLY F 47 22.15 -5.63 60.76
C GLY F 47 20.65 -5.85 60.70
N LEU F 48 20.12 -6.71 61.57
CA LEU F 48 18.71 -7.04 61.50
C LEU F 48 17.85 -5.82 61.86
N ALA F 49 18.29 -5.02 62.84
CA ALA F 49 17.53 -3.84 63.21
C ALA F 49 17.44 -2.86 62.04
N ILE F 50 18.56 -2.63 61.35
CA ILE F 50 18.56 -1.68 60.25
C ILE F 50 17.75 -2.22 59.07
N SER F 51 17.82 -3.52 58.83
CA SER F 51 16.99 -4.09 57.76
C SER F 51 15.51 -3.95 58.09
N GLU F 52 15.13 -4.14 59.36
CA GLU F 52 13.74 -3.93 59.74
C GLU F 52 13.31 -2.48 59.49
N ARG F 53 14.14 -1.53 59.88
CA ARG F 53 13.78 -0.13 59.67
C ARG F 53 13.63 0.19 58.19
N PHE F 54 14.55 -0.33 57.37
CA PHE F 54 14.43 -0.10 55.92
C PHE F 54 13.15 -0.72 55.37
N GLY F 55 12.78 -1.91 55.86
CA GLY F 55 11.53 -2.52 55.43
C GLY F 55 10.32 -1.65 55.76
N THR F 56 10.28 -1.12 56.98
CA THR F 56 9.17 -0.25 57.36
C THR F 56 9.11 0.97 56.46
N GLN F 57 10.26 1.57 56.16
CA GLN F 57 10.28 2.74 55.30
C GLN F 57 9.70 2.43 53.92
N ILE F 58 10.12 1.33 53.31
CA ILE F 58 9.67 1.01 51.96
C ILE F 58 8.16 0.75 51.95
N ARG F 59 7.68 -0.04 52.91
CA ARG F 59 6.25 -0.33 52.95
C ARG F 59 5.42 0.92 53.17
N GLY F 60 5.89 1.86 54.00
CA GLY F 60 5.17 3.11 54.13
C GLY F 60 5.17 3.93 52.86
N THR F 61 6.29 3.93 52.14
CA THR F 61 6.39 4.74 50.93
C THR F 61 5.37 4.32 49.88
N ASP F 62 5.11 3.01 49.77
CA ASP F 62 4.13 2.57 48.76
C ASP F 62 2.74 3.15 49.00
N VAL F 63 2.22 3.00 50.21
CA VAL F 63 0.88 3.51 50.48
C VAL F 63 0.87 5.03 50.41
N ALA F 64 1.99 5.69 50.70
CA ALA F 64 2.06 7.13 50.50
C ALA F 64 1.82 7.50 49.03
N ILE F 65 2.43 6.74 48.11
CA ILE F 65 2.20 7.00 46.70
C ILE F 65 0.71 6.87 46.37
N ARG F 66 0.07 5.82 46.89
CA ARG F 66 -1.36 5.63 46.60
C ARG F 66 -2.19 6.82 47.08
N ASN F 67 -1.92 7.31 48.29
CA ASN F 67 -2.69 8.43 48.81
C ASN F 67 -2.52 9.68 47.96
N ALA F 68 -1.29 9.93 47.50
CA ALA F 68 -1.08 11.10 46.63
C ALA F 68 -1.90 10.99 45.34
N ASN F 69 -1.96 9.80 44.75
CA ASN F 69 -2.79 9.63 43.56
C ASN F 69 -4.26 9.94 43.85
N ASP F 70 -4.75 9.52 45.01
CA ASP F 70 -6.13 9.84 45.38
C ASP F 70 -6.37 11.35 45.41
N GLY F 71 -5.43 12.09 45.99
CA GLY F 71 -5.58 13.54 46.01
C GLY F 71 -5.68 14.13 44.62
N ILE F 72 -4.84 13.64 43.70
CA ILE F 72 -4.91 14.10 42.32
C ILE F 72 -6.30 13.90 41.73
N SER F 73 -6.87 12.72 41.96
CA SER F 73 -8.19 12.43 41.41
C SER F 73 -9.26 13.39 41.93
N LEU F 74 -9.22 13.67 43.24
CA LEU F 74 -10.20 14.61 43.81
C LEU F 74 -10.13 15.96 43.13
N ALA F 75 -8.91 16.50 42.99
CA ALA F 75 -8.79 17.82 42.36
C ALA F 75 -9.34 17.80 40.94
N GLN F 76 -9.07 16.72 40.20
CA GLN F 76 -9.59 16.61 38.84
C GLN F 76 -11.11 16.73 38.82
N VAL F 77 -11.79 16.01 39.71
CA VAL F 77 -13.26 16.02 39.70
C VAL F 77 -13.79 17.43 39.96
N ALA F 78 -13.22 18.11 40.95
CA ALA F 78 -13.72 19.45 41.28
C ALA F 78 -13.58 20.40 40.10
N GLU F 79 -12.42 20.38 39.43
CA GLU F 79 -12.24 21.26 38.28
C GLU F 79 -13.24 20.91 37.18
N GLY F 80 -13.49 19.62 36.98
CA GLY F 80 -14.43 19.21 35.96
C GLY F 80 -15.81 19.82 36.14
N SER F 81 -16.30 19.88 37.38
CA SER F 81 -17.61 20.50 37.60
C SER F 81 -17.57 22.02 37.41
N LEU F 82 -16.52 22.66 37.92
CA LEU F 82 -16.47 24.12 37.83
C LEU F 82 -16.46 24.60 36.38
N THR F 83 -15.88 23.81 35.48
CA THR F 83 -15.85 24.20 34.07
C THR F 83 -17.26 24.42 33.52
N GLU F 84 -18.16 23.48 33.77
CA GLU F 84 -19.50 23.59 33.23
C GLU F 84 -20.27 24.73 33.88
N ILE F 85 -20.05 24.95 35.18
CA ILE F 85 -20.67 26.12 35.80
C ILE F 85 -20.28 27.40 35.05
N GLY F 86 -19.00 27.52 34.73
CA GLY F 86 -18.53 28.70 34.02
C GLY F 86 -19.17 28.86 32.65
N ASN F 87 -19.31 27.74 31.92
CA ASN F 87 -19.94 27.81 30.60
C ASN F 87 -21.37 28.34 30.68
N ASN F 88 -22.13 27.84 31.66
CA ASN F 88 -23.52 28.30 31.79
C ASN F 88 -23.58 29.78 32.12
N LEU F 89 -22.70 30.25 33.01
CA LEU F 89 -22.66 31.68 33.31
C LEU F 89 -22.38 32.50 32.06
N GLN F 90 -21.45 32.02 31.23
CA GLN F 90 -21.09 32.73 30.02
C GLN F 90 -22.31 32.89 29.11
N ARG F 91 -23.07 31.82 28.96
CA ARG F 91 -24.27 31.89 28.13
C ARG F 91 -25.27 32.90 28.68
N VAL F 92 -25.46 32.92 30.01
CA VAL F 92 -26.40 33.87 30.60
C VAL F 92 -26.00 35.30 30.30
N ARG F 93 -24.71 35.61 30.45
CA ARG F 93 -24.26 36.98 30.16
C ARG F 93 -24.49 37.35 28.71
N GLU F 94 -24.18 36.43 27.79
CA GLU F 94 -24.41 36.72 26.38
C GLU F 94 -25.88 37.02 26.12
N LEU F 95 -26.77 36.27 26.75
CA LEU F 95 -28.20 36.53 26.60
C LEU F 95 -28.57 37.89 27.18
N SER F 96 -27.97 38.27 28.30
CA SER F 96 -28.33 39.49 28.99
C SER F 96 -27.82 40.75 28.33
N VAL F 97 -26.77 40.66 27.51
CA VAL F 97 -26.30 41.87 26.80
C VAL F 97 -27.39 42.37 25.86
N GLN F 98 -28.04 41.46 25.16
CA GLN F 98 -29.29 41.75 24.48
C GLN F 98 -30.36 42.10 25.53
N ALA F 99 -31.57 42.38 25.07
CA ALA F 99 -32.69 42.77 25.92
C ALA F 99 -32.47 44.10 26.62
N SER F 100 -31.41 44.83 26.28
CA SER F 100 -31.23 46.20 26.72
C SER F 100 -31.29 47.18 25.56
N ASN F 101 -31.77 46.74 24.40
CA ASN F 101 -31.97 47.62 23.27
C ASN F 101 -33.24 48.45 23.49
N ALA F 102 -33.70 49.12 22.45
CA ALA F 102 -34.91 49.91 22.54
C ALA F 102 -36.05 49.37 21.69
N THR F 103 -35.77 48.50 20.73
CA THR F 103 -36.78 48.01 19.81
C THR F 103 -37.57 46.83 20.34
N ASN F 104 -37.21 46.30 21.51
CA ASN F 104 -37.91 45.16 22.06
C ASN F 104 -39.22 45.59 22.72
N SER F 105 -40.04 44.62 23.05
CA SER F 105 -41.30 44.83 23.76
C SER F 105 -41.29 44.00 25.03
N ALA F 106 -42.40 44.04 25.77
CA ALA F 106 -42.49 43.29 27.02
C ALA F 106 -42.45 41.79 26.77
N SER F 107 -43.18 41.32 25.75
CA SER F 107 -43.28 39.89 25.50
C SER F 107 -41.91 39.27 25.21
N ASP F 108 -41.08 39.96 24.44
CA ASP F 108 -39.75 39.45 24.15
C ASP F 108 -38.91 39.34 25.41
N ARG F 109 -39.04 40.32 26.30
CA ARG F 109 -38.31 40.25 27.56
C ARG F 109 -38.76 39.06 28.39
N LYS F 110 -40.05 38.76 28.40
CA LYS F 110 -40.49 37.55 29.10
C LYS F 110 -39.93 36.28 28.44
N ALA F 111 -39.89 36.27 27.11
CA ALA F 111 -39.34 35.12 26.40
C ALA F 111 -37.89 34.88 26.77
N LEU F 112 -37.11 35.96 26.97
CA LEU F 112 -35.73 35.78 27.39
C LEU F 112 -35.63 35.40 28.87
N GLN F 113 -36.52 35.96 29.70
CA GLN F 113 -36.48 35.66 31.12
C GLN F 113 -36.74 34.19 31.40
N ALA F 114 -37.55 33.54 30.56
CA ALA F 114 -37.77 32.10 30.73
C ALA F 114 -36.45 31.32 30.69
N GLU F 115 -35.66 31.56 29.65
CA GLU F 115 -34.39 30.84 29.52
C GLU F 115 -33.42 31.22 30.62
N VAL F 116 -33.41 32.49 31.03
CA VAL F 116 -32.52 32.87 32.14
C VAL F 116 -32.88 32.08 33.40
N THR F 117 -34.17 31.94 33.68
CA THR F 117 -34.59 31.18 34.86
C THR F 117 -34.14 29.72 34.77
N GLN F 118 -34.31 29.10 33.60
CA GLN F 118 -33.88 27.71 33.45
C GLN F 118 -32.38 27.57 33.71
N LEU F 119 -31.57 28.47 33.15
CA LEU F 119 -30.13 28.35 33.30
C LEU F 119 -29.69 28.54 34.74
N VAL F 120 -30.31 29.48 35.46
CA VAL F 120 -29.96 29.67 36.86
C VAL F 120 -30.28 28.42 37.68
N SER F 121 -31.45 27.83 37.42
CA SER F 121 -31.79 26.59 38.13
C SER F 121 -30.76 25.50 37.88
N GLU F 122 -30.29 25.39 36.63
CA GLU F 122 -29.27 24.39 36.32
C GLU F 122 -27.99 24.63 37.08
N ILE F 123 -27.55 25.89 37.13
CA ILE F 123 -26.32 26.22 37.86
C ILE F 123 -26.43 25.78 39.30
N ASP F 124 -27.56 26.13 39.95
CA ASP F 124 -27.73 25.79 41.35
C ASP F 124 -27.73 24.28 41.57
N ARG F 125 -28.44 23.54 40.72
CA ARG F 125 -28.51 22.09 40.90
C ARG F 125 -27.14 21.44 40.78
N VAL F 126 -26.36 21.84 39.78
CA VAL F 126 -25.03 21.27 39.62
C VAL F 126 -24.15 21.59 40.82
N ALA F 127 -24.21 22.83 41.31
CA ALA F 127 -23.39 23.20 42.46
C ALA F 127 -23.75 22.37 43.68
N LYS F 128 -25.04 22.10 43.89
CA LYS F 128 -25.46 21.43 45.11
C LYS F 128 -25.40 19.92 45.04
N GLN F 129 -25.18 19.32 43.87
CA GLN F 129 -25.25 17.87 43.76
C GLN F 129 -23.95 17.29 43.20
N SER F 130 -22.82 17.76 43.72
CA SER F 130 -21.51 17.29 43.29
C SER F 130 -20.75 16.71 44.47
N ASP F 131 -20.12 15.56 44.28
CA ASP F 131 -19.48 14.87 45.37
C ASP F 131 -18.41 13.91 44.84
N PHE F 132 -17.56 13.46 45.76
CA PHE F 132 -16.53 12.46 45.46
C PHE F 132 -16.45 11.52 46.65
N ASN F 133 -16.87 10.27 46.44
CA ASN F 133 -16.90 9.26 47.51
C ASN F 133 -17.77 9.70 48.67
N GLY F 134 -18.87 10.37 48.36
CA GLY F 134 -19.82 10.78 49.39
C GLY F 134 -19.48 12.08 50.09
N THR F 135 -18.41 12.77 49.70
CA THR F 135 -18.00 14.01 50.32
C THR F 135 -18.37 15.16 49.39
N LYS F 136 -19.29 16.02 49.82
CA LYS F 136 -19.71 17.15 49.00
C LYS F 136 -18.58 18.18 48.89
N LEU F 137 -18.48 18.81 47.74
CA LEU F 137 -17.37 19.72 47.45
C LEU F 137 -17.80 21.18 47.32
N LEU F 138 -18.70 21.50 46.40
CA LEU F 138 -19.02 22.89 46.09
C LEU F 138 -20.29 23.34 46.81
N ASP F 139 -20.22 23.41 48.14
CA ASP F 139 -21.30 24.08 48.87
C ASP F 139 -20.79 24.81 50.10
N GLY F 140 -19.49 25.01 50.25
CA GLY F 140 -18.95 25.73 51.38
C GLY F 140 -18.74 24.90 52.63
N THR F 141 -18.96 23.59 52.58
CA THR F 141 -18.76 22.73 53.73
C THR F 141 -17.42 22.00 53.70
N PHE F 142 -16.59 22.26 52.70
CA PHE F 142 -15.29 21.58 52.57
C PHE F 142 -14.29 22.27 53.48
N SER F 143 -14.10 21.73 54.68
CA SER F 143 -13.16 22.28 55.63
C SER F 143 -11.77 21.72 55.37
N SER F 144 -10.84 21.94 56.30
CA SER F 144 -9.48 21.48 56.14
C SER F 144 -9.41 19.96 56.10
N GLN F 145 -8.69 19.43 55.11
CA GLN F 145 -8.52 17.99 54.93
C GLN F 145 -7.03 17.69 54.79
N LEU F 146 -6.59 16.58 55.37
CA LEU F 146 -5.17 16.24 55.44
C LEU F 146 -4.88 14.95 54.68
N PHE F 147 -3.81 14.96 53.91
CA PHE F 147 -3.33 13.79 53.18
C PHE F 147 -1.98 13.36 53.73
N GLN F 148 -1.81 12.06 53.95
CA GLN F 148 -0.57 11.51 54.47
C GLN F 148 0.35 11.16 53.31
N VAL F 149 1.50 11.81 53.23
CA VAL F 149 2.44 11.62 52.12
C VAL F 149 3.81 11.22 52.65
N GLY F 150 3.84 10.45 53.73
CA GLY F 150 5.08 9.95 54.29
C GLY F 150 4.81 8.68 55.05
N ALA F 151 5.87 8.09 55.59
CA ALA F 151 5.76 6.86 56.36
C ALA F 151 5.82 7.09 57.86
N ASN F 152 5.71 8.34 58.31
CA ASN F 152 5.88 8.67 59.71
C ASN F 152 4.74 9.54 60.20
N ALA F 153 4.58 9.59 61.51
CA ALA F 153 3.52 10.40 62.12
C ALA F 153 3.82 11.88 61.95
N GLY F 154 2.80 12.64 61.60
CA GLY F 154 2.93 14.08 61.50
C GLY F 154 3.43 14.63 60.20
N GLN F 155 3.47 13.82 59.14
CA GLN F 155 3.91 14.28 57.82
C GLN F 155 2.68 14.34 56.92
N ALA F 156 2.06 15.52 56.84
CA ALA F 156 0.82 15.66 56.09
C ALA F 156 0.74 17.06 55.50
N ILE F 157 -0.03 17.19 54.42
CA ILE F 157 -0.31 18.47 53.80
C ILE F 157 -1.82 18.62 53.68
N ALA F 158 -2.28 19.86 53.66
CA ALA F 158 -3.69 20.16 53.81
C ALA F 158 -4.20 21.03 52.66
N ILE F 159 -5.47 20.83 52.33
CA ILE F 159 -6.19 21.69 51.39
C ILE F 159 -7.19 22.50 52.18
N ASP F 160 -7.17 23.82 52.01
CA ASP F 160 -7.96 24.67 52.88
C ASP F 160 -9.44 24.69 52.48
N LYS F 161 -9.73 25.13 51.26
CA LYS F 161 -11.11 25.35 50.86
C LYS F 161 -11.16 25.59 49.37
N THR F 162 -12.26 25.16 48.74
CA THR F 162 -12.41 25.42 47.32
C THR F 162 -13.26 26.65 47.03
N ILE F 163 -14.55 26.60 47.34
CA ILE F 163 -15.49 27.63 46.91
C ILE F 163 -16.83 27.36 47.59
N ASP F 164 -17.66 28.39 47.69
CA ASP F 164 -19.08 28.24 48.03
C ASP F 164 -19.89 28.77 46.85
N ALA F 165 -20.32 27.86 45.98
CA ALA F 165 -20.81 28.23 44.66
C ALA F 165 -22.32 28.05 44.49
N LYS F 166 -23.09 28.25 45.54
CA LYS F 166 -24.54 28.20 45.41
C LYS F 166 -25.05 29.49 44.77
N ALA F 167 -26.23 29.40 44.16
CA ALA F 167 -26.81 30.57 43.50
C ALA F 167 -27.16 31.67 44.47
N GLY F 168 -27.38 31.35 45.74
CA GLY F 168 -27.70 32.36 46.73
C GLY F 168 -26.51 33.08 47.32
N SER F 169 -25.29 32.70 46.97
CA SER F 169 -24.09 33.33 47.51
C SER F 169 -23.02 33.47 46.44
N LEU F 170 -23.39 33.95 45.25
CA LEU F 170 -22.46 34.12 44.15
C LEU F 170 -22.60 35.52 43.57
N GLY F 171 -21.47 36.23 43.45
CA GLY F 171 -21.46 37.53 42.82
C GLY F 171 -22.22 38.63 43.54
N THR F 172 -22.04 38.75 44.85
CA THR F 172 -22.73 39.77 45.61
C THR F 172 -22.27 41.17 45.21
N SER F 173 -23.21 42.11 45.20
CA SER F 173 -22.92 43.48 44.77
C SER F 173 -23.92 44.43 45.40
N THR F 174 -23.59 45.72 45.39
CA THR F 174 -24.46 46.77 45.91
C THR F 174 -24.46 47.95 44.96
N PHE F 175 -25.64 48.51 44.70
CA PHE F 175 -25.81 49.63 43.78
C PHE F 175 -26.44 50.79 44.52
N ALA F 176 -25.84 51.98 44.39
CA ALA F 176 -26.39 53.17 45.03
C ALA F 176 -27.69 53.58 44.34
N THR F 177 -28.66 54.00 45.13
CA THR F 177 -29.99 54.34 44.63
C THR F 177 -30.73 55.04 45.77
N GLY F 178 -31.70 55.85 45.41
CA GLY F 178 -32.48 56.54 46.42
C GLY F 178 -32.58 58.02 46.14
N ALA F 179 -32.34 58.38 44.89
CA ALA F 179 -32.36 59.77 44.50
C ALA F 179 -33.79 60.31 44.47
N THR F 180 -33.91 61.59 44.78
CA THR F 180 -35.12 62.35 44.55
C THR F 180 -34.72 63.69 43.97
N ALA F 181 -35.72 64.47 43.58
CA ALA F 181 -35.50 65.83 43.10
C ALA F 181 -36.37 66.87 43.80
N ALA F 182 -37.61 66.51 44.13
CA ALA F 182 -38.55 67.42 44.78
C ALA F 182 -38.74 68.70 43.96
N LEU F 183 -38.89 68.53 42.64
CA LEU F 183 -39.05 69.66 41.74
C LEU F 183 -40.52 69.78 41.34
N ALA F 184 -41.06 71.00 41.46
CA ALA F 184 -42.46 71.23 41.12
C ALA F 184 -42.66 72.58 40.45
N ALA F 185 -41.67 73.04 39.69
CA ALA F 185 -41.78 74.32 39.01
C ALA F 185 -42.85 74.27 37.92
N SER F 186 -43.46 75.42 37.68
CA SER F 186 -44.53 75.53 36.70
C SER F 186 -44.53 76.94 36.15
N THR F 187 -45.64 77.33 35.52
CA THR F 187 -45.90 78.69 35.01
C THR F 187 -44.89 78.91 33.88
N ASP F 188 -44.12 79.99 33.87
CA ASP F 188 -43.35 80.35 32.69
C ASP F 188 -42.09 79.51 32.56
N GLY F 189 -41.45 79.62 31.40
CA GLY F 189 -40.30 78.79 31.10
C GLY F 189 -39.08 79.19 31.89
N ALA F 190 -38.10 78.27 31.90
CA ALA F 190 -36.87 78.47 32.65
C ALA F 190 -35.77 77.65 32.00
N ARG F 191 -34.54 77.97 32.38
CA ARG F 191 -33.37 77.25 31.91
C ARG F 191 -32.70 76.54 33.07
N PHE F 192 -32.36 75.27 32.89
CA PHE F 192 -31.76 74.46 33.93
C PHE F 192 -30.33 74.15 33.55
N SER F 193 -29.45 74.18 34.55
CA SER F 193 -28.03 73.93 34.34
C SER F 193 -27.50 73.10 35.50
N GLY F 194 -26.19 72.92 35.57
CA GLY F 194 -25.56 72.24 36.67
C GLY F 194 -24.71 71.07 36.20
N THR F 195 -24.18 70.36 37.19
CA THR F 195 -23.30 69.23 36.95
C THR F 195 -23.80 68.02 37.72
N VAL F 196 -23.49 66.83 37.19
CA VAL F 196 -23.77 65.56 37.86
C VAL F 196 -22.47 64.79 37.95
N MET F 197 -22.03 64.50 39.17
CA MET F 197 -20.80 63.73 39.40
C MET F 197 -19.61 64.36 38.69
N GLY F 198 -19.57 65.69 38.66
CA GLY F 198 -18.47 66.39 38.03
C GLY F 198 -18.50 66.42 36.52
N VAL F 199 -19.66 66.19 35.91
CA VAL F 199 -19.79 66.20 34.45
C VAL F 199 -20.89 67.19 34.08
N ASP F 200 -20.56 68.12 33.20
CA ASP F 200 -21.53 69.11 32.76
C ASP F 200 -22.63 68.47 31.93
N ILE F 201 -23.83 69.04 31.99
CA ILE F 201 -24.97 68.50 31.27
C ILE F 201 -25.57 69.53 30.31
N GLY F 202 -24.86 70.60 30.02
CA GLY F 202 -25.38 71.58 29.09
C GLY F 202 -26.57 72.33 29.68
N THR F 203 -27.42 72.83 28.79
CA THR F 203 -28.59 73.62 29.19
C THR F 203 -29.82 73.13 28.46
N VAL F 204 -30.98 73.38 29.07
CA VAL F 204 -32.27 73.00 28.50
C VAL F 204 -33.22 74.18 28.57
N GLU F 205 -34.27 74.12 27.75
CA GLU F 205 -35.29 75.15 27.67
C GLU F 205 -36.66 74.51 27.76
N VAL F 206 -37.59 75.21 28.40
CA VAL F 206 -38.98 74.76 28.48
C VAL F 206 -39.88 75.92 28.12
N LYS F 207 -41.07 75.60 27.62
CA LYS F 207 -41.95 76.62 27.05
C LYS F 207 -42.62 77.45 28.14
N ALA F 208 -43.28 78.52 27.72
CA ALA F 208 -43.97 79.40 28.65
C ALA F 208 -45.14 78.67 29.32
N GLY F 209 -45.84 77.83 28.58
CA GLY F 209 -46.91 77.04 29.16
C GLY F 209 -46.39 75.76 29.77
N ALA F 210 -45.53 75.87 30.77
CA ALA F 210 -44.84 74.73 31.33
C ALA F 210 -45.69 74.03 32.38
N THR F 211 -45.31 72.79 32.67
CA THR F 211 -45.96 71.96 33.67
C THR F 211 -44.90 71.01 34.22
N THR F 212 -45.11 70.50 35.44
CA THR F 212 -44.13 69.62 36.06
C THR F 212 -43.77 68.47 35.14
N ALA F 213 -44.75 67.89 34.45
CA ALA F 213 -44.46 66.83 33.50
C ALA F 213 -43.64 67.35 32.33
N ASP F 214 -43.84 68.61 31.94
CA ASP F 214 -43.08 69.17 30.82
C ASP F 214 -41.60 69.31 31.15
N ALA F 215 -41.29 69.73 32.38
CA ALA F 215 -39.91 69.97 32.76
C ALA F 215 -39.18 68.73 33.23
N SER F 216 -39.88 67.82 33.91
CA SER F 216 -39.23 66.63 34.43
C SER F 216 -38.66 65.76 33.31
N LYS F 217 -39.43 65.58 32.23
CA LYS F 217 -38.94 64.74 31.14
C LYS F 217 -37.77 65.40 30.41
N ALA F 218 -37.79 66.73 30.29
CA ALA F 218 -36.66 67.42 29.67
C ALA F 218 -35.39 67.24 30.50
N VAL F 219 -35.49 67.39 31.82
CA VAL F 219 -34.32 67.21 32.67
C VAL F 219 -33.84 65.77 32.61
N ALA F 220 -34.77 64.82 32.60
CA ALA F 220 -34.39 63.41 32.53
C ALA F 220 -33.65 63.11 31.24
N THR F 221 -34.11 63.67 30.11
CA THR F 221 -33.41 63.48 28.86
C THR F 221 -32.01 64.07 28.90
N ALA F 222 -31.89 65.29 29.44
CA ALA F 222 -30.58 65.93 29.52
C ALA F 222 -29.61 65.09 30.35
N ILE F 223 -30.11 64.47 31.43
CA ILE F 223 -29.26 63.64 32.26
C ILE F 223 -28.88 62.36 31.53
N ASN F 224 -29.86 61.71 30.89
CA ASN F 224 -29.62 60.42 30.26
C ASN F 224 -28.71 60.52 29.05
N ALA F 225 -28.59 61.71 28.45
CA ALA F 225 -27.77 61.83 27.25
C ALA F 225 -26.29 61.59 27.52
N LYS F 226 -25.86 61.59 28.79
CA LYS F 226 -24.45 61.41 29.14
C LYS F 226 -24.24 60.23 30.08
N ILE F 227 -24.94 59.12 29.83
CA ILE F 227 -24.77 57.95 30.66
C ILE F 227 -23.40 57.30 30.46
N GLY F 228 -22.72 57.63 29.36
CA GLY F 228 -21.43 57.03 29.08
C GLY F 228 -20.31 57.51 29.98
N GLU F 229 -20.51 58.63 30.68
CA GLU F 229 -19.51 59.17 31.57
C GLU F 229 -19.95 59.24 33.01
N ALA F 230 -21.18 59.69 33.28
CA ALA F 230 -21.66 59.76 34.65
C ALA F 230 -22.02 58.37 35.18
N GLY F 231 -22.54 57.50 34.33
CA GLY F 231 -23.02 56.21 34.78
C GLY F 231 -24.24 56.27 35.67
N ILE F 232 -25.23 57.09 35.31
CA ILE F 232 -26.43 57.28 36.11
C ILE F 232 -27.65 57.19 35.20
N TYR F 233 -28.63 56.38 35.60
CA TYR F 233 -29.87 56.18 34.87
C TYR F 233 -31.00 56.94 35.56
N ALA F 234 -31.70 57.79 34.81
CA ALA F 234 -32.68 58.70 35.37
C ALA F 234 -34.07 58.44 34.80
N GLU F 235 -35.08 58.45 35.66
CA GLU F 235 -36.45 58.24 35.27
C GLU F 235 -37.32 59.44 35.68
N ALA F 236 -38.31 59.73 34.86
CA ALA F 236 -39.23 60.83 35.12
C ALA F 236 -40.38 60.37 36.00
N ASN F 237 -40.95 61.31 36.74
CA ASN F 237 -42.05 61.04 37.65
C ASN F 237 -43.19 62.02 37.38
N SER F 238 -44.42 61.57 37.65
CA SER F 238 -45.58 62.38 37.29
C SER F 238 -45.65 63.69 38.07
N ASP F 239 -45.41 63.63 39.38
CA ASP F 239 -45.58 64.82 40.21
C ASP F 239 -44.55 65.90 39.91
N GLY F 240 -43.41 65.54 39.33
CA GLY F 240 -42.40 66.52 39.01
C GLY F 240 -41.03 66.17 39.53
N THR F 241 -40.95 65.16 40.39
CA THR F 241 -39.68 64.74 40.96
C THR F 241 -38.95 63.80 40.00
N LEU F 242 -37.77 63.35 40.40
CA LEU F 242 -36.96 62.45 39.59
C LEU F 242 -36.38 61.36 40.46
N LYS F 243 -36.01 60.26 39.81
CA LYS F 243 -35.39 59.12 40.47
C LYS F 243 -34.14 58.74 39.70
N LEU F 244 -32.99 58.74 40.37
CA LEU F 244 -31.73 58.39 39.73
C LEU F 244 -31.19 57.10 40.35
N SER F 245 -30.73 56.20 39.48
CA SER F 245 -30.12 54.94 39.90
C SER F 245 -28.82 54.76 39.16
N SER F 246 -27.88 54.07 39.80
CA SER F 246 -26.53 53.88 39.26
C SER F 246 -26.38 52.47 38.72
N VAL F 247 -25.75 52.36 37.55
CA VAL F 247 -25.52 51.07 36.92
C VAL F 247 -24.07 50.63 37.03
N LYS F 248 -23.30 51.23 37.94
CA LYS F 248 -21.92 50.85 38.19
C LYS F 248 -21.80 50.30 39.59
N GLU F 249 -21.19 49.13 39.72
CA GLU F 249 -21.14 48.44 41.00
C GLU F 249 -20.20 49.16 41.96
N GLY F 250 -20.62 49.25 43.23
CA GLY F 250 -19.76 49.74 44.28
C GLY F 250 -19.31 51.17 44.11
N LYS F 251 -20.20 52.05 43.66
CA LYS F 251 -19.90 53.46 43.50
C LYS F 251 -20.80 54.25 44.45
N ALA F 252 -20.18 55.16 45.20
CA ALA F 252 -20.89 55.93 46.21
C ALA F 252 -21.17 57.33 45.67
N VAL F 253 -22.45 57.68 45.58
CA VAL F 253 -22.88 59.01 45.19
C VAL F 253 -23.50 59.68 46.41
N ALA F 254 -23.14 60.94 46.65
CA ALA F 254 -23.54 61.63 47.86
C ALA F 254 -24.41 62.86 47.53
N THR F 255 -24.76 63.60 48.58
CA THR F 255 -25.64 64.75 48.42
C THR F 255 -24.95 65.89 47.68
N ALA F 256 -23.65 66.06 47.87
CA ALA F 256 -22.90 67.10 47.17
C ALA F 256 -22.53 66.71 45.75
N ASP F 257 -22.77 65.46 45.35
CA ASP F 257 -22.42 65.03 44.00
C ASP F 257 -23.36 65.64 42.96
N ILE F 258 -24.61 65.90 43.34
CA ILE F 258 -25.61 66.46 42.44
C ILE F 258 -25.76 67.93 42.78
N ALA F 259 -25.58 68.79 41.78
CA ALA F 259 -25.67 70.23 41.97
C ALA F 259 -26.30 70.84 40.72
N LEU F 260 -27.63 70.98 40.72
CA LEU F 260 -28.36 71.58 39.62
C LEU F 260 -28.73 73.00 40.00
N MET F 261 -28.26 73.97 39.21
CA MET F 261 -28.49 75.38 39.49
C MET F 261 -29.62 75.89 38.59
N ARG F 262 -30.85 75.67 39.04
CA ARG F 262 -32.01 76.18 38.32
C ARG F 262 -32.01 77.70 38.38
N SER F 263 -32.14 78.33 37.22
CA SER F 263 -32.06 79.77 37.12
C SER F 263 -32.98 80.24 36.00
N ASP F 264 -32.96 81.54 35.73
CA ASP F 264 -33.76 82.14 34.67
C ASP F 264 -35.25 81.85 34.88
N TYR F 265 -35.76 82.37 35.99
CA TYR F 265 -37.13 82.05 36.41
C TYR F 265 -38.15 82.48 35.36
N ASP F 266 -37.99 83.68 34.80
CA ASP F 266 -38.96 84.25 33.88
C ASP F 266 -38.26 84.71 32.61
N ALA F 267 -39.03 85.30 31.70
CA ALA F 267 -38.49 85.78 30.44
C ALA F 267 -39.04 87.14 30.00
N THR F 268 -39.88 87.79 30.80
CA THR F 268 -40.43 89.10 30.46
C THR F 268 -39.54 90.16 31.11
N ALA F 269 -38.66 90.76 30.30
CA ALA F 269 -37.63 91.67 30.81
C ALA F 269 -36.85 91.02 31.93
N LYS F 270 -36.52 89.74 31.74
CA LYS F 270 -35.99 88.87 32.77
C LYS F 270 -35.09 87.84 32.10
N THR F 271 -34.89 86.70 32.76
CA THR F 271 -34.02 85.56 32.39
C THR F 271 -32.59 85.85 32.84
N TRP F 272 -32.36 87.01 33.46
CA TRP F 272 -31.09 87.30 34.10
C TRP F 272 -31.21 87.05 35.60
N GLY F 273 -30.25 86.33 36.15
CA GLY F 273 -30.29 85.92 37.55
C GLY F 273 -30.11 84.43 37.69
N THR F 274 -29.51 83.98 38.79
CA THR F 274 -29.23 82.56 38.98
C THR F 274 -29.59 82.13 40.40
N ALA F 275 -29.85 80.83 40.53
CA ALA F 275 -30.17 80.21 41.81
C ALA F 275 -29.87 78.72 41.69
N ALA F 276 -30.26 77.95 42.72
CA ALA F 276 -30.04 76.51 42.70
C ALA F 276 -31.35 75.73 42.65
N ALA F 277 -32.20 75.88 43.66
CA ALA F 277 -33.52 75.24 43.70
C ALA F 277 -33.46 73.76 43.35
N ALA F 278 -34.57 73.22 42.86
CA ALA F 278 -34.66 71.86 42.33
C ALA F 278 -34.22 70.81 43.34
N GLY F 279 -34.32 71.10 44.63
CA GLY F 279 -33.86 70.18 45.66
C GLY F 279 -32.37 69.98 45.59
N ALA F 280 -31.86 69.19 46.55
CA ALA F 280 -30.44 68.88 46.58
C ALA F 280 -30.18 67.40 46.30
N TYR F 281 -30.73 66.49 47.10
CA TYR F 281 -30.56 65.06 46.92
C TYR F 281 -31.29 64.38 48.07
N THR F 282 -31.26 63.05 48.06
CA THR F 282 -31.70 62.22 49.17
C THR F 282 -30.78 61.02 49.26
N ALA F 283 -30.78 60.36 50.41
CA ALA F 283 -29.85 59.26 50.67
C ALA F 283 -30.59 57.95 50.92
N GLY F 284 -31.50 57.59 50.02
CA GLY F 284 -32.19 56.32 50.16
C GLY F 284 -31.22 55.16 50.21
N THR F 285 -31.65 54.07 50.85
CA THR F 285 -30.78 52.93 51.08
C THR F 285 -30.44 52.22 49.77
N ASN F 286 -29.31 51.52 49.77
CA ASN F 286 -28.85 50.78 48.62
C ASN F 286 -29.57 49.45 48.49
N THR F 287 -29.50 48.86 47.30
CA THR F 287 -30.11 47.57 47.01
C THR F 287 -29.01 46.56 46.70
N SER F 288 -29.01 45.45 47.44
CA SER F 288 -28.05 44.38 47.22
C SER F 288 -28.60 43.37 46.22
N ALA F 289 -27.70 42.66 45.55
CA ALA F 289 -28.10 41.73 44.52
C ALA F 289 -27.02 40.68 44.33
N ASN F 290 -27.43 39.54 43.78
CA ASN F 290 -26.52 38.44 43.45
C ASN F 290 -27.17 37.60 42.36
N VAL F 291 -26.59 36.42 42.12
CA VAL F 291 -26.99 35.63 40.96
C VAL F 291 -28.44 35.17 41.07
N GLN F 292 -28.89 34.87 42.28
CA GLN F 292 -30.25 34.35 42.45
C GLN F 292 -31.29 35.36 42.00
N LYS F 293 -31.07 36.65 42.30
CA LYS F 293 -32.04 37.69 41.97
C LYS F 293 -31.62 38.40 40.68
N LEU F 294 -31.80 37.70 39.57
CA LEU F 294 -31.51 38.23 38.24
C LEU F 294 -32.81 38.48 37.50
N ASP F 295 -32.98 39.72 37.02
CA ASP F 295 -34.16 40.10 36.27
C ASP F 295 -33.73 40.69 34.94
N VAL F 296 -34.52 40.43 33.91
CA VAL F 296 -34.23 40.93 32.56
C VAL F 296 -35.39 41.74 32.01
N SER F 297 -36.58 41.65 32.60
CA SER F 297 -37.80 42.23 32.05
C SER F 297 -37.74 43.75 31.90
N THR F 298 -36.80 44.43 32.56
CA THR F 298 -36.60 45.85 32.36
C THR F 298 -35.13 46.10 32.01
N VAL F 299 -34.82 47.35 31.68
CA VAL F 299 -33.47 47.69 31.23
C VAL F 299 -32.46 47.57 32.37
N LEU F 300 -32.79 48.14 33.54
CA LEU F 300 -31.86 48.11 34.65
C LEU F 300 -31.51 46.69 35.06
N GLY F 301 -32.44 45.77 34.91
CA GLY F 301 -32.14 44.38 35.21
C GLY F 301 -30.96 43.87 34.42
N ALA F 302 -30.96 44.14 33.11
CA ALA F 302 -29.83 43.72 32.29
C ALA F 302 -28.57 44.50 32.62
N GLN F 303 -28.71 45.82 32.79
CA GLN F 303 -27.55 46.67 33.05
C GLN F 303 -26.85 46.32 34.34
N GLN F 304 -27.54 45.68 35.29
CA GLN F 304 -26.87 45.20 36.50
C GLN F 304 -26.52 43.71 36.45
N ALA F 305 -27.26 42.93 35.66
CA ALA F 305 -26.90 41.55 35.43
C ALA F 305 -25.49 41.45 34.87
N LEU F 306 -25.11 42.41 34.03
CA LEU F 306 -23.75 42.38 33.48
C LEU F 306 -22.71 42.33 34.60
N GLU F 307 -22.79 43.26 35.56
CA GLU F 307 -21.80 43.32 36.63
C GLU F 307 -21.82 42.07 37.50
N VAL F 308 -23.02 41.60 37.86
CA VAL F 308 -23.03 40.42 38.74
C VAL F 308 -22.40 39.23 38.04
N VAL F 309 -22.58 39.14 36.71
CA VAL F 309 -21.99 38.01 35.99
C VAL F 309 -20.47 38.13 35.94
N ASP F 310 -19.94 39.34 35.74
CA ASP F 310 -18.48 39.45 35.74
C ASP F 310 -17.89 39.04 37.08
N LYS F 311 -18.52 39.46 38.19
CA LYS F 311 -17.97 39.06 39.48
C LYS F 311 -17.97 37.55 39.66
N ALA F 312 -19.07 36.89 39.26
CA ALA F 312 -19.12 35.45 39.36
C ALA F 312 -18.00 34.79 38.55
N LEU F 313 -17.77 35.27 37.33
CA LEU F 313 -16.74 34.68 36.48
C LEU F 313 -15.36 34.83 37.09
N GLY F 314 -15.07 36.00 37.66
CA GLY F 314 -13.78 36.18 38.32
C GLY F 314 -13.55 35.18 39.42
N ALA F 315 -14.56 34.98 40.28
CA ALA F 315 -14.40 34.01 41.37
C ALA F 315 -14.13 32.61 40.83
N ILE F 316 -14.90 32.19 39.81
CA ILE F 316 -14.73 30.84 39.27
C ILE F 316 -13.31 30.64 38.77
N ASN F 317 -12.80 31.60 38.00
CA ASN F 317 -11.47 31.42 37.41
C ASN F 317 -10.38 31.34 38.47
N SER F 318 -10.47 32.19 39.50
CA SER F 318 -9.44 32.12 40.53
C SER F 318 -9.42 30.75 41.21
N THR F 319 -10.61 30.20 41.50
CA THR F 319 -10.62 28.88 42.13
C THR F 319 -10.00 27.82 41.23
N ARG F 320 -10.28 27.87 39.92
CA ARG F 320 -9.70 26.88 39.03
C ARG F 320 -8.16 26.95 39.03
N ALA F 321 -7.62 28.17 39.04
CA ALA F 321 -6.17 28.30 39.10
C ALA F 321 -5.61 27.65 40.36
N ASP F 322 -6.27 27.87 41.50
CA ASP F 322 -5.78 27.28 42.74
C ASP F 322 -5.74 25.76 42.66
N LEU F 323 -6.80 25.16 42.11
CA LEU F 323 -6.83 23.70 42.04
C LEU F 323 -5.72 23.16 41.13
N GLY F 324 -5.46 23.85 40.01
CA GLY F 324 -4.36 23.44 39.16
C GLY F 324 -3.03 23.43 39.88
N ALA F 325 -2.78 24.47 40.69
CA ALA F 325 -1.53 24.51 41.46
C ALA F 325 -1.42 23.31 42.39
N ILE F 326 -2.53 22.97 43.07
CA ILE F 326 -2.52 21.81 43.98
C ILE F 326 -2.13 20.55 43.22
N GLN F 327 -2.70 20.36 42.03
CA GLN F 327 -2.40 19.17 41.24
C GLN F 327 -0.92 19.08 40.91
N ASN F 328 -0.33 20.19 40.48
CA ASN F 328 1.10 20.17 40.11
C ASN F 328 1.96 19.77 41.30
N ARG F 329 1.66 20.32 42.48
CA ARG F 329 2.44 19.98 43.66
C ARG F 329 2.37 18.49 43.96
N PHE F 330 1.17 17.91 43.88
CA PHE F 330 1.04 16.49 44.20
C PHE F 330 1.87 15.63 43.25
N THR F 331 1.89 16.00 41.97
CA THR F 331 2.70 15.24 41.02
C THR F 331 4.18 15.26 41.40
N SER F 332 4.69 16.44 41.77
CA SER F 332 6.08 16.52 42.18
C SER F 332 6.37 15.63 43.38
N VAL F 333 5.44 15.61 44.35
CA VAL F 333 5.63 14.78 45.55
C VAL F 333 5.77 13.32 45.16
N VAL F 334 4.91 12.86 44.25
CA VAL F 334 4.96 11.45 43.83
C VAL F 334 6.32 11.12 43.23
N ALA F 335 6.82 11.99 42.35
CA ALA F 335 8.10 11.70 41.70
C ALA F 335 9.22 11.55 42.72
N ASN F 336 9.29 12.47 43.67
CA ASN F 336 10.34 12.39 44.68
C ASN F 336 10.23 11.12 45.50
N LEU F 337 9.01 10.75 45.87
CA LEU F 337 8.83 9.53 46.67
C LEU F 337 9.34 8.31 45.93
N GLN F 338 9.05 8.22 44.64
CA GLN F 338 9.49 7.06 43.86
C GLN F 338 11.00 6.95 43.84
N THR F 339 11.69 8.08 43.59
CA THR F 339 13.16 8.04 43.58
C THR F 339 13.70 7.59 44.93
N SER F 340 13.17 8.16 46.02
CA SER F 340 13.70 7.84 47.34
C SER F 340 13.50 6.37 47.67
N SER F 341 12.34 5.82 47.32
CA SER F 341 12.08 4.41 47.61
C SER F 341 13.07 3.52 46.88
N GLU F 342 13.35 3.83 45.61
CA GLU F 342 14.32 3.03 44.87
C GLU F 342 15.69 3.07 45.54
N ASN F 343 16.13 4.27 45.94
CA ASN F 343 17.46 4.38 46.54
C ASN F 343 17.54 3.63 47.86
N LEU F 344 16.49 3.71 48.69
CA LEU F 344 16.50 2.99 49.96
C LEU F 344 16.53 1.49 49.74
N SER F 345 15.75 1.00 48.76
CA SER F 345 15.73 -0.43 48.49
C SER F 345 17.09 -0.92 48.06
N ALA F 346 17.77 -0.15 47.21
CA ALA F 346 19.14 -0.54 46.82
C ALA F 346 20.09 -0.49 48.00
N SER F 347 19.90 0.48 48.90
CA SER F 347 20.78 0.61 50.06
C SER F 347 20.67 -0.58 50.99
N ARG F 348 19.45 -1.07 51.21
CA ARG F 348 19.23 -2.11 52.22
C ARG F 348 19.92 -3.42 51.87
N SER F 349 19.96 -3.78 50.58
CA SER F 349 20.39 -5.11 50.17
C SER F 349 21.88 -5.34 50.30
N ARG F 350 22.68 -4.31 50.59
CA ARG F 350 24.12 -4.49 50.66
C ARG F 350 24.54 -5.22 51.93
N ILE F 351 23.65 -5.33 52.92
CA ILE F 351 24.00 -5.88 54.23
C ILE F 351 23.20 -7.11 54.57
N LYS F 352 22.36 -7.60 53.67
CA LYS F 352 21.47 -8.71 53.99
C LYS F 352 21.56 -9.85 52.98
N ASP F 353 21.80 -9.52 51.73
CA ASP F 353 21.70 -10.51 50.66
C ASP F 353 22.93 -11.42 50.61
N THR F 354 22.75 -12.59 50.00
CA THR F 354 23.80 -13.59 49.88
C THR F 354 24.55 -13.43 48.57
N ASP F 355 25.86 -13.61 48.64
CA ASP F 355 26.73 -13.58 47.47
C ASP F 355 26.97 -15.02 47.02
N PHE F 356 26.43 -15.37 45.85
CA PHE F 356 26.46 -16.76 45.42
C PHE F 356 27.84 -17.17 44.94
N ALA F 357 28.69 -16.22 44.57
CA ALA F 357 30.02 -16.58 44.08
C ALA F 357 30.92 -17.05 45.21
N LYS F 358 30.60 -16.68 46.45
CA LYS F 358 31.48 -16.98 47.56
C LYS F 358 31.09 -18.24 48.32
N GLU F 359 29.78 -18.54 48.41
CA GLU F 359 29.33 -19.63 49.27
C GLU F 359 29.70 -20.99 48.70
N THR F 360 29.69 -21.12 47.38
CA THR F 360 29.97 -22.42 46.76
C THR F 360 31.38 -22.90 47.06
N ALA F 361 32.35 -21.99 47.10
CA ALA F 361 33.73 -22.37 47.40
C ALA F 361 33.84 -22.99 48.79
N GLU F 362 33.21 -22.37 49.79
CA GLU F 362 33.23 -22.94 51.13
C GLU F 362 32.50 -24.27 51.17
N LEU F 363 31.42 -24.40 50.41
CA LEU F 363 30.72 -25.68 50.33
C LEU F 363 31.68 -26.78 49.87
N THR F 364 32.42 -26.51 48.79
CA THR F 364 33.33 -27.52 48.24
C THR F 364 34.44 -27.86 49.21
N ARG F 365 35.04 -26.83 49.84
CA ARG F 365 36.12 -27.08 50.78
C ARG F 365 35.66 -27.96 51.93
N THR F 366 34.50 -27.63 52.52
CA THR F 366 34.00 -28.41 53.64
C THR F 366 33.68 -29.83 53.23
N GLN F 367 33.12 -30.01 52.03
CA GLN F 367 32.82 -31.36 51.57
C GLN F 367 34.08 -32.19 51.45
N ILE F 368 35.17 -31.61 50.97
CA ILE F 368 36.42 -32.35 50.90
C ILE F 368 36.95 -32.70 52.29
N LEU F 369 36.90 -31.73 53.21
CA LEU F 369 37.42 -31.97 54.55
C LEU F 369 36.68 -33.08 55.26
N GLN F 370 35.37 -33.21 55.03
CA GLN F 370 34.64 -34.31 55.65
C GLN F 370 35.22 -35.67 55.27
N GLN F 371 35.46 -35.89 53.98
CA GLN F 371 35.96 -37.18 53.53
C GLN F 371 37.37 -37.44 54.05
N ALA F 372 38.23 -36.41 54.03
CA ALA F 372 39.57 -36.60 54.57
C ALA F 372 39.51 -37.00 56.05
N GLY F 373 38.68 -36.32 56.83
CA GLY F 373 38.58 -36.63 58.24
C GLY F 373 38.05 -38.03 58.49
N THR F 374 37.04 -38.45 57.72
CA THR F 374 36.48 -39.79 57.91
C THR F 374 37.52 -40.86 57.60
N ALA F 375 38.28 -40.70 56.52
CA ALA F 375 39.32 -41.68 56.20
C ALA F 375 40.35 -41.77 57.32
N MET F 376 40.80 -40.63 57.83
CA MET F 376 41.79 -40.68 58.89
C MET F 376 41.22 -41.29 60.16
N LEU F 377 39.94 -41.04 60.47
CA LEU F 377 39.33 -41.65 61.64
C LEU F 377 39.31 -43.16 61.52
N ALA F 378 38.94 -43.67 60.34
CA ALA F 378 38.92 -45.12 60.17
C ALA F 378 40.33 -45.71 60.34
N GLN F 379 41.34 -45.06 59.77
CA GLN F 379 42.71 -45.56 59.92
C GLN F 379 43.14 -45.56 61.39
N ALA F 380 42.84 -44.48 62.11
CA ALA F 380 43.24 -44.40 63.51
C ALA F 380 42.56 -45.48 64.34
N ASN F 381 41.28 -45.74 64.07
CA ASN F 381 40.59 -46.82 64.77
C ASN F 381 41.24 -48.16 64.48
N GLN F 382 41.67 -48.38 63.23
CA GLN F 382 42.25 -49.66 62.86
C GLN F 382 43.67 -49.85 63.38
N VAL F 383 44.36 -48.78 63.77
CA VAL F 383 45.78 -48.89 64.11
C VAL F 383 46.10 -49.93 65.17
N PRO F 384 45.42 -49.97 66.34
CA PRO F 384 45.98 -50.72 67.47
C PRO F 384 45.95 -52.23 67.34
N GLN F 385 45.57 -52.76 66.17
CA GLN F 385 45.43 -54.20 66.01
C GLN F 385 46.77 -54.93 66.07
N GLY F 386 47.89 -54.21 65.92
CA GLY F 386 49.17 -54.88 65.78
C GLY F 386 49.69 -55.51 67.05
N VAL F 387 49.17 -55.11 68.20
CA VAL F 387 49.67 -55.62 69.47
C VAL F 387 49.42 -57.12 69.61
N LEU F 388 48.37 -57.63 68.98
CA LEU F 388 47.94 -59.00 69.23
C LEU F 388 49.00 -60.02 68.84
N SER F 389 49.81 -59.72 67.82
CA SER F 389 50.79 -60.69 67.34
C SER F 389 51.85 -61.01 68.38
N LEU F 390 52.09 -60.11 69.34
CA LEU F 390 53.11 -60.38 70.34
C LEU F 390 52.71 -61.51 71.26
N LEU F 391 51.41 -61.68 71.51
CA LEU F 391 50.93 -62.71 72.43
C LEU F 391 51.10 -64.11 71.85
N ALA G 2 69.52 -53.66 45.82
CA ALA G 2 69.40 -53.39 47.25
C ALA G 2 68.03 -52.79 47.57
N GLN G 3 67.41 -53.27 48.63
CA GLN G 3 66.11 -52.79 49.07
C GLN G 3 66.25 -52.06 50.40
N VAL G 4 65.74 -50.83 50.45
CA VAL G 4 65.81 -50.00 51.65
C VAL G 4 64.43 -49.44 51.93
N ILE G 5 64.23 -48.98 53.16
CA ILE G 5 62.96 -48.37 53.56
C ILE G 5 63.10 -46.95 54.04
N ASN G 6 64.28 -46.52 54.52
CA ASN G 6 64.39 -45.19 55.10
C ASN G 6 64.21 -44.10 54.05
N THR G 7 64.73 -44.31 52.84
CA THR G 7 64.66 -43.32 51.77
C THR G 7 64.04 -43.96 50.54
N ASN G 8 63.18 -43.21 49.87
CA ASN G 8 62.51 -43.65 48.67
C ASN G 8 62.76 -42.65 47.58
N THR G 9 63.85 -42.82 46.84
CA THR G 9 64.20 -41.88 45.81
C THR G 9 63.17 -41.77 44.70
N MET G 10 62.57 -42.89 44.30
CA MET G 10 61.57 -42.82 43.26
C MET G 10 60.43 -41.96 43.70
N SER G 11 59.96 -42.15 44.93
CA SER G 11 58.88 -41.36 45.46
C SER G 11 59.26 -39.92 45.58
N LEU G 12 60.50 -39.66 45.98
CA LEU G 12 61.03 -38.32 46.13
C LEU G 12 61.03 -37.58 44.82
N ASN G 13 61.34 -38.26 43.74
CA ASN G 13 61.36 -37.59 42.46
C ASN G 13 59.99 -37.13 41.95
N ALA G 14 59.09 -38.08 41.76
CA ALA G 14 57.72 -37.94 41.30
C ALA G 14 57.07 -36.68 41.87
N GLN G 15 57.33 -36.38 43.14
CA GLN G 15 56.79 -35.17 43.75
C GLN G 15 57.28 -33.92 43.02
N ARG G 16 58.59 -33.87 42.76
CA ARG G 16 59.14 -32.69 42.07
C ARG G 16 58.55 -32.54 40.68
N ASN G 17 58.42 -33.66 39.95
CA ASN G 17 57.85 -33.60 38.61
C ASN G 17 56.40 -33.09 38.67
N LEU G 18 55.63 -33.57 39.64
CA LEU G 18 54.25 -33.13 39.75
C LEU G 18 54.15 -31.64 40.00
N SER G 19 54.98 -31.12 40.90
CA SER G 19 54.95 -29.68 41.17
C SER G 19 55.31 -28.87 39.93
N THR G 20 56.36 -29.30 39.21
CA THR G 20 56.75 -28.58 37.99
C THR G 20 55.62 -28.59 36.97
N SER G 21 54.97 -29.73 36.77
CA SER G 21 53.88 -29.80 35.80
C SER G 21 52.72 -28.92 36.21
N GLY G 22 52.39 -28.89 37.50
CA GLY G 22 51.23 -28.12 37.94
C GLY G 22 51.45 -26.64 38.13
N SER G 23 52.71 -26.18 38.04
CA SER G 23 52.97 -24.75 38.25
C SER G 23 52.21 -23.86 37.26
N SER G 24 52.25 -24.20 35.97
CA SER G 24 51.79 -23.28 34.92
C SER G 24 50.27 -23.19 34.80
N LEU G 25 49.54 -24.11 35.42
CA LEU G 25 48.09 -24.13 35.26
C LEU G 25 47.45 -22.88 35.87
N ALA G 26 48.00 -22.40 36.98
CA ALA G 26 47.47 -21.18 37.59
C ALA G 26 47.58 -20.00 36.63
N THR G 27 48.74 -19.83 36.01
CA THR G 27 48.93 -18.71 35.11
C THR G 27 48.01 -18.80 33.89
N THR G 28 47.89 -20.00 33.31
CA THR G 28 47.04 -20.09 32.14
C THR G 28 45.58 -19.83 32.49
N ILE G 29 45.11 -20.35 33.63
CA ILE G 29 43.73 -20.08 34.03
C ILE G 29 43.52 -18.59 34.25
N GLN G 30 44.46 -17.94 34.91
CA GLN G 30 44.31 -16.51 35.22
C GLN G 30 44.22 -15.69 33.95
N ARG G 31 45.15 -15.92 33.00
CA ARG G 31 45.15 -15.10 31.80
C ARG G 31 44.02 -15.49 30.85
N LEU G 32 43.43 -16.67 31.04
CA LEU G 32 42.27 -17.02 30.24
C LEU G 32 40.99 -16.44 30.82
N SER G 33 40.96 -16.20 32.13
CA SER G 33 39.77 -15.61 32.74
C SER G 33 39.76 -14.09 32.63
N SER G 34 40.92 -13.45 32.82
CA SER G 34 40.95 -11.99 32.82
C SER G 34 40.63 -11.42 31.44
N GLY G 35 41.11 -12.07 30.39
CA GLY G 35 40.94 -11.59 29.04
C GLY G 35 42.13 -10.88 28.45
N SER G 36 43.25 -10.81 29.16
CA SER G 36 44.42 -10.09 28.70
C SER G 36 45.68 -10.87 29.03
N ARG G 37 46.74 -10.62 28.26
CA ARG G 37 47.98 -11.38 28.34
C ARG G 37 48.99 -10.81 29.32
N ILE G 38 48.92 -9.52 29.62
CA ILE G 38 49.86 -8.86 30.52
C ILE G 38 49.08 -8.39 31.73
N ASN G 39 49.25 -9.09 32.86
CA ASN G 39 48.54 -8.73 34.08
C ASN G 39 49.47 -8.23 35.19
N SER G 40 50.77 -8.40 35.05
CA SER G 40 51.72 -7.84 36.00
C SER G 40 53.05 -7.68 35.28
N ALA G 41 53.95 -6.92 35.91
CA ALA G 41 55.25 -6.66 35.29
C ALA G 41 56.11 -7.91 35.20
N LYS G 42 55.71 -9.00 35.85
CA LYS G 42 56.46 -10.25 35.75
C LYS G 42 56.46 -10.78 34.33
N ASP G 43 55.32 -10.70 33.64
CA ASP G 43 55.20 -11.31 32.32
C ASP G 43 56.00 -10.54 31.26
N ASP G 44 55.91 -9.22 31.27
CA ASP G 44 56.60 -8.40 30.28
C ASP G 44 57.23 -7.20 30.96
N ALA G 45 58.28 -6.68 30.35
CA ALA G 45 59.03 -5.58 30.93
C ALA G 45 58.76 -4.23 30.26
N ALA G 46 58.48 -4.22 28.95
CA ALA G 46 58.16 -3.00 28.25
C ALA G 46 56.72 -2.91 27.79
N GLY G 47 56.08 -4.06 27.49
CA GLY G 47 54.74 -4.03 26.93
C GLY G 47 53.78 -3.22 27.77
N LEU G 48 53.93 -3.27 29.10
CA LEU G 48 53.13 -2.42 29.95
C LEU G 48 53.46 -0.95 29.72
N ALA G 49 54.74 -0.61 29.56
CA ALA G 49 55.09 0.78 29.30
C ALA G 49 54.38 1.30 28.05
N ILE G 50 54.51 0.59 26.93
CA ILE G 50 53.90 1.10 25.69
C ILE G 50 52.37 1.06 25.79
N SER G 51 51.80 0.07 26.49
CA SER G 51 50.34 0.04 26.58
C SER G 51 49.81 1.23 27.37
N GLU G 52 50.45 1.57 28.48
CA GLU G 52 50.07 2.77 29.22
C GLU G 52 50.21 4.04 28.40
N ARG G 53 51.29 4.16 27.61
CA ARG G 53 51.41 5.35 26.79
C ARG G 53 50.28 5.43 25.75
N PHE G 54 49.95 4.30 25.13
CA PHE G 54 48.85 4.28 24.18
C PHE G 54 47.53 4.65 24.85
N GLY G 55 47.32 4.19 26.09
CA GLY G 55 46.14 4.58 26.83
C GLY G 55 46.05 6.08 27.04
N THR G 56 47.17 6.70 27.43
CA THR G 56 47.19 8.15 27.56
C THR G 56 46.77 8.81 26.27
N GLN G 57 47.31 8.33 25.14
CA GLN G 57 47.02 8.95 23.85
C GLN G 57 45.54 8.90 23.53
N ILE G 58 44.92 7.72 23.68
CA ILE G 58 43.52 7.58 23.31
C ILE G 58 42.63 8.44 24.21
N ARG G 59 42.89 8.40 25.51
CA ARG G 59 42.06 9.16 26.43
C ARG G 59 42.18 10.66 26.20
N GLY G 60 43.36 11.15 25.83
CA GLY G 60 43.46 12.54 25.44
C GLY G 60 42.69 12.85 24.16
N THR G 61 42.73 11.91 23.21
CA THR G 61 42.08 12.16 21.92
C THR G 61 40.60 12.39 22.07
N ASP G 62 39.94 11.66 22.97
CA ASP G 62 38.49 11.82 23.12
C ASP G 62 38.11 13.27 23.51
N VAL G 63 38.71 13.77 24.60
CA VAL G 63 38.37 15.12 25.03
C VAL G 63 38.84 16.15 24.00
N ALA G 64 39.89 15.84 23.24
CA ALA G 64 40.25 16.74 22.14
C ALA G 64 39.12 16.87 21.13
N ILE G 65 38.49 15.75 20.80
CA ILE G 65 37.34 15.78 19.89
C ILE G 65 36.25 16.69 20.45
N ARG G 66 35.98 16.56 21.74
CA ARG G 66 34.94 17.39 22.34
C ARG G 66 35.27 18.88 22.24
N ASN G 67 36.52 19.25 22.51
CA ASN G 67 36.91 20.66 22.45
C ASN G 67 36.74 21.22 21.04
N ALA G 68 37.11 20.42 20.03
CA ALA G 68 36.92 20.89 18.66
C ALA G 68 35.45 21.16 18.35
N ASN G 69 34.57 20.25 18.79
CA ASN G 69 33.14 20.47 18.54
C ASN G 69 32.66 21.77 19.19
N ASP G 70 33.13 22.05 20.41
CA ASP G 70 32.71 23.28 21.06
C ASP G 70 33.16 24.52 20.29
N GLY G 71 34.38 24.50 19.75
CA GLY G 71 34.81 25.61 18.90
C GLY G 71 33.89 25.83 17.72
N ILE G 72 33.46 24.73 17.09
CA ILE G 72 32.52 24.83 15.97
C ILE G 72 31.25 25.56 16.40
N SER G 73 30.72 25.17 17.57
CA SER G 73 29.47 25.78 18.05
C SER G 73 29.62 27.28 18.25
N LEU G 74 30.75 27.69 18.85
CA LEU G 74 30.98 29.11 19.08
C LEU G 74 30.95 29.91 17.79
N ALA G 75 31.66 29.42 16.77
CA ALA G 75 31.68 30.12 15.50
C ALA G 75 30.28 30.23 14.90
N GLN G 76 29.49 29.15 15.01
CA GLN G 76 28.14 29.18 14.46
C GLN G 76 27.30 30.28 15.11
N VAL G 77 27.36 30.40 16.43
CA VAL G 77 26.54 31.40 17.10
C VAL G 77 26.91 32.81 16.64
N ALA G 78 28.22 33.09 16.55
CA ALA G 78 28.63 34.44 16.14
C ALA G 78 28.12 34.77 14.75
N GLU G 79 28.23 33.82 13.82
CA GLU G 79 27.73 34.08 12.46
C GLU G 79 26.23 34.34 12.47
N GLY G 80 25.50 33.59 13.31
CA GLY G 80 24.06 33.79 13.40
C GLY G 80 23.68 35.21 13.77
N SER G 81 24.41 35.81 14.71
CA SER G 81 24.09 37.20 15.07
C SER G 81 24.45 38.18 13.95
N LEU G 82 25.62 38.00 13.33
CA LEU G 82 26.05 38.94 12.30
C LEU G 82 25.07 38.98 11.12
N THR G 83 24.41 37.86 10.83
CA THR G 83 23.44 37.86 9.74
C THR G 83 22.35 38.90 9.95
N GLU G 84 21.78 38.94 11.15
CA GLU G 84 20.68 39.87 11.42
C GLU G 84 21.16 41.31 11.40
N ILE G 85 22.37 41.55 11.92
CA ILE G 85 22.92 42.90 11.83
C ILE G 85 22.95 43.35 10.37
N GLY G 86 23.41 42.47 9.48
CA GLY G 86 23.48 42.82 8.07
C GLY G 86 22.12 43.11 7.46
N ASN G 87 21.12 42.31 7.81
CA ASN G 87 19.78 42.54 7.27
C ASN G 87 19.25 43.93 7.65
N ASN G 88 19.44 44.31 8.93
CA ASN G 88 18.98 45.64 9.35
C ASN G 88 19.69 46.75 8.59
N LEU G 89 21.00 46.59 8.37
CA LEU G 89 21.73 47.59 7.61
C LEU G 89 21.19 47.73 6.20
N GLN G 90 20.88 46.60 5.56
CA GLN G 90 20.32 46.62 4.21
C GLN G 90 19.03 47.43 4.18
N ARG G 91 18.16 47.19 5.17
CA ARG G 91 16.89 47.92 5.21
C ARG G 91 17.11 49.42 5.35
N VAL G 92 18.06 49.82 6.22
CA VAL G 92 18.28 51.25 6.42
C VAL G 92 18.77 51.90 5.14
N ARG G 93 19.67 51.23 4.41
CA ARG G 93 20.15 51.80 3.15
C ARG G 93 19.02 51.96 2.14
N GLU G 94 18.16 50.95 2.04
CA GLU G 94 17.03 51.07 1.12
C GLU G 94 16.13 52.23 1.49
N LEU G 95 15.91 52.44 2.79
CA LEU G 95 15.09 53.56 3.24
C LEU G 95 15.75 54.89 2.92
N SER G 96 17.08 54.96 3.04
CA SER G 96 17.83 56.19 2.83
C SER G 96 18.01 56.55 1.37
N VAL G 97 17.85 55.59 0.45
CA VAL G 97 17.93 55.94 -0.97
C VAL G 97 16.81 56.90 -1.33
N GLN G 98 15.62 56.65 -0.82
CA GLN G 98 14.52 57.60 -0.88
C GLN G 98 14.87 58.79 0.01
N ALA G 99 13.95 59.75 0.13
CA ALA G 99 14.13 60.95 0.92
C ALA G 99 15.22 61.86 0.39
N SER G 100 15.86 61.49 -0.71
CA SER G 100 16.78 62.36 -1.42
C SER G 100 16.14 62.95 -2.67
N ASN G 101 14.85 62.71 -2.87
CA ASN G 101 14.12 63.24 -4.00
C ASN G 101 13.68 64.67 -3.70
N ALA G 102 13.25 65.39 -4.74
CA ALA G 102 12.87 66.78 -4.62
C ALA G 102 11.39 67.00 -4.43
N THR G 103 10.57 65.95 -4.44
CA THR G 103 9.13 66.06 -4.29
C THR G 103 8.65 65.79 -2.87
N ASN G 104 9.56 65.64 -1.91
CA ASN G 104 9.17 65.40 -0.54
C ASN G 104 9.09 66.71 0.24
N SER G 105 8.52 66.64 1.43
CA SER G 105 8.41 67.77 2.34
C SER G 105 9.08 67.41 3.67
N ALA G 106 9.20 68.40 4.55
CA ALA G 106 9.91 68.18 5.81
C ALA G 106 9.23 67.13 6.66
N SER G 107 7.89 67.10 6.64
CA SER G 107 7.17 66.11 7.43
C SER G 107 7.53 64.69 7.00
N ASP G 108 7.63 64.45 5.70
CA ASP G 108 7.95 63.11 5.23
C ASP G 108 9.36 62.71 5.63
N ARG G 109 10.29 63.67 5.60
CA ARG G 109 11.64 63.39 6.05
C ARG G 109 11.65 63.01 7.53
N LYS G 110 10.85 63.69 8.35
CA LYS G 110 10.75 63.30 9.75
C LYS G 110 10.16 61.90 9.89
N ALA G 111 9.16 61.59 9.06
CA ALA G 111 8.52 60.28 9.10
C ALA G 111 9.53 59.17 8.81
N LEU G 112 10.44 59.41 7.87
CA LEU G 112 11.46 58.40 7.58
C LEU G 112 12.54 58.37 8.67
N GLN G 113 12.88 59.54 9.23
CA GLN G 113 13.89 59.60 10.27
C GLN G 113 13.49 58.80 11.50
N ALA G 114 12.20 58.76 11.82
CA ALA G 114 11.76 57.97 12.97
C ALA G 114 12.17 56.50 12.83
N GLU G 115 11.86 55.90 11.69
CA GLU G 115 12.19 54.50 11.49
C GLU G 115 13.70 54.28 11.43
N VAL G 116 14.43 55.22 10.82
CA VAL G 116 15.88 55.10 10.80
C VAL G 116 16.42 55.03 12.23
N THR G 117 15.92 55.91 13.11
CA THR G 117 16.39 55.91 14.49
C THR G 117 16.09 54.59 15.18
N GLN G 118 14.89 54.06 14.98
CA GLN G 118 14.54 52.79 15.63
C GLN G 118 15.47 51.67 15.18
N LEU G 119 15.74 51.58 13.87
CA LEU G 119 16.58 50.50 13.39
C LEU G 119 18.01 50.61 13.90
N VAL G 120 18.56 51.83 13.97
CA VAL G 120 19.91 51.97 14.50
C VAL G 120 19.97 51.54 15.95
N SER G 121 18.95 51.90 16.74
CA SER G 121 18.91 51.45 18.13
C SER G 121 18.90 49.93 18.24
N GLU G 122 18.13 49.27 17.36
CA GLU G 122 18.08 47.82 17.40
C GLU G 122 19.43 47.21 17.09
N ILE G 123 20.12 47.76 16.10
CA ILE G 123 21.47 47.28 15.75
C ILE G 123 22.37 47.35 16.97
N ASP G 124 22.37 48.49 17.66
CA ASP G 124 23.23 48.63 18.83
C ASP G 124 22.89 47.61 19.91
N ARG G 125 21.60 47.40 20.17
CA ARG G 125 21.21 46.47 21.22
C ARG G 125 21.70 45.05 20.92
N VAL G 126 21.48 44.57 19.71
CA VAL G 126 21.91 43.21 19.42
C VAL G 126 23.43 43.12 19.44
N ALA G 127 24.13 44.16 18.99
CA ALA G 127 25.59 44.13 19.02
C ALA G 127 26.12 44.02 20.44
N LYS G 128 25.51 44.74 21.37
CA LYS G 128 26.03 44.82 22.73
C LYS G 128 25.49 43.74 23.67
N GLN G 129 24.50 42.94 23.24
CA GLN G 129 23.89 41.98 24.14
C GLN G 129 23.93 40.56 23.58
N SER G 130 25.08 40.15 23.05
CA SER G 130 25.24 38.84 22.46
C SER G 130 26.43 38.13 23.09
N ASP G 131 26.26 36.87 23.45
CA ASP G 131 27.31 36.13 24.14
C ASP G 131 27.10 34.63 23.96
N PHE G 132 28.09 33.86 24.41
CA PHE G 132 28.04 32.41 24.38
C PHE G 132 28.70 31.91 25.66
N ASN G 133 27.91 31.36 26.57
CA ASN G 133 28.40 30.89 27.87
C ASN G 133 29.06 32.01 28.66
N GLY G 134 28.47 33.19 28.63
CA GLY G 134 28.94 34.29 29.45
C GLY G 134 30.15 35.02 28.94
N THR G 135 30.51 34.85 27.67
CA THR G 135 31.64 35.54 27.06
C THR G 135 31.12 36.38 25.91
N LYS G 136 31.18 37.71 26.05
CA LYS G 136 30.68 38.59 25.02
C LYS G 136 31.56 38.52 23.77
N LEU G 137 30.93 38.51 22.60
CA LEU G 137 31.62 38.33 21.33
C LEU G 137 31.82 39.63 20.56
N LEU G 138 30.74 40.28 20.15
CA LEU G 138 30.82 41.38 19.19
C LEU G 138 30.80 42.74 19.89
N ASP G 139 31.84 43.01 20.68
CA ASP G 139 31.99 44.37 21.20
C ASP G 139 33.44 44.84 21.24
N GLY G 140 34.37 44.08 20.67
CA GLY G 140 35.75 44.49 20.64
C GLY G 140 36.58 44.07 21.84
N THR G 141 36.03 43.25 22.73
CA THR G 141 36.78 42.72 23.86
C THR G 141 37.14 41.26 23.70
N PHE G 142 36.99 40.70 22.50
CA PHE G 142 37.31 39.29 22.28
C PHE G 142 38.81 39.15 22.09
N SER G 143 39.47 38.61 23.10
CA SER G 143 40.92 38.49 23.10
C SER G 143 41.34 37.26 22.31
N SER G 144 42.62 36.90 22.41
CA SER G 144 43.11 35.67 21.82
C SER G 144 42.69 34.49 22.68
N GLN G 145 42.05 33.50 22.06
CA GLN G 145 41.53 32.35 22.77
C GLN G 145 42.13 31.06 22.20
N LEU G 146 42.53 30.17 23.09
CA LEU G 146 43.26 28.95 22.74
C LEU G 146 42.36 27.74 22.89
N PHE G 147 42.39 26.85 21.91
CA PHE G 147 41.66 25.59 21.94
C PHE G 147 42.67 24.44 21.94
N GLN G 148 42.46 23.48 22.83
CA GLN G 148 43.35 22.32 22.94
C GLN G 148 42.83 21.20 22.05
N VAL G 149 43.59 20.86 21.01
CA VAL G 149 43.16 19.87 20.04
C VAL G 149 44.18 18.74 19.94
N GLY G 150 44.86 18.45 21.04
CA GLY G 150 45.82 17.36 21.09
C GLY G 150 45.94 16.85 22.51
N ALA G 151 46.72 15.78 22.65
CA ALA G 151 46.87 15.11 23.93
C ALA G 151 48.16 15.46 24.65
N ASN G 152 48.94 16.41 24.14
CA ASN G 152 50.21 16.76 24.73
C ASN G 152 50.33 18.27 24.86
N ALA G 153 51.17 18.71 25.79
CA ALA G 153 51.23 20.12 26.14
C ALA G 153 51.72 20.97 24.98
N GLY G 154 51.06 22.11 24.77
CA GLY G 154 51.46 23.06 23.76
C GLY G 154 50.80 22.92 22.41
N GLN G 155 49.99 21.89 22.20
CA GLN G 155 49.33 21.66 20.91
C GLN G 155 47.98 22.37 20.92
N ALA G 156 47.97 23.62 20.43
CA ALA G 156 46.75 24.41 20.47
C ALA G 156 46.71 25.32 19.25
N ILE G 157 45.49 25.69 18.86
CA ILE G 157 45.28 26.68 17.81
C ILE G 157 44.41 27.79 18.39
N ALA G 158 44.54 28.98 17.79
CA ALA G 158 44.00 30.19 18.39
C ALA G 158 43.10 30.93 17.41
N ILE G 159 42.24 31.78 17.97
CA ILE G 159 41.41 32.72 17.22
C ILE G 159 41.77 34.11 17.67
N ASP G 160 42.02 35.00 16.71
CA ASP G 160 42.59 36.30 17.05
C ASP G 160 41.54 37.30 17.53
N LYS G 161 40.56 37.62 16.66
CA LYS G 161 39.59 38.66 16.95
C LYS G 161 38.50 38.61 15.91
N THR G 162 37.27 38.95 16.31
CA THR G 162 36.16 38.90 15.36
C THR G 162 35.80 40.25 14.74
N ILE G 163 35.31 41.18 15.55
CA ILE G 163 34.74 42.43 15.05
C ILE G 163 34.51 43.35 16.24
N ASP G 164 34.34 44.65 15.97
CA ASP G 164 33.84 45.61 16.95
C ASP G 164 32.62 46.27 16.34
N ALA G 165 31.43 45.72 16.61
CA ALA G 165 30.22 46.05 15.86
C ALA G 165 29.29 46.99 16.59
N LYS G 166 29.81 47.76 17.54
CA LYS G 166 28.98 48.75 18.23
C LYS G 166 28.58 49.85 17.26
N ALA G 167 27.41 50.43 17.50
CA ALA G 167 26.87 51.44 16.60
C ALA G 167 27.64 52.75 16.62
N GLY G 168 28.56 52.92 17.55
CA GLY G 168 29.36 54.13 17.61
C GLY G 168 30.68 54.07 16.89
N SER G 169 31.10 52.89 16.41
CA SER G 169 32.38 52.74 15.74
C SER G 169 32.25 51.79 14.56
N LEU G 170 31.25 52.00 13.73
CA LEU G 170 31.04 51.21 12.52
C LEU G 170 31.05 52.14 11.31
N GLY G 171 31.82 51.77 10.29
CA GLY G 171 31.78 52.49 9.03
C GLY G 171 32.21 53.94 9.12
N THR G 172 33.36 54.21 9.74
CA THR G 172 33.86 55.56 9.85
C THR G 172 34.23 56.11 8.47
N SER G 173 33.99 57.41 8.28
CA SER G 173 34.31 58.07 7.02
C SER G 173 34.58 59.54 7.28
N THR G 174 35.20 60.21 6.31
CA THR G 174 35.46 61.64 6.38
C THR G 174 35.15 62.29 5.04
N PHE G 175 34.40 63.38 5.08
CA PHE G 175 34.08 64.16 3.89
C PHE G 175 34.69 65.54 4.00
N ALA G 176 35.37 65.98 2.95
CA ALA G 176 36.00 67.29 2.95
C ALA G 176 34.98 68.39 2.68
N THR G 177 35.11 69.50 3.39
CA THR G 177 34.15 70.59 3.28
C THR G 177 34.81 71.88 3.72
N GLY G 178 34.03 72.96 3.69
CA GLY G 178 34.49 74.23 4.23
C GLY G 178 34.70 75.25 3.14
N ALA G 179 34.14 74.99 1.97
CA ALA G 179 34.38 75.87 0.83
C ALA G 179 33.66 77.19 0.99
N THR G 180 34.30 78.26 0.51
CA THR G 180 33.70 79.58 0.47
C THR G 180 34.06 80.24 -0.86
N ALA G 181 33.39 81.33 -1.16
CA ALA G 181 33.61 82.06 -2.40
C ALA G 181 33.98 83.52 -2.18
N ALA G 182 33.39 84.17 -1.18
CA ALA G 182 33.61 85.59 -0.90
C ALA G 182 33.28 86.45 -2.12
N LEU G 183 32.13 86.16 -2.74
CA LEU G 183 31.70 86.87 -3.94
C LEU G 183 30.70 87.95 -3.56
N ALA G 184 30.97 89.19 -3.96
CA ALA G 184 30.08 90.31 -3.65
C ALA G 184 30.00 91.31 -4.79
N ALA G 185 30.14 90.85 -6.04
CA ALA G 185 30.05 91.76 -7.16
C ALA G 185 28.61 92.23 -7.36
N SER G 186 28.48 93.38 -8.01
CA SER G 186 27.18 94.01 -8.16
C SER G 186 27.18 94.83 -9.46
N THR G 187 26.23 95.75 -9.56
CA THR G 187 26.08 96.70 -10.67
C THR G 187 25.73 95.94 -11.95
N ASP G 188 26.45 96.18 -13.03
CA ASP G 188 26.04 95.67 -14.33
C ASP G 188 26.29 94.17 -14.44
N GLY G 189 25.75 93.58 -15.51
CA GLY G 189 25.82 92.14 -15.68
C GLY G 189 27.22 91.66 -15.96
N ALA G 190 27.43 90.36 -15.74
CA ALA G 190 28.73 89.75 -15.91
C ALA G 190 28.55 88.30 -16.33
N ARG G 191 29.60 87.73 -16.89
CA ARG G 191 29.63 86.33 -17.26
C ARG G 191 30.69 85.60 -16.45
N PHE G 192 30.35 84.39 -16.00
CA PHE G 192 31.21 83.60 -15.15
C PHE G 192 31.60 82.31 -15.88
N SER G 193 32.85 81.88 -15.70
CA SER G 193 33.36 80.67 -16.33
C SER G 193 34.23 79.94 -15.33
N GLY G 194 35.03 79.01 -15.80
CA GLY G 194 36.01 78.33 -14.97
C GLY G 194 35.74 76.84 -14.89
N THR G 195 36.63 76.17 -14.14
CA THR G 195 36.57 74.73 -13.97
C THR G 195 36.58 74.39 -12.49
N VAL G 196 35.93 73.29 -12.15
CA VAL G 196 35.94 72.72 -10.81
C VAL G 196 36.39 71.28 -10.91
N MET G 197 37.51 70.96 -10.26
CA MET G 197 38.07 69.61 -10.29
C MET G 197 38.31 69.12 -11.72
N GLY G 198 38.78 70.03 -12.57
CA GLY G 198 39.07 69.67 -13.95
C GLY G 198 37.87 69.44 -14.82
N VAL G 199 36.71 69.96 -14.44
CA VAL G 199 35.47 69.81 -15.21
C VAL G 199 34.92 71.18 -15.49
N ASP G 200 34.69 71.48 -16.77
CA ASP G 200 34.17 72.80 -17.14
C ASP G 200 32.69 72.90 -16.80
N ILE G 201 32.27 74.11 -16.44
CA ILE G 201 30.90 74.36 -16.00
C ILE G 201 30.17 75.33 -16.93
N GLY G 202 30.64 75.47 -18.17
CA GLY G 202 29.93 76.32 -19.09
C GLY G 202 30.05 77.80 -18.74
N THR G 203 29.06 78.58 -19.19
CA THR G 203 29.03 80.01 -18.94
C THR G 203 27.63 80.41 -18.49
N VAL G 204 27.56 81.52 -17.74
CA VAL G 204 26.31 82.03 -17.21
C VAL G 204 26.21 83.52 -17.51
N GLU G 205 24.97 84.01 -17.47
CA GLU G 205 24.68 85.41 -17.81
C GLU G 205 23.72 85.96 -16.75
N VAL G 206 23.95 87.21 -16.36
CA VAL G 206 23.12 87.87 -15.36
C VAL G 206 22.72 89.25 -15.89
N LYS G 207 21.59 89.74 -15.39
CA LYS G 207 21.01 90.96 -15.93
C LYS G 207 21.81 92.19 -15.49
N ALA G 208 21.52 93.32 -16.15
CA ALA G 208 22.22 94.56 -15.85
C ALA G 208 21.91 95.05 -14.43
N GLY G 209 20.66 94.93 -14.00
CA GLY G 209 20.31 95.30 -12.64
C GLY G 209 20.56 94.17 -11.67
N ALA G 210 21.81 93.74 -11.56
CA ALA G 210 22.17 92.55 -10.81
C ALA G 210 22.42 92.89 -9.35
N THR G 211 22.41 91.84 -8.53
CA THR G 211 22.71 91.93 -7.11
C THR G 211 23.45 90.66 -6.70
N THR G 212 23.99 90.66 -5.49
CA THR G 212 24.74 89.50 -5.03
C THR G 212 23.85 88.26 -4.98
N ALA G 213 22.62 88.42 -4.51
CA ALA G 213 21.69 87.29 -4.47
C ALA G 213 21.36 86.78 -5.87
N ASP G 214 21.39 87.67 -6.87
CA ASP G 214 21.11 87.24 -8.23
C ASP G 214 22.25 86.41 -8.81
N ALA G 215 23.50 86.79 -8.52
CA ALA G 215 24.63 86.06 -9.05
C ALA G 215 24.89 84.75 -8.31
N SER G 216 24.68 84.74 -6.99
CA SER G 216 24.97 83.54 -6.21
C SER G 216 24.13 82.36 -6.68
N LYS G 217 22.84 82.58 -6.89
CA LYS G 217 21.97 81.48 -7.26
C LYS G 217 22.29 80.97 -8.67
N ALA G 218 22.65 81.88 -9.58
CA ALA G 218 23.04 81.46 -10.92
C ALA G 218 24.28 80.58 -10.88
N VAL G 219 25.29 80.99 -10.12
CA VAL G 219 26.51 80.19 -10.04
C VAL G 219 26.23 78.85 -9.38
N ALA G 220 25.42 78.85 -8.32
CA ALA G 220 25.10 77.60 -7.64
C ALA G 220 24.37 76.64 -8.56
N THR G 221 23.42 77.14 -9.35
CA THR G 221 22.74 76.30 -10.31
C THR G 221 23.71 75.72 -11.33
N ALA G 222 24.60 76.56 -11.84
CA ALA G 222 25.55 76.08 -12.86
C ALA G 222 26.42 74.98 -12.30
N ILE G 223 26.91 75.14 -11.07
CA ILE G 223 27.75 74.11 -10.48
C ILE G 223 26.96 72.83 -10.20
N ASN G 224 25.76 72.97 -9.65
CA ASN G 224 24.96 71.80 -9.30
C ASN G 224 24.50 71.02 -10.52
N ALA G 225 24.49 71.63 -11.70
CA ALA G 225 24.05 70.91 -12.89
C ALA G 225 24.97 69.76 -13.26
N LYS G 226 26.20 69.73 -12.75
CA LYS G 226 27.17 68.70 -13.09
C LYS G 226 27.63 67.93 -11.86
N ILE G 227 26.69 67.55 -10.99
CA ILE G 227 27.05 66.77 -9.82
C ILE G 227 27.39 65.34 -10.19
N GLY G 228 26.94 64.87 -11.36
CA GLY G 228 27.22 63.50 -11.75
C GLY G 228 28.68 63.21 -12.03
N GLU G 229 29.47 64.25 -12.30
CA GLU G 229 30.88 64.10 -12.61
C GLU G 229 31.79 64.73 -11.57
N ALA G 230 31.51 65.96 -11.16
CA ALA G 230 32.35 66.63 -10.17
C ALA G 230 32.10 66.09 -8.77
N GLY G 231 30.86 65.74 -8.45
CA GLY G 231 30.55 65.26 -7.12
C GLY G 231 30.69 66.28 -6.02
N ILE G 232 30.19 67.50 -6.24
CA ILE G 232 30.24 68.58 -5.24
C ILE G 232 28.86 69.20 -5.15
N TYR G 233 28.37 69.38 -3.93
CA TYR G 233 27.06 69.97 -3.66
C TYR G 233 27.23 71.42 -3.24
N ALA G 234 26.58 72.33 -3.95
CA ALA G 234 26.75 73.76 -3.74
C ALA G 234 25.46 74.37 -3.20
N GLU G 235 25.59 75.23 -2.19
CA GLU G 235 24.46 75.89 -1.56
C GLU G 235 24.66 77.41 -1.60
N ALA G 236 23.59 78.12 -1.92
CA ALA G 236 23.65 79.57 -2.04
C ALA G 236 23.64 80.24 -0.67
N ASN G 237 24.27 81.40 -0.60
CA ASN G 237 24.31 82.19 0.62
C ASN G 237 23.81 83.59 0.32
N SER G 238 23.12 84.19 1.30
CA SER G 238 22.47 85.48 1.07
C SER G 238 23.47 86.58 0.80
N ASP G 239 24.57 86.62 1.54
CA ASP G 239 25.54 87.69 1.39
C ASP G 239 26.23 87.68 0.04
N GLY G 240 26.26 86.53 -0.65
CA GLY G 240 26.92 86.44 -1.93
C GLY G 240 27.95 85.34 -2.01
N THR G 241 28.25 84.73 -0.87
CA THR G 241 29.22 83.65 -0.83
C THR G 241 28.56 82.32 -1.19
N LEU G 242 29.34 81.25 -1.18
CA LEU G 242 28.85 79.92 -1.47
C LEU G 242 29.50 78.92 -0.54
N LYS G 243 28.84 77.77 -0.37
CA LYS G 243 29.36 76.68 0.44
C LYS G 243 29.30 75.40 -0.38
N LEU G 244 30.44 74.72 -0.51
CA LEU G 244 30.53 73.52 -1.33
C LEU G 244 30.96 72.35 -0.44
N SER G 245 30.20 71.27 -0.48
CA SER G 245 30.47 70.09 0.32
C SER G 245 30.58 68.88 -0.60
N SER G 246 31.56 68.03 -0.31
CA SER G 246 31.81 66.84 -1.11
C SER G 246 30.93 65.71 -0.61
N VAL G 247 30.29 65.00 -1.53
CA VAL G 247 29.48 63.83 -1.20
C VAL G 247 30.21 62.53 -1.54
N LYS G 248 31.52 62.58 -1.71
CA LYS G 248 32.32 61.39 -1.98
C LYS G 248 33.32 61.19 -0.86
N GLU G 249 33.31 59.99 -0.29
CA GLU G 249 34.08 59.73 0.91
C GLU G 249 35.58 59.76 0.62
N GLY G 250 36.32 60.37 1.55
CA GLY G 250 37.78 60.32 1.51
C GLY G 250 38.40 60.93 0.27
N LYS G 251 37.83 62.01 -0.23
CA LYS G 251 38.33 62.70 -1.40
C LYS G 251 38.83 64.08 -0.99
N ALA G 252 40.04 64.41 -1.42
CA ALA G 252 40.70 65.66 -1.01
C ALA G 252 40.51 66.69 -2.11
N VAL G 253 39.97 67.85 -1.74
CA VAL G 253 39.87 69.00 -2.63
C VAL G 253 40.62 70.16 -2.00
N ALA G 254 41.54 70.75 -2.75
CA ALA G 254 42.44 71.78 -2.26
C ALA G 254 42.14 73.11 -2.93
N THR G 255 43.00 74.10 -2.66
CA THR G 255 42.79 75.44 -3.19
C THR G 255 42.88 75.47 -4.71
N ALA G 256 43.84 74.75 -5.28
CA ALA G 256 44.03 74.75 -6.73
C ALA G 256 42.95 73.97 -7.47
N ASP G 257 42.13 73.20 -6.76
CA ASP G 257 41.10 72.41 -7.42
C ASP G 257 39.96 73.27 -7.97
N ILE G 258 39.83 74.50 -7.49
CA ILE G 258 38.77 75.41 -7.91
C ILE G 258 39.42 76.64 -8.50
N ALA G 259 39.05 76.98 -9.74
CA ALA G 259 39.59 78.15 -10.43
C ALA G 259 38.47 78.76 -11.25
N LEU G 260 37.83 79.79 -10.68
CA LEU G 260 36.75 80.51 -11.36
C LEU G 260 37.33 81.77 -11.98
N MET G 261 37.27 81.85 -13.30
CA MET G 261 37.80 83.00 -14.04
C MET G 261 36.65 83.94 -14.37
N ARG G 262 36.21 84.68 -13.35
CA ARG G 262 35.18 85.69 -13.56
C ARG G 262 35.67 86.77 -14.51
N SER G 263 34.84 87.11 -15.49
CA SER G 263 35.24 88.04 -16.52
C SER G 263 34.01 88.83 -16.98
N ASP G 264 34.22 89.65 -18.01
CA ASP G 264 33.14 90.39 -18.66
C ASP G 264 32.38 91.25 -17.65
N TYR G 265 33.12 92.19 -17.05
CA TYR G 265 32.55 93.01 -15.98
C TYR G 265 31.42 93.89 -16.49
N ASP G 266 31.57 94.47 -17.67
CA ASP G 266 30.62 95.42 -18.21
C ASP G 266 30.25 95.03 -19.64
N ALA G 267 29.26 95.74 -20.19
CA ALA G 267 28.78 95.45 -21.54
C ALA G 267 28.54 96.70 -22.38
N THR G 268 28.89 97.89 -21.89
CA THR G 268 28.73 99.13 -22.65
C THR G 268 30.01 99.37 -23.43
N ALA G 269 30.00 99.01 -24.72
CA ALA G 269 31.20 98.99 -25.54
C ALA G 269 32.29 98.16 -24.86
N LYS G 270 31.88 97.03 -24.31
CA LYS G 270 32.69 96.24 -23.40
C LYS G 270 32.29 94.77 -23.56
N THR G 271 32.57 93.97 -22.54
CA THR G 271 32.42 92.50 -22.46
C THR G 271 33.63 91.81 -23.09
N TRP G 272 34.69 92.55 -23.38
CA TRP G 272 35.97 91.98 -23.78
C TRP G 272 36.98 92.19 -22.67
N GLY G 273 37.70 91.14 -22.30
CA GLY G 273 38.62 91.18 -21.19
C GLY G 273 38.30 90.08 -20.19
N THR G 274 39.32 89.58 -19.49
CA THR G 274 39.12 88.45 -18.60
C THR G 274 39.86 88.69 -17.28
N ALA G 275 39.42 87.98 -16.26
CA ALA G 275 40.03 88.04 -14.93
C ALA G 275 39.68 86.74 -14.20
N ALA G 276 40.01 86.68 -12.92
CA ALA G 276 39.66 85.53 -12.10
C ALA G 276 38.67 85.88 -11.00
N ALA G 277 39.03 86.80 -10.10
CA ALA G 277 38.15 87.26 -9.03
C ALA G 277 37.51 86.11 -8.26
N ALA G 278 36.38 86.40 -7.61
CA ALA G 278 35.54 85.39 -6.96
C ALA G 278 36.29 84.55 -5.94
N GLY G 279 37.44 85.01 -5.46
CA GLY G 279 38.21 84.27 -4.50
C GLY G 279 38.75 82.97 -5.07
N ALA G 280 39.53 82.23 -4.28
CA ALA G 280 40.04 80.95 -4.73
C ALA G 280 39.49 79.78 -3.93
N TYR G 281 39.68 79.77 -2.60
CA TYR G 281 39.30 78.68 -1.73
C TYR G 281 39.77 79.01 -0.32
N THR G 282 39.32 78.20 0.64
CA THR G 282 39.86 78.19 1.99
C THR G 282 40.10 76.74 2.38
N ALA G 283 40.40 76.52 3.66
CA ALA G 283 40.77 75.22 4.19
C ALA G 283 39.90 74.85 5.37
N GLY G 284 38.59 74.88 5.15
CA GLY G 284 37.67 74.47 6.20
C GLY G 284 37.90 73.04 6.64
N THR G 285 37.69 72.78 7.92
CA THR G 285 37.95 71.46 8.48
C THR G 285 36.97 70.43 7.94
N ASN G 286 37.44 69.19 7.81
CA ASN G 286 36.59 68.10 7.38
C ASN G 286 35.70 67.63 8.52
N THR G 287 34.56 67.05 8.16
CA THR G 287 33.58 66.53 9.12
C THR G 287 33.57 65.01 9.05
N SER G 288 33.76 64.36 10.20
CA SER G 288 33.77 62.91 10.28
C SER G 288 32.36 62.40 10.59
N ALA G 289 32.13 61.12 10.30
CA ALA G 289 30.82 60.53 10.54
C ALA G 289 30.96 59.03 10.71
N ASN G 290 29.95 58.43 11.33
CA ASN G 290 29.84 56.99 11.46
C ASN G 290 28.36 56.64 11.56
N VAL G 291 28.07 55.39 11.93
CA VAL G 291 26.69 54.90 11.86
C VAL G 291 25.79 55.67 12.81
N GLN G 292 26.29 55.97 14.01
CA GLN G 292 25.46 56.65 15.01
C GLN G 292 24.96 57.99 14.50
N LYS G 293 25.81 58.75 13.82
CA LYS G 293 25.46 60.09 13.36
C LYS G 293 24.88 60.03 11.95
N LEU G 294 23.70 59.42 11.85
CA LEU G 294 22.98 59.30 10.59
C LEU G 294 21.80 60.25 10.58
N ASP G 295 21.68 61.04 9.52
CA ASP G 295 20.58 61.98 9.35
C ASP G 295 20.00 61.81 7.96
N VAL G 296 18.67 61.91 7.86
CA VAL G 296 17.98 61.79 6.58
C VAL G 296 17.05 62.98 6.41
N SER G 297 17.01 63.87 7.39
CA SER G 297 16.11 65.01 7.33
C SER G 297 16.50 66.02 6.25
N THR G 298 17.67 65.88 5.65
CA THR G 298 18.12 66.75 4.57
C THR G 298 18.75 65.91 3.47
N VAL G 299 19.04 66.55 2.34
CA VAL G 299 19.56 65.82 1.19
C VAL G 299 20.97 65.30 1.44
N LEU G 300 21.86 66.15 1.99
CA LEU G 300 23.24 65.72 2.23
C LEU G 300 23.28 64.53 3.16
N GLY G 301 22.37 64.49 4.13
CA GLY G 301 22.34 63.35 5.03
C GLY G 301 22.15 62.04 4.30
N ALA G 302 21.22 62.00 3.34
CA ALA G 302 21.03 60.78 2.56
C ALA G 302 22.25 60.48 1.69
N GLN G 303 22.76 61.51 1.01
CA GLN G 303 23.84 61.29 0.07
C GLN G 303 25.12 60.82 0.76
N GLN G 304 25.24 61.02 2.07
CA GLN G 304 26.38 60.47 2.79
C GLN G 304 26.03 59.20 3.57
N ALA G 305 24.75 59.02 3.92
CA ALA G 305 24.32 57.78 4.52
C ALA G 305 24.59 56.60 3.59
N LEU G 306 24.46 56.82 2.28
CA LEU G 306 24.75 55.75 1.34
C LEU G 306 26.17 55.21 1.50
N GLU G 307 27.15 56.10 1.57
CA GLU G 307 28.54 55.67 1.74
C GLU G 307 28.75 54.98 3.07
N VAL G 308 28.19 55.54 4.16
CA VAL G 308 28.50 54.92 5.44
C VAL G 308 27.94 53.50 5.49
N VAL G 309 26.75 53.27 4.92
CA VAL G 309 26.23 51.91 4.98
C VAL G 309 27.03 50.98 4.09
N ASP G 310 27.54 51.49 2.96
CA ASP G 310 28.38 50.64 2.11
C ASP G 310 29.61 50.15 2.87
N LYS G 311 30.28 51.05 3.59
CA LYS G 311 31.46 50.63 4.34
C LYS G 311 31.11 49.62 5.44
N ALA G 312 30.01 49.85 6.15
CA ALA G 312 29.60 48.91 7.18
C ALA G 312 29.35 47.52 6.60
N LEU G 313 28.68 47.46 5.44
CA LEU G 313 28.42 46.17 4.81
C LEU G 313 29.71 45.46 4.43
N GLY G 314 30.69 46.20 3.91
CA GLY G 314 31.96 45.58 3.59
C GLY G 314 32.60 44.91 4.80
N ALA G 315 32.62 45.62 5.94
CA ALA G 315 33.21 45.04 7.14
C ALA G 315 32.50 43.77 7.56
N ILE G 316 31.16 43.81 7.56
CA ILE G 316 30.39 42.64 8.02
C ILE G 316 30.69 41.42 7.16
N ASN G 317 30.68 41.59 5.83
CA ASN G 317 30.89 40.45 4.96
C ASN G 317 32.28 39.85 5.13
N SER G 318 33.31 40.70 5.28
CA SER G 318 34.65 40.15 5.48
C SER G 318 34.71 39.30 6.76
N THR G 319 34.11 39.80 7.84
CA THR G 319 34.13 39.02 9.08
C THR G 319 33.45 37.67 8.91
N ARG G 320 32.32 37.65 8.18
CA ARG G 320 31.63 36.38 7.98
C ARG G 320 32.51 35.39 7.22
N ALA G 321 33.26 35.87 6.23
CA ALA G 321 34.17 35.00 5.51
C ALA G 321 35.20 34.37 6.45
N ASP G 322 35.77 35.17 7.35
CA ASP G 322 36.75 34.62 8.29
C ASP G 322 36.16 33.53 9.17
N LEU G 323 34.95 33.76 9.69
CA LEU G 323 34.35 32.75 10.57
C LEU G 323 34.10 31.44 9.81
N GLY G 324 33.64 31.52 8.57
CA GLY G 324 33.46 30.30 7.78
C GLY G 324 34.75 29.52 7.60
N ALA G 325 35.85 30.23 7.31
CA ALA G 325 37.13 29.54 7.14
C ALA G 325 37.53 28.79 8.41
N ILE G 326 37.37 29.44 9.56
CA ILE G 326 37.72 28.78 10.82
C ILE G 326 36.91 27.50 11.00
N GLN G 327 35.61 27.56 10.69
CA GLN G 327 34.76 26.38 10.84
C GLN G 327 35.25 25.22 9.99
N ASN G 328 35.62 25.50 8.74
CA ASN G 328 36.12 24.44 7.86
C ASN G 328 37.37 23.79 8.43
N ARG G 329 38.30 24.62 8.93
CA ARG G 329 39.53 24.05 9.49
C ARG G 329 39.24 23.13 10.67
N PHE G 330 38.30 23.54 11.53
CA PHE G 330 38.00 22.70 12.69
C PHE G 330 37.43 21.35 12.27
N THR G 331 36.58 21.34 11.24
CA THR G 331 36.06 20.06 10.75
C THR G 331 37.19 19.14 10.29
N SER G 332 38.15 19.70 9.55
CA SER G 332 39.27 18.87 9.10
C SER G 332 40.03 18.28 10.27
N VAL G 333 40.27 19.09 11.31
CA VAL G 333 41.00 18.61 12.48
C VAL G 333 40.27 17.43 13.11
N VAL G 334 38.94 17.53 13.22
CA VAL G 334 38.18 16.45 13.84
C VAL G 334 38.37 15.15 13.05
N ALA G 335 38.27 15.22 11.73
CA ALA G 335 38.39 13.99 10.93
C ALA G 335 39.75 13.34 11.14
N ASN G 336 40.82 14.14 11.11
CA ASN G 336 42.15 13.58 11.29
C ASN G 336 42.30 12.93 12.66
N LEU G 337 41.78 13.59 13.71
CA LEU G 337 41.90 13.03 15.05
C LEU G 337 41.22 11.68 15.14
N GLN G 338 40.03 11.57 14.54
CA GLN G 338 39.28 10.32 14.60
C GLN G 338 40.07 9.18 13.95
N THR G 339 40.64 9.44 12.78
CA THR G 339 41.41 8.39 12.11
C THR G 339 42.60 7.95 12.95
N SER G 340 43.34 8.92 13.49
CA SER G 340 44.54 8.57 14.25
C SER G 340 44.20 7.76 15.50
N SER G 341 43.12 8.13 16.19
CA SER G 341 42.71 7.39 17.38
C SER G 341 42.37 5.95 17.03
N GLU G 342 41.64 5.75 15.93
CA GLU G 342 41.30 4.39 15.53
C GLU G 342 42.54 3.56 15.26
N ASN G 343 43.50 4.12 14.51
CA ASN G 343 44.70 3.35 14.18
C ASN G 343 45.52 3.01 15.42
N LEU G 344 45.67 3.97 16.34
CA LEU G 344 46.44 3.69 17.56
C LEU G 344 45.77 2.62 18.40
N SER G 345 44.43 2.67 18.52
CA SER G 345 43.73 1.67 19.31
C SER G 345 43.90 0.28 18.72
N ALA G 346 43.81 0.16 17.39
CA ALA G 346 44.02 -1.14 16.77
C ALA G 346 45.46 -1.63 16.96
N SER G 347 46.42 -0.70 16.94
CA SER G 347 47.82 -1.11 17.10
C SER G 347 48.12 -1.56 18.52
N ARG G 348 47.49 -0.95 19.53
CA ARG G 348 47.77 -1.34 20.91
C ARG G 348 47.34 -2.77 21.20
N SER G 349 46.31 -3.26 20.50
CA SER G 349 45.73 -4.55 20.82
C SER G 349 46.64 -5.72 20.48
N ARG G 350 47.67 -5.50 19.67
CA ARG G 350 48.47 -6.62 19.19
C ARG G 350 49.39 -7.19 20.27
N ILE G 351 49.67 -6.42 21.32
CA ILE G 351 50.66 -6.81 22.32
C ILE G 351 50.05 -6.94 23.71
N LYS G 352 48.71 -6.97 23.82
CA LYS G 352 48.08 -7.04 25.12
C LYS G 352 46.97 -8.08 25.25
N ASP G 353 46.31 -8.48 24.18
CA ASP G 353 45.12 -9.31 24.28
C ASP G 353 45.46 -10.79 24.19
N THR G 354 44.57 -11.62 24.71
CA THR G 354 44.78 -13.07 24.73
C THR G 354 44.23 -13.70 23.47
N ASP G 355 44.91 -14.73 23.00
CA ASP G 355 44.47 -15.53 21.86
C ASP G 355 43.74 -16.74 22.39
N PHE G 356 42.43 -16.81 22.17
CA PHE G 356 41.64 -17.87 22.78
C PHE G 356 41.83 -19.21 22.08
N ALA G 357 42.09 -19.19 20.77
CA ALA G 357 42.29 -20.45 20.06
C ALA G 357 43.54 -21.16 20.53
N LYS G 358 44.59 -20.41 20.87
CA LYS G 358 45.83 -21.02 21.31
C LYS G 358 45.81 -21.38 22.78
N GLU G 359 45.09 -20.62 23.61
CA GLU G 359 45.24 -20.73 25.06
C GLU G 359 44.59 -21.98 25.64
N THR G 360 43.62 -22.59 24.94
CA THR G 360 42.94 -23.75 25.53
C THR G 360 43.78 -25.02 25.44
N ALA G 361 44.69 -25.09 24.47
CA ALA G 361 45.49 -26.29 24.28
C ALA G 361 46.39 -26.57 25.49
N GLU G 362 47.02 -25.51 26.03
CA GLU G 362 47.85 -25.70 27.22
C GLU G 362 47.01 -26.10 28.42
N LEU G 363 45.79 -25.57 28.51
CA LEU G 363 44.89 -26.02 29.57
C LEU G 363 44.68 -27.53 29.50
N THR G 364 44.32 -28.02 28.31
CA THR G 364 44.09 -29.47 28.16
C THR G 364 45.35 -30.27 28.46
N ARG G 365 46.50 -29.82 27.94
CA ARG G 365 47.73 -30.58 28.11
C ARG G 365 48.12 -30.68 29.58
N THR G 366 48.06 -29.56 30.30
CA THR G 366 48.40 -29.57 31.71
C THR G 366 47.43 -30.42 32.51
N GLN G 367 46.15 -30.39 32.14
CA GLN G 367 45.18 -31.22 32.84
C GLN G 367 45.52 -32.70 32.71
N ILE G 368 45.91 -33.14 31.51
CA ILE G 368 46.28 -34.55 31.35
C ILE G 368 47.56 -34.88 32.11
N LEU G 369 48.55 -33.98 32.05
CA LEU G 369 49.83 -34.25 32.71
C LEU G 369 49.65 -34.41 34.21
N GLN G 370 48.75 -33.63 34.81
CA GLN G 370 48.56 -33.74 36.26
C GLN G 370 48.04 -35.12 36.66
N GLN G 371 47.06 -35.64 35.92
CA GLN G 371 46.52 -36.96 36.24
C GLN G 371 47.57 -38.04 36.08
N ALA G 372 48.37 -37.96 35.01
CA ALA G 372 49.44 -38.94 34.86
C ALA G 372 50.40 -38.90 36.05
N GLY G 373 50.77 -37.69 36.47
CA GLY G 373 51.68 -37.57 37.60
C GLY G 373 51.11 -38.13 38.89
N THR G 374 49.82 -37.89 39.13
CA THR G 374 49.20 -38.39 40.36
C THR G 374 49.18 -39.92 40.40
N ALA G 375 48.78 -40.54 39.29
CA ALA G 375 48.76 -42.00 39.27
C ALA G 375 50.15 -42.58 39.50
N MET G 376 51.16 -42.00 38.85
CA MET G 376 52.51 -42.53 39.02
C MET G 376 53.01 -42.31 40.44
N LEU G 377 52.63 -41.19 41.07
CA LEU G 377 53.04 -40.97 42.46
C LEU G 377 52.47 -42.03 43.38
N ALA G 378 51.19 -42.37 43.19
CA ALA G 378 50.61 -43.43 44.01
C ALA G 378 51.34 -44.74 43.82
N GLN G 379 51.65 -45.09 42.56
CA GLN G 379 52.39 -46.32 42.29
C GLN G 379 53.73 -46.33 43.00
N ALA G 380 54.47 -45.22 42.91
CA ALA G 380 55.79 -45.15 43.50
C ALA G 380 55.73 -45.29 45.01
N ASN G 381 54.71 -44.67 45.63
CA ASN G 381 54.56 -44.82 47.07
C ASN G 381 54.26 -46.26 47.45
N GLN G 382 53.44 -46.96 46.66
CA GLN G 382 53.08 -48.32 47.01
C GLN G 382 54.19 -49.32 46.74
N VAL G 383 55.19 -48.96 45.93
CA VAL G 383 56.21 -49.94 45.51
C VAL G 383 56.92 -50.64 46.66
N PRO G 384 57.44 -49.95 47.70
CA PRO G 384 58.35 -50.63 48.63
C PRO G 384 57.72 -51.68 49.54
N GLN G 385 56.44 -51.98 49.32
CA GLN G 385 55.73 -52.88 50.23
C GLN G 385 56.26 -54.30 50.19
N GLY G 386 56.88 -54.72 49.08
CA GLY G 386 57.18 -56.12 48.87
C GLY G 386 58.27 -56.67 49.76
N VAL G 387 59.08 -55.80 50.38
CA VAL G 387 60.17 -56.27 51.21
C VAL G 387 59.66 -57.02 52.43
N LEU G 388 58.39 -56.81 52.81
CA LEU G 388 57.87 -57.41 54.03
C LEU G 388 57.82 -58.93 53.95
N SER G 389 57.54 -59.48 52.77
CA SER G 389 57.39 -60.93 52.64
C SER G 389 58.69 -61.65 52.96
N LEU G 390 59.82 -60.99 52.78
CA LEU G 390 61.10 -61.63 53.08
C LEU G 390 61.24 -61.95 54.56
N LEU G 391 60.71 -61.09 55.42
CA LEU G 391 60.85 -61.26 56.86
C LEU G 391 60.05 -62.45 57.36
N ALA H 2 53.21 -73.11 26.19
CA ALA H 2 54.26 -72.69 27.11
C ALA H 2 54.05 -71.26 27.54
N GLN H 3 54.26 -70.98 28.83
CA GLN H 3 54.06 -69.66 29.39
C GLN H 3 55.41 -69.03 29.66
N VAL H 4 55.62 -67.82 29.14
CA VAL H 4 56.87 -67.09 29.32
C VAL H 4 56.53 -65.67 29.74
N ILE H 5 57.51 -65.00 30.34
CA ILE H 5 57.33 -63.63 30.78
C ILE H 5 58.14 -62.63 29.96
N ASN H 6 59.36 -62.99 29.55
CA ASN H 6 60.28 -62.01 29.00
C ASN H 6 59.80 -61.45 27.66
N THR H 7 58.85 -62.12 27.00
CA THR H 7 58.32 -61.65 25.73
C THR H 7 56.80 -61.80 25.72
N ASN H 8 56.14 -60.85 25.08
CA ASN H 8 54.70 -60.85 24.97
C ASN H 8 54.35 -60.52 23.53
N THR H 9 54.29 -61.53 22.70
CA THR H 9 54.02 -61.33 21.29
C THR H 9 52.67 -60.70 21.00
N MET H 10 51.64 -61.08 21.72
CA MET H 10 50.35 -60.47 21.46
C MET H 10 50.40 -58.99 21.73
N SER H 11 51.02 -58.60 22.84
CA SER H 11 51.16 -57.20 23.17
C SER H 11 51.97 -56.47 22.14
N LEU H 12 53.03 -57.10 21.64
CA LEU H 12 53.87 -56.50 20.62
C LEU H 12 53.08 -56.23 19.35
N ASN H 13 52.23 -57.18 18.98
CA ASN H 13 51.42 -57.06 17.80
C ASN H 13 50.44 -55.87 17.82
N ALA H 14 49.47 -55.94 18.73
CA ALA H 14 48.42 -54.97 19.00
C ALA H 14 48.92 -53.54 18.83
N GLN H 15 50.15 -53.27 19.31
CA GLN H 15 50.71 -51.94 19.13
C GLN H 15 50.81 -51.58 17.65
N ARG H 16 51.30 -52.52 16.85
CA ARG H 16 51.45 -52.26 15.42
C ARG H 16 50.11 -51.97 14.78
N ASN H 17 49.10 -52.77 15.10
CA ASN H 17 47.78 -52.57 14.50
C ASN H 17 47.19 -51.22 14.91
N LEU H 18 47.37 -50.84 16.17
CA LEU H 18 46.85 -49.56 16.64
C LEU H 18 47.50 -48.40 15.90
N SER H 19 48.82 -48.44 15.72
CA SER H 19 49.48 -47.37 14.99
C SER H 19 48.99 -47.32 13.54
N THR H 20 48.84 -48.48 12.91
CA THR H 20 48.34 -48.51 11.54
C THR H 20 46.98 -47.86 11.43
N SER H 21 46.06 -48.20 12.32
CA SER H 21 44.73 -47.61 12.27
C SER H 21 44.79 -46.11 12.52
N GLY H 22 45.65 -45.66 13.43
CA GLY H 22 45.70 -44.24 13.76
C GLY H 22 46.42 -43.39 12.74
N SER H 23 47.10 -44.01 11.78
CA SER H 23 47.84 -43.22 10.77
C SER H 23 46.93 -42.26 10.01
N SER H 24 45.77 -42.72 9.55
CA SER H 24 44.98 -41.98 8.56
C SER H 24 44.14 -40.86 9.16
N LEU H 25 43.93 -40.85 10.49
CA LEU H 25 43.03 -39.90 11.10
C LEU H 25 43.54 -38.48 10.96
N ALA H 26 44.86 -38.28 11.08
CA ALA H 26 45.43 -36.95 10.93
C ALA H 26 45.18 -36.40 9.54
N THR H 27 45.40 -37.23 8.52
CA THR H 27 45.16 -36.79 7.15
C THR H 27 43.69 -36.43 6.94
N THR H 28 42.79 -37.25 7.45
CA THR H 28 41.36 -36.97 7.28
C THR H 28 40.99 -35.65 7.94
N ILE H 29 41.43 -35.43 9.18
CA ILE H 29 41.08 -34.22 9.90
C ILE H 29 41.64 -32.99 9.19
N GLN H 30 42.88 -33.08 8.71
CA GLN H 30 43.48 -31.93 8.04
C GLN H 30 42.72 -31.59 6.76
N ARG H 31 42.39 -32.59 5.95
CA ARG H 31 41.72 -32.29 4.69
C ARG H 31 40.27 -31.94 4.90
N LEU H 32 39.73 -32.17 6.10
CA LEU H 32 38.38 -31.70 6.38
C LEU H 32 38.39 -30.28 6.95
N SER H 33 39.45 -29.92 7.67
CA SER H 33 39.53 -28.56 8.21
C SER H 33 39.95 -27.55 7.14
N SER H 34 40.85 -27.96 6.25
CA SER H 34 41.37 -27.03 5.24
C SER H 34 40.33 -26.75 4.16
N GLY H 35 39.48 -27.72 3.85
CA GLY H 35 38.51 -27.56 2.80
C GLY H 35 39.00 -27.92 1.42
N SER H 36 40.21 -28.44 1.28
CA SER H 36 40.79 -28.83 0.00
C SER H 36 41.36 -30.24 0.11
N ARG H 37 41.29 -30.97 -1.00
CA ARG H 37 41.77 -32.34 -1.04
C ARG H 37 43.28 -32.45 -1.27
N ILE H 38 43.91 -31.45 -1.87
CA ILE H 38 45.34 -31.46 -2.14
C ILE H 38 45.97 -30.34 -1.32
N ASN H 39 46.80 -30.71 -0.35
CA ASN H 39 47.51 -29.74 0.47
C ASN H 39 49.03 -29.84 0.32
N SER H 40 49.54 -30.91 -0.28
CA SER H 40 50.97 -31.04 -0.53
C SER H 40 51.14 -32.00 -1.70
N ALA H 41 52.37 -32.10 -2.20
CA ALA H 41 52.63 -32.98 -3.32
C ALA H 41 52.53 -34.46 -2.95
N LYS H 42 52.41 -34.78 -1.66
CA LYS H 42 52.31 -36.17 -1.26
C LYS H 42 51.02 -36.81 -1.79
N ASP H 43 49.92 -36.04 -1.82
CA ASP H 43 48.64 -36.60 -2.21
C ASP H 43 48.57 -36.84 -3.72
N ASP H 44 49.13 -35.93 -4.51
CA ASP H 44 49.03 -36.01 -5.97
C ASP H 44 50.27 -35.38 -6.59
N ALA H 45 50.54 -35.74 -7.83
CA ALA H 45 51.71 -35.24 -8.55
C ALA H 45 51.38 -34.28 -9.67
N ALA H 46 50.29 -34.53 -10.41
CA ALA H 46 49.91 -33.66 -11.52
C ALA H 46 48.77 -32.72 -11.20
N GLY H 47 47.97 -33.04 -10.17
CA GLY H 47 46.85 -32.20 -9.84
C GLY H 47 47.25 -30.80 -9.42
N LEU H 48 48.31 -30.68 -8.63
CA LEU H 48 48.73 -29.35 -8.19
C LEU H 48 49.25 -28.52 -9.37
N ALA H 49 49.99 -29.15 -10.28
CA ALA H 49 50.46 -28.41 -11.45
C ALA H 49 49.28 -27.94 -12.31
N ILE H 50 48.30 -28.82 -12.53
CA ILE H 50 47.16 -28.45 -13.35
C ILE H 50 46.38 -27.32 -12.68
N SER H 51 46.18 -27.40 -11.36
CA SER H 51 45.45 -26.36 -10.66
C SER H 51 46.20 -25.04 -10.70
N GLU H 52 47.53 -25.07 -10.60
CA GLU H 52 48.29 -23.83 -10.68
C GLU H 52 48.14 -23.18 -12.05
N ARG H 53 48.18 -23.98 -13.12
CA ARG H 53 47.98 -23.41 -14.44
C ARG H 53 46.59 -22.80 -14.56
N PHE H 54 45.57 -23.48 -14.04
CA PHE H 54 44.22 -22.94 -14.09
C PHE H 54 44.12 -21.64 -13.31
N GLY H 55 44.82 -21.55 -12.17
CA GLY H 55 44.82 -20.32 -11.41
C GLY H 55 45.43 -19.16 -12.16
N THR H 56 46.55 -19.41 -12.83
CA THR H 56 47.14 -18.37 -13.68
C THR H 56 46.14 -17.90 -14.72
N GLN H 57 45.43 -18.84 -15.35
CA GLN H 57 44.49 -18.46 -16.40
C GLN H 57 43.38 -17.57 -15.85
N ILE H 58 42.81 -17.92 -14.70
CA ILE H 58 41.69 -17.13 -14.16
C ILE H 58 42.16 -15.73 -13.80
N ARG H 59 43.31 -15.64 -13.12
CA ARG H 59 43.81 -14.34 -12.70
C ARG H 59 44.13 -13.46 -13.90
N GLY H 60 44.65 -14.04 -14.98
CA GLY H 60 44.87 -13.25 -16.18
C GLY H 60 43.57 -12.77 -16.80
N THR H 61 42.54 -13.62 -16.80
CA THR H 61 41.28 -13.26 -17.43
C THR H 61 40.65 -12.04 -16.77
N ASP H 62 40.75 -11.94 -15.44
CA ASP H 62 40.13 -10.79 -14.77
C ASP H 62 40.70 -9.46 -15.26
N VAL H 63 42.03 -9.30 -15.20
CA VAL H 63 42.62 -8.04 -15.62
C VAL H 63 42.41 -7.83 -17.12
N ALA H 64 42.27 -8.92 -17.88
CA ALA H 64 41.92 -8.74 -19.29
C ALA H 64 40.58 -8.03 -19.44
N ILE H 65 39.59 -8.44 -18.65
CA ILE H 65 38.29 -7.77 -18.71
C ILE H 65 38.45 -6.29 -18.40
N ARG H 66 39.23 -5.99 -17.36
CA ARG H 66 39.43 -4.59 -16.99
C ARG H 66 39.98 -3.78 -18.16
N ASN H 67 41.05 -4.28 -18.80
CA ASN H 67 41.68 -3.54 -19.89
C ASN H 67 40.71 -3.32 -21.04
N ALA H 68 39.88 -4.31 -21.35
CA ALA H 68 38.88 -4.12 -22.38
C ALA H 68 37.95 -2.96 -22.05
N ASN H 69 37.58 -2.84 -20.77
CA ASN H 69 36.72 -1.72 -20.37
C ASN H 69 37.39 -0.37 -20.60
N ASP H 70 38.68 -0.25 -20.28
CA ASP H 70 39.35 1.02 -20.58
C ASP H 70 39.33 1.32 -22.08
N GLY H 71 39.52 0.31 -22.92
CA GLY H 71 39.44 0.55 -24.36
C GLY H 71 38.11 1.15 -24.76
N ILE H 72 37.02 0.60 -24.22
CA ILE H 72 35.70 1.15 -24.50
C ILE H 72 35.62 2.62 -24.10
N SER H 73 36.14 2.94 -22.91
CA SER H 73 36.04 4.31 -22.42
C SER H 73 36.76 5.30 -23.34
N LEU H 74 37.96 4.93 -23.81
CA LEU H 74 38.70 5.82 -24.70
C LEU H 74 37.92 6.10 -25.98
N ALA H 75 37.35 5.05 -26.57
CA ALA H 75 36.56 5.27 -27.78
C ALA H 75 35.40 6.21 -27.51
N GLN H 76 34.75 6.08 -26.35
CA GLN H 76 33.62 6.93 -26.02
C GLN H 76 34.02 8.40 -25.99
N VAL H 77 35.15 8.70 -25.34
CA VAL H 77 35.55 10.11 -25.23
C VAL H 77 35.83 10.70 -26.61
N ALA H 78 36.54 9.94 -27.46
CA ALA H 78 36.86 10.47 -28.79
C ALA H 78 35.60 10.80 -29.57
N GLU H 79 34.63 9.88 -29.58
CA GLU H 79 33.39 10.14 -30.32
C GLU H 79 32.67 11.36 -29.76
N GLY H 80 32.68 11.51 -28.44
CA GLY H 80 32.03 12.66 -27.82
C GLY H 80 32.57 13.98 -28.35
N SER H 81 33.88 14.10 -28.50
CA SER H 81 34.42 15.37 -29.02
C SER H 81 34.09 15.56 -30.50
N LEU H 82 34.17 14.49 -31.29
CA LEU H 82 33.89 14.63 -32.72
C LEU H 82 32.47 15.15 -32.95
N THR H 83 31.54 14.80 -32.07
CA THR H 83 30.16 15.29 -32.22
C THR H 83 30.11 16.82 -32.26
N GLU H 84 30.78 17.46 -31.31
CA GLU H 84 30.75 18.92 -31.23
C GLU H 84 31.43 19.54 -32.43
N ILE H 85 32.55 18.96 -32.88
CA ILE H 85 33.20 19.49 -34.07
C ILE H 85 32.21 19.51 -35.25
N GLY H 86 31.48 18.42 -35.42
CA GLY H 86 30.52 18.35 -36.52
C GLY H 86 29.41 19.37 -36.41
N ASN H 87 28.90 19.59 -35.19
CA ASN H 87 27.85 20.59 -35.01
C ASN H 87 28.32 21.98 -35.41
N ASN H 88 29.54 22.35 -34.98
CA ASN H 88 30.06 23.67 -35.35
C ASN H 88 30.18 23.81 -36.87
N LEU H 89 30.67 22.76 -37.54
CA LEU H 89 30.79 22.83 -38.99
C LEU H 89 29.44 23.00 -39.66
N GLN H 90 28.42 22.31 -39.16
CA GLN H 90 27.08 22.44 -39.71
C GLN H 90 26.61 23.88 -39.65
N ARG H 91 26.82 24.52 -38.50
CA ARG H 91 26.40 25.92 -38.36
C ARG H 91 27.14 26.82 -39.35
N VAL H 92 28.45 26.61 -39.52
CA VAL H 92 29.21 27.46 -40.43
C VAL H 92 28.68 27.33 -41.85
N ARG H 93 28.40 26.10 -42.29
CA ARG H 93 27.87 25.92 -43.64
C ARG H 93 26.53 26.61 -43.82
N GLU H 94 25.65 26.49 -42.83
CA GLU H 94 24.38 27.20 -42.89
C GLU H 94 24.59 28.69 -43.04
N LEU H 95 25.58 29.24 -42.33
CA LEU H 95 25.87 30.66 -42.42
C LEU H 95 26.36 31.04 -43.80
N SER H 96 27.18 30.18 -44.42
CA SER H 96 27.77 30.51 -45.71
C SER H 96 26.82 30.33 -46.88
N VAL H 97 25.73 29.58 -46.71
CA VAL H 97 24.72 29.53 -47.80
C VAL H 97 24.20 30.93 -48.08
N GLN H 98 23.96 31.71 -47.03
CA GLN H 98 23.65 33.12 -47.16
C GLN H 98 24.91 33.85 -47.61
N ALA H 99 24.86 35.18 -47.66
CA ALA H 99 25.98 36.03 -48.07
C ALA H 99 26.38 35.81 -49.52
N SER H 100 25.72 34.92 -50.24
CA SER H 100 25.95 34.74 -51.67
C SER H 100 24.86 35.39 -52.50
N ASN H 101 24.03 36.24 -51.90
CA ASN H 101 22.94 36.90 -52.60
C ASN H 101 23.47 38.11 -53.36
N ALA H 102 22.56 38.91 -53.87
CA ALA H 102 22.91 40.15 -54.55
C ALA H 102 22.46 41.40 -53.82
N THR H 103 21.57 41.25 -52.83
CA THR H 103 21.03 42.39 -52.10
C THR H 103 21.87 42.77 -50.89
N ASN H 104 22.84 41.95 -50.50
CA ASN H 104 23.65 42.27 -49.34
C ASN H 104 24.65 43.38 -49.67
N SER H 105 25.18 43.99 -48.63
CA SER H 105 26.18 45.04 -48.77
C SER H 105 27.48 44.58 -48.11
N ALA H 106 28.52 45.40 -48.26
CA ALA H 106 29.83 45.04 -47.73
C ALA H 106 29.80 44.88 -46.22
N SER H 107 29.11 45.79 -45.54
CA SER H 107 29.05 45.74 -44.08
C SER H 107 28.40 44.44 -43.61
N ASP H 108 27.34 44.00 -44.29
CA ASP H 108 26.69 42.76 -43.90
C ASP H 108 27.62 41.57 -44.05
N ARG H 109 28.40 41.54 -45.13
CA ARG H 109 29.35 40.46 -45.32
C ARG H 109 30.41 40.46 -44.23
N LYS H 110 30.89 41.63 -43.83
CA LYS H 110 31.83 41.69 -42.71
C LYS H 110 31.19 41.19 -41.42
N ALA H 111 29.92 41.54 -41.20
CA ALA H 111 29.22 41.07 -40.02
C ALA H 111 29.17 39.54 -39.98
N LEU H 112 28.90 38.91 -41.11
CA LEU H 112 28.91 37.45 -41.14
C LEU H 112 30.32 36.89 -40.95
N GLN H 113 31.32 37.57 -41.51
CA GLN H 113 32.69 37.09 -41.39
C GLN H 113 33.17 37.08 -39.95
N ALA H 114 32.69 38.02 -39.13
CA ALA H 114 33.07 38.01 -37.72
C ALA H 114 32.69 36.69 -37.05
N GLU H 115 31.43 36.28 -37.20
CA GLU H 115 30.99 35.05 -36.57
C GLU H 115 31.69 33.83 -37.16
N VAL H 116 31.94 33.85 -38.47
CA VAL H 116 32.66 32.72 -39.07
C VAL H 116 34.04 32.58 -38.44
N THR H 117 34.73 33.71 -38.24
CA THR H 117 36.05 33.66 -37.61
C THR H 117 35.97 33.09 -36.19
N GLN H 118 34.97 33.53 -35.42
CA GLN H 118 34.84 33.00 -34.06
C GLN H 118 34.63 31.48 -34.07
N LEU H 119 33.76 30.99 -34.95
CA LEU H 119 33.48 29.56 -34.98
C LEU H 119 34.71 28.76 -35.39
N VAL H 120 35.46 29.26 -36.36
CA VAL H 120 36.67 28.54 -36.78
C VAL H 120 37.68 28.46 -35.64
N SER H 121 37.87 29.56 -34.92
CA SER H 121 38.81 29.54 -33.79
C SER H 121 38.36 28.53 -32.74
N GLU H 122 37.06 28.46 -32.48
CA GLU H 122 36.57 27.48 -31.50
C GLU H 122 36.84 26.05 -31.95
N ILE H 123 36.63 25.77 -33.24
CA ILE H 123 36.91 24.43 -33.76
C ILE H 123 38.37 24.08 -33.52
N ASP H 124 39.27 25.03 -33.83
CA ASP H 124 40.69 24.79 -33.63
C ASP H 124 41.01 24.47 -32.18
N ARG H 125 40.44 25.25 -31.25
CA ARG H 125 40.77 25.05 -29.84
C ARG H 125 40.33 23.67 -29.35
N VAL H 126 39.09 23.28 -29.64
CA VAL H 126 38.63 21.99 -29.17
C VAL H 126 39.42 20.87 -29.82
N ALA H 127 39.78 21.00 -31.10
CA ALA H 127 40.57 19.97 -31.74
C ALA H 127 41.95 19.81 -31.12
N LYS H 128 42.58 20.91 -30.73
CA LYS H 128 43.94 20.85 -30.21
C LYS H 128 44.01 20.61 -28.71
N GLN H 129 42.90 20.62 -27.98
CA GLN H 129 42.97 20.49 -26.52
C GLN H 129 42.10 19.33 -26.02
N SER H 130 42.20 18.17 -26.65
CA SER H 130 41.42 17.00 -26.26
C SER H 130 42.34 15.83 -25.96
N ASP H 131 42.07 15.12 -24.86
CA ASP H 131 42.94 14.03 -24.46
C ASP H 131 42.22 13.13 -23.46
N PHE H 132 42.83 11.97 -23.20
CA PHE H 132 42.34 11.00 -22.23
C PHE H 132 43.53 10.48 -21.44
N ASN H 133 43.59 10.80 -20.16
CA ASN H 133 44.67 10.33 -19.28
C ASN H 133 46.04 10.76 -19.80
N GLY H 134 46.12 11.98 -20.32
CA GLY H 134 47.37 12.55 -20.75
C GLY H 134 47.81 12.22 -22.16
N THR H 135 46.96 11.59 -22.97
CA THR H 135 47.29 11.24 -24.34
C THR H 135 46.41 12.05 -25.28
N LYS H 136 47.01 12.97 -26.04
CA LYS H 136 46.26 13.76 -26.99
C LYS H 136 45.75 12.87 -28.13
N LEU H 137 44.48 13.06 -28.50
CA LEU H 137 43.85 12.21 -29.51
C LEU H 137 43.77 12.86 -30.88
N LEU H 138 43.11 14.01 -30.98
CA LEU H 138 42.79 14.59 -32.28
C LEU H 138 43.80 15.65 -32.70
N ASP H 139 45.05 15.25 -32.88
CA ASP H 139 46.00 16.13 -33.55
C ASP H 139 46.94 15.37 -34.47
N GLY H 140 46.66 14.10 -34.77
CA GLY H 140 47.46 13.34 -35.70
C GLY H 140 48.67 12.64 -35.13
N THR H 141 48.87 12.69 -33.81
CA THR H 141 49.99 12.03 -33.17
C THR H 141 49.61 10.69 -32.56
N PHE H 142 48.41 10.19 -32.83
CA PHE H 142 47.95 8.93 -32.26
C PHE H 142 48.47 7.79 -33.13
N SER H 143 49.55 7.16 -32.68
CA SER H 143 50.14 6.05 -33.42
C SER H 143 49.41 4.76 -33.08
N SER H 144 50.01 3.62 -33.41
CA SER H 144 49.42 2.33 -33.06
C SER H 144 49.51 2.10 -31.56
N GLN H 145 48.40 1.67 -30.96
CA GLN H 145 48.33 1.38 -29.54
C GLN H 145 47.82 -0.03 -29.35
N LEU H 146 48.44 -0.78 -28.45
CA LEU H 146 48.13 -2.19 -28.24
C LEU H 146 47.43 -2.38 -26.91
N PHE H 147 46.33 -3.14 -26.93
CA PHE H 147 45.59 -3.50 -25.72
C PHE H 147 45.73 -4.99 -25.48
N GLN H 148 46.03 -5.36 -24.23
CA GLN H 148 46.22 -6.76 -23.85
C GLN H 148 44.88 -7.34 -23.43
N VAL H 149 44.38 -8.32 -24.18
CA VAL H 149 43.07 -8.91 -23.90
C VAL H 149 43.20 -10.42 -23.71
N GLY H 150 44.35 -10.87 -23.22
CA GLY H 150 44.55 -12.29 -22.95
C GLY H 150 45.63 -12.48 -21.92
N ALA H 151 45.63 -13.65 -21.31
CA ALA H 151 46.50 -13.93 -20.18
C ALA H 151 47.89 -14.36 -20.58
N ASN H 152 48.21 -14.38 -21.87
CA ASN H 152 49.46 -14.91 -22.37
C ASN H 152 50.20 -13.85 -23.18
N ALA H 153 51.49 -14.06 -23.36
CA ALA H 153 52.31 -13.12 -24.12
C ALA H 153 51.93 -13.17 -25.59
N GLY H 154 51.79 -11.99 -26.19
CA GLY H 154 51.52 -11.89 -27.61
C GLY H 154 50.07 -11.78 -28.00
N GLN H 155 49.13 -11.90 -27.06
CA GLN H 155 47.71 -11.78 -27.37
C GLN H 155 47.32 -10.31 -27.21
N ALA H 156 47.11 -9.63 -28.34
CA ALA H 156 46.81 -8.20 -28.28
C ALA H 156 46.12 -7.78 -29.57
N ILE H 157 45.38 -6.68 -29.49
CA ILE H 157 44.77 -6.05 -30.66
C ILE H 157 45.10 -4.57 -30.64
N ALA H 158 45.10 -3.96 -31.82
CA ALA H 158 45.65 -2.63 -31.99
C ALA H 158 44.66 -1.70 -32.68
N ILE H 159 44.82 -0.41 -32.43
CA ILE H 159 44.08 0.66 -33.08
C ILE H 159 45.07 1.46 -33.92
N ASP H 160 44.74 1.65 -35.20
CA ASP H 160 45.72 2.21 -36.12
C ASP H 160 45.81 3.74 -36.01
N LYS H 161 44.72 4.44 -36.31
CA LYS H 161 44.75 5.89 -36.32
C LYS H 161 43.32 6.42 -36.30
N THR H 162 43.13 7.58 -35.68
CA THR H 162 41.78 8.16 -35.64
C THR H 162 41.55 9.23 -36.70
N ILE H 163 42.21 10.38 -36.56
CA ILE H 163 41.94 11.53 -37.41
C ILE H 163 42.99 12.59 -37.12
N ASP H 164 43.21 13.49 -38.06
CA ASP H 164 43.98 14.72 -37.82
C ASP H 164 43.03 15.88 -38.10
N ALA H 165 42.47 16.46 -37.04
CA ALA H 165 41.36 17.41 -37.15
C ALA H 165 41.75 18.84 -36.82
N LYS H 166 43.01 19.21 -37.02
CA LYS H 166 43.39 20.60 -36.84
C LYS H 166 42.82 21.46 -37.96
N ALA H 167 42.61 22.75 -37.66
CA ALA H 167 42.02 23.65 -38.63
C ALA H 167 42.91 23.89 -39.83
N GLY H 168 44.20 23.61 -39.71
CA GLY H 168 45.13 23.79 -40.80
C GLY H 168 45.22 22.67 -41.79
N SER H 169 44.52 21.56 -41.56
CA SER H 169 44.58 20.41 -42.46
C SER H 169 43.23 19.71 -42.53
N LEU H 170 42.15 20.46 -42.70
CA LEU H 170 40.81 19.90 -42.82
C LEU H 170 40.17 20.37 -44.12
N GLY H 171 39.63 19.43 -44.89
CA GLY H 171 38.91 19.77 -46.09
C GLY H 171 39.72 20.45 -47.18
N THR H 172 40.90 19.91 -47.49
CA THR H 172 41.73 20.50 -48.53
C THR H 172 41.11 20.31 -49.91
N SER H 173 41.26 21.31 -50.77
CA SER H 173 40.68 21.29 -52.11
C SER H 173 41.51 22.16 -53.04
N THR H 174 41.29 22.00 -54.34
CA THR H 174 41.95 22.81 -55.35
C THR H 174 40.93 23.30 -56.37
N PHE H 175 41.04 24.57 -56.74
CA PHE H 175 40.14 25.19 -57.70
C PHE H 175 40.93 25.73 -58.88
N ALA H 176 40.52 25.36 -60.10
CA ALA H 176 41.16 25.86 -61.29
C ALA H 176 40.88 27.35 -61.47
N THR H 177 41.89 28.10 -61.91
CA THR H 177 41.79 29.54 -62.00
C THR H 177 42.94 30.07 -62.83
N GLY H 178 42.71 31.18 -63.51
CA GLY H 178 43.79 31.83 -64.23
C GLY H 178 43.45 32.13 -65.67
N ALA H 179 42.16 32.13 -65.97
CA ALA H 179 41.72 32.36 -67.34
C ALA H 179 41.97 33.80 -67.76
N THR H 180 42.15 33.98 -69.07
CA THR H 180 42.21 35.29 -69.69
C THR H 180 41.41 35.24 -70.98
N ALA H 181 41.28 36.40 -71.62
CA ALA H 181 40.60 36.48 -72.91
C ALA H 181 41.46 37.22 -73.92
N ALA H 182 42.19 38.23 -73.46
CA ALA H 182 43.05 39.05 -74.31
C ALA H 182 42.25 39.67 -75.46
N LEU H 183 41.11 40.26 -75.12
CA LEU H 183 40.21 40.87 -76.10
C LEU H 183 40.33 42.37 -76.04
N ALA H 184 40.52 43.00 -77.21
CA ALA H 184 40.61 44.46 -77.28
C ALA H 184 39.97 45.00 -78.55
N ALA H 185 38.98 44.30 -79.10
CA ALA H 185 38.33 44.76 -80.31
C ALA H 185 37.52 46.03 -80.03
N SER H 186 37.34 46.82 -81.08
CA SER H 186 36.66 48.11 -80.95
C SER H 186 35.98 48.42 -82.28
N THR H 187 35.63 49.69 -82.48
CA THR H 187 35.05 50.23 -83.71
C THR H 187 33.66 49.60 -83.82
N ASP H 188 33.24 49.08 -84.97
CA ASP H 188 31.84 48.74 -85.21
C ASP H 188 31.46 47.47 -84.45
N GLY H 189 30.15 47.22 -84.43
CA GLY H 189 29.63 46.12 -83.63
C GLY H 189 29.97 44.76 -84.21
N ALA H 190 29.80 43.74 -83.36
CA ALA H 190 30.11 42.37 -83.75
C ALA H 190 29.27 41.42 -82.92
N ARG H 191 29.14 40.19 -83.41
CA ARG H 191 28.40 39.14 -82.74
C ARG H 191 29.34 38.03 -82.34
N PHE H 192 29.11 37.47 -81.16
CA PHE H 192 29.98 36.44 -80.59
C PHE H 192 29.19 35.15 -80.43
N SER H 193 29.83 34.03 -80.76
CA SER H 193 29.21 32.72 -80.66
C SER H 193 30.20 31.79 -79.95
N GLY H 194 29.90 30.50 -79.95
CA GLY H 194 30.83 29.51 -79.45
C GLY H 194 30.31 28.81 -78.21
N THR H 195 31.13 27.88 -77.71
CA THR H 195 30.77 27.03 -76.59
C THR H 195 31.82 27.15 -75.51
N VAL H 196 31.39 26.93 -74.26
CA VAL H 196 32.28 26.87 -73.11
C VAL H 196 32.00 25.57 -72.39
N MET H 197 33.02 24.71 -72.28
CA MET H 197 32.89 23.41 -71.64
C MET H 197 31.77 22.58 -72.28
N GLY H 198 31.67 22.68 -73.61
CA GLY H 198 30.68 21.91 -74.32
C GLY H 198 29.25 22.36 -74.17
N VAL H 199 29.03 23.63 -73.81
CA VAL H 199 27.69 24.17 -73.67
C VAL H 199 27.61 25.49 -74.43
N ASP H 200 26.66 25.61 -75.34
CA ASP H 200 26.51 26.81 -76.12
C ASP H 200 26.07 27.98 -75.25
N ILE H 201 26.49 29.19 -75.64
CA ILE H 201 26.19 30.39 -74.87
C ILE H 201 25.40 31.41 -75.68
N GLY H 202 24.75 30.98 -76.76
CA GLY H 202 23.93 31.92 -77.50
C GLY H 202 24.76 32.93 -78.29
N THR H 203 24.13 34.07 -78.58
CA THR H 203 24.77 35.14 -79.34
C THR H 203 24.50 36.48 -78.67
N VAL H 204 25.41 37.43 -78.90
CA VAL H 204 25.32 38.76 -78.32
C VAL H 204 25.54 39.79 -79.42
N GLU H 205 25.15 41.03 -79.14
CA GLU H 205 25.21 42.13 -80.09
C GLU H 205 25.67 43.39 -79.37
N VAL H 206 26.52 44.17 -80.02
CA VAL H 206 27.00 45.43 -79.47
C VAL H 206 26.88 46.51 -80.54
N LYS H 207 26.79 47.76 -80.07
CA LYS H 207 26.49 48.88 -80.95
C LYS H 207 27.68 49.24 -81.82
N ALA H 208 27.43 50.15 -82.77
CA ALA H 208 28.48 50.58 -83.68
C ALA H 208 29.58 51.36 -82.95
N GLY H 209 29.19 52.22 -82.01
CA GLY H 209 30.17 52.95 -81.24
C GLY H 209 30.61 52.17 -80.02
N ALA H 210 31.13 50.97 -80.24
CA ALA H 210 31.48 50.06 -79.16
C ALA H 210 32.86 50.39 -78.58
N THR H 211 33.11 49.87 -77.40
CA THR H 211 34.39 50.01 -76.72
C THR H 211 34.69 48.68 -76.03
N THR H 212 35.98 48.42 -75.80
CA THR H 212 36.39 47.17 -75.16
C THR H 212 35.61 46.94 -73.87
N ALA H 213 35.39 48.01 -73.09
CA ALA H 213 34.60 47.89 -71.87
C ALA H 213 33.17 47.48 -72.18
N ASP H 214 32.59 48.01 -73.25
CA ASP H 214 31.21 47.66 -73.60
C ASP H 214 31.09 46.19 -73.97
N ALA H 215 32.05 45.66 -74.74
CA ALA H 215 31.97 44.27 -75.16
C ALA H 215 32.31 43.30 -74.03
N SER H 216 33.23 43.69 -73.15
CA SER H 216 33.63 42.79 -72.07
C SER H 216 32.46 42.47 -71.16
N LYS H 217 31.68 43.47 -70.78
CA LYS H 217 30.56 43.22 -69.87
C LYS H 217 29.48 42.40 -70.56
N ALA H 218 29.26 42.61 -71.85
CA ALA H 218 28.27 41.81 -72.56
C ALA H 218 28.67 40.34 -72.59
N VAL H 219 29.94 40.06 -72.89
CA VAL H 219 30.39 38.67 -72.91
C VAL H 219 30.34 38.07 -71.51
N ALA H 220 30.68 38.87 -70.49
CA ALA H 220 30.63 38.37 -69.12
C ALA H 220 29.20 38.00 -68.73
N THR H 221 28.23 38.84 -69.09
CA THR H 221 26.84 38.52 -68.82
C THR H 221 26.41 37.24 -69.53
N ALA H 222 26.79 37.11 -70.80
CA ALA H 222 26.43 35.92 -71.55
C ALA H 222 26.99 34.67 -70.91
N ILE H 223 28.25 34.72 -70.46
CA ILE H 223 28.85 33.57 -69.80
C ILE H 223 28.14 33.27 -68.49
N ASN H 224 27.88 34.30 -67.69
CA ASN H 224 27.31 34.09 -66.36
C ASN H 224 25.88 33.59 -66.41
N ALA H 225 25.16 33.83 -67.50
CA ALA H 225 23.76 33.43 -67.54
C ALA H 225 23.57 31.92 -67.45
N LYS H 226 24.62 31.14 -67.67
CA LYS H 226 24.51 29.68 -67.67
C LYS H 226 25.44 29.03 -66.65
N ILE H 227 25.55 29.63 -65.46
CA ILE H 227 26.41 29.08 -64.43
C ILE H 227 25.87 27.76 -63.90
N GLY H 228 24.58 27.48 -64.12
CA GLY H 228 23.99 26.28 -63.58
C GLY H 228 24.52 25.00 -64.19
N GLU H 229 25.10 25.06 -65.37
CA GLU H 229 25.66 23.89 -66.02
C GLU H 229 27.17 23.93 -66.18
N ALA H 230 27.72 25.02 -66.74
CA ALA H 230 29.16 25.09 -66.92
C ALA H 230 29.89 25.11 -65.58
N GLY H 231 29.38 25.86 -64.61
CA GLY H 231 30.06 26.00 -63.35
C GLY H 231 31.24 26.95 -63.36
N ILE H 232 31.17 28.02 -64.15
CA ILE H 232 32.26 28.97 -64.31
C ILE H 232 31.76 30.36 -63.97
N TYR H 233 32.49 31.07 -63.13
CA TYR H 233 32.17 32.44 -62.73
C TYR H 233 33.10 33.41 -63.44
N ALA H 234 32.51 34.39 -64.13
CA ALA H 234 33.26 35.28 -65.00
C ALA H 234 33.21 36.72 -64.47
N GLU H 235 34.33 37.42 -64.58
CA GLU H 235 34.47 38.80 -64.14
C GLU H 235 34.98 39.66 -65.27
N ALA H 236 34.53 40.91 -65.31
CA ALA H 236 34.93 41.84 -66.36
C ALA H 236 36.21 42.56 -65.97
N ASN H 237 36.98 42.98 -66.97
CA ASN H 237 38.22 43.70 -66.76
C ASN H 237 38.23 44.96 -67.63
N SER H 238 38.90 46.00 -67.12
CA SER H 238 38.83 47.31 -67.76
C SER H 238 39.47 47.29 -69.15
N ASP H 239 40.63 46.64 -69.28
CA ASP H 239 41.35 46.67 -70.55
C ASP H 239 40.62 45.94 -71.66
N GLY H 240 39.63 45.11 -71.33
CA GLY H 240 38.90 44.32 -72.30
C GLY H 240 39.09 42.83 -72.17
N THR H 241 39.95 42.37 -71.26
CA THR H 241 40.11 40.95 -71.03
C THR H 241 39.08 40.45 -70.03
N LEU H 242 39.13 39.16 -69.71
CA LEU H 242 38.21 38.55 -68.76
C LEU H 242 38.99 37.59 -67.89
N LYS H 243 38.42 37.27 -66.74
CA LYS H 243 39.00 36.30 -65.81
C LYS H 243 37.92 35.32 -65.41
N LEU H 244 38.18 34.03 -65.62
CA LEU H 244 37.21 32.99 -65.30
C LEU H 244 37.74 32.12 -64.18
N SER H 245 36.87 31.80 -63.23
CA SER H 245 37.20 30.95 -62.09
C SER H 245 36.17 29.84 -61.98
N SER H 246 36.57 28.73 -61.37
CA SER H 246 35.71 27.57 -61.23
C SER H 246 35.23 27.45 -59.79
N VAL H 247 33.95 27.14 -59.62
CA VAL H 247 33.36 26.94 -58.30
C VAL H 247 33.12 25.47 -58.00
N LYS H 248 33.63 24.57 -58.82
CA LYS H 248 33.50 23.14 -58.61
C LYS H 248 34.85 22.56 -58.22
N GLU H 249 34.87 21.80 -57.13
CA GLU H 249 36.12 21.32 -56.58
C GLU H 249 36.74 20.26 -57.48
N GLY H 250 38.04 20.37 -57.70
CA GLY H 250 38.79 19.35 -58.39
C GLY H 250 38.35 19.09 -59.81
N LYS H 251 38.04 20.14 -60.56
CA LYS H 251 37.69 20.03 -61.97
C LYS H 251 38.76 20.73 -62.79
N ALA H 252 39.28 20.03 -63.79
CA ALA H 252 40.38 20.53 -64.61
C ALA H 252 39.84 21.08 -65.91
N VAL H 253 40.20 22.32 -66.22
CA VAL H 253 39.81 22.98 -67.46
C VAL H 253 41.10 23.29 -68.24
N ALA H 254 41.06 23.07 -69.55
CA ALA H 254 42.23 23.17 -70.39
C ALA H 254 42.03 24.25 -71.46
N THR H 255 43.03 24.38 -72.33
CA THR H 255 43.01 25.39 -73.38
C THR H 255 41.91 25.13 -74.40
N ALA H 256 41.64 23.87 -74.71
CA ALA H 256 40.64 23.52 -75.71
C ALA H 256 39.22 23.54 -75.16
N ASP H 257 39.04 23.75 -73.85
CA ASP H 257 37.69 23.77 -73.28
C ASP H 257 36.94 25.05 -73.65
N ILE H 258 37.67 26.12 -73.94
CA ILE H 258 37.07 27.40 -74.29
C ILE H 258 37.21 27.60 -75.79
N ALA H 259 36.09 27.77 -76.48
CA ALA H 259 36.08 27.98 -77.93
C ALA H 259 35.12 29.12 -78.23
N LEU H 260 35.66 30.29 -78.51
CA LEU H 260 34.87 31.48 -78.80
C LEU H 260 35.13 31.89 -80.25
N MET H 261 34.14 31.66 -81.11
CA MET H 261 34.25 32.01 -82.52
C MET H 261 33.66 33.39 -82.74
N ARG H 262 34.46 34.41 -82.49
CA ARG H 262 34.05 35.78 -82.79
C ARG H 262 33.95 35.97 -84.29
N SER H 263 32.86 36.57 -84.74
CA SER H 263 32.60 36.75 -86.16
C SER H 263 31.86 38.06 -86.37
N ASP H 264 31.48 38.31 -87.63
CA ASP H 264 30.68 39.46 -88.01
C ASP H 264 31.35 40.77 -87.57
N TYR H 265 32.53 41.00 -88.13
CA TYR H 265 33.34 42.15 -87.70
C TYR H 265 32.63 43.47 -88.00
N ASP H 266 31.98 43.56 -89.16
CA ASP H 266 31.31 44.78 -89.59
C ASP H 266 29.89 44.46 -90.03
N ALA H 267 29.16 45.51 -90.41
CA ALA H 267 27.76 45.34 -90.82
C ALA H 267 27.38 46.17 -92.05
N THR H 268 28.33 46.85 -92.68
CA THR H 268 28.04 47.63 -93.89
C THR H 268 28.29 46.74 -95.10
N ALA H 269 27.21 46.26 -95.71
CA ALA H 269 27.28 45.26 -96.78
C ALA H 269 28.10 44.07 -96.32
N LYS H 270 27.89 43.66 -95.08
CA LYS H 270 28.76 42.72 -94.37
C LYS H 270 27.93 41.92 -93.36
N THR H 271 28.60 41.39 -92.33
CA THR H 271 28.10 40.51 -91.27
C THR H 271 28.11 39.06 -91.76
N TRP H 272 28.49 38.81 -93.00
CA TRP H 272 28.73 37.46 -93.49
C TRP H 272 30.21 37.14 -93.41
N GLY H 273 30.53 36.00 -92.81
CA GLY H 273 31.92 35.60 -92.58
C GLY H 273 32.10 35.27 -91.12
N THR H 274 33.01 34.33 -90.85
CA THR H 274 33.24 33.85 -89.49
C THR H 274 34.73 33.77 -89.21
N ALA H 275 35.05 33.82 -87.92
CA ALA H 275 36.43 33.70 -87.45
C ALA H 275 36.39 33.23 -86.00
N ALA H 276 37.54 33.22 -85.34
CA ALA H 276 37.61 32.84 -83.94
C ALA H 276 38.05 33.99 -83.05
N ALA H 277 39.25 34.53 -83.26
CA ALA H 277 39.78 35.65 -82.49
C ALA H 277 39.61 35.44 -80.99
N ALA H 278 39.56 36.55 -80.25
CA ALA H 278 39.22 36.56 -78.83
C ALA H 278 40.15 35.68 -77.99
N GLY H 279 41.33 35.36 -78.50
CA GLY H 279 42.27 34.52 -77.78
C GLY H 279 41.75 33.12 -77.58
N ALA H 280 42.55 32.25 -76.96
CA ALA H 280 42.12 30.88 -76.69
C ALA H 280 42.00 30.60 -75.20
N TYR H 281 43.07 30.78 -74.43
CA TYR H 281 43.11 30.48 -73.01
C TYR H 281 44.50 30.76 -72.50
N THR H 282 44.67 30.62 -71.18
CA THR H 282 45.97 30.65 -70.53
C THR H 282 45.97 29.53 -69.49
N ALA H 283 47.13 29.28 -68.89
CA ALA H 283 47.33 28.15 -67.97
C ALA H 283 47.74 28.65 -66.60
N GLY H 284 46.93 29.54 -66.02
CA GLY H 284 47.22 30.04 -64.70
C GLY H 284 47.23 28.93 -63.66
N THR H 285 48.00 29.13 -62.60
CA THR H 285 48.14 28.13 -61.56
C THR H 285 46.84 27.98 -60.77
N ASN H 286 46.66 26.79 -60.19
CA ASN H 286 45.49 26.53 -59.36
C ASN H 286 45.68 27.13 -57.97
N THR H 287 44.55 27.29 -57.27
CA THR H 287 44.54 27.83 -55.92
C THR H 287 44.10 26.75 -54.95
N SER H 288 44.80 26.66 -53.81
CA SER H 288 44.51 25.67 -52.79
C SER H 288 43.83 26.32 -51.60
N ALA H 289 42.99 25.53 -50.91
CA ALA H 289 42.19 26.07 -49.82
C ALA H 289 41.86 24.95 -48.84
N ASN H 290 41.51 25.35 -47.63
CA ASN H 290 41.09 24.44 -46.57
C ASN H 290 40.25 25.23 -45.57
N VAL H 291 40.01 24.65 -44.40
CA VAL H 291 39.09 25.26 -43.44
C VAL H 291 39.65 26.56 -42.89
N GLN H 292 40.96 26.62 -42.66
CA GLN H 292 41.55 27.83 -42.07
C GLN H 292 41.36 29.04 -42.99
N LYS H 293 41.52 28.85 -44.29
CA LYS H 293 41.40 29.96 -45.24
C LYS H 293 39.99 30.02 -45.80
N LEU H 294 39.08 30.50 -44.96
CA LEU H 294 37.68 30.70 -45.33
C LEU H 294 37.36 32.19 -45.35
N ASP H 295 36.77 32.65 -46.44
CA ASP H 295 36.36 34.04 -46.59
C ASP H 295 34.92 34.07 -47.08
N VAL H 296 34.19 35.10 -46.65
CA VAL H 296 32.78 35.23 -47.01
C VAL H 296 32.52 36.64 -47.49
N SER H 297 33.55 37.49 -47.47
CA SER H 297 33.38 38.89 -47.85
C SER H 297 33.03 39.08 -49.32
N THR H 298 33.20 38.06 -50.15
CA THR H 298 32.85 38.11 -51.56
C THR H 298 32.04 36.87 -51.91
N VAL H 299 31.50 36.85 -53.14
CA VAL H 299 30.65 35.73 -53.55
C VAL H 299 31.46 34.44 -53.67
N LEU H 300 32.63 34.51 -54.31
CA LEU H 300 33.42 33.30 -54.51
C LEU H 300 33.82 32.67 -53.19
N GLY H 301 34.05 33.49 -52.16
CA GLY H 301 34.37 32.93 -50.86
C GLY H 301 33.30 31.98 -50.37
N ALA H 302 32.03 32.39 -50.49
CA ALA H 302 30.94 31.51 -50.08
C ALA H 302 30.80 30.30 -50.99
N GLN H 303 30.90 30.54 -52.31
CA GLN H 303 30.70 29.45 -53.26
C GLN H 303 31.77 28.37 -53.14
N GLN H 304 32.92 28.70 -52.57
CA GLN H 304 33.93 27.68 -52.27
C GLN H 304 33.88 27.17 -50.84
N ALA H 305 33.36 27.99 -49.91
CA ALA H 305 33.13 27.52 -48.55
C ALA H 305 32.21 26.33 -48.54
N LEU H 306 31.21 26.33 -49.43
CA LEU H 306 30.29 25.18 -49.48
C LEU H 306 31.05 23.87 -49.70
N GLU H 307 31.95 23.84 -50.69
CA GLU H 307 32.68 22.61 -50.99
C GLU H 307 33.63 22.22 -49.86
N VAL H 308 34.37 23.18 -49.31
CA VAL H 308 35.32 22.78 -48.26
C VAL H 308 34.56 22.21 -47.06
N VAL H 309 33.40 22.78 -46.73
CA VAL H 309 32.65 22.27 -45.60
C VAL H 309 32.10 20.88 -45.89
N ASP H 310 31.65 20.63 -47.13
CA ASP H 310 31.18 19.30 -47.48
C ASP H 310 32.26 18.25 -47.25
N LYS H 311 33.49 18.54 -47.71
CA LYS H 311 34.57 17.57 -47.52
C LYS H 311 34.85 17.33 -46.05
N ALA H 312 34.88 18.40 -45.24
CA ALA H 312 35.14 18.22 -43.82
C ALA H 312 34.10 17.32 -43.16
N LEU H 313 32.82 17.53 -43.50
CA LEU H 313 31.78 16.70 -42.92
C LEU H 313 31.93 15.23 -43.30
N GLY H 314 32.30 14.97 -44.56
CA GLY H 314 32.53 13.59 -44.96
C GLY H 314 33.59 12.92 -44.11
N ALA H 315 34.71 13.62 -43.88
CA ALA H 315 35.78 13.03 -43.08
C ALA H 315 35.30 12.74 -41.65
N ILE H 316 34.60 13.68 -41.05
CA ILE H 316 34.13 13.50 -39.67
C ILE H 316 33.24 12.28 -39.56
N ASN H 317 32.29 12.13 -40.49
CA ASN H 317 31.36 11.01 -40.43
C ASN H 317 32.08 9.68 -40.54
N SER H 318 33.04 9.58 -41.47
CA SER H 318 33.76 8.31 -41.61
C SER H 318 34.48 7.93 -40.31
N THR H 319 35.14 8.90 -39.68
CA THR H 319 35.85 8.58 -38.44
C THR H 319 34.88 8.11 -37.35
N ARG H 320 33.72 8.75 -37.24
CA ARG H 320 32.76 8.33 -36.22
C ARG H 320 32.31 6.88 -36.46
N ALA H 321 32.07 6.51 -37.71
CA ALA H 321 31.70 5.12 -37.99
C ALA H 321 32.79 4.15 -37.53
N ASP H 322 34.06 4.50 -37.80
CA ASP H 322 35.15 3.61 -37.39
C ASP H 322 35.15 3.38 -35.88
N LEU H 323 35.00 4.46 -35.12
CA LEU H 323 35.04 4.32 -33.67
C LEU H 323 33.89 3.46 -33.16
N GLY H 324 32.70 3.62 -33.74
CA GLY H 324 31.59 2.75 -33.34
C GLY H 324 31.89 1.29 -33.55
N ALA H 325 32.47 0.95 -34.71
CA ALA H 325 32.81 -0.45 -34.97
C ALA H 325 33.77 -0.99 -33.92
N ILE H 326 34.79 -0.21 -33.56
CA ILE H 326 35.76 -0.71 -32.58
C ILE H 326 35.09 -0.96 -31.23
N GLN H 327 34.13 -0.10 -30.87
CA GLN H 327 33.42 -0.30 -29.61
C GLN H 327 32.65 -1.61 -29.60
N ASN H 328 31.96 -1.92 -30.70
CA ASN H 328 31.21 -3.17 -30.77
C ASN H 328 32.14 -4.37 -30.61
N ARG H 329 33.30 -4.33 -31.28
CA ARG H 329 34.23 -5.45 -31.17
C ARG H 329 34.66 -5.67 -29.73
N PHE H 330 34.99 -4.58 -29.01
CA PHE H 330 35.46 -4.73 -27.65
C PHE H 330 34.38 -5.34 -26.75
N THR H 331 33.12 -4.95 -26.97
CA THR H 331 32.05 -5.55 -26.17
C THR H 331 31.98 -7.06 -26.37
N SER H 332 32.05 -7.51 -27.62
CA SER H 332 32.01 -8.95 -27.88
C SER H 332 33.17 -9.67 -27.18
N VAL H 333 34.36 -9.07 -27.21
CA VAL H 333 35.51 -9.66 -26.55
C VAL H 333 35.23 -9.86 -25.07
N VAL H 334 34.65 -8.84 -24.42
CA VAL H 334 34.37 -8.93 -22.99
C VAL H 334 33.46 -10.10 -22.70
N ALA H 335 32.38 -10.22 -23.47
CA ALA H 335 31.42 -11.30 -23.21
C ALA H 335 32.08 -12.68 -23.32
N ASN H 336 32.87 -12.88 -24.37
CA ASN H 336 33.53 -14.18 -24.53
C ASN H 336 34.46 -14.48 -23.37
N LEU H 337 35.22 -13.48 -22.92
CA LEU H 337 36.14 -13.69 -21.80
C LEU H 337 35.38 -14.12 -20.56
N GLN H 338 34.25 -13.47 -20.29
CA GLN H 338 33.46 -13.82 -19.11
C GLN H 338 33.05 -15.28 -19.14
N THR H 339 32.48 -15.72 -20.26
CA THR H 339 32.02 -17.11 -20.34
C THR H 339 33.18 -18.08 -20.16
N SER H 340 34.31 -17.81 -20.81
CA SER H 340 35.44 -18.73 -20.73
C SER H 340 35.97 -18.84 -19.31
N SER H 341 36.08 -17.71 -18.60
CA SER H 341 36.56 -17.75 -17.22
C SER H 341 35.62 -18.58 -16.36
N GLU H 342 34.32 -18.39 -16.53
CA GLU H 342 33.35 -19.16 -15.75
C GLU H 342 33.53 -20.66 -15.97
N ASN H 343 33.65 -21.07 -17.25
CA ASN H 343 33.79 -22.49 -17.54
C ASN H 343 35.07 -23.06 -16.95
N LEU H 344 36.18 -22.32 -17.07
CA LEU H 344 37.45 -22.82 -16.53
C LEU H 344 37.39 -22.95 -15.02
N SER H 345 36.79 -21.98 -14.34
CA SER H 345 36.68 -22.05 -12.89
C SER H 345 35.87 -23.26 -12.46
N ALA H 346 34.78 -23.54 -13.18
CA ALA H 346 34.02 -24.75 -12.87
C ALA H 346 34.84 -26.01 -13.11
N SER H 347 35.64 -26.03 -14.18
CA SER H 347 36.42 -27.22 -14.50
C SER H 347 37.49 -27.50 -13.45
N ARG H 348 38.11 -26.45 -12.91
CA ARG H 348 39.19 -26.64 -11.95
C ARG H 348 38.71 -27.28 -10.65
N SER H 349 37.44 -27.10 -10.28
CA SER H 349 36.95 -27.51 -8.97
C SER H 349 36.70 -29.01 -8.84
N ARG H 350 36.69 -29.75 -9.94
CA ARG H 350 36.34 -31.16 -9.88
C ARG H 350 37.47 -32.03 -9.32
N ILE H 351 38.69 -31.53 -9.27
CA ILE H 351 39.85 -32.34 -8.92
C ILE H 351 40.57 -31.83 -7.68
N LYS H 352 40.09 -30.73 -7.08
CA LYS H 352 40.78 -30.10 -5.97
C LYS H 352 39.95 -29.92 -4.72
N ASP H 353 38.63 -29.83 -4.81
CA ASP H 353 37.80 -29.54 -3.66
C ASP H 353 37.38 -30.82 -2.94
N THR H 354 37.15 -30.70 -1.64
CA THR H 354 36.81 -31.84 -0.80
C THR H 354 35.31 -32.13 -0.88
N ASP H 355 34.97 -33.42 -0.80
CA ASP H 355 33.59 -33.86 -0.77
C ASP H 355 33.21 -34.13 0.68
N PHE H 356 32.36 -33.27 1.25
CA PHE H 356 32.09 -33.34 2.68
C PHE H 356 31.21 -34.53 3.04
N ALA H 357 30.55 -35.14 2.06
CA ALA H 357 29.68 -36.27 2.37
C ALA H 357 30.48 -37.54 2.62
N LYS H 358 31.66 -37.66 2.00
CA LYS H 358 32.38 -38.92 2.05
C LYS H 358 33.39 -38.97 3.20
N GLU H 359 33.89 -37.83 3.65
CA GLU H 359 34.95 -37.82 4.65
C GLU H 359 34.45 -38.12 6.05
N THR H 360 33.21 -37.73 6.37
CA THR H 360 32.70 -37.97 7.71
C THR H 360 32.54 -39.46 8.02
N ALA H 361 32.15 -40.26 7.03
CA ALA H 361 32.06 -41.69 7.24
C ALA H 361 33.40 -42.28 7.63
N GLU H 362 34.46 -41.88 6.92
CA GLU H 362 35.80 -42.36 7.24
C GLU H 362 36.22 -41.89 8.63
N LEU H 363 35.87 -40.66 8.99
CA LEU H 363 36.19 -40.17 10.32
C LEU H 363 35.58 -41.06 11.38
N THR H 364 34.30 -41.38 11.24
CA THR H 364 33.62 -42.22 12.22
C THR H 364 34.24 -43.62 12.29
N ARG H 365 34.55 -44.19 11.14
CA ARG H 365 35.14 -45.53 11.12
C ARG H 365 36.47 -45.55 11.87
N THR H 366 37.34 -44.59 11.59
CA THR H 366 38.63 -44.54 12.27
C THR H 366 38.45 -44.34 13.77
N GLN H 367 37.51 -43.50 14.16
CA GLN H 367 37.30 -43.25 15.58
C GLN H 367 36.86 -44.50 16.32
N ILE H 368 36.01 -45.32 15.69
CA ILE H 368 35.64 -46.59 16.33
C ILE H 368 36.84 -47.53 16.44
N LEU H 369 37.64 -47.62 15.38
CA LEU H 369 38.76 -48.55 15.39
C LEU H 369 39.77 -48.21 16.48
N GLN H 370 39.97 -46.91 16.75
CA GLN H 370 40.90 -46.53 17.81
C GLN H 370 40.49 -47.11 19.17
N GLN H 371 39.21 -46.97 19.53
CA GLN H 371 38.76 -47.48 20.82
C GLN H 371 38.85 -48.99 20.89
N ALA H 372 38.48 -49.68 19.80
CA ALA H 372 38.60 -51.13 19.81
C ALA H 372 40.05 -51.55 20.04
N GLY H 373 40.98 -50.90 19.34
CA GLY H 373 42.38 -51.25 19.50
C GLY H 373 42.89 -50.99 20.90
N THR H 374 42.50 -49.86 21.50
CA THR H 374 42.98 -49.55 22.85
C THR H 374 42.50 -50.58 23.86
N ALA H 375 41.21 -50.94 23.80
CA ALA H 375 40.70 -51.93 24.74
C ALA H 375 41.41 -53.27 24.58
N MET H 376 41.61 -53.70 23.33
CA MET H 376 42.26 -54.99 23.13
C MET H 376 43.71 -54.95 23.61
N LEU H 377 44.40 -53.82 23.41
CA LEU H 377 45.77 -53.70 23.90
C LEU H 377 45.82 -53.83 25.42
N ALA H 378 44.90 -53.18 26.12
CA ALA H 378 44.91 -53.29 27.58
C ALA H 378 44.68 -54.73 28.03
N GLN H 379 43.75 -55.43 27.38
CA GLN H 379 43.53 -56.84 27.71
C GLN H 379 44.79 -57.67 27.48
N ALA H 380 45.46 -57.45 26.34
CA ALA H 380 46.67 -58.22 26.04
C ALA H 380 47.75 -57.96 27.07
N ASN H 381 47.90 -56.71 27.50
CA ASN H 381 48.86 -56.40 28.55
C ASN H 381 48.52 -57.12 29.84
N GLN H 382 47.23 -57.20 30.18
CA GLN H 382 46.84 -57.82 31.44
C GLN H 382 46.94 -59.35 31.42
N VAL H 383 46.96 -59.96 30.23
CA VAL H 383 46.89 -61.43 30.14
C VAL H 383 47.96 -62.15 30.97
N PRO H 384 49.27 -61.83 30.86
CA PRO H 384 50.28 -62.77 31.36
C PRO H 384 50.34 -62.93 32.87
N GLN H 385 49.41 -62.31 33.60
CA GLN H 385 49.48 -62.31 35.06
C GLN H 385 49.20 -63.67 35.67
N GLY H 386 48.60 -64.58 34.90
CA GLY H 386 48.12 -65.82 35.48
C GLY H 386 49.21 -66.79 35.87
N VAL H 387 50.42 -66.61 35.34
CA VAL H 387 51.51 -67.54 35.65
C VAL H 387 51.88 -67.48 37.13
N LEU H 388 51.55 -66.39 37.80
CA LEU H 388 52.01 -66.20 39.19
C LEU H 388 51.41 -67.25 40.11
N SER H 389 50.15 -67.63 39.88
CA SER H 389 49.49 -68.58 40.76
C SER H 389 50.19 -69.92 40.80
N LEU H 390 50.88 -70.29 39.72
CA LEU H 390 51.59 -71.56 39.69
C LEU H 390 52.71 -71.58 40.71
N LEU H 391 53.38 -70.46 40.91
CA LEU H 391 54.50 -70.38 41.85
C LEU H 391 54.03 -70.51 43.29
N ALA I 2 22.72 -79.22 34.65
CA ALA I 2 24.13 -79.47 34.32
C ALA I 2 24.79 -78.21 33.80
N GLN I 3 25.96 -77.90 34.34
CA GLN I 3 26.74 -76.75 33.91
C GLN I 3 27.85 -77.22 32.99
N VAL I 4 27.95 -76.59 31.83
CA VAL I 4 28.95 -76.96 30.83
C VAL I 4 29.72 -75.72 30.44
N ILE I 5 30.93 -75.94 29.90
CA ILE I 5 31.81 -74.86 29.52
C ILE I 5 31.95 -74.74 28.00
N ASN I 6 31.96 -75.85 27.27
CA ASN I 6 32.32 -75.81 25.86
C ASN I 6 31.24 -75.19 25.00
N THR I 7 29.97 -75.24 25.43
CA THR I 7 28.87 -74.75 24.62
C THR I 7 27.97 -73.85 25.45
N ASN I 8 27.52 -72.77 24.82
CA ASN I 8 26.63 -71.83 25.45
C ASN I 8 25.46 -71.72 24.52
N THR I 9 24.49 -72.59 24.69
CA THR I 9 23.33 -72.61 23.82
C THR I 9 22.56 -71.32 23.87
N MET I 10 22.41 -70.71 25.05
CA MET I 10 21.67 -69.46 25.14
C MET I 10 22.37 -68.40 24.33
N SER I 11 23.69 -68.34 24.42
CA SER I 11 24.45 -67.37 23.66
C SER I 11 24.29 -67.63 22.20
N LEU I 12 24.31 -68.89 21.78
CA LEU I 12 24.16 -69.21 20.37
C LEU I 12 22.83 -68.74 19.87
N ASN I 13 21.79 -68.97 20.64
CA ASN I 13 20.47 -68.54 20.29
C ASN I 13 20.32 -67.04 20.21
N ALA I 14 20.90 -66.29 21.13
CA ALA I 14 20.67 -64.84 21.11
C ALA I 14 21.13 -64.10 19.87
N GLN I 15 22.22 -64.57 19.27
CA GLN I 15 22.82 -64.06 18.05
C GLN I 15 21.88 -64.19 16.87
N ARG I 16 21.23 -65.35 16.73
CA ARG I 16 20.30 -65.56 15.62
C ARG I 16 19.14 -64.57 15.69
N ASN I 17 18.60 -64.36 16.89
CA ASN I 17 17.50 -63.41 17.04
C ASN I 17 17.93 -62.00 16.67
N LEU I 18 19.14 -61.61 17.09
CA LEU I 18 19.64 -60.27 16.76
C LEU I 18 19.78 -60.09 15.26
N SER I 19 20.31 -61.09 14.57
CA SER I 19 20.46 -60.99 13.12
C SER I 19 19.10 -60.87 12.44
N THR I 20 18.14 -61.69 12.86
CA THR I 20 16.81 -61.63 12.26
C THR I 20 16.19 -60.26 12.45
N SER I 21 16.29 -59.70 13.66
CA SER I 21 15.73 -58.38 13.90
C SER I 21 16.41 -57.31 13.06
N GLY I 22 17.75 -57.38 12.96
CA GLY I 22 18.48 -56.34 12.25
C GLY I 22 18.44 -56.43 10.75
N SER I 23 17.92 -57.53 10.20
CA SER I 23 17.87 -57.67 8.75
C SER I 23 17.11 -56.53 8.07
N SER I 24 15.92 -56.20 8.57
CA SER I 24 15.00 -55.35 7.82
C SER I 24 15.28 -53.85 7.96
N LEU I 25 16.14 -53.46 8.90
CA LEU I 25 16.38 -52.04 9.13
C LEU I 25 17.03 -51.40 7.90
N ALA I 26 17.93 -52.14 7.23
CA ALA I 26 18.56 -51.61 6.03
C ALA I 26 17.54 -51.34 4.94
N THR I 27 16.60 -52.27 4.74
CA THR I 27 15.56 -52.06 3.73
C THR I 27 14.72 -50.84 4.07
N THR I 28 14.34 -50.70 5.33
CA THR I 28 13.52 -49.55 5.71
C THR I 28 14.26 -48.24 5.46
N ILE I 29 15.54 -48.18 5.85
CA ILE I 29 16.31 -46.94 5.65
C ILE I 29 16.44 -46.63 4.17
N GLN I 30 16.74 -47.65 3.36
CA GLN I 30 16.92 -47.42 1.92
C GLN I 30 15.66 -46.88 1.29
N ARG I 31 14.52 -47.53 1.57
CA ARG I 31 13.29 -47.13 0.90
C ARG I 31 12.70 -45.87 1.53
N LEU I 32 13.24 -45.43 2.66
CA LEU I 32 12.81 -44.15 3.21
C LEU I 32 13.67 -43.00 2.68
N SER I 33 14.94 -43.25 2.40
CA SER I 33 15.80 -42.20 1.87
C SER I 33 15.62 -42.00 0.38
N SER I 34 15.39 -43.08 -0.37
CA SER I 34 15.23 -42.93 -1.82
C SER I 34 13.97 -42.16 -2.16
N GLY I 35 12.87 -42.43 -1.47
CA GLY I 35 11.60 -41.82 -1.76
C GLY I 35 10.63 -42.70 -2.52
N SER I 36 10.98 -43.94 -2.80
CA SER I 36 10.14 -44.84 -3.57
C SER I 36 10.03 -46.19 -2.88
N ARG I 37 8.90 -46.86 -3.10
CA ARG I 37 8.63 -48.14 -2.45
C ARG I 37 9.23 -49.32 -3.20
N ILE I 38 9.52 -49.18 -4.49
CA ILE I 38 10.10 -50.24 -5.29
C ILE I 38 11.46 -49.77 -5.79
N ASN I 39 12.52 -50.45 -5.35
CA ASN I 39 13.87 -50.13 -5.79
C ASN I 39 14.53 -51.27 -6.54
N SER I 40 13.94 -52.46 -6.57
CA SER I 40 14.49 -53.57 -7.33
C SER I 40 13.36 -54.55 -7.61
N ALA I 41 13.64 -55.52 -8.47
CA ALA I 41 12.65 -56.54 -8.77
C ALA I 41 12.39 -57.46 -7.59
N LYS I 42 13.20 -57.39 -6.54
CA LYS I 42 13.01 -58.24 -5.37
C LYS I 42 11.69 -57.94 -4.67
N ASP I 43 11.33 -56.66 -4.56
CA ASP I 43 10.14 -56.28 -3.79
C ASP I 43 8.86 -56.70 -4.49
N ASP I 44 8.78 -56.48 -5.80
CA ASP I 44 7.59 -56.80 -6.57
C ASP I 44 7.98 -57.32 -7.94
N ALA I 45 7.08 -58.09 -8.55
CA ALA I 45 7.35 -58.68 -9.85
C ALA I 45 6.53 -58.08 -10.98
N ALA I 46 5.41 -57.43 -10.66
CA ALA I 46 4.56 -56.82 -11.68
C ALA I 46 4.43 -55.31 -11.55
N GLY I 47 4.59 -54.78 -10.34
CA GLY I 47 4.46 -53.35 -10.14
C GLY I 47 5.51 -52.57 -10.90
N LEU I 48 6.74 -53.09 -10.95
CA LEU I 48 7.79 -52.38 -11.68
C LEU I 48 7.45 -52.30 -13.16
N ALA I 49 6.99 -53.42 -13.75
CA ALA I 49 6.66 -53.40 -15.17
C ALA I 49 5.50 -52.46 -15.47
N ILE I 50 4.47 -52.48 -14.62
CA ILE I 50 3.34 -51.58 -14.85
C ILE I 50 3.78 -50.13 -14.74
N SER I 51 4.66 -49.82 -13.79
CA SER I 51 5.14 -48.45 -13.65
C SER I 51 5.96 -48.04 -14.88
N GLU I 52 6.79 -48.94 -15.42
CA GLU I 52 7.51 -48.58 -16.64
C GLU I 52 6.58 -48.29 -17.79
N ARG I 53 5.53 -49.10 -17.95
CA ARG I 53 4.60 -48.83 -19.04
C ARG I 53 3.91 -47.48 -18.87
N PHE I 54 3.54 -47.15 -17.63
CA PHE I 54 2.97 -45.84 -17.37
C PHE I 54 3.95 -44.72 -17.72
N GLY I 55 5.24 -44.92 -17.40
CA GLY I 55 6.24 -43.93 -17.76
C GLY I 55 6.33 -43.72 -19.26
N THR I 56 6.32 -44.82 -20.02
CA THR I 56 6.36 -44.70 -21.47
C THR I 56 5.17 -43.91 -21.98
N GLN I 57 3.98 -44.18 -21.45
CA GLN I 57 2.79 -43.48 -21.90
C GLN I 57 2.90 -41.97 -21.62
N ILE I 58 3.34 -41.60 -20.42
CA ILE I 58 3.42 -40.17 -20.08
C ILE I 58 4.42 -39.45 -20.98
N ARG I 59 5.60 -40.07 -21.14
CA ARG I 59 6.63 -39.42 -21.96
C ARG I 59 6.18 -39.28 -23.41
N GLY I 60 5.45 -40.25 -23.93
CA GLY I 60 4.88 -40.08 -25.26
C GLY I 60 3.87 -38.94 -25.30
N THR I 61 3.07 -38.79 -24.24
CA THR I 61 2.03 -37.77 -24.24
C THR I 61 2.62 -36.37 -24.36
N ASP I 62 3.74 -36.10 -23.69
CA ASP I 62 4.32 -34.76 -23.74
C ASP I 62 4.69 -34.36 -25.18
N VAL I 63 5.47 -35.20 -25.86
CA VAL I 63 5.88 -34.87 -27.21
C VAL I 63 4.68 -34.85 -28.15
N ALA I 64 3.63 -35.63 -27.86
CA ALA I 64 2.42 -35.54 -28.66
C ALA I 64 1.81 -34.14 -28.57
N ILE I 65 1.76 -33.59 -27.37
CA ILE I 65 1.26 -32.22 -27.22
C ILE I 65 2.08 -31.25 -28.06
N ARG I 66 3.39 -31.42 -28.05
CA ARG I 66 4.24 -30.53 -28.85
C ARG I 66 3.92 -30.61 -30.33
N ASN I 67 3.73 -31.83 -30.85
CA ASN I 67 3.42 -32.00 -32.27
C ASN I 67 2.10 -31.30 -32.62
N ALA I 68 1.10 -31.44 -31.76
CA ALA I 68 -0.18 -30.79 -32.03
C ALA I 68 -0.03 -29.27 -32.11
N ASN I 69 0.76 -28.69 -31.20
CA ASN I 69 0.97 -27.25 -31.24
C ASN I 69 1.62 -26.81 -32.55
N ASP I 70 2.59 -27.59 -33.04
CA ASP I 70 3.20 -27.26 -34.33
C ASP I 70 2.17 -27.26 -35.45
N GLY I 71 1.25 -28.24 -35.45
CA GLY I 71 0.21 -28.24 -36.47
C GLY I 71 -0.65 -26.98 -36.43
N ILE I 72 -0.99 -26.52 -35.23
CA ILE I 72 -1.75 -25.28 -35.10
C ILE I 72 -0.99 -24.13 -35.77
N SER I 73 0.31 -24.03 -35.51
CA SER I 73 1.09 -22.93 -36.06
C SER I 73 1.07 -22.94 -37.58
N LEU I 74 1.24 -24.13 -38.18
CA LEU I 74 1.22 -24.22 -39.64
C LEU I 74 -0.08 -23.67 -40.22
N ALA I 75 -1.21 -24.11 -39.65
CA ALA I 75 -2.49 -23.65 -40.17
C ALA I 75 -2.62 -22.12 -40.07
N GLN I 76 -2.16 -21.56 -38.96
CA GLN I 76 -2.24 -20.11 -38.78
C GLN I 76 -1.49 -19.38 -39.90
N VAL I 77 -0.28 -19.80 -40.20
CA VAL I 77 0.52 -19.10 -41.22
C VAL I 77 -0.18 -19.14 -42.58
N ALA I 78 -0.69 -20.31 -42.95
CA ALA I 78 -1.34 -20.41 -44.26
C ALA I 78 -2.53 -19.46 -44.36
N GLU I 79 -3.36 -19.42 -43.32
CA GLU I 79 -4.52 -18.54 -43.34
C GLU I 79 -4.09 -17.08 -43.47
N GLY I 80 -3.01 -16.72 -42.77
CA GLY I 80 -2.50 -15.35 -42.87
C GLY I 80 -2.17 -14.93 -44.28
N SER I 81 -1.57 -15.83 -45.06
CA SER I 81 -1.29 -15.46 -46.46
C SER I 81 -2.56 -15.36 -47.31
N LEU I 82 -3.49 -16.29 -47.12
CA LEU I 82 -4.70 -16.28 -47.94
C LEU I 82 -5.50 -14.99 -47.76
N THR I 83 -5.49 -14.41 -46.55
CA THR I 83 -6.23 -13.18 -46.32
C THR I 83 -5.78 -12.06 -47.26
N GLU I 84 -4.46 -11.89 -47.38
CA GLU I 84 -3.92 -10.83 -48.23
C GLU I 84 -4.25 -11.08 -49.69
N ILE I 85 -4.17 -12.35 -50.13
CA ILE I 85 -4.57 -12.65 -51.51
C ILE I 85 -5.98 -12.16 -51.76
N GLY I 86 -6.90 -12.47 -50.84
CA GLY I 86 -8.29 -12.09 -51.04
C GLY I 86 -8.48 -10.58 -51.10
N ASN I 87 -7.78 -9.85 -50.25
CA ASN I 87 -7.90 -8.39 -50.26
C ASN I 87 -7.49 -7.82 -51.61
N ASN I 88 -6.38 -8.29 -52.16
CA ASN I 88 -5.93 -7.79 -53.45
C ASN I 88 -6.95 -8.08 -54.55
N LEU I 89 -7.52 -9.29 -54.53
CA LEU I 89 -8.52 -9.62 -55.55
C LEU I 89 -9.74 -8.71 -55.45
N GLN I 90 -10.18 -8.41 -54.23
CA GLN I 90 -11.32 -7.53 -54.06
C GLN I 90 -11.04 -6.14 -54.63
N ARG I 91 -9.83 -5.64 -54.40
CA ARG I 91 -9.45 -4.36 -54.99
C ARG I 91 -9.51 -4.41 -56.52
N VAL I 92 -9.02 -5.51 -57.10
CA VAL I 92 -9.04 -5.63 -58.56
C VAL I 92 -10.46 -5.57 -59.10
N ARG I 93 -11.39 -6.27 -58.45
CA ARG I 93 -12.78 -6.25 -58.91
C ARG I 93 -13.38 -4.85 -58.82
N GLU I 94 -13.09 -4.15 -57.72
CA GLU I 94 -13.60 -2.78 -57.57
C GLU I 94 -13.07 -1.89 -58.69
N LEU I 95 -11.80 -2.06 -59.06
CA LEU I 95 -11.25 -1.28 -60.16
C LEU I 95 -11.87 -1.67 -61.49
N SER I 96 -12.22 -2.95 -61.66
CA SER I 96 -12.76 -3.45 -62.91
C SER I 96 -14.22 -3.11 -63.14
N VAL I 97 -14.98 -2.83 -62.09
CA VAL I 97 -16.38 -2.43 -62.30
C VAL I 97 -16.45 -1.15 -63.11
N GLN I 98 -15.58 -0.19 -62.80
CA GLN I 98 -15.35 0.97 -63.64
C GLN I 98 -14.77 0.52 -64.98
N ALA I 99 -14.48 1.50 -65.84
CA ALA I 99 -13.90 1.26 -67.16
C ALA I 99 -14.84 0.50 -68.09
N SER I 100 -16.02 0.10 -67.62
CA SER I 100 -17.04 -0.50 -68.46
C SER I 100 -18.12 0.49 -68.84
N ASN I 101 -17.93 1.76 -68.51
CA ASN I 101 -18.91 2.80 -68.82
C ASN I 101 -18.73 3.22 -70.28
N ALA I 102 -19.36 4.33 -70.67
CA ALA I 102 -19.28 4.82 -72.03
C ALA I 102 -18.57 6.16 -72.16
N THR I 103 -18.30 6.86 -71.06
CA THR I 103 -17.66 8.16 -71.11
C THR I 103 -16.15 8.09 -71.06
N ASN I 104 -15.57 6.91 -70.89
CA ASN I 104 -14.13 6.80 -70.83
C ASN I 104 -13.52 6.87 -72.23
N SER I 105 -12.21 7.08 -72.28
CA SER I 105 -11.44 7.08 -73.51
C SER I 105 -10.36 6.01 -73.41
N ALA I 106 -9.62 5.83 -74.50
CA ALA I 106 -8.61 4.77 -74.56
C ALA I 106 -7.51 5.01 -73.52
N SER I 107 -7.10 6.26 -73.33
CA SER I 107 -6.03 6.57 -72.39
C SER I 107 -6.42 6.17 -70.97
N ASP I 108 -7.67 6.46 -70.58
CA ASP I 108 -8.11 6.11 -69.24
C ASP I 108 -8.12 4.62 -69.02
N ARG I 109 -8.55 3.86 -70.03
CA ARG I 109 -8.53 2.41 -69.92
C ARG I 109 -7.11 1.89 -69.77
N LYS I 110 -6.15 2.49 -70.50
CA LYS I 110 -4.76 2.08 -70.32
C LYS I 110 -4.28 2.40 -68.90
N ALA I 111 -4.68 3.56 -68.38
CA ALA I 111 -4.29 3.94 -67.03
C ALA I 111 -4.78 2.92 -66.01
N LEU I 112 -6.01 2.42 -66.18
CA LEU I 112 -6.51 1.42 -65.26
C LEU I 112 -5.81 0.06 -65.47
N GLN I 113 -5.52 -0.28 -66.72
CA GLN I 113 -4.85 -1.55 -67.01
C GLN I 113 -3.48 -1.61 -66.35
N ALA I 114 -2.79 -0.47 -66.22
CA ALA I 114 -1.49 -0.48 -65.54
C ALA I 114 -1.59 -1.00 -64.11
N GLU I 115 -2.52 -0.45 -63.34
CA GLU I 115 -2.68 -0.90 -61.97
C GLU I 115 -3.16 -2.34 -61.90
N VAL I 116 -4.01 -2.75 -62.85
CA VAL I 116 -4.45 -4.15 -62.87
C VAL I 116 -3.24 -5.08 -63.01
N THR I 117 -2.33 -4.74 -63.93
CA THR I 117 -1.13 -5.55 -64.11
C THR I 117 -0.30 -5.62 -62.85
N GLN I 118 -0.10 -4.48 -62.18
CA GLN I 118 0.71 -4.50 -60.96
C GLN I 118 0.09 -5.40 -59.89
N LEU I 119 -1.23 -5.31 -59.70
CA LEU I 119 -1.87 -6.10 -58.65
C LEU I 119 -1.79 -7.59 -58.97
N VAL I 120 -1.97 -7.97 -60.24
CA VAL I 120 -1.89 -9.39 -60.59
C VAL I 120 -0.48 -9.93 -60.31
N SER I 121 0.54 -9.16 -60.67
CA SER I 121 1.91 -9.61 -60.40
C SER I 121 2.13 -9.80 -58.91
N GLU I 122 1.62 -8.87 -58.09
CA GLU I 122 1.77 -9.00 -56.65
C GLU I 122 1.12 -10.27 -56.13
N ILE I 123 -0.08 -10.57 -56.61
CA ILE I 123 -0.79 -11.77 -56.19
C ILE I 123 0.06 -13.01 -56.49
N ASP I 124 0.57 -13.09 -57.71
CA ASP I 124 1.32 -14.28 -58.09
C ASP I 124 2.59 -14.44 -57.27
N ARG I 125 3.31 -13.35 -57.03
CA ARG I 125 4.54 -13.43 -56.26
C ARG I 125 4.28 -13.94 -54.84
N VAL I 126 3.30 -13.35 -54.15
CA VAL I 126 3.06 -13.79 -52.78
C VAL I 126 2.52 -15.21 -52.76
N ALA I 127 1.82 -15.63 -53.82
CA ALA I 127 1.36 -17.01 -53.89
C ALA I 127 2.54 -17.97 -54.00
N LYS I 128 3.55 -17.62 -54.80
CA LYS I 128 4.63 -18.53 -55.09
C LYS I 128 5.79 -18.46 -54.10
N GLN I 129 5.78 -17.52 -53.16
CA GLN I 129 6.91 -17.38 -52.24
C GLN I 129 6.47 -17.45 -50.77
N SER I 130 5.61 -18.40 -50.43
CA SER I 130 5.08 -18.51 -49.07
C SER I 130 5.37 -19.90 -48.53
N ASP I 131 5.97 -19.96 -47.34
CA ASP I 131 6.46 -21.23 -46.82
C ASP I 131 6.53 -21.19 -45.30
N PHE I 132 6.66 -22.39 -44.71
CA PHE I 132 6.79 -22.57 -43.27
C PHE I 132 7.89 -23.59 -43.03
N ASN I 133 9.04 -23.12 -42.56
CA ASN I 133 10.18 -23.99 -42.26
C ASN I 133 10.67 -24.75 -43.49
N GLY I 134 10.71 -24.09 -44.64
CA GLY I 134 11.24 -24.69 -45.83
C GLY I 134 10.27 -25.57 -46.61
N THR I 135 8.98 -25.52 -46.30
CA THR I 135 7.97 -26.28 -47.02
C THR I 135 7.00 -25.29 -47.68
N LYS I 136 6.96 -25.30 -49.01
CA LYS I 136 6.05 -24.43 -49.72
C LYS I 136 4.62 -24.95 -49.57
N LEU I 137 3.67 -24.02 -49.44
CA LEU I 137 2.28 -24.37 -49.17
C LEU I 137 1.35 -24.09 -50.33
N LEU I 138 1.31 -22.85 -50.82
CA LEU I 138 0.32 -22.44 -51.81
C LEU I 138 0.89 -22.48 -53.22
N ASP I 139 1.21 -23.67 -53.71
CA ASP I 139 1.49 -23.81 -55.13
C ASP I 139 1.08 -25.16 -55.70
N GLY I 140 0.27 -25.93 -54.99
CA GLY I 140 -0.23 -27.18 -55.51
C GLY I 140 0.63 -28.39 -55.22
N THR I 141 1.75 -28.22 -54.52
CA THR I 141 2.62 -29.35 -54.18
C THR I 141 2.37 -29.90 -52.79
N PHE I 142 1.39 -29.38 -52.05
CA PHE I 142 1.16 -29.81 -50.68
C PHE I 142 0.41 -31.13 -50.69
N SER I 143 1.15 -32.23 -50.66
CA SER I 143 0.55 -33.56 -50.66
C SER I 143 0.14 -33.93 -49.24
N SER I 144 -0.17 -35.20 -49.01
CA SER I 144 -0.60 -35.64 -47.70
C SER I 144 0.53 -35.50 -46.69
N GLN I 145 0.20 -34.97 -45.52
CA GLN I 145 1.15 -34.81 -44.41
C GLN I 145 0.54 -35.41 -43.15
N LEU I 146 1.35 -36.17 -42.42
CA LEU I 146 0.89 -36.89 -41.23
C LEU I 146 1.47 -36.26 -39.98
N PHE I 147 0.63 -36.06 -38.98
CA PHE I 147 1.03 -35.54 -37.68
C PHE I 147 0.81 -36.61 -36.63
N GLN I 148 1.80 -36.81 -35.77
CA GLN I 148 1.73 -37.83 -34.73
C GLN I 148 1.16 -37.22 -33.45
N VAL I 149 0.00 -37.69 -33.02
CA VAL I 149 -0.68 -37.14 -31.85
C VAL I 149 -0.98 -38.25 -30.84
N GLY I 150 -0.08 -39.22 -30.74
CA GLY I 150 -0.26 -40.32 -29.80
C GLY I 150 1.10 -40.85 -29.40
N ALA I 151 1.08 -41.85 -28.52
CA ALA I 151 2.31 -42.44 -28.01
C ALA I 151 2.61 -43.81 -28.59
N ASN I 152 1.86 -44.25 -29.60
CA ASN I 152 2.01 -45.58 -30.15
C ASN I 152 2.04 -45.51 -31.68
N ALA I 153 2.45 -46.62 -32.29
CA ALA I 153 2.52 -46.68 -33.74
C ALA I 153 1.13 -46.67 -34.35
N GLY I 154 0.96 -45.92 -35.44
CA GLY I 154 -0.27 -45.90 -36.19
C GLY I 154 -1.25 -44.81 -35.81
N GLN I 155 -1.01 -44.08 -34.72
CA GLN I 155 -1.93 -43.04 -34.27
C GLN I 155 -1.50 -41.71 -34.87
N ALA I 156 -2.13 -41.34 -35.99
CA ALA I 156 -1.77 -40.09 -36.66
C ALA I 156 -2.94 -39.63 -37.50
N ILE I 157 -3.05 -38.31 -37.65
CA ILE I 157 -4.08 -37.69 -38.48
C ILE I 157 -3.39 -36.95 -39.62
N ALA I 158 -4.16 -36.63 -40.65
CA ALA I 158 -3.60 -36.16 -41.90
C ALA I 158 -4.23 -34.85 -42.32
N ILE I 159 -3.50 -34.11 -43.17
CA ILE I 159 -4.03 -32.96 -43.90
C ILE I 159 -3.92 -33.29 -45.38
N ASP I 160 -5.02 -33.14 -46.11
CA ASP I 160 -5.06 -33.60 -47.50
C ASP I 160 -4.39 -32.61 -48.45
N LYS I 161 -4.95 -31.40 -48.55
CA LYS I 161 -4.45 -30.42 -49.51
C LYS I 161 -5.10 -29.08 -49.21
N THR I 162 -4.35 -28.00 -49.48
CA THR I 162 -4.91 -26.68 -49.23
C THR I 162 -5.49 -26.01 -50.48
N ILE I 163 -4.64 -25.63 -51.43
CA ILE I 163 -5.08 -24.87 -52.59
C ILE I 163 -3.92 -24.80 -53.58
N ASP I 164 -4.23 -24.50 -54.84
CA ASP I 164 -3.23 -24.16 -55.85
C ASP I 164 -3.53 -22.75 -56.34
N ALA I 165 -2.81 -21.76 -55.79
CA ALA I 165 -3.19 -20.36 -55.93
C ALA I 165 -2.27 -19.58 -56.85
N LYS I 166 -1.64 -20.25 -57.81
CA LYS I 166 -0.86 -19.54 -58.83
C LYS I 166 -1.79 -18.87 -59.82
N ALA I 167 -1.38 -17.70 -60.32
CA ALA I 167 -2.24 -16.91 -61.19
C ALA I 167 -2.52 -17.59 -62.52
N GLY I 168 -1.79 -18.64 -62.87
CA GLY I 168 -2.06 -19.34 -64.10
C GLY I 168 -3.17 -20.36 -64.02
N SER I 169 -3.70 -20.63 -62.83
CA SER I 169 -4.76 -21.61 -62.64
C SER I 169 -5.74 -21.16 -61.57
N LEU I 170 -6.24 -19.93 -61.68
CA LEU I 170 -7.20 -19.39 -60.73
C LEU I 170 -8.43 -18.87 -61.47
N GLY I 171 -9.60 -19.35 -61.07
CA GLY I 171 -10.84 -18.90 -61.66
C GLY I 171 -11.03 -19.23 -63.13
N THR I 172 -10.75 -20.47 -63.51
CA THR I 172 -10.90 -20.88 -64.90
C THR I 172 -12.37 -20.83 -65.32
N SER I 173 -12.61 -20.39 -66.55
CA SER I 173 -13.96 -20.20 -67.06
C SER I 173 -13.97 -20.30 -68.57
N THR I 174 -15.16 -20.45 -69.14
CA THR I 174 -15.34 -20.54 -70.59
C THR I 174 -16.50 -19.66 -71.02
N PHE I 175 -16.33 -18.97 -72.14
CA PHE I 175 -17.38 -18.13 -72.72
C PHE I 175 -17.62 -18.56 -74.16
N ALA I 176 -18.89 -18.74 -74.51
CA ALA I 176 -19.26 -19.14 -75.86
C ALA I 176 -19.28 -17.93 -76.78
N THR I 177 -18.78 -18.11 -77.99
CA THR I 177 -18.67 -17.00 -78.95
C THR I 177 -18.62 -17.56 -80.35
N GLY I 178 -18.20 -16.72 -81.28
CA GLY I 178 -17.97 -17.15 -82.65
C GLY I 178 -19.18 -16.95 -83.53
N ALA I 179 -20.13 -16.16 -83.04
CA ALA I 179 -21.38 -15.98 -83.74
C ALA I 179 -21.17 -15.27 -85.07
N THR I 180 -22.04 -15.59 -86.03
CA THR I 180 -22.02 -14.96 -87.34
C THR I 180 -23.45 -14.66 -87.75
N ALA I 181 -23.59 -13.85 -88.79
CA ALA I 181 -24.91 -13.54 -89.31
C ALA I 181 -25.04 -13.82 -90.80
N ALA I 182 -24.00 -13.53 -91.58
CA ALA I 182 -24.03 -13.74 -93.03
C ALA I 182 -25.19 -12.97 -93.68
N LEU I 183 -25.32 -11.69 -93.33
CA LEU I 183 -26.37 -10.84 -93.85
C LEU I 183 -25.78 -9.88 -94.89
N ALA I 184 -26.40 -9.84 -96.08
CA ALA I 184 -25.92 -8.96 -97.13
C ALA I 184 -27.07 -8.36 -97.94
N ALA I 185 -28.22 -8.13 -97.30
CA ALA I 185 -29.36 -7.57 -98.02
C ALA I 185 -29.09 -6.12 -98.40
N SER I 186 -29.77 -5.68 -99.45
CA SER I 186 -29.59 -4.34 -99.97
C SER I 186 -30.89 -3.87 -100.61
N THR I 187 -30.81 -2.84 -101.45
CA THR I 187 -31.93 -2.28 -102.22
C THR I 187 -32.93 -1.68 -101.24
N ASP I 188 -34.22 -2.03 -101.36
CA ASP I 188 -35.26 -1.34 -100.64
C ASP I 188 -35.28 -1.74 -99.17
N GLY I 189 -36.00 -0.96 -98.37
CA GLY I 189 -36.04 -1.16 -96.95
C GLY I 189 -36.79 -2.42 -96.55
N ALA I 190 -36.58 -2.83 -95.31
CA ALA I 190 -37.18 -4.07 -94.80
C ALA I 190 -37.33 -3.97 -93.29
N ARG I 191 -38.11 -4.89 -92.75
CA ARG I 191 -38.34 -4.98 -91.31
C ARG I 191 -37.81 -6.32 -90.80
N PHE I 192 -37.17 -6.28 -89.63
CA PHE I 192 -36.55 -7.45 -89.02
C PHE I 192 -37.27 -7.79 -87.72
N SER I 193 -37.42 -9.08 -87.45
CA SER I 193 -38.07 -9.55 -86.23
C SER I 193 -37.32 -10.78 -85.74
N GLY I 194 -37.88 -11.45 -84.74
CA GLY I 194 -37.35 -12.70 -84.26
C GLY I 194 -37.04 -12.66 -82.77
N THR I 195 -36.64 -13.82 -82.26
CA THR I 195 -36.34 -14.02 -80.85
C THR I 195 -34.93 -14.52 -80.69
N VAL I 196 -34.22 -14.03 -79.67
CA VAL I 196 -32.88 -14.48 -79.34
C VAL I 196 -32.92 -15.05 -77.93
N MET I 197 -32.51 -16.32 -77.80
CA MET I 197 -32.47 -17.00 -76.51
C MET I 197 -33.84 -17.01 -75.84
N GLY I 198 -34.90 -17.15 -76.65
CA GLY I 198 -36.23 -17.16 -76.11
C GLY I 198 -36.75 -15.83 -75.63
N VAL I 199 -36.17 -14.73 -76.10
CA VAL I 199 -36.56 -13.38 -75.71
C VAL I 199 -36.88 -12.59 -76.96
N ASP I 200 -38.05 -11.96 -76.98
CA ASP I 200 -38.43 -11.16 -78.13
C ASP I 200 -37.62 -9.87 -78.20
N ILE I 201 -37.44 -9.37 -79.41
CA ILE I 201 -36.59 -8.21 -79.63
C ILE I 201 -37.37 -7.03 -80.19
N GLY I 202 -38.41 -7.31 -80.96
CA GLY I 202 -39.23 -6.28 -81.54
C GLY I 202 -39.06 -6.16 -83.04
N THR I 203 -39.21 -4.93 -83.53
CA THR I 203 -39.13 -4.64 -84.95
C THR I 203 -38.25 -3.42 -85.20
N VAL I 204 -37.61 -3.41 -86.37
CA VAL I 204 -36.76 -2.31 -86.80
C VAL I 204 -37.13 -1.95 -88.23
N GLU I 205 -36.67 -0.78 -88.66
CA GLU I 205 -37.00 -0.26 -89.98
C GLU I 205 -35.77 0.42 -90.58
N VAL I 206 -35.57 0.24 -91.88
CA VAL I 206 -34.47 0.88 -92.59
C VAL I 206 -35.03 1.56 -93.84
N LYS I 207 -34.32 2.57 -94.32
CA LYS I 207 -34.82 3.40 -95.41
C LYS I 207 -34.74 2.65 -96.74
N ALA I 208 -35.35 3.26 -97.76
CA ALA I 208 -35.35 2.67 -99.10
C ALA I 208 -33.94 2.60 -99.68
N GLY I 209 -33.14 3.63 -99.44
CA GLY I 209 -31.77 3.62 -99.90
C GLY I 209 -30.83 2.97 -98.90
N ALA I 210 -31.07 1.70 -98.59
CA ALA I 210 -30.32 1.02 -97.55
C ALA I 210 -29.11 0.30 -98.12
N THR I 211 -28.19 -0.05 -97.21
CA THR I 211 -27.00 -0.82 -97.54
C THR I 211 -26.76 -1.82 -96.41
N THR I 212 -25.79 -2.71 -96.61
CA THR I 212 -25.52 -3.75 -95.62
C THR I 212 -25.14 -3.13 -94.28
N ALA I 213 -24.27 -2.11 -94.29
CA ALA I 213 -23.90 -1.44 -93.06
C ALA I 213 -25.10 -0.73 -92.44
N ASP I 214 -26.05 -0.29 -93.26
CA ASP I 214 -27.21 0.40 -92.73
C ASP I 214 -28.08 -0.54 -91.89
N ALA I 215 -28.26 -1.77 -92.33
CA ALA I 215 -29.10 -2.72 -91.60
C ALA I 215 -28.36 -3.42 -90.47
N SER I 216 -27.05 -3.65 -90.65
CA SER I 216 -26.29 -4.33 -89.61
C SER I 216 -26.31 -3.54 -88.31
N LYS I 217 -26.13 -2.22 -88.38
CA LYS I 217 -26.08 -1.43 -87.17
C LYS I 217 -27.44 -1.36 -86.49
N ALA I 218 -28.52 -1.31 -87.27
CA ALA I 218 -29.85 -1.32 -86.69
C ALA I 218 -30.11 -2.62 -85.95
N VAL I 219 -29.77 -3.76 -86.56
CA VAL I 219 -29.97 -5.04 -85.88
C VAL I 219 -29.12 -5.11 -84.61
N ALA I 220 -27.88 -4.62 -84.68
CA ALA I 220 -27.01 -4.65 -83.50
C ALA I 220 -27.58 -3.82 -82.38
N THR I 221 -28.11 -2.63 -82.70
CA THR I 221 -28.72 -1.80 -81.66
C THR I 221 -29.92 -2.50 -81.05
N ALA I 222 -30.78 -3.08 -81.89
CA ALA I 222 -31.97 -3.76 -81.37
C ALA I 222 -31.59 -4.89 -80.43
N ILE I 223 -30.55 -5.65 -80.78
CA ILE I 223 -30.13 -6.75 -79.92
C ILE I 223 -29.54 -6.21 -78.61
N ASN I 224 -28.69 -5.19 -78.70
CA ASN I 224 -28.04 -4.67 -77.50
C ASN I 224 -28.99 -3.96 -76.56
N ALA I 225 -30.18 -3.57 -77.04
CA ALA I 225 -31.13 -2.91 -76.15
C ALA I 225 -31.62 -3.82 -75.03
N LYS I 226 -31.43 -5.12 -75.14
CA LYS I 226 -31.92 -6.08 -74.15
C LYS I 226 -30.80 -6.95 -73.60
N ILE I 227 -29.66 -6.33 -73.29
CA ILE I 227 -28.54 -7.09 -72.75
C ILE I 227 -28.84 -7.57 -71.34
N GLY I 228 -29.80 -6.93 -70.66
CA GLY I 228 -30.09 -7.29 -69.29
C GLY I 228 -30.73 -8.65 -69.12
N GLU I 229 -31.34 -9.19 -70.17
CA GLU I 229 -32.05 -10.45 -70.10
C GLU I 229 -31.42 -11.54 -70.97
N ALA I 230 -31.15 -11.24 -72.25
CA ALA I 230 -30.50 -12.21 -73.10
C ALA I 230 -29.05 -12.45 -72.69
N GLY I 231 -28.38 -11.42 -72.21
CA GLY I 231 -26.97 -11.55 -71.84
C GLY I 231 -26.05 -11.80 -73.01
N ILE I 232 -26.25 -11.08 -74.12
CA ILE I 232 -25.43 -11.23 -75.32
C ILE I 232 -25.01 -9.84 -75.79
N TYR I 233 -23.72 -9.69 -76.10
CA TYR I 233 -23.17 -8.45 -76.59
C TYR I 233 -22.90 -8.58 -78.09
N ALA I 234 -23.39 -7.61 -78.87
CA ALA I 234 -23.36 -7.68 -80.32
C ALA I 234 -22.47 -6.60 -80.90
N GLU I 235 -21.77 -6.93 -81.99
CA GLU I 235 -20.85 -6.02 -82.65
C GLU I 235 -21.10 -6.00 -84.14
N ALA I 236 -21.02 -4.81 -84.72
CA ALA I 236 -21.29 -4.61 -86.14
C ALA I 236 -20.06 -4.91 -86.98
N ASN I 237 -20.30 -5.32 -88.23
CA ASN I 237 -19.23 -5.66 -89.16
C ASN I 237 -19.51 -4.98 -90.50
N SER I 238 -18.43 -4.61 -91.20
CA SER I 238 -18.57 -3.82 -92.42
C SER I 238 -19.29 -4.59 -93.52
N ASP I 239 -18.95 -5.86 -93.71
CA ASP I 239 -19.49 -6.63 -94.82
C ASP I 239 -21.00 -6.84 -94.70
N GLY I 240 -21.55 -6.76 -93.49
CA GLY I 240 -22.97 -6.96 -93.30
C GLY I 240 -23.27 -8.06 -92.30
N THR I 241 -22.23 -8.71 -91.79
CA THR I 241 -22.39 -9.76 -90.81
C THR I 241 -22.36 -9.18 -89.40
N LEU I 242 -22.49 -10.04 -88.41
CA LEU I 242 -22.48 -9.63 -87.01
C LEU I 242 -21.71 -10.66 -86.19
N LYS I 243 -21.26 -10.23 -85.02
CA LYS I 243 -20.54 -11.09 -84.08
C LYS I 243 -21.18 -10.93 -82.71
N LEU I 244 -21.58 -12.05 -82.11
CA LEU I 244 -22.26 -12.04 -80.81
C LEU I 244 -21.42 -12.80 -79.80
N SER I 245 -21.24 -12.21 -78.62
CA SER I 245 -20.48 -12.82 -77.55
C SER I 245 -21.32 -12.84 -76.28
N SER I 246 -21.09 -13.85 -75.46
CA SER I 246 -21.83 -14.05 -74.23
C SER I 246 -20.98 -13.61 -73.03
N VAL I 247 -21.59 -12.86 -72.12
CA VAL I 247 -20.90 -12.38 -70.94
C VAL I 247 -21.28 -13.19 -69.70
N LYS I 248 -21.90 -14.35 -69.89
CA LYS I 248 -22.27 -15.24 -68.79
C LYS I 248 -21.47 -16.52 -68.88
N GLU I 249 -20.78 -16.86 -67.79
CA GLU I 249 -19.87 -17.98 -67.80
C GLU I 249 -20.63 -19.30 -67.94
N GLY I 250 -20.06 -20.22 -68.72
CA GLY I 250 -20.59 -21.56 -68.81
C GLY I 250 -22.00 -21.64 -69.35
N LYS I 251 -22.30 -20.84 -70.37
CA LYS I 251 -23.61 -20.83 -71.01
C LYS I 251 -23.45 -21.30 -72.44
N ALA I 252 -24.34 -22.20 -72.87
CA ALA I 252 -24.26 -22.80 -74.19
C ALA I 252 -25.32 -22.16 -75.09
N VAL I 253 -24.88 -21.63 -76.23
CA VAL I 253 -25.78 -21.08 -77.24
C VAL I 253 -25.56 -21.86 -78.54
N ALA I 254 -26.64 -22.40 -79.09
CA ALA I 254 -26.57 -23.31 -80.22
C ALA I 254 -27.15 -22.66 -81.47
N THR I 255 -27.26 -23.45 -82.54
CA THR I 255 -27.78 -22.94 -83.80
C THR I 255 -29.24 -22.53 -83.68
N ALA I 256 -30.05 -23.30 -82.96
CA ALA I 256 -31.46 -23.02 -82.82
C ALA I 256 -31.76 -21.89 -81.86
N ASP I 257 -30.78 -21.44 -81.08
CA ASP I 257 -31.02 -20.36 -80.12
C ASP I 257 -31.33 -19.04 -80.79
N ILE I 258 -30.95 -18.87 -82.05
CA ILE I 258 -31.16 -17.62 -82.79
C ILE I 258 -32.08 -17.93 -83.95
N ALA I 259 -33.22 -17.24 -84.02
CA ALA I 259 -34.18 -17.43 -85.12
C ALA I 259 -34.68 -16.05 -85.53
N LEU I 260 -33.97 -15.42 -86.46
CA LEU I 260 -34.35 -14.11 -86.96
C LEU I 260 -35.24 -14.29 -88.19
N MET I 261 -36.50 -13.88 -88.07
CA MET I 261 -37.44 -14.02 -89.16
C MET I 261 -37.51 -12.72 -89.97
N ARG I 262 -36.45 -12.48 -90.72
CA ARG I 262 -36.42 -11.35 -91.64
C ARG I 262 -37.55 -11.48 -92.66
N SER I 263 -38.27 -10.38 -92.86
CA SER I 263 -39.42 -10.39 -93.76
C SER I 263 -39.58 -9.00 -94.36
N ASP I 264 -40.66 -8.83 -95.13
CA ASP I 264 -41.05 -7.54 -95.68
C ASP I 264 -39.92 -6.94 -96.53
N TYR I 265 -39.57 -7.67 -97.58
CA TYR I 265 -38.42 -7.30 -98.40
C TYR I 265 -38.66 -5.97 -99.11
N ASP I 266 -39.87 -5.74 -99.61
CA ASP I 266 -40.17 -4.55 -100.39
C ASP I 266 -41.37 -3.83 -99.79
N ALA I 267 -41.68 -2.66 -100.35
CA ALA I 267 -42.76 -1.82 -99.86
C ALA I 267 -43.64 -1.24 -100.97
N THR I 268 -43.38 -1.59 -102.23
CA THR I 268 -44.18 -1.11 -103.35
C THR I 268 -45.33 -2.09 -103.59
N ALA I 269 -46.51 -1.74 -103.09
CA ALA I 269 -47.66 -2.65 -103.08
C ALA I 269 -47.28 -3.99 -102.47
N LYS I 270 -46.53 -3.91 -101.37
CA LYS I 270 -45.85 -5.06 -100.77
C LYS I 270 -45.76 -4.81 -99.27
N THR I 271 -44.79 -5.46 -98.62
CA THR I 271 -44.54 -5.49 -97.16
C THR I 271 -45.44 -6.55 -96.52
N TRP I 272 -46.10 -7.38 -97.32
CA TRP I 272 -46.81 -8.54 -96.82
C TRP I 272 -46.10 -9.80 -97.31
N GLY I 273 -45.86 -10.74 -96.39
CA GLY I 273 -45.10 -11.93 -96.67
C GLY I 273 -43.96 -12.02 -95.68
N THR I 274 -43.62 -13.25 -95.31
CA THR I 274 -42.62 -13.48 -94.27
C THR I 274 -41.64 -14.56 -94.70
N ALA I 275 -40.46 -14.52 -94.08
CA ALA I 275 -39.41 -15.51 -94.31
C ALA I 275 -38.48 -15.48 -93.11
N ALA I 276 -37.34 -16.16 -93.22
CA ALA I 276 -36.33 -16.15 -92.17
C ALA I 276 -35.04 -15.48 -92.62
N ALA I 277 -34.37 -16.03 -93.64
CA ALA I 277 -33.17 -15.47 -94.23
C ALA I 277 -32.11 -15.12 -93.18
N ALA I 278 -31.19 -14.23 -93.54
CA ALA I 278 -30.19 -13.68 -92.63
C ALA I 278 -29.36 -14.78 -91.96
N GLY I 279 -29.22 -15.91 -92.64
CA GLY I 279 -28.48 -17.04 -92.09
C GLY I 279 -29.11 -17.60 -90.83
N ALA I 280 -28.51 -18.64 -90.26
CA ALA I 280 -29.02 -19.19 -89.01
C ALA I 280 -28.02 -19.02 -87.88
N TYR I 281 -26.82 -19.57 -88.01
CA TYR I 281 -25.79 -19.53 -86.97
C TYR I 281 -24.58 -20.31 -87.48
N THR I 282 -23.51 -20.28 -86.69
CA THR I 282 -22.33 -21.10 -86.95
C THR I 282 -21.87 -21.68 -85.61
N ALA I 283 -20.71 -22.32 -85.61
CA ALA I 283 -20.22 -23.08 -84.47
C ALA I 283 -18.86 -22.56 -84.03
N GLY I 284 -18.78 -21.26 -83.79
CA GLY I 284 -17.54 -20.68 -83.32
C GLY I 284 -17.08 -21.32 -82.02
N THR I 285 -15.78 -21.56 -81.92
CA THR I 285 -15.23 -22.24 -80.76
C THR I 285 -15.18 -21.31 -79.56
N ASN I 286 -15.25 -21.91 -78.37
CA ASN I 286 -15.24 -21.17 -77.12
C ASN I 286 -13.82 -20.74 -76.76
N THR I 287 -13.72 -19.67 -75.98
CA THR I 287 -12.45 -19.13 -75.54
C THR I 287 -12.36 -19.22 -74.02
N SER I 288 -11.33 -19.90 -73.52
CA SER I 288 -11.15 -20.06 -72.09
C SER I 288 -10.34 -18.91 -71.52
N ALA I 289 -10.54 -18.64 -70.23
CA ALA I 289 -9.90 -17.51 -69.59
C ALA I 289 -9.67 -17.81 -68.12
N ASN I 290 -8.71 -17.09 -67.54
CA ASN I 290 -8.38 -17.22 -66.13
C ASN I 290 -7.82 -15.89 -65.66
N VAL I 291 -7.30 -15.87 -64.43
CA VAL I 291 -6.88 -14.62 -63.82
C VAL I 291 -5.72 -14.00 -64.57
N GLN I 292 -4.81 -14.84 -65.07
CA GLN I 292 -3.61 -14.32 -65.71
C GLN I 292 -3.95 -13.50 -66.95
N LYS I 293 -4.96 -13.92 -67.71
CA LYS I 293 -5.36 -13.22 -68.94
C LYS I 293 -6.54 -12.29 -68.65
N LEU I 294 -6.25 -11.23 -67.91
CA LEU I 294 -7.24 -10.20 -67.59
C LEU I 294 -6.96 -8.95 -68.40
N ASP I 295 -8.00 -8.43 -69.05
CA ASP I 295 -7.89 -7.24 -69.87
C ASP I 295 -9.03 -6.29 -69.53
N VAL I 296 -8.79 -4.99 -69.72
CA VAL I 296 -9.76 -3.97 -69.38
C VAL I 296 -9.90 -2.90 -70.46
N SER I 297 -8.99 -2.88 -71.43
CA SER I 297 -8.99 -1.87 -72.49
C SER I 297 -10.27 -1.87 -73.33
N THR I 298 -11.07 -2.93 -73.28
CA THR I 298 -12.36 -2.96 -73.95
C THR I 298 -13.45 -3.24 -72.93
N VAL I 299 -14.70 -3.20 -73.39
CA VAL I 299 -15.83 -3.46 -72.50
C VAL I 299 -15.89 -4.94 -72.12
N LEU I 300 -15.71 -5.82 -73.10
CA LEU I 300 -15.81 -7.25 -72.84
C LEU I 300 -14.80 -7.70 -71.79
N GLY I 301 -13.62 -7.11 -71.80
CA GLY I 301 -12.62 -7.47 -70.81
C GLY I 301 -13.12 -7.28 -69.40
N ALA I 302 -13.73 -6.13 -69.14
CA ALA I 302 -14.26 -5.88 -67.80
C ALA I 302 -15.45 -6.78 -67.49
N GLN I 303 -16.37 -6.91 -68.46
CA GLN I 303 -17.57 -7.70 -68.22
C GLN I 303 -17.24 -9.16 -67.91
N GLN I 304 -16.10 -9.65 -68.39
CA GLN I 304 -15.70 -11.01 -68.05
C GLN I 304 -14.76 -11.07 -66.84
N ALA I 305 -14.04 -9.97 -66.58
CA ALA I 305 -13.26 -9.88 -65.36
C ALA I 305 -14.14 -10.04 -64.12
N LEU I 306 -15.38 -9.53 -64.19
CA LEU I 306 -16.29 -9.71 -63.07
C LEU I 306 -16.48 -11.17 -62.70
N GLU I 307 -16.77 -12.03 -63.69
CA GLU I 307 -16.98 -13.44 -63.42
C GLU I 307 -15.72 -14.13 -62.93
N VAL I 308 -14.57 -13.86 -63.57
CA VAL I 308 -13.38 -14.57 -63.14
C VAL I 308 -13.04 -14.22 -61.69
N VAL I 309 -13.23 -12.95 -61.31
CA VAL I 309 -12.96 -12.56 -59.94
C VAL I 309 -13.92 -13.24 -58.97
N ASP I 310 -15.19 -13.36 -59.36
CA ASP I 310 -16.16 -14.04 -58.49
C ASP I 310 -15.74 -15.47 -58.20
N LYS I 311 -15.34 -16.20 -59.24
CA LYS I 311 -14.93 -17.59 -59.02
C LYS I 311 -13.69 -17.68 -58.13
N ALA I 312 -12.71 -16.80 -58.35
CA ALA I 312 -11.52 -16.83 -57.52
C ALA I 312 -11.88 -16.64 -56.05
N LEU I 313 -12.76 -15.68 -55.77
CA LEU I 313 -13.13 -15.41 -54.39
C LEU I 313 -13.84 -16.62 -53.76
N GLY I 314 -14.69 -17.30 -54.53
CA GLY I 314 -15.34 -18.49 -54.00
C GLY I 314 -14.33 -19.53 -53.55
N ALA I 315 -13.33 -19.80 -54.39
CA ALA I 315 -12.33 -20.80 -54.01
C ALA I 315 -11.56 -20.38 -52.76
N ILE I 316 -11.17 -19.10 -52.68
CA ILE I 316 -10.42 -18.63 -51.53
C ILE I 316 -11.21 -18.84 -50.24
N ASN I 317 -12.49 -18.47 -50.25
CA ASN I 317 -13.29 -18.59 -49.03
C ASN I 317 -13.46 -20.05 -48.60
N SER I 318 -13.67 -20.96 -49.55
CA SER I 318 -13.80 -22.35 -49.16
C SER I 318 -12.52 -22.86 -48.48
N THR I 319 -11.37 -22.51 -49.03
CA THR I 319 -10.12 -22.97 -48.41
C THR I 319 -9.96 -22.42 -47.00
N ARG I 320 -10.31 -21.15 -46.79
CA ARG I 320 -10.18 -20.59 -45.44
C ARG I 320 -11.07 -21.34 -44.45
N ALA I 321 -12.28 -21.69 -44.87
CA ALA I 321 -13.15 -22.46 -43.99
C ALA I 321 -12.52 -23.78 -43.58
N ASP I 322 -11.92 -24.49 -44.55
CA ASP I 322 -11.32 -25.78 -44.23
C ASP I 322 -10.18 -25.64 -43.21
N LEU I 323 -9.33 -24.62 -43.39
CA LEU I 323 -8.23 -24.45 -42.44
C LEU I 323 -8.75 -24.16 -41.03
N GLY I 324 -9.81 -23.35 -40.93
CA GLY I 324 -10.39 -23.11 -39.61
C GLY I 324 -10.86 -24.39 -38.94
N ALA I 325 -11.52 -25.27 -39.70
CA ALA I 325 -11.98 -26.52 -39.12
C ALA I 325 -10.83 -27.35 -38.59
N ILE I 326 -9.74 -27.44 -39.36
CA ILE I 326 -8.57 -28.19 -38.90
C ILE I 326 -8.06 -27.64 -37.58
N GLN I 327 -7.98 -26.32 -37.46
CA GLN I 327 -7.45 -25.72 -36.24
C GLN I 327 -8.30 -26.09 -35.02
N ASN I 328 -9.62 -26.03 -35.18
CA ASN I 328 -10.50 -26.39 -34.06
C ASN I 328 -10.25 -27.83 -33.61
N ARG I 329 -10.16 -28.75 -34.57
CA ARG I 329 -9.95 -30.15 -34.22
C ARG I 329 -8.65 -30.33 -33.43
N PHE I 330 -7.59 -29.65 -33.86
CA PHE I 330 -6.31 -29.82 -33.17
C PHE I 330 -6.39 -29.35 -31.73
N THR I 331 -7.09 -28.22 -31.49
CA THR I 331 -7.22 -27.76 -30.11
C THR I 331 -7.94 -28.80 -29.25
N SER I 332 -9.02 -29.38 -29.77
CA SER I 332 -9.73 -30.40 -28.99
C SER I 332 -8.82 -31.57 -28.64
N VAL I 333 -8.01 -32.01 -29.61
CA VAL I 333 -7.09 -33.12 -29.35
C VAL I 333 -6.14 -32.77 -28.20
N VAL I 334 -5.62 -31.54 -28.20
CA VAL I 334 -4.69 -31.15 -27.13
C VAL I 334 -5.37 -31.26 -25.77
N ALA I 335 -6.59 -30.75 -25.66
CA ALA I 335 -7.27 -30.77 -24.36
C ALA I 335 -7.45 -32.20 -23.86
N ASN I 336 -7.90 -33.09 -24.74
CA ASN I 336 -8.09 -34.47 -24.34
C ASN I 336 -6.79 -35.12 -23.87
N LEU I 337 -5.70 -34.85 -24.59
CA LEU I 337 -4.41 -35.42 -24.22
C LEU I 337 -4.01 -34.98 -22.82
N GLN I 338 -4.19 -33.70 -22.51
CA GLN I 338 -3.78 -33.19 -21.21
C GLN I 338 -4.57 -33.86 -20.08
N THR I 339 -5.89 -34.00 -20.26
CA THR I 339 -6.70 -34.68 -19.24
C THR I 339 -6.21 -36.10 -19.01
N SER I 340 -6.02 -36.86 -20.09
CA SER I 340 -5.62 -38.26 -19.94
C SER I 340 -4.27 -38.39 -19.27
N SER I 341 -3.33 -37.50 -19.61
CA SER I 341 -2.01 -37.56 -19.00
C SER I 341 -2.09 -37.34 -17.51
N GLU I 342 -2.90 -36.36 -17.08
CA GLU I 342 -3.05 -36.12 -15.64
C GLU I 342 -3.60 -37.34 -14.93
N ASN I 343 -4.63 -37.96 -15.52
CA ASN I 343 -5.23 -39.13 -14.88
C ASN I 343 -4.23 -40.28 -14.75
N LEU I 344 -3.48 -40.54 -15.81
CA LEU I 344 -2.50 -41.64 -15.78
C LEU I 344 -1.40 -41.36 -14.75
N SER I 345 -0.94 -40.10 -14.68
CA SER I 345 0.11 -39.77 -13.74
C SER I 345 -0.35 -39.97 -12.31
N ALA I 346 -1.59 -39.58 -12.00
CA ALA I 346 -2.11 -39.84 -10.67
C ALA I 346 -2.24 -41.33 -10.39
N SER I 347 -2.69 -42.10 -11.38
CA SER I 347 -2.90 -43.53 -11.16
C SER I 347 -1.60 -44.27 -10.93
N ARG I 348 -0.51 -43.84 -11.56
CA ARG I 348 0.75 -44.57 -11.43
C ARG I 348 1.30 -44.54 -10.02
N SER I 349 1.06 -43.45 -9.27
CA SER I 349 1.72 -43.24 -8.00
C SER I 349 1.21 -44.14 -6.89
N ARG I 350 0.07 -44.81 -7.08
CA ARG I 350 -0.55 -45.56 -6.00
C ARG I 350 0.20 -46.84 -5.68
N ILE I 351 1.06 -47.32 -6.59
CA ILE I 351 1.75 -48.58 -6.42
C ILE I 351 3.26 -48.42 -6.41
N LYS I 352 3.76 -47.20 -6.36
CA LYS I 352 5.20 -46.98 -6.40
C LYS I 352 5.74 -46.04 -5.33
N ASP I 353 4.93 -45.13 -4.78
CA ASP I 353 5.42 -44.10 -3.89
C ASP I 353 5.38 -44.57 -2.44
N THR I 354 6.12 -43.87 -1.59
CA THR I 354 6.26 -44.23 -0.19
C THR I 354 5.25 -43.49 0.66
N ASP I 355 4.76 -44.16 1.70
CA ASP I 355 3.87 -43.55 2.68
C ASP I 355 4.71 -43.19 3.90
N PHE I 356 4.94 -41.89 4.11
CA PHE I 356 5.88 -41.47 5.12
C PHE I 356 5.35 -41.69 6.54
N ALA I 357 4.03 -41.57 6.73
CA ALA I 357 3.48 -41.77 8.06
C ALA I 357 3.70 -43.19 8.54
N LYS I 358 3.63 -44.17 7.64
CA LYS I 358 3.77 -45.56 8.03
C LYS I 358 5.22 -45.96 8.23
N GLU I 359 6.15 -45.39 7.47
CA GLU I 359 7.49 -45.95 7.39
C GLU I 359 8.35 -45.61 8.61
N THR I 360 7.99 -44.58 9.38
CA THR I 360 8.80 -44.22 10.55
C THR I 360 8.54 -45.17 11.72
N ALA I 361 7.37 -45.79 11.76
CA ALA I 361 7.02 -46.66 12.88
C ALA I 361 7.97 -47.85 12.97
N GLU I 362 8.21 -48.54 11.85
CA GLU I 362 9.14 -49.67 11.90
C GLU I 362 10.56 -49.22 12.18
N LEU I 363 10.93 -48.02 11.75
CA LEU I 363 12.24 -47.48 12.11
C LEU I 363 12.39 -47.44 13.62
N THR I 364 11.43 -46.82 14.31
CA THR I 364 11.50 -46.73 15.76
C THR I 364 11.47 -48.10 16.42
N ARG I 365 10.59 -48.98 15.93
CA ARG I 365 10.45 -50.30 16.52
C ARG I 365 11.75 -51.09 16.42
N THR I 366 12.35 -51.13 15.23
CA THR I 366 13.57 -51.88 15.02
C THR I 366 14.71 -51.29 15.83
N GLN I 367 14.76 -49.96 15.94
CA GLN I 367 15.82 -49.35 16.74
C GLN I 367 15.73 -49.78 18.20
N ILE I 368 14.52 -49.88 18.75
CA ILE I 368 14.40 -50.36 20.13
C ILE I 368 14.80 -51.83 20.24
N LEU I 369 14.34 -52.66 19.30
CA LEU I 369 14.61 -54.09 19.38
C LEU I 369 16.10 -54.38 19.32
N GLN I 370 16.86 -53.56 18.57
CA GLN I 370 18.31 -53.76 18.51
C GLN I 370 18.95 -53.65 19.88
N GLN I 371 18.62 -52.60 20.62
CA GLN I 371 19.23 -52.40 21.93
C GLN I 371 18.82 -53.51 22.89
N ALA I 372 17.56 -53.92 22.84
CA ALA I 372 17.15 -55.04 23.68
C ALA I 372 17.98 -56.28 23.39
N GLY I 373 18.18 -56.57 22.11
CA GLY I 373 18.96 -57.74 21.75
C GLY I 373 20.40 -57.66 22.21
N THR I 374 21.03 -56.50 22.06
CA THR I 374 22.43 -56.39 22.49
C THR I 374 22.58 -56.58 23.99
N ALA I 375 21.68 -55.98 24.77
CA ALA I 375 21.76 -56.15 26.22
C ALA I 375 21.60 -57.62 26.61
N MET I 376 20.61 -58.30 26.02
CA MET I 376 20.42 -59.70 26.37
C MET I 376 21.60 -60.56 25.93
N LEU I 377 22.21 -60.23 24.79
CA LEU I 377 23.39 -60.97 24.37
C LEU I 377 24.52 -60.84 25.38
N ALA I 378 24.75 -59.62 25.89
CA ALA I 378 25.79 -59.45 26.90
C ALA I 378 25.50 -60.27 28.14
N GLN I 379 24.24 -60.27 28.59
CA GLN I 379 23.90 -61.05 29.79
C GLN I 379 24.14 -62.55 29.56
N ALA I 380 23.70 -63.06 28.41
CA ALA I 380 23.86 -64.48 28.14
C ALA I 380 25.34 -64.85 28.06
N ASN I 381 26.16 -63.98 27.48
CA ASN I 381 27.60 -64.23 27.47
C ASN I 381 28.15 -64.29 28.88
N GLN I 382 27.71 -63.38 29.76
CA GLN I 382 28.31 -63.32 31.09
C GLN I 382 27.85 -64.46 31.98
N VAL I 383 26.75 -65.13 31.63
CA VAL I 383 26.14 -66.10 32.54
C VAL I 383 27.10 -67.19 33.03
N PRO I 384 27.85 -67.90 32.16
CA PRO I 384 28.52 -69.13 32.62
C PRO I 384 29.71 -68.92 33.53
N GLN I 385 30.00 -67.68 33.94
CA GLN I 385 31.19 -67.43 34.74
C GLN I 385 31.07 -67.99 36.15
N GLY I 386 29.86 -68.29 36.61
CA GLY I 386 29.66 -68.64 38.00
C GLY I 386 30.15 -70.01 38.39
N VAL I 387 30.50 -70.84 37.39
CA VAL I 387 31.01 -72.17 37.70
C VAL I 387 32.37 -72.11 38.38
N LEU I 388 33.08 -70.99 38.24
CA LEU I 388 34.46 -70.91 38.70
C LEU I 388 34.55 -71.06 40.21
N SER I 389 33.62 -70.45 40.94
CA SER I 389 33.67 -70.50 42.40
C SER I 389 33.55 -71.92 42.93
N LEU I 390 33.04 -72.85 42.12
CA LEU I 390 32.96 -74.24 42.56
C LEU I 390 34.33 -74.86 42.74
N LEU I 391 35.30 -74.45 41.93
CA LEU I 391 36.63 -75.07 41.94
C LEU I 391 37.41 -74.64 43.18
N ALA J 2 10.70 -60.50 57.95
CA ALA J 2 11.38 -61.65 57.36
C ALA J 2 11.81 -61.36 55.94
N GLN J 3 12.96 -61.91 55.54
CA GLN J 3 13.49 -61.76 54.19
C GLN J 3 13.20 -63.03 53.41
N VAL J 4 12.51 -62.89 52.28
CA VAL J 4 12.16 -64.02 51.42
C VAL J 4 12.55 -63.64 50.00
N ILE J 5 12.70 -64.66 49.15
CA ILE J 5 13.06 -64.43 47.76
C ILE J 5 12.03 -64.94 46.77
N ASN J 6 11.17 -65.89 47.15
CA ASN J 6 10.28 -66.50 46.17
C ASN J 6 9.16 -65.56 45.75
N THR J 7 8.83 -64.57 46.59
CA THR J 7 7.77 -63.62 46.28
C THR J 7 8.22 -62.21 46.63
N ASN J 8 7.82 -61.26 45.81
CA ASN J 8 8.15 -59.87 46.01
C ASN J 8 6.84 -59.15 45.88
N THR J 9 6.15 -59.03 47.01
CA THR J 9 4.87 -58.39 47.05
C THR J 9 4.94 -56.93 46.66
N MET J 10 5.99 -56.23 47.06
CA MET J 10 6.08 -54.84 46.67
C MET J 10 6.18 -54.73 45.16
N SER J 11 6.97 -55.60 44.53
CA SER J 11 7.09 -55.60 43.10
C SER J 11 5.79 -55.92 42.45
N LEU J 12 5.05 -56.86 43.01
CA LEU J 12 3.74 -57.23 42.48
C LEU J 12 2.81 -56.04 42.50
N ASN J 13 2.83 -55.26 43.57
CA ASN J 13 1.98 -54.09 43.63
C ASN J 13 2.23 -53.04 42.56
N ALA J 14 3.44 -52.48 42.56
CA ALA J 14 3.93 -51.44 41.65
C ALA J 14 3.49 -51.71 40.22
N GLN J 15 3.50 -52.99 39.81
CA GLN J 15 3.02 -53.33 38.47
C GLN J 15 1.56 -52.94 38.30
N ARG J 16 0.73 -53.27 39.28
CA ARG J 16 -0.70 -52.97 39.16
C ARG J 16 -0.92 -51.47 39.08
N ASN J 17 -0.22 -50.70 39.91
CA ASN J 17 -0.36 -49.24 39.87
C ASN J 17 0.08 -48.68 38.53
N LEU J 18 1.18 -49.19 37.97
CA LEU J 18 1.65 -48.69 36.69
C LEU J 18 0.64 -48.95 35.58
N SER J 19 0.05 -50.16 35.56
CA SER J 19 -0.94 -50.46 34.53
C SER J 19 -2.17 -49.57 34.66
N THR J 20 -2.65 -49.38 35.90
CA THR J 20 -3.81 -48.52 36.11
C THR J 20 -3.55 -47.11 35.65
N SER J 21 -2.35 -46.57 35.96
CA SER J 21 -2.01 -45.23 35.50
C SER J 21 -1.94 -45.16 33.98
N GLY J 22 -1.39 -46.19 33.34
CA GLY J 22 -1.19 -46.13 31.90
C GLY J 22 -2.44 -46.37 31.08
N SER J 23 -3.51 -46.86 31.71
CA SER J 23 -4.72 -47.18 30.94
C SER J 23 -5.29 -45.96 30.22
N SER J 24 -5.38 -44.81 30.89
CA SER J 24 -6.18 -43.68 30.40
C SER J 24 -5.47 -42.83 29.35
N LEU J 25 -4.15 -42.93 29.25
CA LEU J 25 -3.41 -42.06 28.35
C LEU J 25 -3.77 -42.34 26.90
N ALA J 26 -4.06 -43.60 26.57
CA ALA J 26 -4.44 -43.94 25.21
C ALA J 26 -5.72 -43.24 24.80
N THR J 27 -6.74 -43.28 25.66
CA THR J 27 -8.00 -42.61 25.33
C THR J 27 -7.81 -41.11 25.24
N THR J 28 -7.00 -40.53 26.13
CA THR J 28 -6.76 -39.10 26.04
C THR J 28 -6.14 -38.73 24.70
N ILE J 29 -5.11 -39.46 24.29
CA ILE J 29 -4.45 -39.16 23.01
C ILE J 29 -5.44 -39.34 21.86
N GLN J 30 -6.26 -40.38 21.90
CA GLN J 30 -7.18 -40.63 20.80
C GLN J 30 -8.19 -39.50 20.65
N ARG J 31 -8.79 -39.08 21.76
CA ARG J 31 -9.81 -38.04 21.66
C ARG J 31 -9.19 -36.67 21.45
N LEU J 32 -7.88 -36.55 21.64
CA LEU J 32 -7.20 -35.28 21.34
C LEU J 32 -6.79 -35.21 19.88
N SER J 33 -6.43 -36.35 19.28
CA SER J 33 -6.08 -36.37 17.87
C SER J 33 -7.31 -36.30 16.97
N SER J 34 -8.37 -37.03 17.34
CA SER J 34 -9.55 -37.10 16.47
C SER J 34 -10.26 -35.76 16.38
N GLY J 35 -10.34 -35.03 17.48
CA GLY J 35 -11.10 -33.80 17.53
C GLY J 35 -12.51 -33.93 18.05
N SER J 36 -12.91 -35.11 18.52
CA SER J 36 -14.26 -35.34 19.01
C SER J 36 -14.20 -36.02 20.37
N ARG J 37 -15.26 -35.85 21.16
CA ARG J 37 -15.33 -36.47 22.48
C ARG J 37 -15.96 -37.85 22.47
N ILE J 38 -16.91 -38.11 21.58
CA ILE J 38 -17.58 -39.41 21.48
C ILE J 38 -17.06 -40.08 20.21
N ASN J 39 -16.25 -41.11 20.36
CA ASN J 39 -15.79 -41.90 19.23
C ASN J 39 -16.37 -43.30 19.22
N SER J 40 -17.04 -43.72 20.29
CA SER J 40 -17.67 -45.03 20.34
C SER J 40 -18.75 -45.00 21.41
N ALA J 41 -19.61 -46.02 21.38
CA ALA J 41 -20.70 -46.10 22.35
C ALA J 41 -20.21 -46.33 23.76
N LYS J 42 -18.95 -46.69 23.94
CA LYS J 42 -18.41 -46.92 25.28
C LYS J 42 -18.44 -45.65 26.11
N ASP J 43 -18.06 -44.51 25.52
CA ASP J 43 -17.97 -43.27 26.27
C ASP J 43 -19.35 -42.76 26.69
N ASP J 44 -20.31 -42.80 25.77
CA ASP J 44 -21.65 -42.32 26.05
C ASP J 44 -22.66 -43.22 25.34
N ALA J 45 -23.85 -43.32 25.91
CA ALA J 45 -24.89 -44.18 25.37
C ALA J 45 -26.16 -43.44 24.96
N ALA J 46 -26.35 -42.20 25.39
CA ALA J 46 -27.49 -41.40 24.97
C ALA J 46 -27.11 -40.21 24.10
N GLY J 47 -25.88 -39.72 24.21
CA GLY J 47 -25.48 -38.59 23.41
C GLY J 47 -25.31 -38.92 21.94
N LEU J 48 -24.90 -40.15 21.64
CA LEU J 48 -24.67 -40.50 20.25
C LEU J 48 -25.96 -40.50 19.46
N ALA J 49 -27.06 -41.00 20.06
CA ALA J 49 -28.34 -41.02 19.35
C ALA J 49 -28.82 -39.61 19.04
N ILE J 50 -28.71 -38.71 20.01
CA ILE J 50 -29.12 -37.33 19.77
C ILE J 50 -28.26 -36.69 18.70
N SER J 51 -26.96 -37.01 18.69
CA SER J 51 -26.09 -36.46 17.65
C SER J 51 -26.50 -36.96 16.26
N GLU J 52 -26.85 -38.24 16.13
CA GLU J 52 -27.30 -38.72 14.83
C GLU J 52 -28.59 -38.03 14.39
N ARG J 53 -29.53 -37.85 15.32
CA ARG J 53 -30.76 -37.17 14.94
C ARG J 53 -30.49 -35.74 14.48
N PHE J 54 -29.61 -35.03 15.18
CA PHE J 54 -29.26 -33.68 14.77
C PHE J 54 -28.60 -33.68 13.40
N GLY J 55 -27.73 -34.64 13.14
CA GLY J 55 -27.11 -34.74 11.83
C GLY J 55 -28.13 -34.93 10.73
N THR J 56 -29.10 -35.83 10.95
CA THR J 56 -30.15 -36.03 9.96
C THR J 56 -30.91 -34.75 9.72
N GLN J 57 -31.21 -34.00 10.79
CA GLN J 57 -31.97 -32.77 10.62
C GLN J 57 -31.21 -31.74 9.78
N ILE J 58 -29.91 -31.57 10.05
CA ILE J 58 -29.14 -30.58 9.29
C ILE J 58 -29.04 -30.97 7.82
N ARG J 59 -28.74 -32.25 7.56
CA ARG J 59 -28.60 -32.70 6.19
C ARG J 59 -29.92 -32.60 5.43
N GLY J 60 -31.05 -32.80 6.10
CA GLY J 60 -32.32 -32.54 5.44
C GLY J 60 -32.55 -31.07 5.14
N THR J 61 -32.14 -30.20 6.07
CA THR J 61 -32.39 -28.77 5.90
C THR J 61 -31.70 -28.22 4.66
N ASP J 62 -30.49 -28.69 4.38
CA ASP J 62 -29.78 -28.16 3.20
C ASP J 62 -30.56 -28.42 1.91
N VAL J 63 -30.94 -29.68 1.66
CA VAL J 63 -31.64 -29.98 0.43
C VAL J 63 -33.01 -29.32 0.42
N ALA J 64 -33.61 -29.08 1.60
CA ALA J 64 -34.85 -28.32 1.63
C ALA J 64 -34.67 -26.92 1.07
N ILE J 65 -33.57 -26.26 1.46
CA ILE J 65 -33.28 -24.93 0.91
C ILE J 65 -33.18 -24.99 -0.60
N ARG J 66 -32.50 -26.01 -1.11
CA ARG J 66 -32.36 -26.14 -2.57
C ARG J 66 -33.73 -26.25 -3.24
N ASN J 67 -34.62 -27.09 -2.71
CA ASN J 67 -35.93 -27.27 -3.33
C ASN J 67 -36.73 -25.97 -3.35
N ALA J 68 -36.67 -25.20 -2.25
CA ALA J 68 -37.38 -23.93 -2.23
C ALA J 68 -36.88 -22.98 -3.32
N ASN J 69 -35.56 -22.93 -3.50
CA ASN J 69 -35.04 -22.05 -4.55
C ASN J 69 -35.55 -22.46 -5.94
N ASP J 70 -35.62 -23.78 -6.19
CA ASP J 70 -36.15 -24.22 -7.49
C ASP J 70 -37.59 -23.75 -7.69
N GLY J 71 -38.41 -23.82 -6.64
CA GLY J 71 -39.77 -23.31 -6.76
C GLY J 71 -39.80 -21.83 -7.15
N ILE J 72 -38.93 -21.03 -6.53
CA ILE J 72 -38.85 -19.61 -6.87
C ILE J 72 -38.59 -19.44 -8.36
N SER J 73 -37.63 -20.20 -8.88
CA SER J 73 -37.26 -20.05 -10.29
C SER J 73 -38.44 -20.35 -11.21
N LEU J 74 -39.19 -21.41 -10.90
CA LEU J 74 -40.36 -21.75 -11.73
C LEU J 74 -41.34 -20.60 -11.80
N ALA J 75 -41.64 -20.00 -10.64
CA ALA J 75 -42.58 -18.88 -10.64
C ALA J 75 -42.08 -17.73 -11.50
N GLN J 76 -40.77 -17.46 -11.43
CA GLN J 76 -40.21 -16.36 -12.20
C GLN J 76 -40.42 -16.57 -13.69
N VAL J 77 -40.16 -17.79 -14.18
CA VAL J 77 -40.32 -18.06 -15.60
C VAL J 77 -41.76 -17.82 -16.05
N ALA J 78 -42.72 -18.34 -15.28
CA ALA J 78 -44.12 -18.22 -15.71
C ALA J 78 -44.54 -16.76 -15.80
N GLU J 79 -44.18 -15.95 -14.80
CA GLU J 79 -44.56 -14.55 -14.85
C GLU J 79 -43.91 -13.84 -16.04
N GLY J 80 -42.66 -14.19 -16.33
CA GLY J 80 -41.98 -13.59 -17.46
C GLY J 80 -42.72 -13.78 -18.76
N SER J 81 -43.31 -14.97 -18.97
CA SER J 81 -44.07 -15.17 -20.20
C SER J 81 -45.40 -14.40 -20.19
N LEU J 82 -46.10 -14.42 -19.06
CA LEU J 82 -47.39 -13.74 -19.00
C LEU J 82 -47.28 -12.25 -19.33
N THR J 83 -46.13 -11.64 -18.98
CA THR J 83 -45.93 -10.23 -19.30
C THR J 83 -46.09 -9.94 -20.80
N GLU J 84 -45.40 -10.73 -21.62
CA GLU J 84 -45.47 -10.50 -23.07
C GLU J 84 -46.85 -10.76 -23.60
N ILE J 85 -47.53 -11.78 -23.06
CA ILE J 85 -48.93 -11.99 -23.47
C ILE J 85 -49.73 -10.71 -23.29
N GLY J 86 -49.59 -10.09 -22.11
CA GLY J 86 -50.34 -8.87 -21.83
C GLY J 86 -49.99 -7.73 -22.77
N ASN J 87 -48.70 -7.56 -23.08
CA ASN J 87 -48.30 -6.48 -23.97
C ASN J 87 -48.96 -6.62 -25.34
N ASN J 88 -48.96 -7.83 -25.88
CA ASN J 88 -49.59 -8.04 -27.18
C ASN J 88 -51.08 -7.72 -27.14
N LEU J 89 -51.75 -8.14 -26.07
CA LEU J 89 -53.18 -7.85 -25.98
C LEU J 89 -53.43 -6.35 -25.94
N GLN J 90 -52.59 -5.61 -25.21
CA GLN J 90 -52.75 -4.16 -25.16
C GLN J 90 -52.65 -3.55 -26.54
N ARG J 91 -51.68 -4.01 -27.33
CA ARG J 91 -51.53 -3.48 -28.69
C ARG J 91 -52.77 -3.77 -29.52
N VAL J 92 -53.31 -4.98 -29.43
CA VAL J 92 -54.48 -5.32 -30.23
C VAL J 92 -55.66 -4.42 -29.88
N ARG J 93 -55.86 -4.17 -28.57
CA ARG J 93 -56.97 -3.32 -28.17
C ARG J 93 -56.82 -1.90 -28.69
N GLU J 94 -55.60 -1.35 -28.59
CA GLU J 94 -55.36 -0.01 -29.12
C GLU J 94 -55.64 0.04 -30.61
N LEU J 95 -55.31 -1.05 -31.32
CA LEU J 95 -55.59 -1.11 -32.75
C LEU J 95 -57.09 -1.17 -33.02
N SER J 96 -57.84 -1.88 -32.18
CA SER J 96 -59.27 -2.09 -32.42
C SER J 96 -60.13 -0.91 -32.00
N VAL J 97 -59.62 0.00 -31.17
CA VAL J 97 -60.41 1.19 -30.84
C VAL J 97 -60.66 2.00 -32.10
N GLN J 98 -59.65 2.13 -32.94
CA GLN J 98 -59.79 2.65 -34.29
C GLN J 98 -60.55 1.60 -35.11
N ALA J 99 -60.77 1.89 -36.39
CA ALA J 99 -61.53 1.06 -37.32
C ALA J 99 -63.01 1.00 -36.96
N SER J 100 -63.43 1.63 -35.88
CA SER J 100 -64.85 1.81 -35.59
C SER J 100 -65.33 3.20 -35.95
N ASN J 101 -64.50 3.97 -36.65
CA ASN J 101 -64.83 5.33 -37.05
C ASN J 101 -65.77 5.28 -38.26
N ALA J 102 -66.07 6.43 -38.84
CA ALA J 102 -66.96 6.51 -39.98
C ALA J 102 -66.29 6.95 -41.27
N THR J 103 -65.04 7.42 -41.20
CA THR J 103 -64.34 7.89 -42.39
C THR J 103 -63.57 6.78 -43.11
N ASN J 104 -63.50 5.60 -42.53
CA ASN J 104 -62.72 4.53 -43.13
C ASN J 104 -63.48 3.88 -44.28
N SER J 105 -62.75 3.12 -45.09
CA SER J 105 -63.32 2.33 -46.16
C SER J 105 -63.00 0.85 -45.90
N ALA J 106 -63.52 -0.02 -46.77
CA ALA J 106 -63.35 -1.44 -46.54
C ALA J 106 -61.88 -1.85 -46.57
N SER J 107 -61.11 -1.28 -47.49
CA SER J 107 -59.71 -1.67 -47.64
C SER J 107 -58.91 -1.40 -46.38
N ASP J 108 -59.16 -0.26 -45.73
CA ASP J 108 -58.43 0.05 -44.51
C ASP J 108 -58.77 -0.92 -43.39
N ARG J 109 -60.03 -1.32 -43.29
CA ARG J 109 -60.41 -2.33 -42.32
C ARG J 109 -59.69 -3.64 -42.59
N LYS J 110 -59.56 -4.03 -43.86
CA LYS J 110 -58.78 -5.22 -44.19
C LYS J 110 -57.33 -5.07 -43.75
N ALA J 111 -56.76 -3.89 -43.98
CA ALA J 111 -55.37 -3.64 -43.61
C ALA J 111 -55.17 -3.81 -42.11
N LEU J 112 -56.10 -3.30 -41.30
CA LEU J 112 -55.97 -3.46 -39.86
C LEU J 112 -56.19 -4.92 -39.43
N GLN J 113 -57.14 -5.59 -40.07
CA GLN J 113 -57.41 -6.99 -39.73
C GLN J 113 -56.21 -7.88 -39.96
N ALA J 114 -55.39 -7.57 -40.96
CA ALA J 114 -54.19 -8.37 -41.20
C ALA J 114 -53.27 -8.41 -39.98
N GLU J 115 -52.94 -7.23 -39.45
CA GLU J 115 -52.07 -7.19 -38.28
C GLU J 115 -52.74 -7.80 -37.06
N VAL J 116 -54.07 -7.65 -36.95
CA VAL J 116 -54.76 -8.29 -35.83
C VAL J 116 -54.57 -9.81 -35.88
N THR J 117 -54.71 -10.38 -37.08
CA THR J 117 -54.51 -11.83 -37.23
C THR J 117 -53.10 -12.24 -36.84
N GLN J 118 -52.10 -11.47 -37.27
CA GLN J 118 -50.73 -11.81 -36.92
C GLN J 118 -50.53 -11.82 -35.40
N LEU J 119 -51.05 -10.80 -34.71
CA LEU J 119 -50.84 -10.72 -33.27
C LEU J 119 -51.55 -11.85 -32.54
N VAL J 120 -52.76 -12.21 -32.98
CA VAL J 120 -53.46 -13.33 -32.34
C VAL J 120 -52.67 -14.62 -32.50
N SER J 121 -52.11 -14.87 -33.69
CA SER J 121 -51.30 -16.06 -33.88
C SER J 121 -50.08 -16.05 -32.96
N GLU J 122 -49.46 -14.90 -32.79
CA GLU J 122 -48.30 -14.81 -31.89
C GLU J 122 -48.68 -15.17 -30.46
N ILE J 123 -49.83 -14.66 -30.01
CA ILE J 123 -50.29 -14.96 -28.65
C ILE J 123 -50.46 -16.46 -28.48
N ASP J 124 -51.12 -17.09 -29.45
CA ASP J 124 -51.36 -18.54 -29.36
C ASP J 124 -50.05 -19.31 -29.31
N ARG J 125 -49.09 -18.95 -30.16
CA ARG J 125 -47.84 -19.70 -30.22
C ARG J 125 -47.09 -19.62 -28.89
N VAL J 126 -46.91 -18.41 -28.37
CA VAL J 126 -46.15 -18.30 -27.12
C VAL J 126 -46.92 -18.93 -25.97
N ALA J 127 -48.25 -18.96 -26.03
CA ALA J 127 -49.00 -19.64 -24.98
C ALA J 127 -48.78 -21.14 -25.01
N LYS J 128 -48.75 -21.73 -26.19
CA LYS J 128 -48.68 -23.18 -26.32
C LYS J 128 -47.27 -23.73 -26.32
N GLN J 129 -46.24 -22.90 -26.36
CA GLN J 129 -44.87 -23.41 -26.48
C GLN J 129 -43.97 -22.91 -25.36
N SER J 130 -44.48 -22.90 -24.13
CA SER J 130 -43.73 -22.36 -23.00
C SER J 130 -43.65 -23.41 -21.89
N ASP J 131 -42.45 -23.68 -21.41
CA ASP J 131 -42.27 -24.72 -20.41
C ASP J 131 -40.99 -24.51 -19.62
N PHE J 132 -40.84 -25.32 -18.57
CA PHE J 132 -39.70 -25.28 -17.67
C PHE J 132 -39.29 -26.73 -17.38
N ASN J 133 -38.14 -27.13 -17.92
CA ASN J 133 -37.59 -28.47 -17.71
C ASN J 133 -38.56 -29.55 -18.16
N GLY J 134 -39.24 -29.31 -19.28
CA GLY J 134 -40.13 -30.29 -19.86
C GLY J 134 -41.54 -30.32 -19.33
N THR J 135 -41.94 -29.34 -18.51
CA THR J 135 -43.29 -29.27 -17.96
C THR J 135 -44.00 -28.06 -18.54
N LYS J 136 -45.01 -28.30 -19.37
CA LYS J 136 -45.76 -27.21 -19.96
C LYS J 136 -46.60 -26.50 -18.92
N LEU J 137 -46.54 -25.17 -18.90
CA LEU J 137 -47.21 -24.38 -17.87
C LEU J 137 -48.54 -23.81 -18.32
N LEU J 138 -48.57 -23.07 -19.42
CA LEU J 138 -49.76 -22.31 -19.81
C LEU J 138 -50.56 -23.02 -20.89
N ASP J 139 -51.15 -24.16 -20.54
CA ASP J 139 -52.13 -24.77 -21.45
C ASP J 139 -53.25 -25.47 -20.71
N GLY J 140 -53.43 -25.25 -19.41
CA GLY J 140 -54.50 -25.87 -18.68
C GLY J 140 -54.24 -27.26 -18.17
N THR J 141 -53.00 -27.76 -18.25
CA THR J 141 -52.66 -29.07 -17.76
C THR J 141 -51.69 -29.04 -16.58
N PHE J 142 -51.58 -27.90 -15.89
CA PHE J 142 -50.71 -27.82 -14.72
C PHE J 142 -51.53 -28.21 -13.50
N SER J 143 -51.42 -29.48 -13.11
CA SER J 143 -52.19 -30.01 -12.00
C SER J 143 -51.53 -29.61 -10.68
N SER J 144 -51.95 -30.23 -9.59
CA SER J 144 -51.38 -29.93 -8.29
C SER J 144 -49.96 -30.49 -8.19
N GLN J 145 -49.02 -29.65 -7.77
CA GLN J 145 -47.62 -30.02 -7.63
C GLN J 145 -47.16 -29.76 -6.21
N LEU J 146 -46.36 -30.68 -5.67
CA LEU J 146 -45.91 -30.61 -4.28
C LEU J 146 -44.42 -30.36 -4.20
N PHE J 147 -44.04 -29.43 -3.34
CA PHE J 147 -42.64 -29.06 -3.09
C PHE J 147 -42.28 -29.45 -1.67
N GLN J 148 -41.17 -30.15 -1.52
CA GLN J 148 -40.73 -30.63 -0.21
C GLN J 148 -39.86 -29.56 0.45
N VAL J 149 -40.30 -29.08 1.61
CA VAL J 149 -39.58 -28.01 2.31
C VAL J 149 -39.30 -28.39 3.74
N GLY J 150 -39.15 -29.69 4.01
CA GLY J 150 -38.86 -30.14 5.35
C GLY J 150 -38.10 -31.45 5.32
N ALA J 151 -37.55 -31.82 6.47
CA ALA J 151 -36.71 -32.99 6.58
C ALA J 151 -37.48 -34.25 6.94
N ASN J 152 -38.80 -34.19 7.01
CA ASN J 152 -39.61 -35.31 7.46
C ASN J 152 -40.74 -35.58 6.47
N ALA J 153 -41.23 -36.81 6.47
CA ALA J 153 -42.28 -37.19 5.54
C ALA J 153 -43.58 -36.48 5.87
N GLY J 154 -44.21 -35.91 4.84
CA GLY J 154 -45.47 -35.23 5.00
C GLY J 154 -45.41 -33.72 5.17
N GLN J 155 -44.24 -33.12 5.03
CA GLN J 155 -44.09 -31.67 5.14
C GLN J 155 -43.86 -31.10 3.76
N ALA J 156 -44.94 -30.63 3.13
CA ALA J 156 -44.84 -30.10 1.78
C ALA J 156 -45.98 -29.11 1.55
N ILE J 157 -45.76 -28.17 0.63
CA ILE J 157 -46.77 -27.22 0.22
C ILE J 157 -47.07 -27.45 -1.25
N ALA J 158 -48.14 -26.84 -1.73
CA ALA J 158 -48.66 -27.15 -3.05
C ALA J 158 -48.99 -25.88 -3.84
N ILE J 159 -48.95 -26.02 -5.16
CA ILE J 159 -49.43 -25.01 -6.09
C ILE J 159 -50.60 -25.61 -6.84
N ASP J 160 -51.74 -24.92 -6.84
CA ASP J 160 -52.96 -25.51 -7.37
C ASP J 160 -53.01 -25.45 -8.89
N LYS J 161 -52.98 -24.24 -9.45
CA LYS J 161 -53.11 -24.07 -10.89
C LYS J 161 -52.73 -22.65 -11.28
N THR J 162 -52.26 -22.46 -12.51
CA THR J 162 -51.96 -21.11 -12.98
C THR J 162 -53.04 -20.51 -13.86
N ILE J 163 -53.20 -21.02 -15.08
CA ILE J 163 -54.06 -20.37 -16.09
C ILE J 163 -54.16 -21.31 -17.28
N ASP J 164 -55.24 -21.17 -18.06
CA ASP J 164 -55.33 -21.77 -19.38
C ASP J 164 -55.38 -20.63 -20.39
N ALA J 165 -54.27 -20.38 -21.08
CA ALA J 165 -54.09 -19.18 -21.89
C ALA J 165 -54.07 -19.45 -23.38
N LYS J 166 -54.66 -20.55 -23.83
CA LYS J 166 -54.79 -20.78 -25.26
C LYS J 166 -55.80 -19.80 -25.86
N ALA J 167 -55.54 -19.40 -27.10
CA ALA J 167 -56.37 -18.37 -27.73
C ALA J 167 -57.80 -18.84 -27.97
N GLY J 168 -58.04 -20.13 -27.95
CA GLY J 168 -59.40 -20.64 -28.10
C GLY J 168 -60.23 -20.64 -26.84
N SER J 169 -59.67 -20.24 -25.70
CA SER J 169 -60.40 -20.22 -24.44
C SER J 169 -59.98 -19.04 -23.59
N LEU J 170 -59.90 -17.85 -24.17
CA LEU J 170 -59.56 -16.64 -23.45
C LEU J 170 -60.66 -15.61 -23.64
N GLY J 171 -61.12 -15.02 -22.55
CA GLY J 171 -62.08 -13.94 -22.61
C GLY J 171 -63.43 -14.29 -23.21
N THR J 172 -64.01 -15.42 -22.79
CA THR J 172 -65.30 -15.84 -23.32
C THR J 172 -66.40 -14.86 -22.92
N SER J 173 -67.35 -14.63 -23.84
CA SER J 173 -68.40 -13.66 -23.61
C SER J 173 -69.63 -14.04 -24.43
N THR J 174 -70.75 -13.38 -24.14
CA THR J 174 -71.98 -13.57 -24.87
C THR J 174 -72.63 -12.22 -25.14
N PHE J 175 -73.33 -12.12 -26.26
CA PHE J 175 -74.07 -10.91 -26.63
C PHE J 175 -75.46 -11.30 -27.09
N ALA J 176 -76.47 -10.58 -26.61
CA ALA J 176 -77.85 -10.87 -26.98
C ALA J 176 -78.18 -10.24 -28.32
N THR J 177 -78.76 -11.05 -29.21
CA THR J 177 -79.04 -10.63 -30.58
C THR J 177 -80.14 -11.51 -31.13
N GLY J 178 -80.82 -11.02 -32.16
CA GLY J 178 -81.86 -11.78 -32.82
C GLY J 178 -83.15 -10.99 -32.95
N ALA J 179 -83.04 -9.68 -32.84
CA ALA J 179 -84.20 -8.82 -32.85
C ALA J 179 -84.84 -8.78 -34.24
N THR J 180 -86.17 -8.67 -34.24
CA THR J 180 -86.93 -8.43 -35.46
C THR J 180 -88.02 -7.42 -35.14
N ALA J 181 -88.60 -6.87 -36.20
CA ALA J 181 -89.68 -5.90 -36.06
C ALA J 181 -90.94 -6.29 -36.80
N ALA J 182 -90.81 -6.91 -37.97
CA ALA J 182 -91.95 -7.29 -38.80
C ALA J 182 -92.81 -6.08 -39.14
N LEU J 183 -92.17 -5.00 -39.57
CA LEU J 183 -92.86 -3.77 -39.94
C LEU J 183 -92.99 -3.68 -41.45
N ALA J 184 -94.22 -3.49 -41.94
CA ALA J 184 -94.46 -3.40 -43.37
C ALA J 184 -95.50 -2.34 -43.70
N ALA J 185 -95.57 -1.28 -42.90
CA ALA J 185 -96.55 -0.23 -43.14
C ALA J 185 -96.22 0.54 -44.41
N SER J 186 -97.25 1.12 -45.02
CA SER J 186 -97.10 1.83 -46.28
C SER J 186 -98.16 2.93 -46.32
N THR J 187 -98.41 3.44 -47.54
CA THR J 187 -99.43 4.46 -47.81
C THR J 187 -99.04 5.75 -47.10
N ASP J 188 -99.93 6.35 -46.32
CA ASP J 188 -99.70 7.68 -45.81
C ASP J 188 -98.72 7.66 -44.63
N GLY J 189 -98.21 8.84 -44.29
CA GLY J 189 -97.21 8.97 -43.27
C GLY J 189 -97.76 8.75 -41.87
N ALA J 190 -96.84 8.61 -40.92
CA ALA J 190 -97.20 8.34 -39.54
C ALA J 190 -96.09 8.83 -38.62
N ARG J 191 -96.42 8.92 -37.34
CA ARG J 191 -95.46 9.29 -36.31
C ARG J 191 -95.25 8.10 -35.39
N PHE J 192 -93.99 7.80 -35.10
CA PHE J 192 -93.63 6.66 -34.27
C PHE J 192 -93.05 7.15 -32.95
N SER J 193 -93.49 6.53 -31.86
CA SER J 193 -93.00 6.86 -30.53
C SER J 193 -92.64 5.56 -29.83
N GLY J 194 -92.31 5.64 -28.55
CA GLY J 194 -92.05 4.46 -27.74
C GLY J 194 -90.69 4.52 -27.06
N THR J 195 -90.51 3.56 -26.16
CA THR J 195 -89.32 3.49 -25.31
C THR J 195 -88.58 2.19 -25.59
N VAL J 196 -87.25 2.25 -25.53
CA VAL J 196 -86.40 1.08 -25.66
C VAL J 196 -85.54 1.00 -24.41
N MET J 197 -85.67 -0.10 -23.66
CA MET J 197 -84.87 -0.33 -22.46
C MET J 197 -84.99 0.83 -21.48
N GLY J 198 -86.18 1.38 -21.36
CA GLY J 198 -86.43 2.46 -20.42
C GLY J 198 -85.89 3.82 -20.80
N VAL J 199 -85.66 4.05 -22.09
CA VAL J 199 -85.17 5.34 -22.58
C VAL J 199 -86.08 5.81 -23.71
N ASP J 200 -86.56 7.03 -23.61
CA ASP J 200 -87.38 7.59 -24.68
C ASP J 200 -86.51 7.95 -25.89
N ILE J 201 -87.09 7.83 -27.07
CA ILE J 201 -86.36 8.05 -28.31
C ILE J 201 -87.00 9.14 -29.17
N GLY J 202 -87.83 9.99 -28.57
CA GLY J 202 -88.40 11.07 -29.36
C GLY J 202 -89.46 10.58 -30.34
N THR J 203 -89.64 11.38 -31.40
CA THR J 203 -90.65 11.09 -32.41
C THR J 203 -90.06 11.30 -33.80
N VAL J 204 -90.65 10.62 -34.78
CA VAL J 204 -90.24 10.71 -36.17
C VAL J 204 -91.46 10.97 -37.04
N GLU J 205 -91.19 11.31 -38.30
CA GLU J 205 -92.24 11.67 -39.24
C GLU J 205 -91.82 11.28 -40.65
N VAL J 206 -92.76 10.71 -41.41
CA VAL J 206 -92.51 10.28 -42.77
C VAL J 206 -93.54 10.91 -43.70
N LYS J 207 -93.18 11.01 -44.97
CA LYS J 207 -93.99 11.72 -45.95
C LYS J 207 -95.25 10.92 -46.30
N ALA J 208 -96.14 11.58 -47.02
CA ALA J 208 -97.39 10.93 -47.43
C ALA J 208 -97.14 9.77 -48.37
N GLY J 209 -96.17 9.91 -49.28
CA GLY J 209 -95.81 8.83 -50.16
C GLY J 209 -94.76 7.92 -49.55
N ALA J 210 -95.06 7.34 -48.38
CA ALA J 210 -94.09 6.55 -47.66
C ALA J 210 -94.08 5.11 -48.17
N THR J 211 -93.00 4.40 -47.81
CA THR J 211 -92.84 2.99 -48.13
C THR J 211 -92.15 2.33 -46.95
N THR J 212 -92.07 0.99 -47.00
CA THR J 212 -91.43 0.27 -45.90
C THR J 212 -89.97 0.68 -45.75
N ALA J 213 -89.25 0.82 -46.86
CA ALA J 213 -87.88 1.29 -46.79
C ALA J 213 -87.79 2.71 -46.25
N ASP J 214 -88.80 3.54 -46.52
CA ASP J 214 -88.78 4.91 -46.04
C ASP J 214 -88.87 4.96 -44.52
N ALA J 215 -89.74 4.14 -43.93
CA ALA J 215 -89.91 4.15 -42.48
C ALA J 215 -88.79 3.38 -41.76
N SER J 216 -88.26 2.33 -42.39
CA SER J 216 -87.24 1.53 -41.74
C SER J 216 -86.02 2.37 -41.39
N LYS J 217 -85.54 3.16 -42.34
CA LYS J 217 -84.33 3.96 -42.11
C LYS J 217 -84.59 5.05 -41.08
N ALA J 218 -85.78 5.66 -41.10
CA ALA J 218 -86.10 6.69 -40.12
C ALA J 218 -86.07 6.12 -38.71
N VAL J 219 -86.71 4.96 -38.51
CA VAL J 219 -86.73 4.36 -37.19
C VAL J 219 -85.32 3.93 -36.78
N ALA J 220 -84.53 3.41 -37.72
CA ALA J 220 -83.18 3.00 -37.39
C ALA J 220 -82.34 4.19 -36.94
N THR J 221 -82.48 5.33 -37.63
CA THR J 221 -81.76 6.53 -37.21
C THR J 221 -82.20 6.97 -35.81
N ALA J 222 -83.51 6.96 -35.56
CA ALA J 222 -83.99 7.38 -34.24
C ALA J 222 -83.43 6.50 -33.15
N ILE J 223 -83.39 5.19 -33.38
CA ILE J 223 -82.84 4.27 -32.37
C ILE J 223 -81.35 4.50 -32.18
N ASN J 224 -80.60 4.63 -33.29
CA ASN J 224 -79.16 4.78 -33.20
C ASN J 224 -78.74 6.10 -32.59
N ALA J 225 -79.63 7.09 -32.54
CA ALA J 225 -79.25 8.39 -32.01
C ALA J 225 -78.83 8.33 -30.55
N LYS J 226 -79.24 7.31 -29.80
CA LYS J 226 -79.02 7.26 -28.35
C LYS J 226 -78.29 6.00 -27.95
N ILE J 227 -77.25 5.63 -28.69
CA ILE J 227 -76.49 4.43 -28.37
C ILE J 227 -75.67 4.60 -27.10
N GLY J 228 -75.45 5.84 -26.67
CA GLY J 228 -74.68 6.07 -25.46
C GLY J 228 -75.39 5.66 -24.19
N GLU J 229 -76.71 5.51 -24.23
CA GLU J 229 -77.48 5.12 -23.07
C GLU J 229 -78.15 3.76 -23.19
N ALA J 230 -78.84 3.50 -24.30
CA ALA J 230 -79.50 2.21 -24.46
C ALA J 230 -78.49 1.10 -24.72
N GLY J 231 -77.43 1.39 -25.45
CA GLY J 231 -76.48 0.37 -25.84
C GLY J 231 -76.99 -0.63 -26.84
N ILE J 232 -77.73 -0.18 -27.85
CA ILE J 232 -78.29 -1.05 -28.86
C ILE J 232 -78.00 -0.47 -30.24
N TYR J 233 -77.50 -1.32 -31.15
CA TYR J 233 -77.16 -0.95 -32.50
C TYR J 233 -78.21 -1.49 -33.46
N ALA J 234 -78.77 -0.61 -34.29
CA ALA J 234 -79.90 -0.96 -35.15
C ALA J 234 -79.49 -0.91 -36.61
N GLU J 235 -79.91 -1.92 -37.38
CA GLU J 235 -79.62 -2.02 -38.80
C GLU J 235 -80.92 -2.13 -39.58
N ALA J 236 -80.99 -1.40 -40.70
CA ALA J 236 -82.19 -1.39 -41.53
C ALA J 236 -82.23 -2.63 -42.43
N ASN J 237 -83.44 -2.95 -42.89
CA ASN J 237 -83.65 -4.08 -43.77
C ASN J 237 -84.53 -3.66 -44.94
N SER J 238 -84.33 -4.30 -46.09
CA SER J 238 -85.04 -3.91 -47.30
C SER J 238 -86.54 -4.15 -47.18
N ASP J 239 -86.94 -5.30 -46.63
CA ASP J 239 -88.35 -5.65 -46.58
C ASP J 239 -89.13 -4.73 -45.65
N GLY J 240 -88.50 -4.18 -44.62
CA GLY J 240 -89.19 -3.31 -43.70
C GLY J 240 -88.96 -3.68 -42.25
N THR J 241 -88.24 -4.77 -42.00
CA THR J 241 -87.94 -5.19 -40.64
C THR J 241 -86.68 -4.50 -40.14
N LEU J 242 -86.34 -4.75 -38.88
CA LEU J 242 -85.15 -4.19 -38.26
C LEU J 242 -84.46 -5.28 -37.45
N LYS J 243 -83.14 -5.11 -37.29
CA LYS J 243 -82.34 -6.05 -36.51
C LYS J 243 -81.56 -5.25 -35.48
N LEU J 244 -81.72 -5.61 -34.20
CA LEU J 244 -81.07 -4.92 -33.10
C LEU J 244 -80.07 -5.87 -32.44
N SER J 245 -78.89 -5.34 -32.14
CA SER J 245 -77.84 -6.12 -31.49
C SER J 245 -77.28 -5.32 -30.33
N SER J 246 -76.82 -6.04 -29.31
CA SER J 246 -76.29 -5.43 -28.10
C SER J 246 -74.77 -5.38 -28.19
N VAL J 247 -74.19 -4.23 -27.84
CA VAL J 247 -72.74 -4.07 -27.79
C VAL J 247 -72.23 -4.06 -26.36
N LYS J 248 -73.04 -4.53 -25.40
CA LYS J 248 -72.64 -4.62 -24.01
C LYS J 248 -72.67 -6.06 -23.56
N GLU J 249 -71.63 -6.47 -22.84
CA GLU J 249 -71.44 -7.88 -22.51
C GLU J 249 -72.44 -8.34 -21.46
N GLY J 250 -72.98 -9.54 -21.67
CA GLY J 250 -73.79 -10.20 -20.65
C GLY J 250 -75.04 -9.46 -20.24
N LYS J 251 -75.69 -8.78 -21.18
CA LYS J 251 -76.91 -8.04 -20.92
C LYS J 251 -78.09 -8.77 -21.55
N ALA J 252 -79.18 -8.84 -20.80
CA ALA J 252 -80.37 -9.59 -21.22
C ALA J 252 -81.42 -8.61 -21.71
N VAL J 253 -81.91 -8.83 -22.94
CA VAL J 253 -82.98 -8.05 -23.52
C VAL J 253 -84.15 -8.99 -23.79
N ALA J 254 -85.31 -8.67 -23.22
CA ALA J 254 -86.48 -9.53 -23.29
C ALA J 254 -87.52 -8.93 -24.24
N THR J 255 -88.65 -9.62 -24.36
CA THR J 255 -89.70 -9.18 -25.27
C THR J 255 -90.33 -7.87 -24.81
N ALA J 256 -90.52 -7.72 -23.50
CA ALA J 256 -91.15 -6.50 -22.96
C ALA J 256 -90.18 -5.32 -22.88
N ASP J 257 -88.90 -5.54 -23.13
CA ASP J 257 -87.92 -4.45 -23.07
C ASP J 257 -88.14 -3.45 -24.20
N ILE J 258 -88.84 -3.82 -25.25
CA ILE J 258 -89.08 -2.97 -26.40
C ILE J 258 -90.58 -2.72 -26.48
N ALA J 259 -90.97 -1.46 -26.48
CA ALA J 259 -92.39 -1.08 -26.56
C ALA J 259 -92.50 0.08 -27.55
N LEU J 260 -92.79 -0.25 -28.81
CA LEU J 260 -92.95 0.76 -29.84
C LEU J 260 -94.44 0.99 -30.07
N MET J 261 -94.91 2.19 -29.74
CA MET J 261 -96.33 2.52 -29.84
C MET J 261 -96.55 3.31 -31.13
N ARG J 262 -96.60 2.56 -32.24
CA ARG J 262 -96.91 3.16 -33.53
C ARG J 262 -98.32 3.73 -33.50
N SER J 263 -98.45 4.96 -34.00
CA SER J 263 -99.73 5.66 -33.97
C SER J 263 -99.79 6.63 -35.13
N ASP J 264 -100.87 7.41 -35.17
CA ASP J 264 -101.08 8.46 -36.16
C ASP J 264 -101.00 7.89 -37.58
N TYR J 265 -101.89 6.94 -37.86
CA TYR J 265 -101.85 6.24 -39.13
C TYR J 265 -102.07 7.18 -40.31
N ASP J 266 -103.02 8.10 -40.18
CA ASP J 266 -103.38 9.01 -41.25
C ASP J 266 -103.38 10.43 -40.73
N ALA J 267 -103.46 11.39 -41.67
CA ALA J 267 -103.41 12.81 -41.33
C ALA J 267 -104.53 13.62 -41.98
N THR J 268 -105.47 12.98 -42.67
CA THR J 268 -106.59 13.67 -43.30
C THR J 268 -107.73 13.72 -42.28
N ALA J 269 -107.88 14.87 -41.63
CA ALA J 269 -108.81 15.01 -40.50
C ALA J 269 -108.55 13.92 -39.47
N LYS J 270 -107.28 13.68 -39.20
CA LYS J 270 -106.82 12.52 -38.44
C LYS J 270 -105.54 12.92 -37.71
N THR J 271 -104.72 11.93 -37.36
CA THR J 271 -103.48 12.00 -36.56
C THR J 271 -103.83 11.97 -35.07
N TRP J 272 -105.11 11.87 -34.73
CA TRP J 272 -105.52 11.63 -33.36
C TRP J 272 -105.89 10.15 -33.19
N GLY J 273 -105.31 9.52 -32.17
CA GLY J 273 -105.49 8.10 -31.93
C GLY J 273 -104.13 7.43 -31.83
N THR J 274 -104.07 6.40 -31.00
CA THR J 274 -102.80 5.71 -30.74
C THR J 274 -103.00 4.21 -30.75
N ALA J 275 -101.90 3.50 -30.98
CA ALA J 275 -101.87 2.04 -30.98
C ALA J 275 -100.44 1.60 -30.70
N ALA J 276 -100.17 0.31 -30.90
CA ALA J 276 -98.82 -0.22 -30.71
C ALA J 276 -98.21 -0.71 -32.02
N ALA J 277 -98.82 -1.69 -32.67
CA ALA J 277 -98.36 -2.22 -33.95
C ALA J 277 -96.87 -2.54 -33.95
N ALA J 278 -96.27 -2.58 -35.14
CA ALA J 278 -94.84 -2.71 -35.33
C ALA J 278 -94.25 -3.95 -34.68
N GLY J 279 -95.08 -4.97 -34.41
CA GLY J 279 -94.61 -6.16 -33.75
C GLY J 279 -94.11 -5.88 -32.34
N ALA J 280 -93.63 -6.90 -31.64
CA ALA J 280 -93.05 -6.68 -30.32
C ALA J 280 -91.56 -7.02 -30.28
N TYR J 281 -91.20 -8.27 -30.59
CA TYR J 281 -89.84 -8.79 -30.44
C TYR J 281 -89.87 -10.25 -30.85
N THR J 282 -88.67 -10.85 -30.90
CA THR J 282 -88.53 -12.29 -31.07
C THR J 282 -87.49 -12.78 -30.06
N ALA J 283 -87.14 -14.07 -30.11
CA ALA J 283 -86.25 -14.68 -29.12
C ALA J 283 -85.03 -15.25 -29.82
N GLY J 284 -84.34 -14.42 -30.58
CA GLY J 284 -83.12 -14.87 -31.24
C GLY J 284 -82.09 -15.33 -30.22
N THR J 285 -81.37 -16.40 -30.57
CA THR J 285 -80.38 -16.95 -29.68
C THR J 285 -79.14 -16.05 -29.60
N ASN J 286 -78.43 -16.16 -28.48
CA ASN J 286 -77.25 -15.35 -28.24
C ASN J 286 -76.05 -15.88 -29.02
N THR J 287 -75.08 -15.00 -29.23
CA THR J 287 -73.85 -15.32 -29.97
C THR J 287 -72.66 -15.28 -29.02
N SER J 288 -71.93 -16.39 -28.94
CA SER J 288 -70.78 -16.48 -28.07
C SER J 288 -69.50 -16.09 -28.81
N ALA J 289 -68.51 -15.59 -28.07
CA ALA J 289 -67.29 -15.10 -28.67
C ALA J 289 -66.13 -15.28 -27.72
N ASN J 290 -64.92 -15.27 -28.28
CA ASN J 290 -63.69 -15.38 -27.52
C ASN J 290 -62.58 -14.72 -28.34
N VAL J 291 -61.33 -14.90 -27.91
CA VAL J 291 -60.22 -14.20 -28.54
C VAL J 291 -60.04 -14.67 -29.98
N GLN J 292 -60.15 -15.97 -30.21
CA GLN J 292 -59.86 -16.53 -31.53
C GLN J 292 -60.79 -15.97 -32.60
N LYS J 293 -62.07 -15.84 -32.26
CA LYS J 293 -63.06 -15.34 -33.23
C LYS J 293 -63.20 -13.83 -33.09
N LEU J 294 -62.19 -13.13 -33.60
CA LEU J 294 -62.14 -11.68 -33.59
C LEU J 294 -62.21 -11.16 -35.02
N ASP J 295 -63.05 -10.16 -35.24
CA ASP J 295 -63.19 -9.50 -36.53
C ASP J 295 -63.16 -8.00 -36.33
N VAL J 296 -62.65 -7.28 -37.33
CA VAL J 296 -62.50 -5.83 -37.21
C VAL J 296 -63.04 -5.19 -38.50
N SER J 297 -63.33 -6.02 -39.50
CA SER J 297 -63.75 -5.49 -40.79
C SER J 297 -65.10 -4.79 -40.77
N THR J 298 -65.84 -4.86 -39.67
CA THR J 298 -67.09 -4.12 -39.51
C THR J 298 -67.09 -3.41 -38.16
N VAL J 299 -68.13 -2.61 -37.92
CA VAL J 299 -68.18 -1.84 -36.68
C VAL J 299 -68.46 -2.73 -35.48
N LEU J 300 -69.42 -3.66 -35.61
CA LEU J 300 -69.74 -4.53 -34.49
C LEU J 300 -68.54 -5.34 -34.05
N GLY J 301 -67.70 -5.75 -35.00
CA GLY J 301 -66.49 -6.47 -34.64
C GLY J 301 -65.63 -5.68 -33.67
N ALA J 302 -65.44 -4.40 -33.95
CA ALA J 302 -64.65 -3.56 -33.06
C ALA J 302 -65.33 -3.37 -31.71
N GLN J 303 -66.63 -3.07 -31.74
CA GLN J 303 -67.35 -2.78 -30.50
C GLN J 303 -67.37 -3.98 -29.58
N GLN J 304 -67.29 -5.19 -30.12
CA GLN J 304 -67.23 -6.37 -29.27
C GLN J 304 -65.79 -6.79 -28.94
N ALA J 305 -64.84 -6.45 -29.81
CA ALA J 305 -63.45 -6.68 -29.50
C ALA J 305 -63.03 -5.93 -28.25
N LEU J 306 -63.57 -4.73 -28.06
CA LEU J 306 -63.22 -3.98 -26.84
C LEU J 306 -63.56 -4.78 -25.58
N GLU J 307 -64.78 -5.32 -25.50
CA GLU J 307 -65.18 -6.09 -24.32
C GLU J 307 -64.35 -7.36 -24.15
N VAL J 308 -64.15 -8.12 -25.24
CA VAL J 308 -63.42 -9.38 -25.06
C VAL J 308 -61.99 -9.11 -24.59
N VAL J 309 -61.37 -8.03 -25.09
CA VAL J 309 -60.01 -7.72 -24.67
C VAL J 309 -59.98 -7.29 -23.21
N ASP J 310 -61.00 -6.54 -22.76
CA ASP J 310 -61.05 -6.16 -21.35
C ASP J 310 -61.06 -7.39 -20.45
N LYS J 311 -61.89 -8.38 -20.79
CA LYS J 311 -61.96 -9.58 -19.96
C LYS J 311 -60.61 -10.30 -19.92
N ALA J 312 -59.96 -10.43 -21.08
CA ALA J 312 -58.68 -11.13 -21.11
C ALA J 312 -57.66 -10.45 -20.21
N LEU J 313 -57.60 -9.11 -20.27
CA LEU J 313 -56.64 -8.38 -19.45
C LEU J 313 -56.91 -8.59 -17.96
N GLY J 314 -58.18 -8.58 -17.57
CA GLY J 314 -58.49 -8.84 -16.17
C GLY J 314 -57.95 -10.18 -15.69
N ALA J 315 -58.19 -11.23 -16.48
CA ALA J 315 -57.71 -12.56 -16.07
C ALA J 315 -56.19 -12.59 -15.95
N ILE J 316 -55.49 -12.00 -16.91
CA ILE J 316 -54.03 -12.03 -16.88
C ILE J 316 -53.51 -11.36 -15.62
N ASN J 317 -54.05 -10.19 -15.28
CA ASN J 317 -53.56 -9.48 -14.10
C ASN J 317 -53.79 -10.27 -12.82
N SER J 318 -54.95 -10.93 -12.70
CA SER J 318 -55.19 -11.71 -11.49
C SER J 318 -54.16 -12.82 -11.34
N THR J 319 -53.84 -13.52 -12.44
CA THR J 319 -52.87 -14.60 -12.33
C THR J 319 -51.49 -14.06 -11.93
N ARG J 320 -51.10 -12.91 -12.46
CA ARG J 320 -49.81 -12.34 -12.07
C ARG J 320 -49.76 -12.04 -10.58
N ALA J 321 -50.85 -11.52 -10.02
CA ALA J 321 -50.88 -11.26 -8.58
C ALA J 321 -50.68 -12.55 -7.78
N ASP J 322 -51.35 -13.63 -8.19
CA ASP J 322 -51.21 -14.89 -7.47
C ASP J 322 -49.76 -15.38 -7.47
N LEU J 323 -49.11 -15.33 -8.63
CA LEU J 323 -47.73 -15.82 -8.70
C LEU J 323 -46.80 -14.98 -7.82
N GLY J 324 -47.01 -13.67 -7.78
CA GLY J 324 -46.20 -12.85 -6.89
C GLY J 324 -46.35 -13.24 -5.42
N ALA J 325 -47.59 -13.51 -5.01
CA ALA J 325 -47.79 -13.95 -3.62
C ALA J 325 -47.01 -15.23 -3.32
N ILE J 326 -47.06 -16.19 -4.24
CA ILE J 326 -46.34 -17.44 -4.04
C ILE J 326 -44.85 -17.18 -3.85
N GLN J 327 -44.29 -16.29 -4.67
CA GLN J 327 -42.87 -15.97 -4.56
C GLN J 327 -42.52 -15.43 -3.19
N ASN J 328 -43.34 -14.50 -2.67
CA ASN J 328 -43.06 -13.94 -1.35
C ASN J 328 -43.05 -15.01 -0.28
N ARG J 329 -44.03 -15.92 -0.33
CA ARG J 329 -44.08 -16.97 0.68
C ARG J 329 -42.82 -17.83 0.65
N PHE J 330 -42.37 -18.19 -0.55
CA PHE J 330 -41.18 -19.05 -0.65
C PHE J 330 -39.96 -18.37 -0.05
N THR J 331 -39.82 -17.06 -0.28
CA THR J 331 -38.70 -16.34 0.33
C THR J 331 -38.72 -16.43 1.85
N SER J 332 -39.90 -16.22 2.43
CA SER J 332 -39.98 -16.30 3.90
C SER J 332 -39.60 -17.69 4.39
N VAL J 333 -40.06 -18.73 3.69
CA VAL J 333 -39.73 -20.09 4.08
C VAL J 333 -38.22 -20.29 4.12
N VAL J 334 -37.52 -19.81 3.09
CA VAL J 334 -36.06 -20.00 3.04
C VAL J 334 -35.39 -19.34 4.23
N ALA J 335 -35.79 -18.12 4.55
CA ALA J 335 -35.14 -17.42 5.67
C ALA J 335 -35.31 -18.19 6.96
N ASN J 336 -36.53 -18.67 7.23
CA ASN J 336 -36.76 -19.42 8.45
C ASN J 336 -35.92 -20.69 8.50
N LEU J 337 -35.82 -21.40 7.37
CA LEU J 337 -35.02 -22.61 7.33
C LEU J 337 -33.56 -22.33 7.67
N GLN J 338 -33.02 -21.24 7.12
CA GLN J 338 -31.63 -20.89 7.39
C GLN J 338 -31.40 -20.70 8.88
N THR J 339 -32.26 -19.90 9.52
CA THR J 339 -32.06 -19.64 10.94
C THR J 339 -32.16 -20.93 11.76
N SER J 340 -33.15 -21.77 11.47
CA SER J 340 -33.33 -23.00 12.25
C SER J 340 -32.13 -23.92 12.12
N SER J 341 -31.61 -24.06 10.90
CA SER J 341 -30.44 -24.93 10.70
C SER J 341 -29.25 -24.42 11.50
N GLU J 342 -29.03 -23.11 11.49
CA GLU J 342 -27.91 -22.56 12.23
C GLU J 342 -28.04 -22.85 13.73
N ASN J 343 -29.24 -22.65 14.28
CA ASN J 343 -29.42 -22.87 15.72
C ASN J 343 -29.21 -24.34 16.07
N LEU J 344 -29.72 -25.27 15.25
CA LEU J 344 -29.53 -26.69 15.53
C LEU J 344 -28.06 -27.07 15.49
N SER J 345 -27.33 -26.55 14.51
CA SER J 345 -25.90 -26.86 14.41
C SER J 345 -25.15 -26.35 15.62
N ALA J 346 -25.51 -25.16 16.11
CA ALA J 346 -24.88 -24.65 17.32
C ALA J 346 -25.19 -25.55 18.52
N SER J 347 -26.43 -26.01 18.63
CA SER J 347 -26.83 -26.84 19.77
C SER J 347 -26.09 -28.17 19.79
N ARG J 348 -25.94 -28.81 18.63
CA ARG J 348 -25.35 -30.15 18.61
C ARG J 348 -23.92 -30.18 19.12
N SER J 349 -23.17 -29.11 18.90
CA SER J 349 -21.73 -29.11 19.18
C SER J 349 -21.40 -29.08 20.67
N ARG J 350 -22.38 -28.86 21.54
CA ARG J 350 -22.08 -28.75 22.96
C ARG J 350 -21.83 -30.10 23.61
N ILE J 351 -22.22 -31.20 22.97
CA ILE J 351 -22.17 -32.52 23.58
C ILE J 351 -21.29 -33.49 22.82
N LYS J 352 -20.56 -33.03 21.81
CA LYS J 352 -19.76 -33.94 21.01
C LYS J 352 -18.33 -33.44 20.83
N ASP J 353 -18.14 -32.13 20.84
CA ASP J 353 -16.83 -31.55 20.53
C ASP J 353 -15.88 -31.64 21.71
N THR J 354 -14.57 -31.58 21.41
CA THR J 354 -13.53 -31.66 22.41
C THR J 354 -13.14 -30.27 22.88
N ASP J 355 -12.90 -30.14 24.19
CA ASP J 355 -12.44 -28.90 24.79
C ASP J 355 -10.93 -28.98 24.93
N PHE J 356 -10.21 -28.25 24.08
CA PHE J 356 -8.76 -28.40 24.02
C PHE J 356 -8.07 -27.79 25.24
N ALA J 357 -8.74 -26.89 25.95
CA ALA J 357 -8.10 -26.25 27.10
C ALA J 357 -7.98 -27.20 28.28
N LYS J 358 -8.69 -28.32 28.23
CA LYS J 358 -8.74 -29.21 29.39
C LYS J 358 -7.90 -30.47 29.20
N GLU J 359 -7.86 -31.02 27.99
CA GLU J 359 -7.25 -32.33 27.79
C GLU J 359 -5.74 -32.31 27.98
N THR J 360 -5.09 -31.19 27.67
CA THR J 360 -3.64 -31.13 27.80
C THR J 360 -3.19 -31.31 29.24
N ALA J 361 -3.97 -30.82 30.20
CA ALA J 361 -3.62 -30.98 31.60
C ALA J 361 -3.56 -32.45 31.99
N GLU J 362 -4.58 -33.22 31.59
CA GLU J 362 -4.56 -34.65 31.87
C GLU J 362 -3.40 -35.33 31.15
N LEU J 363 -3.09 -34.89 29.94
CA LEU J 363 -1.94 -35.45 29.24
C LEU J 363 -0.66 -35.30 30.06
N THR J 364 -0.41 -34.08 30.55
CA THR J 364 0.80 -33.84 31.33
C THR J 364 0.79 -34.65 32.63
N ARG J 365 -0.35 -34.69 33.32
CA ARG J 365 -0.42 -35.42 34.58
C ARG J 365 -0.10 -36.89 34.38
N THR J 366 -0.70 -37.51 33.37
CA THR J 366 -0.45 -38.93 33.13
C THR J 366 1.00 -39.17 32.73
N GLN J 367 1.56 -38.27 31.93
CA GLN J 367 2.96 -38.46 31.53
C GLN J 367 3.89 -38.44 32.72
N ILE J 368 3.66 -37.55 33.68
CA ILE J 368 4.52 -37.53 34.87
C ILE J 368 4.33 -38.79 35.70
N LEU J 369 3.08 -39.23 35.84
CA LEU J 369 2.82 -40.42 36.65
C LEU J 369 3.53 -41.65 36.08
N GLN J 370 3.65 -41.72 34.74
CA GLN J 370 4.35 -42.85 34.13
C GLN J 370 5.79 -42.95 34.63
N GLN J 371 6.52 -41.83 34.60
CA GLN J 371 7.92 -41.84 35.01
C GLN J 371 8.04 -42.19 36.50
N ALA J 372 7.16 -41.62 37.32
CA ALA J 372 7.20 -41.96 38.74
C ALA J 372 7.04 -43.47 38.95
N GLY J 373 6.05 -44.06 38.28
CA GLY J 373 5.82 -45.48 38.43
C GLY J 373 6.99 -46.32 37.99
N THR J 374 7.62 -45.95 36.87
CA THR J 374 8.74 -46.74 36.36
C THR J 374 9.93 -46.70 37.32
N ALA J 375 10.26 -45.52 37.84
CA ALA J 375 11.37 -45.44 38.77
C ALA J 375 11.11 -46.26 40.02
N MET J 376 9.91 -46.16 40.57
CA MET J 376 9.60 -46.96 41.75
C MET J 376 9.63 -48.45 41.46
N LEU J 377 9.20 -48.85 40.27
CA LEU J 377 9.25 -50.27 39.90
C LEU J 377 10.69 -50.78 39.91
N ALA J 378 11.61 -50.01 39.32
CA ALA J 378 13.00 -50.43 39.33
C ALA J 378 13.53 -50.56 40.76
N GLN J 379 13.21 -49.59 41.62
CA GLN J 379 13.69 -49.65 43.00
C GLN J 379 13.17 -50.89 43.71
N ALA J 380 11.86 -51.16 43.57
CA ALA J 380 11.27 -52.30 44.27
C ALA J 380 11.86 -53.61 43.76
N ASN J 381 12.14 -53.70 42.46
CA ASN J 381 12.82 -54.89 41.95
C ASN J 381 14.19 -55.04 42.58
N GLN J 382 14.92 -53.94 42.74
CA GLN J 382 16.29 -54.05 43.22
C GLN J 382 16.39 -54.31 44.72
N VAL J 383 15.31 -54.11 45.47
CA VAL J 383 15.39 -54.21 46.94
C VAL J 383 15.99 -55.52 47.45
N PRO J 384 15.53 -56.72 47.03
CA PRO J 384 15.86 -57.93 47.80
C PRO J 384 17.30 -58.41 47.68
N GLN J 385 18.16 -57.60 47.07
CA GLN J 385 19.52 -58.06 46.80
C GLN J 385 20.37 -58.16 48.05
N GLY J 386 19.96 -57.52 49.15
CA GLY J 386 20.82 -57.45 50.32
C GLY J 386 20.90 -58.72 51.13
N VAL J 387 20.04 -59.71 50.84
CA VAL J 387 20.08 -60.95 51.60
C VAL J 387 21.35 -61.73 51.30
N LEU J 388 21.94 -61.55 50.11
CA LEU J 388 23.10 -62.34 49.73
C LEU J 388 24.29 -62.09 50.65
N SER J 389 24.44 -60.86 51.16
CA SER J 389 25.58 -60.55 52.01
C SER J 389 25.56 -61.38 53.28
N LEU J 390 24.39 -61.86 53.68
CA LEU J 390 24.29 -62.63 54.92
C LEU J 390 24.99 -63.98 54.79
N LEU J 391 24.93 -64.58 53.60
CA LEU J 391 25.46 -65.92 53.40
C LEU J 391 26.97 -65.97 53.49
N ALA K 2 28.55 -34.44 65.83
CA ALA K 2 28.15 -35.83 65.95
C ALA K 2 27.40 -36.29 64.70
N GLN K 3 27.51 -37.57 64.39
CA GLN K 3 26.82 -38.16 63.25
C GLN K 3 25.64 -38.98 63.74
N VAL K 4 24.46 -38.69 63.22
CA VAL K 4 23.23 -39.35 63.60
C VAL K 4 22.52 -39.80 62.34
N ILE K 5 21.62 -40.77 62.47
CA ILE K 5 20.91 -41.33 61.32
C ILE K 5 19.43 -40.99 61.42
N ASN K 6 18.89 -41.01 62.64
CA ASN K 6 17.44 -40.96 62.82
C ASN K 6 16.86 -39.61 62.41
N THR K 7 17.59 -38.52 62.58
CA THR K 7 17.06 -37.19 62.32
C THR K 7 18.01 -36.43 61.40
N ASN K 8 17.43 -35.64 60.53
CA ASN K 8 18.13 -34.84 59.56
C ASN K 8 17.64 -33.44 59.72
N THR K 9 18.25 -32.68 60.61
CA THR K 9 17.78 -31.33 60.82
C THR K 9 17.92 -30.50 59.58
N MET K 10 19.00 -30.63 58.83
CA MET K 10 19.14 -29.83 57.63
C MET K 10 18.06 -30.15 56.65
N SER K 11 17.77 -31.42 56.46
CA SER K 11 16.72 -31.76 55.53
C SER K 11 15.39 -31.20 55.99
N LEU K 12 15.10 -31.28 57.28
CA LEU K 12 13.84 -30.76 57.81
C LEU K 12 13.73 -29.29 57.57
N ASN K 13 14.82 -28.58 57.80
CA ASN K 13 14.85 -27.16 57.58
C ASN K 13 14.74 -26.74 56.13
N ALA K 14 15.32 -27.49 55.21
CA ALA K 14 15.31 -27.10 53.79
C ALA K 14 13.95 -27.05 53.11
N GLN K 15 13.06 -27.94 53.55
CA GLN K 15 11.67 -28.07 53.16
C GLN K 15 10.86 -26.84 53.51
N ARG K 16 11.07 -26.31 54.72
CA ARG K 16 10.35 -25.10 55.11
C ARG K 16 10.68 -23.94 54.20
N ASN K 17 11.96 -23.76 53.88
CA ASN K 17 12.37 -22.67 53.00
C ASN K 17 11.75 -22.82 51.62
N LEU K 18 11.71 -24.06 51.10
CA LEU K 18 11.12 -24.30 49.79
C LEU K 18 9.64 -23.96 49.78
N SER K 19 8.92 -24.35 50.83
CA SER K 19 7.50 -24.04 50.89
C SER K 19 7.26 -22.53 50.92
N THR K 20 8.05 -21.81 51.72
CA THR K 20 7.91 -20.36 51.75
C THR K 20 8.16 -19.75 50.37
N SER K 21 9.19 -20.23 49.68
CA SER K 21 9.48 -19.70 48.34
C SER K 21 8.33 -19.98 47.38
N GLY K 22 7.76 -21.18 47.44
CA GLY K 22 6.68 -21.53 46.54
C GLY K 22 5.33 -20.94 46.86
N SER K 23 5.19 -20.32 48.03
CA SER K 23 3.91 -19.69 48.38
C SER K 23 3.46 -18.65 47.36
N SER K 24 4.28 -17.61 47.15
CA SER K 24 3.80 -16.41 46.45
C SER K 24 3.65 -16.60 44.95
N LEU K 25 4.22 -17.66 44.38
CA LEU K 25 4.14 -17.86 42.94
C LEU K 25 2.70 -18.04 42.49
N ALA K 26 1.88 -18.72 43.30
CA ALA K 26 0.48 -18.91 42.97
C ALA K 26 -0.24 -17.58 42.85
N THR K 27 -0.05 -16.70 43.83
CA THR K 27 -0.71 -15.41 43.79
C THR K 27 -0.25 -14.59 42.59
N THR K 28 1.05 -14.61 42.30
CA THR K 28 1.55 -13.84 41.17
C THR K 28 0.93 -14.33 39.86
N ILE K 29 0.92 -15.65 39.65
CA ILE K 29 0.37 -16.18 38.41
C ILE K 29 -1.11 -15.85 38.29
N GLN K 30 -1.86 -16.00 39.38
CA GLN K 30 -3.29 -15.77 39.33
C GLN K 30 -3.60 -14.32 38.98
N ARG K 31 -2.92 -13.38 39.65
CA ARG K 31 -3.24 -11.98 39.42
C ARG K 31 -2.62 -11.48 38.11
N LEU K 32 -1.71 -12.24 37.52
CA LEU K 32 -1.22 -11.88 36.19
C LEU K 32 -2.12 -12.44 35.10
N SER K 33 -2.84 -13.53 35.39
CA SER K 33 -3.74 -14.11 34.40
C SER K 33 -5.08 -13.41 34.38
N SER K 34 -5.63 -13.06 35.55
CA SER K 34 -6.95 -12.45 35.59
C SER K 34 -6.94 -11.05 34.99
N GLY K 35 -5.84 -10.33 35.15
CA GLY K 35 -5.74 -8.95 34.71
C GLY K 35 -6.06 -7.93 35.76
N SER K 36 -6.36 -8.35 36.99
CA SER K 36 -6.80 -7.45 38.05
C SER K 36 -6.01 -7.73 39.32
N ARG K 37 -5.88 -6.70 40.17
CA ARG K 37 -5.07 -6.79 41.37
C ARG K 37 -5.84 -7.27 42.59
N ILE K 38 -7.15 -7.09 42.62
CA ILE K 38 -7.97 -7.47 43.77
C ILE K 38 -8.98 -8.50 43.28
N ASN K 39 -8.81 -9.74 43.71
CA ASN K 39 -9.69 -10.83 43.30
C ASN K 39 -10.51 -11.40 44.45
N SER K 40 -10.19 -11.05 45.68
CA SER K 40 -10.97 -11.48 46.84
C SER K 40 -10.72 -10.48 47.96
N ALA K 41 -11.53 -10.57 49.01
CA ALA K 41 -11.37 -9.67 50.14
C ALA K 41 -10.08 -9.91 50.90
N LYS K 42 -9.37 -11.01 50.62
CA LYS K 42 -8.11 -11.28 51.29
C LYS K 42 -7.06 -10.22 50.97
N ASP K 43 -7.02 -9.77 49.71
CA ASP K 43 -5.97 -8.84 49.29
C ASP K 43 -6.18 -7.45 49.89
N ASP K 44 -7.42 -6.98 49.92
CA ASP K 44 -7.71 -5.62 50.35
C ASP K 44 -9.00 -5.62 51.16
N ALA K 45 -9.15 -4.60 52.00
CA ALA K 45 -10.31 -4.49 52.86
C ALA K 45 -11.27 -3.38 52.48
N ALA K 46 -10.78 -2.31 51.86
CA ALA K 46 -11.63 -1.20 51.44
C ALA K 46 -11.63 -0.95 49.94
N GLY K 47 -10.61 -1.41 49.22
CA GLY K 47 -10.57 -1.18 47.80
C GLY K 47 -11.73 -1.81 47.07
N LEU K 48 -12.14 -3.01 47.49
CA LEU K 48 -13.28 -3.67 46.85
C LEU K 48 -14.55 -2.86 47.07
N ALA K 49 -14.73 -2.30 48.27
CA ALA K 49 -15.92 -1.49 48.54
C ALA K 49 -15.94 -0.24 47.67
N ILE K 50 -14.81 0.47 47.59
CA ILE K 50 -14.78 1.68 46.78
C ILE K 50 -14.99 1.36 45.30
N SER K 51 -14.39 0.27 44.82
CA SER K 51 -14.58 -0.10 43.42
C SER K 51 -16.03 -0.46 43.14
N GLU K 52 -16.70 -1.12 44.08
CA GLU K 52 -18.12 -1.44 43.87
C GLU K 52 -18.97 -0.19 43.80
N ARG K 53 -18.71 0.78 44.68
CA ARG K 53 -19.47 2.02 44.62
C ARG K 53 -19.24 2.76 43.30
N PHE K 54 -17.98 2.78 42.85
CA PHE K 54 -17.68 3.38 41.55
C PHE K 54 -18.43 2.67 40.42
N GLY K 55 -18.52 1.34 40.51
CA GLY K 55 -19.29 0.60 39.51
C GLY K 55 -20.75 1.02 39.49
N THR K 56 -21.35 1.16 40.67
CA THR K 56 -22.74 1.62 40.72
C THR K 56 -22.89 2.97 40.05
N GLN K 57 -21.96 3.90 40.35
CA GLN K 57 -22.07 5.24 39.78
C GLN K 57 -21.97 5.22 38.26
N ILE K 58 -21.04 4.45 37.71
CA ILE K 58 -20.87 4.42 36.25
C ILE K 58 -22.10 3.82 35.57
N ARG K 59 -22.58 2.71 36.11
CA ARG K 59 -23.72 2.04 35.50
C ARG K 59 -24.97 2.90 35.57
N GLY K 60 -25.15 3.67 36.64
CA GLY K 60 -26.24 4.61 36.68
C GLY K 60 -26.09 5.74 35.68
N THR K 61 -24.86 6.21 35.49
CA THR K 61 -24.60 7.33 34.59
C THR K 61 -25.01 7.00 33.16
N ASP K 62 -24.74 5.78 32.70
CA ASP K 62 -25.07 5.43 31.32
C ASP K 62 -26.58 5.56 31.07
N VAL K 63 -27.39 4.93 31.91
CA VAL K 63 -28.83 4.95 31.67
C VAL K 63 -29.39 6.35 31.90
N ALA K 64 -28.73 7.15 32.74
CA ALA K 64 -29.13 8.54 32.88
C ALA K 64 -29.00 9.28 31.55
N ILE K 65 -27.89 9.04 30.85
CA ILE K 65 -27.72 9.65 29.53
C ILE K 65 -28.85 9.23 28.60
N ARG K 66 -29.20 7.94 28.61
CA ARG K 66 -30.30 7.49 27.76
C ARG K 66 -31.60 8.22 28.05
N ASN K 67 -31.94 8.36 29.33
CA ASN K 67 -33.19 9.02 29.70
C ASN K 67 -33.21 10.48 29.24
N ALA K 68 -32.09 11.17 29.38
CA ALA K 68 -32.02 12.56 28.93
C ALA K 68 -32.29 12.65 27.42
N ASN K 69 -31.72 11.72 26.65
CA ASN K 69 -31.97 11.76 25.20
C ASN K 69 -33.45 11.55 24.90
N ASP K 70 -34.11 10.67 25.64
CA ASP K 70 -35.55 10.48 25.43
C ASP K 70 -36.31 11.78 25.66
N GLY K 71 -35.97 12.52 26.71
CA GLY K 71 -36.63 13.80 26.95
C GLY K 71 -36.46 14.78 25.80
N ILE K 72 -35.24 14.83 25.25
CA ILE K 72 -35.00 15.70 24.09
C ILE K 72 -35.94 15.33 22.94
N SER K 73 -36.08 14.03 22.67
CA SER K 73 -36.93 13.58 21.56
C SER K 73 -38.37 14.02 21.77
N LEU K 74 -38.89 13.87 22.99
CA LEU K 74 -40.26 14.27 23.26
C LEU K 74 -40.48 15.75 22.95
N ALA K 75 -39.57 16.60 23.43
CA ALA K 75 -39.71 18.03 23.17
C ALA K 75 -39.72 18.33 21.69
N GLN K 76 -38.85 17.66 20.93
CA GLN K 76 -38.78 17.89 19.49
C GLN K 76 -40.13 17.60 18.82
N VAL K 77 -40.73 16.46 19.17
CA VAL K 77 -41.99 16.09 18.52
C VAL K 77 -43.07 17.13 18.79
N ALA K 78 -43.20 17.56 20.05
CA ALA K 78 -44.25 18.52 20.36
C ALA K 78 -44.06 19.83 19.59
N GLU K 79 -42.81 20.32 19.53
CA GLU K 79 -42.55 21.54 18.76
C GLU K 79 -42.94 21.38 17.30
N GLY K 80 -42.64 20.20 16.73
CA GLY K 80 -42.98 19.96 15.35
C GLY K 80 -44.47 20.11 15.08
N SER K 81 -45.32 19.60 15.98
CA SER K 81 -46.76 19.77 15.76
C SER K 81 -47.19 21.24 15.87
N LEU K 82 -46.65 21.93 16.87
CA LEU K 82 -47.07 23.33 17.07
C LEU K 82 -46.78 24.19 15.85
N THR K 83 -45.70 23.89 15.12
CA THR K 83 -45.37 24.69 13.94
C THR K 83 -46.52 24.71 12.93
N GLU K 84 -47.07 23.52 12.63
CA GLU K 84 -48.14 23.43 11.65
C GLU K 84 -49.42 24.11 12.15
N ILE K 85 -49.72 23.95 13.45
CA ILE K 85 -50.89 24.68 13.97
C ILE K 85 -50.76 26.16 13.69
N GLY K 86 -49.57 26.72 13.97
CA GLY K 86 -49.37 28.14 13.74
C GLY K 86 -49.51 28.54 12.29
N ASN K 87 -48.98 27.72 11.37
CA ASN K 87 -49.09 28.04 9.95
C ASN K 87 -50.55 28.13 9.51
N ASN K 88 -51.37 27.17 9.95
CA ASN K 88 -52.78 27.21 9.58
C ASN K 88 -53.48 28.46 10.11
N LEU K 89 -53.19 28.82 11.36
CA LEU K 89 -53.80 30.04 11.91
C LEU K 89 -53.42 31.27 11.09
N GLN K 90 -52.16 31.34 10.68
CA GLN K 90 -51.69 32.46 9.88
C GLN K 90 -52.47 32.58 8.58
N ARG K 91 -52.69 31.44 7.92
CA ARG K 91 -53.47 31.43 6.69
C ARG K 91 -54.89 31.94 6.93
N VAL K 92 -55.51 31.51 8.03
CA VAL K 92 -56.87 31.95 8.31
C VAL K 92 -56.94 33.45 8.48
N ARG K 93 -55.98 34.03 9.21
CA ARG K 93 -55.99 35.48 9.40
C ARG K 93 -55.83 36.22 8.08
N GLU K 94 -54.92 35.74 7.23
CA GLU K 94 -54.74 36.36 5.92
C GLU K 94 -56.03 36.32 5.12
N LEU K 95 -56.74 35.20 5.18
CA LEU K 95 -58.02 35.09 4.48
C LEU K 95 -59.05 36.06 5.04
N SER K 96 -59.07 36.23 6.36
CA SER K 96 -60.07 37.05 7.02
C SER K 96 -59.83 38.54 6.88
N VAL K 97 -58.61 38.98 6.55
CA VAL K 97 -58.40 40.40 6.29
C VAL K 97 -59.28 40.87 5.15
N GLN K 98 -59.44 40.04 4.12
CA GLN K 98 -60.40 40.28 3.05
C GLN K 98 -61.80 40.15 3.64
N ALA K 99 -62.81 40.15 2.77
CA ALA K 99 -64.18 39.87 3.19
C ALA K 99 -64.73 40.94 4.13
N SER K 100 -63.87 41.85 4.58
CA SER K 100 -64.28 43.00 5.36
C SER K 100 -64.36 44.26 4.53
N ASN K 101 -64.17 44.14 3.22
CA ASN K 101 -64.24 45.28 2.31
C ASN K 101 -65.70 45.60 2.02
N ALA K 102 -65.94 46.49 1.06
CA ALA K 102 -67.28 46.93 0.75
C ALA K 102 -67.79 46.47 -0.61
N THR K 103 -66.91 45.92 -1.45
CA THR K 103 -67.32 45.52 -2.79
C THR K 103 -67.84 44.09 -2.86
N ASN K 104 -67.72 43.32 -1.78
CA ASN K 104 -68.10 41.92 -1.83
C ASN K 104 -69.61 41.77 -1.79
N SER K 105 -70.07 40.57 -2.15
CA SER K 105 -71.46 40.19 -2.09
C SER K 105 -71.59 39.04 -1.10
N ALA K 106 -72.84 38.62 -0.85
CA ALA K 106 -73.07 37.56 0.13
C ALA K 106 -72.44 36.25 -0.31
N SER K 107 -72.51 35.95 -1.61
CA SER K 107 -71.97 34.69 -2.12
C SER K 107 -70.47 34.59 -1.88
N ASP K 108 -69.75 35.70 -2.06
CA ASP K 108 -68.31 35.68 -1.83
C ASP K 108 -67.99 35.41 -0.37
N ARG K 109 -68.76 36.00 0.54
CA ARG K 109 -68.55 35.74 1.96
C ARG K 109 -68.81 34.27 2.29
N LYS K 110 -69.83 33.67 1.69
CA LYS K 110 -70.03 32.24 1.89
C LYS K 110 -68.87 31.42 1.34
N ALA K 111 -68.35 31.81 0.17
CA ALA K 111 -67.22 31.10 -0.43
C ALA K 111 -66.00 31.13 0.47
N LEU K 112 -65.76 32.26 1.14
CA LEU K 112 -64.64 32.33 2.08
C LEU K 112 -64.93 31.56 3.37
N GLN K 113 -66.20 31.58 3.81
CA GLN K 113 -66.56 30.87 5.03
C GLN K 113 -66.33 29.37 4.90
N ALA K 114 -66.55 28.82 3.71
CA ALA K 114 -66.31 27.39 3.52
C ALA K 114 -64.86 27.01 3.84
N GLU K 115 -63.91 27.74 3.28
CA GLU K 115 -62.51 27.43 3.55
C GLU K 115 -62.16 27.69 5.00
N VAL K 116 -62.74 28.72 5.61
CA VAL K 116 -62.47 28.96 7.03
C VAL K 116 -62.90 27.75 7.86
N THR K 117 -64.07 27.20 7.57
CA THR K 117 -64.54 26.02 8.29
C THR K 117 -63.57 24.86 8.12
N GLN K 118 -63.10 24.64 6.88
CA GLN K 118 -62.17 23.53 6.64
C GLN K 118 -60.89 23.68 7.47
N LEU K 119 -60.32 24.89 7.48
CA LEU K 119 -59.06 25.09 8.19
C LEU K 119 -59.23 24.92 9.70
N VAL K 120 -60.33 25.42 10.25
CA VAL K 120 -60.55 25.25 11.68
C VAL K 120 -60.68 23.77 12.05
N SER K 121 -61.40 23.00 11.22
CA SER K 121 -61.52 21.57 11.48
C SER K 121 -60.15 20.90 11.46
N GLU K 122 -59.29 21.30 10.52
CA GLU K 122 -57.96 20.70 10.46
C GLU K 122 -57.17 20.99 11.73
N ILE K 123 -57.24 22.23 12.20
CA ILE K 123 -56.53 22.60 13.44
C ILE K 123 -56.99 21.73 14.59
N ASP K 124 -58.31 21.56 14.72
CA ASP K 124 -58.83 20.75 15.82
C ASP K 124 -58.34 19.31 15.74
N ARG K 125 -58.36 18.73 14.53
CA ARG K 125 -57.96 17.34 14.38
C ARG K 125 -56.50 17.13 14.79
N VAL K 126 -55.60 17.97 14.28
CA VAL K 126 -54.19 17.77 14.61
C VAL K 126 -53.95 18.03 16.10
N ALA K 127 -54.67 19.00 16.68
CA ALA K 127 -54.49 19.26 18.11
C ALA K 127 -54.91 18.06 18.95
N LYS K 128 -55.98 17.39 18.55
CA LYS K 128 -56.52 16.31 19.36
C LYS K 128 -55.89 14.94 19.07
N GLN K 129 -55.11 14.80 18.01
CA GLN K 129 -54.60 13.49 17.62
C GLN K 129 -53.08 13.47 17.56
N SER K 130 -52.42 14.05 18.56
CA SER K 130 -50.97 14.10 18.61
C SER K 130 -50.48 13.42 19.87
N ASP K 131 -49.47 12.57 19.74
CA ASP K 131 -48.96 11.83 20.89
C ASP K 131 -47.54 11.35 20.63
N PHE K 132 -46.91 10.85 21.69
CA PHE K 132 -45.57 10.28 21.64
C PHE K 132 -45.57 9.04 22.52
N ASN K 133 -45.54 7.86 21.91
CA ASN K 133 -45.60 6.59 22.65
C ASN K 133 -46.86 6.50 23.50
N GLY K 134 -47.99 6.93 22.94
CA GLY K 134 -49.26 6.79 23.62
C GLY K 134 -49.58 7.87 24.63
N THR K 135 -48.79 8.93 24.69
CA THR K 135 -49.00 10.01 25.65
C THR K 135 -49.48 11.25 24.89
N LYS K 136 -50.75 11.58 25.01
CA LYS K 136 -51.28 12.76 24.35
C LYS K 136 -50.67 14.01 24.96
N LEU K 137 -50.32 14.98 24.12
CA LEU K 137 -49.61 16.18 24.58
C LEU K 137 -50.47 17.43 24.52
N LEU K 138 -51.00 17.77 23.36
CA LEU K 138 -51.65 19.07 23.16
C LEU K 138 -53.16 19.01 23.38
N ASP K 139 -53.63 18.54 24.53
CA ASP K 139 -55.05 18.66 24.85
C ASP K 139 -55.34 18.97 26.30
N GLY K 140 -54.35 19.41 27.07
CA GLY K 140 -54.59 19.85 28.43
C GLY K 140 -54.55 18.75 29.48
N THR K 141 -54.24 17.52 29.11
CA THR K 141 -54.11 16.43 30.07
C THR K 141 -52.65 16.05 30.34
N PHE K 142 -51.70 16.89 29.94
CA PHE K 142 -50.29 16.64 30.21
C PHE K 142 -49.95 17.20 31.58
N SER K 143 -49.95 16.34 32.60
CA SER K 143 -49.64 16.76 33.96
C SER K 143 -48.12 16.75 34.17
N SER K 144 -47.70 16.85 35.43
CA SER K 144 -46.28 16.87 35.73
C SER K 144 -45.64 15.51 35.44
N GLN K 145 -44.46 15.54 34.85
CA GLN K 145 -43.69 14.34 34.53
C GLN K 145 -42.28 14.49 35.09
N LEU K 146 -41.65 13.36 35.40
CA LEU K 146 -40.33 13.35 36.01
C LEU K 146 -39.36 12.54 35.17
N PHE K 147 -38.16 13.09 34.96
CA PHE K 147 -37.10 12.43 34.21
C PHE K 147 -35.92 12.18 35.13
N GLN K 148 -35.42 10.95 35.13
CA GLN K 148 -34.32 10.55 36.01
C GLN K 148 -33.00 10.85 35.32
N VAL K 149 -32.26 11.82 35.85
CA VAL K 149 -31.00 12.24 35.25
C VAL K 149 -29.87 12.11 36.27
N GLY K 150 -29.91 11.04 37.07
CA GLY K 150 -28.85 10.76 38.01
C GLY K 150 -28.88 9.30 38.37
N ALA K 151 -27.92 8.88 39.20
CA ALA K 151 -27.83 7.50 39.62
C ALA K 151 -28.37 7.25 41.02
N ASN K 152 -28.92 8.27 41.68
CA ASN K 152 -29.35 8.15 43.06
C ASN K 152 -30.79 8.61 43.20
N ALA K 153 -31.44 8.16 44.27
CA ALA K 153 -32.84 8.45 44.48
C ALA K 153 -33.06 9.93 44.73
N GLY K 154 -34.12 10.48 44.12
CA GLY K 154 -34.49 11.84 44.33
C GLY K 154 -33.87 12.86 43.40
N GLN K 155 -33.04 12.42 42.45
CA GLN K 155 -32.38 13.33 41.51
C GLN K 155 -33.17 13.30 40.21
N ALA K 156 -34.06 14.27 40.03
CA ALA K 156 -34.89 14.31 38.85
C ALA K 156 -35.36 15.75 38.61
N ILE K 157 -35.70 16.05 37.37
CA ILE K 157 -36.27 17.34 37.00
C ILE K 157 -37.60 17.08 36.31
N ALA K 158 -38.42 18.12 36.25
CA ALA K 158 -39.81 17.96 35.86
C ALA K 158 -40.18 18.91 34.72
N ILE K 159 -41.23 18.54 34.01
CA ILE K 159 -41.88 19.39 33.01
C ILE K 159 -43.30 19.65 33.50
N ASP K 160 -43.70 20.91 33.51
CA ASP K 160 -44.96 21.27 34.15
C ASP K 160 -46.16 21.03 33.24
N LYS K 161 -46.22 21.73 32.11
CA LYS K 161 -47.38 21.67 31.24
C LYS K 161 -47.05 22.32 29.91
N THR K 162 -47.63 21.81 28.83
CA THR K 162 -47.34 22.39 27.53
C THR K 162 -48.38 23.40 27.05
N ILE K 163 -49.60 22.95 26.75
CA ILE K 163 -50.61 23.80 26.14
C ILE K 163 -51.93 23.06 26.16
N ASP K 164 -53.03 23.81 26.00
CA ASP K 164 -54.34 23.24 25.68
C ASP K 164 -54.79 23.85 24.36
N ALA K 165 -54.54 23.16 23.25
CA ALA K 165 -54.67 23.73 21.92
C ALA K 165 -55.91 23.26 21.18
N LYS K 166 -56.92 22.78 21.90
CA LYS K 166 -58.17 22.44 21.26
C LYS K 166 -58.87 23.70 20.77
N ALA K 167 -59.63 23.56 19.67
CA ALA K 167 -60.28 24.72 19.08
C ALA K 167 -61.34 25.31 19.99
N GLY K 168 -61.82 24.57 20.97
CA GLY K 168 -62.83 25.06 21.88
C GLY K 168 -62.32 25.89 23.02
N SER K 169 -61.00 26.04 23.17
CA SER K 169 -60.42 26.85 24.24
C SER K 169 -59.16 27.53 23.78
N LEU K 170 -59.20 28.18 22.61
CA LEU K 170 -58.07 28.90 22.06
C LEU K 170 -58.48 30.33 21.78
N GLY K 171 -57.69 31.29 22.25
CA GLY K 171 -57.93 32.69 21.96
C GLY K 171 -59.24 33.27 22.48
N THR K 172 -59.55 33.05 23.75
CA THR K 172 -60.78 33.58 24.32
C THR K 172 -60.73 35.11 24.38
N SER K 173 -61.87 35.74 24.13
CA SER K 173 -61.96 37.19 24.12
C SER K 173 -63.38 37.62 24.43
N THR K 174 -63.53 38.89 24.81
CA THR K 174 -64.83 39.46 25.15
C THR K 174 -65.00 40.82 24.50
N PHE K 175 -66.17 41.06 23.92
CA PHE K 175 -66.48 42.31 23.25
C PHE K 175 -67.71 42.93 23.88
N ALA K 176 -67.61 44.21 24.24
CA ALA K 176 -68.71 44.91 24.90
C ALA K 176 -69.71 45.41 23.88
N THR K 177 -70.99 45.10 24.09
CA THR K 177 -72.04 45.45 23.16
C THR K 177 -73.35 45.55 23.91
N GLY K 178 -74.37 46.06 23.23
CA GLY K 178 -75.69 46.15 23.82
C GLY K 178 -76.17 47.59 23.87
N ALA K 179 -75.59 48.43 23.04
CA ALA K 179 -75.97 49.83 23.02
C ALA K 179 -77.37 50.01 22.46
N THR K 180 -78.07 51.00 22.98
CA THR K 180 -79.36 51.43 22.45
C THR K 180 -79.39 52.94 22.42
N ALA K 181 -80.37 53.49 21.72
CA ALA K 181 -80.53 54.93 21.59
C ALA K 181 -81.89 55.42 22.07
N ALA K 182 -82.96 54.67 21.79
CA ALA K 182 -84.32 55.06 22.14
C ALA K 182 -84.67 56.43 21.56
N LEU K 183 -84.28 56.66 20.31
CA LEU K 183 -84.50 57.93 19.62
C LEU K 183 -85.66 57.77 18.66
N ALA K 184 -86.66 58.64 18.79
CA ALA K 184 -87.83 58.59 17.92
C ALA K 184 -88.32 60.00 17.55
N ALA K 185 -87.41 60.96 17.46
CA ALA K 185 -87.81 62.32 17.13
C ALA K 185 -88.30 62.40 15.69
N SER K 186 -89.15 63.38 15.44
CA SER K 186 -89.77 63.54 14.14
C SER K 186 -90.07 65.02 13.93
N THR K 187 -90.96 65.31 12.98
CA THR K 187 -91.45 66.66 12.66
C THR K 187 -90.24 67.41 12.09
N ASP K 188 -89.91 68.62 12.55
CA ASP K 188 -88.93 69.44 11.87
C ASP K 188 -87.51 68.94 12.13
N GLY K 189 -86.57 69.51 11.37
CA GLY K 189 -85.19 69.10 11.46
C GLY K 189 -84.51 69.56 12.73
N ALA K 190 -83.36 68.95 13.00
CA ALA K 190 -82.60 69.25 14.20
C ALA K 190 -81.14 68.94 13.96
N ARG K 191 -80.28 69.47 14.84
CA ARG K 191 -78.85 69.26 14.76
C ARG K 191 -78.41 68.42 15.96
N PHE K 192 -77.60 67.42 15.70
CA PHE K 192 -77.09 66.53 16.74
C PHE K 192 -75.60 66.75 16.91
N SER K 193 -75.14 66.68 18.16
CA SER K 193 -73.73 66.90 18.49
C SER K 193 -73.33 65.86 19.53
N GLY K 194 -72.20 66.08 20.18
CA GLY K 194 -71.79 65.25 21.29
C GLY K 194 -70.50 64.51 21.02
N THR K 195 -70.03 63.81 22.05
CA THR K 195 -68.76 63.10 22.02
C THR K 195 -68.97 61.63 22.35
N VAL K 196 -68.27 60.77 21.64
CA VAL K 196 -68.29 59.33 21.88
C VAL K 196 -66.88 58.92 22.31
N MET K 197 -66.76 58.34 23.49
CA MET K 197 -65.48 57.89 24.03
C MET K 197 -64.46 59.04 24.05
N GLY K 198 -64.93 60.24 24.35
CA GLY K 198 -64.06 61.39 24.42
C GLY K 198 -63.58 61.94 23.10
N VAL K 199 -64.31 61.69 22.02
CA VAL K 199 -63.95 62.19 20.69
C VAL K 199 -65.18 62.84 20.08
N ASP K 200 -65.02 64.07 19.58
CA ASP K 200 -66.14 64.76 18.97
C ASP K 200 -66.53 64.10 17.65
N ILE K 201 -67.81 64.25 17.29
CA ILE K 201 -68.34 63.63 16.09
C ILE K 201 -68.95 64.65 15.14
N GLY K 202 -68.64 65.94 15.32
CA GLY K 202 -69.17 66.91 14.39
C GLY K 202 -70.67 67.15 14.60
N THR K 203 -71.31 67.66 13.54
CA THR K 203 -72.73 67.97 13.57
C THR K 203 -73.41 67.44 12.31
N VAL K 204 -74.71 67.19 12.42
CA VAL K 204 -75.51 66.67 11.32
C VAL K 204 -76.78 67.51 11.20
N GLU K 205 -77.38 67.46 10.01
CA GLU K 205 -78.59 68.23 9.71
C GLU K 205 -79.56 67.35 8.95
N VAL K 206 -80.85 67.49 9.28
CA VAL K 206 -81.90 66.73 8.62
C VAL K 206 -83.00 67.69 8.18
N LYS K 207 -83.73 67.31 7.14
CA LYS K 207 -84.71 68.18 6.52
C LYS K 207 -85.94 68.37 7.41
N ALA K 208 -86.79 69.31 7.00
CA ALA K 208 -88.01 69.60 7.76
C ALA K 208 -88.96 68.41 7.74
N GLY K 209 -89.10 67.75 6.60
CA GLY K 209 -89.94 66.58 6.52
C GLY K 209 -89.22 65.32 6.92
N ALA K 210 -88.74 65.28 8.17
CA ALA K 210 -87.91 64.19 8.64
C ALA K 210 -88.76 63.10 9.29
N THR K 211 -88.12 61.94 9.50
CA THR K 211 -88.73 60.81 10.16
C THR K 211 -87.67 60.14 11.01
N THR K 212 -88.07 59.09 11.74
CA THR K 212 -87.13 58.41 12.62
C THR K 212 -85.97 57.79 11.85
N ALA K 213 -86.27 57.15 10.72
CA ALA K 213 -85.20 56.51 9.94
C ALA K 213 -84.21 57.52 9.40
N ASP K 214 -84.69 58.67 8.94
CA ASP K 214 -83.79 59.66 8.35
C ASP K 214 -82.79 60.19 9.37
N ALA K 215 -83.24 60.47 10.58
CA ALA K 215 -82.32 60.90 11.62
C ALA K 215 -81.41 59.76 12.06
N SER K 216 -81.94 58.54 12.15
CA SER K 216 -81.15 57.40 12.60
C SER K 216 -79.97 57.15 11.67
N LYS K 217 -80.22 57.16 10.35
CA LYS K 217 -79.13 56.86 9.43
C LYS K 217 -78.08 57.98 9.42
N ALA K 218 -78.52 59.23 9.56
CA ALA K 218 -77.56 60.32 9.61
C ALA K 218 -76.65 60.20 10.83
N VAL K 219 -77.24 59.87 11.99
CA VAL K 219 -76.42 59.71 13.18
C VAL K 219 -75.48 58.52 13.04
N ALA K 220 -75.96 57.43 12.44
CA ALA K 220 -75.11 56.27 12.24
C ALA K 220 -73.91 56.60 11.36
N THR K 221 -74.14 57.35 10.27
CA THR K 221 -73.04 57.77 9.42
C THR K 221 -72.06 58.65 10.18
N ALA K 222 -72.57 59.62 10.94
CA ALA K 222 -71.69 60.52 11.67
C ALA K 222 -70.82 59.76 12.65
N ILE K 223 -71.38 58.76 13.33
CA ILE K 223 -70.59 57.99 14.29
C ILE K 223 -69.59 57.10 13.56
N ASN K 224 -70.00 56.49 12.44
CA ASN K 224 -69.12 55.57 11.74
C ASN K 224 -67.95 56.27 11.06
N ALA K 225 -68.07 57.58 10.78
CA ALA K 225 -67.00 58.26 10.07
C ALA K 225 -65.68 58.25 10.84
N LYS K 226 -65.72 58.08 12.15
CA LYS K 226 -64.52 58.13 12.98
C LYS K 226 -64.26 56.79 13.66
N ILE K 227 -64.41 55.69 12.90
CA ILE K 227 -64.15 54.38 13.44
C ILE K 227 -62.67 54.21 13.77
N GLY K 228 -61.81 54.98 13.11
CA GLY K 228 -60.38 54.83 13.30
C GLY K 228 -59.89 55.23 14.68
N GLU K 229 -60.64 56.06 15.40
CA GLU K 229 -60.22 56.55 16.71
C GLU K 229 -61.13 56.09 17.83
N ALA K 230 -62.45 56.16 17.64
CA ALA K 230 -63.36 55.72 18.69
C ALA K 230 -63.39 54.20 18.81
N GLY K 231 -63.24 53.49 17.71
CA GLY K 231 -63.35 52.04 17.75
C GLY K 231 -64.73 51.51 18.04
N ILE K 232 -65.76 52.07 17.39
CA ILE K 232 -67.13 51.63 17.57
C ILE K 232 -67.82 51.56 16.21
N TYR K 233 -68.56 50.47 15.97
CA TYR K 233 -69.32 50.27 14.74
C TYR K 233 -70.80 50.47 15.04
N ALA K 234 -71.48 51.24 14.19
CA ALA K 234 -72.87 51.63 14.42
C ALA K 234 -73.77 51.12 13.31
N GLU K 235 -74.96 50.65 13.68
CA GLU K 235 -75.96 50.18 12.74
C GLU K 235 -77.29 50.89 13.00
N ALA K 236 -78.05 51.07 11.92
CA ALA K 236 -79.33 51.75 12.01
C ALA K 236 -80.47 50.76 12.22
N ASN K 237 -81.53 51.22 12.87
CA ASN K 237 -82.70 50.41 13.14
C ASN K 237 -83.95 51.13 12.65
N SER K 238 -84.95 50.36 12.24
CA SER K 238 -86.13 50.93 11.61
C SER K 238 -86.92 51.81 12.57
N ASP K 239 -87.09 51.37 13.81
CA ASP K 239 -87.91 52.11 14.77
C ASP K 239 -87.32 53.47 15.12
N GLY K 240 -86.02 53.66 14.91
CA GLY K 240 -85.35 54.89 15.27
C GLY K 240 -84.22 54.73 16.27
N THR K 241 -84.08 53.56 16.89
CA THR K 241 -82.99 53.31 17.82
C THR K 241 -81.72 52.93 17.08
N LEU K 242 -80.66 52.69 17.84
CA LEU K 242 -79.36 52.32 17.27
C LEU K 242 -78.76 51.20 18.10
N LYS K 243 -77.79 50.51 17.51
CA LYS K 243 -77.02 49.49 18.19
C LYS K 243 -75.55 49.72 17.90
N LEU K 244 -74.73 49.86 18.94
CA LEU K 244 -73.32 50.11 18.80
C LEU K 244 -72.52 48.96 19.40
N SER K 245 -71.53 48.47 18.64
CA SER K 245 -70.70 47.37 19.07
C SER K 245 -69.24 47.81 19.07
N SER K 246 -68.42 47.08 19.81
CA SER K 246 -66.99 47.36 19.91
C SER K 246 -66.23 46.37 19.06
N VAL K 247 -65.21 46.86 18.35
CA VAL K 247 -64.32 46.01 17.57
C VAL K 247 -62.95 45.87 18.21
N LYS K 248 -62.78 46.33 19.43
CA LYS K 248 -61.53 46.21 20.16
C LYS K 248 -61.74 45.27 21.35
N GLU K 249 -60.88 44.27 21.46
CA GLU K 249 -61.08 43.24 22.46
C GLU K 249 -60.90 43.78 23.86
N GLY K 250 -61.79 43.37 24.76
CA GLY K 250 -61.64 43.65 26.17
C GLY K 250 -61.65 45.13 26.51
N LYS K 251 -62.54 45.90 25.91
CA LYS K 251 -62.70 47.31 26.19
C LYS K 251 -64.04 47.54 26.86
N ALA K 252 -64.02 48.22 28.00
CA ALA K 252 -65.22 48.45 28.79
C ALA K 252 -65.77 49.83 28.49
N VAL K 253 -66.97 49.87 27.93
CA VAL K 253 -67.67 51.12 27.62
C VAL K 253 -68.91 51.20 28.50
N ALA K 254 -69.04 52.31 29.24
CA ALA K 254 -70.06 52.46 30.27
C ALA K 254 -71.11 53.47 29.82
N THR K 255 -72.01 53.80 30.74
CA THR K 255 -73.11 54.72 30.43
C THR K 255 -72.59 56.11 30.09
N ALA K 256 -71.57 56.58 30.80
CA ALA K 256 -71.06 57.93 30.60
C ALA K 256 -70.15 58.05 29.38
N ASP K 257 -69.75 56.93 28.78
CA ASP K 257 -68.85 57.00 27.63
C ASP K 257 -69.51 57.63 26.41
N ILE K 258 -70.84 57.64 26.36
CA ILE K 258 -71.58 58.21 25.23
C ILE K 258 -72.43 59.35 25.76
N ALA K 259 -72.27 60.52 25.14
CA ALA K 259 -73.03 61.71 25.54
C ALA K 259 -73.37 62.48 24.27
N LEU K 260 -74.66 62.59 23.96
CA LEU K 260 -75.13 63.22 22.73
C LEU K 260 -76.00 64.41 23.07
N MET K 261 -75.50 65.62 22.79
CA MET K 261 -76.27 66.85 22.98
C MET K 261 -77.19 67.03 21.78
N ARG K 262 -78.38 66.47 21.88
CA ARG K 262 -79.42 66.77 20.89
C ARG K 262 -80.00 68.15 21.16
N SER K 263 -80.03 68.98 20.14
CA SER K 263 -80.42 70.38 20.30
C SER K 263 -81.10 70.85 19.03
N ASP K 264 -81.51 72.12 19.04
CA ASP K 264 -82.06 72.80 17.86
C ASP K 264 -83.28 72.05 17.32
N TYR K 265 -84.30 71.97 18.16
CA TYR K 265 -85.48 71.17 17.82
C TYR K 265 -86.20 71.74 16.61
N ASP K 266 -86.32 73.06 16.53
CA ASP K 266 -87.04 73.72 15.45
C ASP K 266 -86.17 74.79 14.82
N ALA K 267 -86.65 75.35 13.71
CA ALA K 267 -85.90 76.35 12.95
C ALA K 267 -86.74 77.58 12.59
N THR K 268 -87.97 77.66 13.06
CA THR K 268 -88.84 78.81 12.78
C THR K 268 -88.66 79.82 13.90
N ALA K 269 -87.86 80.86 13.63
CA ALA K 269 -87.44 81.82 14.65
C ALA K 269 -86.84 81.09 15.85
N LYS K 270 -86.02 80.09 15.55
CA LYS K 270 -85.55 79.11 16.52
C LYS K 270 -84.17 78.63 16.07
N THR K 271 -83.76 77.45 16.53
CA THR K 271 -82.46 76.79 16.35
C THR K 271 -81.46 77.33 17.38
N TRP K 272 -81.93 78.05 18.39
CA TRP K 272 -81.11 78.43 19.53
C TRP K 272 -81.60 77.70 20.77
N GLY K 273 -80.68 77.06 21.48
CA GLY K 273 -81.01 76.26 22.65
C GLY K 273 -80.38 74.89 22.53
N THR K 274 -80.07 74.29 23.68
CA THR K 274 -79.39 73.00 23.70
C THR K 274 -80.04 72.09 24.73
N ALA K 275 -79.87 70.78 24.52
CA ALA K 275 -80.37 69.75 25.42
C ALA K 275 -79.54 68.49 25.19
N ALA K 276 -79.98 67.38 25.79
CA ALA K 276 -79.29 66.10 25.60
C ALA K 276 -80.16 65.09 24.86
N ALA K 277 -81.32 64.74 25.42
CA ALA K 277 -82.30 63.82 24.81
C ALA K 277 -81.57 62.57 24.30
N ALA K 278 -82.15 61.92 23.29
CA ALA K 278 -81.54 60.81 22.57
C ALA K 278 -81.13 59.66 23.48
N GLY K 279 -81.69 59.59 24.69
CA GLY K 279 -81.32 58.56 25.63
C GLY K 279 -79.87 58.69 26.09
N ALA K 280 -79.44 57.81 26.99
CA ALA K 280 -78.05 57.84 27.44
C ALA K 280 -77.29 56.59 27.03
N TYR K 281 -77.74 55.41 27.45
CA TYR K 281 -77.06 54.16 27.17
C TYR K 281 -77.86 53.03 27.80
N THR K 282 -77.42 51.80 27.56
CA THR K 282 -77.95 50.62 28.21
C THR K 282 -76.77 49.71 28.55
N ALA K 283 -77.03 48.69 29.36
CA ALA K 283 -75.99 47.81 29.89
C ALA K 283 -76.16 46.41 29.33
N GLY K 284 -76.24 46.32 28.01
CA GLY K 284 -76.31 45.01 27.37
C GLY K 284 -75.10 44.16 27.72
N THR K 285 -75.35 42.86 27.90
CA THR K 285 -74.30 41.97 28.34
C THR K 285 -73.27 41.73 27.23
N ASN K 286 -72.04 41.45 27.64
CA ASN K 286 -70.97 41.17 26.69
C ASN K 286 -71.11 39.78 26.09
N THR K 287 -70.58 39.61 24.90
CA THR K 287 -70.62 38.35 24.17
C THR K 287 -69.21 37.79 24.07
N SER K 288 -69.02 36.56 24.53
CA SER K 288 -67.72 35.91 24.49
C SER K 288 -67.55 35.13 23.19
N ALA K 289 -66.30 35.02 22.74
CA ALA K 289 -66.02 34.38 21.47
C ALA K 289 -64.64 33.73 21.52
N ASN K 290 -64.48 32.68 20.72
CA ASN K 290 -63.19 31.99 20.59
C ASN K 290 -63.09 31.45 19.17
N VAL K 291 -62.09 30.62 18.94
CA VAL K 291 -61.77 30.17 17.59
C VAL K 291 -62.90 29.32 17.01
N GLN K 292 -63.55 28.52 17.87
CA GLN K 292 -64.61 27.66 17.39
C GLN K 292 -65.77 28.47 16.82
N LYS K 293 -66.08 29.61 17.44
CA LYS K 293 -67.17 30.47 16.97
C LYS K 293 -66.62 31.63 16.14
N LEU K 294 -66.09 31.27 14.98
CA LEU K 294 -65.57 32.25 14.04
C LEU K 294 -66.53 32.39 12.86
N ASP K 295 -66.92 33.63 12.57
CA ASP K 295 -67.80 33.93 11.46
C ASP K 295 -67.16 35.01 10.60
N VAL K 296 -67.48 34.99 9.31
CA VAL K 296 -66.94 35.95 8.36
C VAL K 296 -68.02 36.55 7.47
N SER K 297 -69.17 35.91 7.34
CA SER K 297 -70.23 36.35 6.43
C SER K 297 -70.75 37.75 6.72
N THR K 298 -70.31 38.40 7.80
CA THR K 298 -70.60 39.80 8.05
C THR K 298 -69.29 40.53 8.35
N VAL K 299 -69.35 41.86 8.34
CA VAL K 299 -68.14 42.65 8.58
C VAL K 299 -67.63 42.44 10.00
N LEU K 300 -68.53 42.45 10.98
CA LEU K 300 -68.11 42.31 12.38
C LEU K 300 -67.40 40.99 12.60
N GLY K 301 -67.82 39.94 11.90
CA GLY K 301 -67.15 38.65 12.06
C GLY K 301 -65.68 38.73 11.77
N ALA K 302 -65.32 39.37 10.65
CA ALA K 302 -63.91 39.52 10.33
C ALA K 302 -63.21 40.45 11.30
N GLN K 303 -63.88 41.57 11.63
CA GLN K 303 -63.26 42.56 12.50
C GLN K 303 -62.97 42.00 13.89
N GLN K 304 -63.62 40.91 14.28
CA GLN K 304 -63.27 40.24 15.53
C GLN K 304 -62.39 39.02 15.34
N ALA K 305 -62.47 38.39 14.17
CA ALA K 305 -61.54 37.29 13.86
C ALA K 305 -60.10 37.77 13.94
N LEU K 306 -59.85 39.03 13.55
CA LEU K 306 -58.49 39.54 13.63
C LEU K 306 -57.94 39.43 15.05
N GLU K 307 -58.69 39.93 16.04
CA GLU K 307 -58.20 39.90 17.42
C GLU K 307 -58.06 38.48 17.93
N VAL K 308 -59.04 37.62 17.67
CA VAL K 308 -58.95 36.28 18.24
C VAL K 308 -57.72 35.55 17.69
N VAL K 309 -57.45 35.74 16.39
CA VAL K 309 -56.27 35.08 15.81
C VAL K 309 -54.99 35.64 16.42
N ASP K 310 -54.96 36.95 16.68
CA ASP K 310 -53.77 37.53 17.30
C ASP K 310 -53.48 36.88 18.65
N LYS K 311 -54.51 36.74 19.49
CA LYS K 311 -54.29 36.14 20.81
C LYS K 311 -53.80 34.69 20.69
N ALA K 312 -54.41 33.92 19.78
CA ALA K 312 -53.98 32.54 19.61
C ALA K 312 -52.50 32.47 19.22
N LEU K 313 -52.08 33.35 18.32
CA LEU K 313 -50.68 33.33 17.89
C LEU K 313 -49.74 33.65 19.04
N GLY K 314 -50.13 34.61 19.88
CA GLY K 314 -49.30 34.92 21.04
C GLY K 314 -49.07 33.69 21.91
N ALA K 315 -50.16 32.97 22.22
CA ALA K 315 -50.02 31.79 23.07
C ALA K 315 -49.10 30.74 22.44
N ILE K 316 -49.27 30.50 21.13
CA ILE K 316 -48.48 29.48 20.46
C ILE K 316 -46.99 29.82 20.53
N ASN K 317 -46.65 31.07 20.26
CA ASN K 317 -45.24 31.46 20.27
C ASN K 317 -44.62 31.32 21.66
N SER K 318 -45.37 31.70 22.70
CA SER K 318 -44.81 31.56 24.06
C SER K 318 -44.50 30.10 24.37
N THR K 319 -45.42 29.20 24.02
CA THR K 319 -45.16 27.78 24.31
C THR K 319 -43.93 27.27 23.56
N ARG K 320 -43.77 27.70 22.30
CA ARG K 320 -42.59 27.26 21.55
C ARG K 320 -41.30 27.72 22.24
N ALA K 321 -41.29 28.95 22.76
CA ALA K 321 -40.10 29.41 23.48
C ALA K 321 -39.80 28.52 24.68
N ASP K 322 -40.84 28.15 25.44
CA ASP K 322 -40.61 27.30 26.60
C ASP K 322 -39.99 25.96 26.21
N LEU K 323 -40.51 25.34 25.14
CA LEU K 323 -39.98 24.04 24.73
C LEU K 323 -38.53 24.14 24.31
N GLY K 324 -38.17 25.22 23.59
CA GLY K 324 -36.77 25.40 23.23
C GLY K 324 -35.86 25.48 24.44
N ALA K 325 -36.29 26.23 25.46
CA ALA K 325 -35.48 26.34 26.67
C ALA K 325 -35.24 24.98 27.32
N ILE K 326 -36.29 24.16 27.39
CA ILE K 326 -36.16 22.83 27.98
C ILE K 326 -35.13 22.01 27.22
N GLN K 327 -35.18 22.07 25.89
CA GLN K 327 -34.23 21.30 25.08
C GLN K 327 -32.80 21.71 25.37
N ASN K 328 -32.55 23.02 25.46
CA ASN K 328 -31.19 23.50 25.76
C ASN K 328 -30.69 22.96 27.09
N ARG K 329 -31.54 23.02 28.12
CA ARG K 329 -31.12 22.54 29.43
C ARG K 329 -30.75 21.06 29.39
N PHE K 330 -31.55 20.25 28.70
CA PHE K 330 -31.27 18.82 28.66
C PHE K 330 -29.94 18.53 27.97
N THR K 331 -29.62 19.29 26.91
CA THR K 331 -28.31 19.10 26.27
C THR K 331 -27.18 19.37 27.25
N SER K 332 -27.28 20.47 28.02
CA SER K 332 -26.22 20.77 28.96
C SER K 332 -26.06 19.67 30.00
N VAL K 333 -27.18 19.12 30.48
CA VAL K 333 -27.13 18.02 31.44
C VAL K 333 -26.35 16.85 30.86
N VAL K 334 -26.62 16.50 29.60
CA VAL K 334 -25.96 15.35 28.99
C VAL K 334 -24.45 15.56 28.96
N ALA K 335 -24.02 16.76 28.57
CA ALA K 335 -22.58 17.01 28.50
C ALA K 335 -21.92 16.85 29.88
N ASN K 336 -22.55 17.40 30.91
CA ASN K 336 -21.98 17.28 32.25
C ASN K 336 -21.87 15.82 32.67
N LEU K 337 -22.90 15.03 32.39
CA LEU K 337 -22.88 13.63 32.77
C LEU K 337 -21.71 12.91 32.10
N GLN K 338 -21.48 13.20 30.82
CA GLN K 338 -20.40 12.52 30.09
C GLN K 338 -19.05 12.82 30.73
N THR K 339 -18.80 14.10 31.03
CA THR K 339 -17.51 14.44 31.65
C THR K 339 -17.33 13.74 32.99
N SER K 340 -18.37 13.77 33.84
CA SER K 340 -18.24 13.18 35.16
C SER K 340 -18.01 11.68 35.08
N SER K 341 -18.70 11.00 34.15
CA SER K 341 -18.51 9.57 34.00
C SER K 341 -17.09 9.24 33.61
N GLU K 342 -16.52 9.99 32.67
CA GLU K 342 -15.14 9.73 32.27
C GLU K 342 -14.19 9.90 33.45
N ASN K 343 -14.37 10.97 34.24
CA ASN K 343 -13.49 11.20 35.37
C ASN K 343 -13.57 10.08 36.40
N LEU K 344 -14.79 9.63 36.71
CA LEU K 344 -14.95 8.54 37.68
C LEU K 344 -14.32 7.24 37.19
N SER K 345 -14.50 6.93 35.91
CA SER K 345 -13.92 5.70 35.38
C SER K 345 -12.40 5.74 35.45
N ALA K 346 -11.79 6.90 35.14
CA ALA K 346 -10.35 7.02 35.28
C ALA K 346 -9.91 6.90 36.74
N SER K 347 -10.72 7.44 37.66
CA SER K 347 -10.36 7.40 39.08
C SER K 347 -10.37 5.98 39.62
N ARG K 348 -11.32 5.15 39.18
CA ARG K 348 -11.46 3.82 39.74
C ARG K 348 -10.28 2.92 39.43
N SER K 349 -9.66 3.09 38.26
CA SER K 349 -8.66 2.14 37.79
C SER K 349 -7.33 2.24 38.52
N ARG K 350 -7.11 3.30 39.30
CA ARG K 350 -5.82 3.48 39.94
C ARG K 350 -5.56 2.42 41.01
N ILE K 351 -6.62 1.91 41.64
CA ILE K 351 -6.48 1.06 42.82
C ILE K 351 -6.98 -0.35 42.57
N LYS K 352 -7.19 -0.73 41.31
CA LYS K 352 -7.73 -2.04 41.01
C LYS K 352 -7.02 -2.77 39.88
N ASP K 353 -6.17 -2.11 39.11
CA ASP K 353 -5.59 -2.68 37.92
C ASP K 353 -4.18 -3.20 38.19
N THR K 354 -3.76 -4.17 37.37
CA THR K 354 -2.44 -4.77 37.51
C THR K 354 -1.42 -4.01 36.68
N ASP K 355 -0.23 -3.85 37.24
CA ASP K 355 0.89 -3.23 36.55
C ASP K 355 1.75 -4.32 35.96
N PHE K 356 1.76 -4.41 34.63
CA PHE K 356 2.44 -5.54 33.98
C PHE K 356 3.95 -5.37 34.01
N ALA K 357 4.45 -4.16 34.22
CA ALA K 357 5.89 -3.96 34.28
C ALA K 357 6.46 -4.46 35.60
N LYS K 358 5.62 -4.60 36.63
CA LYS K 358 6.13 -4.95 37.95
C LYS K 358 5.98 -6.44 38.27
N GLU K 359 5.01 -7.12 37.69
CA GLU K 359 4.73 -8.49 38.09
C GLU K 359 5.71 -9.50 37.50
N THR K 360 6.21 -9.24 36.29
CA THR K 360 7.08 -10.21 35.65
C THR K 360 8.41 -10.35 36.38
N ALA K 361 8.91 -9.28 36.99
CA ALA K 361 10.13 -9.38 37.78
C ALA K 361 9.96 -10.35 38.94
N GLU K 362 8.83 -10.26 39.64
CA GLU K 362 8.56 -11.20 40.72
C GLU K 362 8.44 -12.62 40.19
N LEU K 363 7.80 -12.78 39.03
CA LEU K 363 7.72 -14.11 38.44
C LEU K 363 9.11 -14.70 38.22
N THR K 364 10.02 -13.91 37.65
CA THR K 364 11.37 -14.38 37.39
C THR K 364 12.10 -14.76 38.68
N ARG K 365 12.01 -13.89 39.69
CA ARG K 365 12.71 -14.17 40.94
C ARG K 365 12.22 -15.46 41.58
N THR K 366 10.90 -15.65 41.64
CA THR K 366 10.37 -16.86 42.26
C THR K 366 10.76 -18.09 41.48
N GLN K 367 10.77 -18.00 40.14
CA GLN K 367 11.17 -19.15 39.34
C GLN K 367 12.61 -19.55 39.62
N ILE K 368 13.52 -18.59 39.76
CA ILE K 368 14.90 -18.93 40.10
C ILE K 368 14.97 -19.56 41.49
N LEU K 369 14.26 -18.99 42.45
CA LEU K 369 14.35 -19.48 43.82
C LEU K 369 13.88 -20.92 43.94
N GLN K 370 12.88 -21.31 43.15
CA GLN K 370 12.42 -22.70 43.20
C GLN K 370 13.54 -23.68 42.82
N GLN K 371 14.28 -23.38 41.75
CA GLN K 371 15.35 -24.27 41.33
C GLN K 371 16.46 -24.33 42.37
N ALA K 372 16.82 -23.18 42.93
CA ALA K 372 17.85 -23.18 43.98
C ALA K 372 17.42 -24.06 45.15
N GLY K 373 16.16 -23.91 45.58
CA GLY K 373 15.68 -24.69 46.71
C GLY K 373 15.65 -26.18 46.43
N THR K 374 15.22 -26.56 45.23
CA THR K 374 15.16 -27.99 44.92
C THR K 374 16.56 -28.60 44.92
N ALA K 375 17.53 -27.93 44.31
CA ALA K 375 18.88 -28.48 44.28
C ALA K 375 19.43 -28.64 45.69
N MET K 376 19.23 -27.64 46.54
CA MET K 376 19.76 -27.73 47.90
C MET K 376 19.07 -28.83 48.70
N LEU K 377 17.77 -29.01 48.49
CA LEU K 377 17.07 -30.09 49.18
C LEU K 377 17.65 -31.46 48.80
N ALA K 378 17.93 -31.65 47.51
CA ALA K 378 18.54 -32.92 47.10
C ALA K 378 19.90 -33.12 47.75
N GLN K 379 20.75 -32.08 47.77
CA GLN K 379 22.05 -32.20 48.42
C GLN K 379 21.91 -32.58 49.89
N ALA K 380 21.03 -31.88 50.60
CA ALA K 380 20.86 -32.13 52.03
C ALA K 380 20.38 -33.54 52.28
N ASN K 381 19.50 -34.05 51.42
CA ASN K 381 19.08 -35.45 51.54
C ASN K 381 20.26 -36.39 51.40
N GLN K 382 21.13 -36.13 50.43
CA GLN K 382 22.19 -37.09 50.14
C GLN K 382 23.34 -37.03 51.13
N VAL K 383 23.43 -35.98 51.94
CA VAL K 383 24.59 -35.82 52.84
C VAL K 383 24.85 -37.02 53.76
N PRO K 384 23.87 -37.56 54.50
CA PRO K 384 24.22 -38.49 55.60
C PRO K 384 24.68 -39.88 55.17
N GLN K 385 24.97 -40.07 53.88
CA GLN K 385 25.42 -41.38 53.42
C GLN K 385 26.82 -41.72 53.87
N GLY K 386 27.61 -40.73 54.30
CA GLY K 386 29.02 -40.95 54.53
C GLY K 386 29.33 -41.80 55.74
N VAL K 387 28.37 -41.98 56.63
CA VAL K 387 28.58 -42.79 57.83
C VAL K 387 28.85 -44.25 57.49
N LEU K 388 28.29 -44.76 56.39
CA LEU K 388 28.35 -46.18 56.10
C LEU K 388 29.78 -46.69 55.94
N SER K 389 30.71 -45.81 55.57
CA SER K 389 32.09 -46.25 55.39
C SER K 389 32.75 -46.60 56.71
N LEU K 390 32.33 -45.97 57.80
CA LEU K 390 32.96 -46.22 59.10
C LEU K 390 32.70 -47.63 59.59
N LEU K 391 31.56 -48.21 59.23
CA LEU K 391 31.17 -49.53 59.71
C LEU K 391 32.02 -50.62 59.07
#